data_9DYR
#
_entry.id   9DYR
#
_cell.length_a   80.844
_cell.length_b   247.856
_cell.length_c   266.093
_cell.angle_alpha   90.000
_cell.angle_beta   90.000
_cell.angle_gamma   90.000
#
_symmetry.space_group_name_H-M   'P 21 21 21'
#
loop_
_entity.id
_entity.type
_entity.pdbx_description
1 polymer 'ribulose-1,5-bisphosphate carboxylase'
2 non-polymer 2-CARBOXYARABINITOL-1,5-DIPHOSPHATE
3 non-polymer 'MAGNESIUM ION'
4 water water
#
_entity_poly.entity_id   1
_entity_poly.type   'polypeptide(L)'
_entity_poly.pdbx_seq_one_letter_code
;MQKEYIQIGNPNVFNGQYMLAVFRLQGEEGMTLVDTASEVAAESSTGSFVKIGTATAFSESLDALVYRIDEKNNLVWIAY
PWRIFDRGGNVQNIMTFIAGNVFGMASVKVCKILDVYFPPQMLVQYDGPEYTIDDMRKYLNIQERPIFGSIIKPKIGLTS
SEYAELCYDFWSGGGDFV(KCX)NDEPQADQDFCPYDKMVQDVRHAMDRVEQETGKTKVHSFNISSSDYDTMIKKADYIQ
SMMKPGSYAFLVDGITAGWMAIQTIRRKYPNVFLHFHRAGHGAFTRDENPIGYTVPVLTKFARLAGASGIHTGTAGIGKM
AGSPKEDVMAARHALKLYSEGDYFKQIWSEIPEKDADLQLAIQKEAEGEDYSNLGYWRITKKMCPIISGGLNPLLIGKFI
DTVGTQDFITTMGAGVHSHPMGTKAGATAVLQAYEAWKQKISLEDYAKDKEELRAAIQFYDKHEEPSPDRPV
;
_entity_poly.pdbx_strand_id   A,B,C,D,E,F,G,H,I,J
#
loop_
_chem_comp.id
_chem_comp.type
_chem_comp.name
_chem_comp.formula
CAP saccharide 2-CARBOXYARABINITOL-1,5-DIPHOSPHATE 'C6 H14 O13 P2'
MG non-polymer 'MAGNESIUM ION' 'Mg 2'
#
# COMPACT_ATOMS: atom_id res chain seq x y z
N MET A 1 56.09 -15.96 -35.14
CA MET A 1 56.29 -16.00 -33.69
C MET A 1 56.24 -14.64 -33.02
N GLN A 2 55.50 -14.58 -31.92
CA GLN A 2 55.33 -13.37 -31.12
C GLN A 2 56.18 -13.49 -29.85
N LYS A 3 57.37 -12.87 -29.90
CA LYS A 3 58.34 -13.00 -28.82
C LYS A 3 57.90 -12.33 -27.52
N GLU A 4 56.94 -11.40 -27.56
CA GLU A 4 56.55 -10.71 -26.33
C GLU A 4 55.90 -11.65 -25.32
N TYR A 5 55.54 -12.87 -25.72
CA TYR A 5 54.87 -13.82 -24.85
C TYR A 5 55.78 -14.94 -24.37
N ILE A 6 57.07 -14.88 -24.69
CA ILE A 6 58.01 -15.91 -24.30
C ILE A 6 58.96 -15.31 -23.27
N GLN A 7 58.89 -15.81 -22.02
CA GLN A 7 59.82 -15.45 -20.96
C GLN A 7 60.21 -16.71 -20.20
N ILE A 8 60.96 -17.57 -20.88
CA ILE A 8 61.33 -18.85 -20.30
C ILE A 8 62.12 -18.62 -19.02
N GLY A 9 61.78 -19.37 -17.97
CA GLY A 9 62.49 -19.28 -16.72
C GLY A 9 62.15 -18.09 -15.86
N ASN A 10 61.10 -17.34 -16.19
CA ASN A 10 60.71 -16.20 -15.40
C ASN A 10 60.40 -16.62 -13.97
N PRO A 11 61.14 -16.11 -12.97
CA PRO A 11 60.88 -16.53 -11.58
C PRO A 11 59.68 -15.86 -10.92
N ASN A 12 59.03 -14.91 -11.58
CA ASN A 12 57.87 -14.24 -10.99
C ASN A 12 56.56 -15.01 -11.19
N VAL A 13 56.57 -16.12 -11.93
CA VAL A 13 55.34 -16.84 -12.21
C VAL A 13 54.83 -17.64 -11.01
N PHE A 14 55.63 -17.82 -9.96
CA PHE A 14 55.21 -18.56 -8.78
C PHE A 14 54.86 -17.65 -7.62
N ASN A 15 54.56 -16.37 -7.87
CA ASN A 15 54.36 -15.41 -6.80
C ASN A 15 52.89 -15.22 -6.42
N GLY A 16 51.99 -16.05 -6.95
CA GLY A 16 50.59 -15.99 -6.62
C GLY A 16 49.74 -15.09 -7.49
N GLN A 17 50.35 -14.32 -8.38
CA GLN A 17 49.60 -13.48 -9.30
C GLN A 17 49.17 -14.23 -10.55
N TYR A 18 49.63 -15.47 -10.72
CA TYR A 18 49.46 -16.21 -11.96
C TYR A 18 48.81 -17.57 -11.71
N MET A 19 47.83 -17.91 -12.53
CA MET A 19 47.39 -19.29 -12.70
C MET A 19 48.26 -19.97 -13.74
N LEU A 20 48.71 -21.17 -13.45
CA LEU A 20 49.63 -21.87 -14.32
C LEU A 20 48.89 -22.95 -15.10
N ALA A 21 49.41 -23.25 -16.29
CA ALA A 21 48.81 -24.30 -17.10
C ALA A 21 49.87 -24.96 -17.95
N VAL A 22 49.67 -26.24 -18.22
CA VAL A 22 50.53 -27.00 -19.12
C VAL A 22 49.71 -27.38 -20.34
N PHE A 23 50.24 -27.09 -21.52
CA PHE A 23 49.64 -27.53 -22.77
C PHE A 23 50.57 -28.54 -23.41
N ARG A 24 49.97 -29.51 -24.07
CA ARG A 24 50.65 -30.32 -25.06
C ARG A 24 50.30 -29.69 -26.40
N LEU A 25 51.32 -29.09 -27.04
CA LEU A 25 51.16 -28.26 -28.22
C LEU A 25 51.91 -28.86 -29.39
N GLN A 26 51.31 -28.77 -30.57
CA GLN A 26 51.94 -29.20 -31.80
C GLN A 26 51.43 -28.26 -32.89
N GLY A 27 52.32 -27.46 -33.44
CA GLY A 27 51.97 -26.58 -34.53
C GLY A 27 52.16 -27.26 -35.86
N GLU A 28 51.72 -26.58 -36.91
CA GLU A 28 51.86 -27.09 -38.27
C GLU A 28 53.33 -27.19 -38.63
N GLU A 29 53.60 -27.91 -39.72
CA GLU A 29 54.97 -28.08 -40.21
C GLU A 29 55.62 -26.74 -40.51
N GLY A 30 56.78 -26.51 -39.89
CA GLY A 30 57.53 -25.29 -40.00
C GLY A 30 57.52 -24.48 -38.72
N MET A 31 56.58 -24.73 -37.84
CA MET A 31 56.46 -24.03 -36.57
C MET A 31 57.16 -24.85 -35.49
N THR A 32 58.09 -24.20 -34.79
CA THR A 32 58.71 -24.80 -33.62
C THR A 32 57.75 -24.80 -32.43
N LEU A 33 58.11 -25.56 -31.38
CA LEU A 33 57.27 -25.65 -30.21
C LEU A 33 57.14 -24.31 -29.49
N VAL A 34 58.25 -23.56 -29.40
CA VAL A 34 58.18 -22.26 -28.74
C VAL A 34 57.41 -21.27 -29.61
N ASP A 35 57.42 -21.45 -30.92
CA ASP A 35 56.61 -20.62 -31.78
C ASP A 35 55.13 -20.87 -31.53
N THR A 36 54.72 -22.14 -31.57
CA THR A 36 53.33 -22.50 -31.27
C THR A 36 52.94 -22.04 -29.88
N ALA A 37 53.89 -22.10 -28.94
CA ALA A 37 53.62 -21.68 -27.58
C ALA A 37 53.37 -20.18 -27.49
N SER A 38 54.16 -19.39 -28.24
CA SER A 38 53.95 -17.95 -28.27
C SER A 38 52.59 -17.60 -28.87
N GLU A 39 52.22 -18.28 -29.96
CA GLU A 39 50.94 -17.98 -30.58
C GLU A 39 49.77 -18.37 -29.67
N VAL A 40 49.91 -19.49 -28.96
CA VAL A 40 48.85 -19.92 -28.06
C VAL A 40 48.72 -18.97 -26.87
N ALA A 41 49.85 -18.60 -26.27
CA ALA A 41 49.81 -17.64 -25.17
C ALA A 41 49.20 -16.32 -25.62
N ALA A 42 49.47 -15.90 -26.86
CA ALA A 42 48.91 -14.65 -27.36
C ALA A 42 47.40 -14.75 -27.51
N GLU A 43 46.92 -15.81 -28.17
CA GLU A 43 45.49 -15.91 -28.42
C GLU A 43 44.68 -16.25 -27.18
N SER A 44 45.34 -16.60 -26.08
CA SER A 44 44.67 -16.93 -24.82
C SER A 44 44.89 -15.89 -23.73
N SER A 45 45.42 -14.71 -24.05
CA SER A 45 45.53 -13.64 -23.06
C SER A 45 45.28 -12.26 -23.68
N THR A 46 46.32 -11.63 -24.24
CA THR A 46 46.23 -10.22 -24.61
C THR A 46 46.37 -9.99 -26.11
N GLY A 47 46.77 -10.99 -26.89
CA GLY A 47 47.18 -10.73 -28.25
C GLY A 47 46.33 -11.38 -29.31
N SER A 48 46.89 -11.49 -30.52
CA SER A 48 46.19 -12.06 -31.65
C SER A 48 47.20 -12.71 -32.59
N PHE A 49 46.87 -12.79 -33.89
CA PHE A 49 47.77 -13.46 -34.82
C PHE A 49 49.03 -12.67 -35.12
N VAL A 50 49.07 -11.39 -34.75
CA VAL A 50 50.26 -10.55 -34.87
C VAL A 50 50.29 -9.61 -33.67
N LYS A 51 51.46 -9.06 -33.39
CA LYS A 51 51.63 -8.10 -32.31
C LYS A 51 50.57 -7.00 -32.42
N ILE A 52 49.95 -6.66 -31.29
CA ILE A 52 48.84 -5.72 -31.27
C ILE A 52 49.39 -4.30 -31.17
N GLY A 53 49.11 -3.50 -32.19
CA GLY A 53 49.62 -2.13 -32.23
C GLY A 53 48.99 -1.20 -31.21
N THR A 54 47.79 -1.49 -30.73
CA THR A 54 47.15 -0.60 -29.77
C THR A 54 47.47 -0.99 -28.33
N ALA A 55 48.39 -1.94 -28.13
CA ALA A 55 48.74 -2.38 -26.79
C ALA A 55 49.38 -1.26 -25.99
N THR A 56 49.14 -1.28 -24.68
CA THR A 56 49.73 -0.35 -23.72
C THR A 56 50.72 -1.08 -22.83
N ALA A 57 51.59 -0.32 -22.18
CA ALA A 57 52.52 -0.89 -21.22
C ALA A 57 51.78 -1.69 -20.14
N PHE A 58 50.67 -1.15 -19.63
CA PHE A 58 49.83 -1.86 -18.67
C PHE A 58 49.35 -3.21 -19.23
N SER A 59 48.74 -3.20 -20.41
CA SER A 59 48.20 -4.43 -20.98
C SER A 59 49.31 -5.43 -21.23
N GLU A 60 50.47 -4.95 -21.66
CA GLU A 60 51.59 -5.85 -21.84
C GLU A 60 52.10 -6.39 -20.51
N SER A 61 51.90 -5.64 -19.42
CA SER A 61 52.22 -6.18 -18.10
C SER A 61 51.25 -7.27 -17.71
N LEU A 62 50.09 -7.32 -18.38
CA LEU A 62 49.13 -8.38 -18.11
C LEU A 62 49.21 -9.51 -19.13
N ASP A 63 50.32 -9.62 -19.84
CA ASP A 63 50.47 -10.68 -20.83
C ASP A 63 50.61 -12.05 -20.17
N ALA A 64 50.14 -13.07 -20.88
CA ALA A 64 50.48 -14.44 -20.52
C ALA A 64 51.93 -14.72 -20.87
N LEU A 65 52.57 -15.56 -20.07
CA LEU A 65 54.00 -15.81 -20.19
C LEU A 65 54.22 -17.30 -20.42
N VAL A 66 54.89 -17.63 -21.52
CA VAL A 66 55.44 -18.97 -21.69
C VAL A 66 56.76 -19.02 -20.94
N TYR A 67 56.80 -19.76 -19.82
CA TYR A 67 57.98 -19.71 -18.96
C TYR A 67 58.79 -21.01 -18.92
N ARG A 68 58.30 -22.09 -19.53
CA ARG A 68 59.02 -23.36 -19.55
C ARG A 68 58.62 -24.17 -20.77
N ILE A 69 59.56 -24.91 -21.34
CA ILE A 69 59.31 -25.72 -22.53
C ILE A 69 59.93 -27.10 -22.34
N ASP A 70 59.22 -28.12 -22.82
CA ASP A 70 59.72 -29.49 -22.89
C ASP A 70 59.59 -29.95 -24.34
N GLU A 71 60.69 -29.91 -25.08
CA GLU A 71 60.63 -30.24 -26.50
C GLU A 71 60.30 -31.71 -26.72
N LYS A 72 60.82 -32.59 -25.86
CA LYS A 72 60.70 -34.03 -26.08
C LYS A 72 59.25 -34.48 -26.00
N ASN A 73 58.49 -33.94 -25.06
CA ASN A 73 57.11 -34.33 -24.85
C ASN A 73 56.11 -33.30 -25.36
N ASN A 74 56.58 -32.30 -26.11
CA ASN A 74 55.70 -31.27 -26.68
C ASN A 74 54.90 -30.59 -25.58
N LEU A 75 55.58 -30.20 -24.51
CA LEU A 75 54.93 -29.59 -23.35
C LEU A 75 55.32 -28.13 -23.23
N VAL A 76 54.38 -27.31 -22.76
CA VAL A 76 54.58 -25.87 -22.65
C VAL A 76 53.91 -25.39 -21.37
N TRP A 77 54.64 -24.62 -20.56
CA TRP A 77 54.12 -24.06 -19.32
C TRP A 77 53.81 -22.59 -19.54
N ILE A 78 52.55 -22.22 -19.35
CA ILE A 78 52.10 -20.84 -19.56
C ILE A 78 51.53 -20.31 -18.25
N ALA A 79 51.82 -19.05 -17.95
CA ALA A 79 51.33 -18.38 -16.77
C ALA A 79 50.38 -17.27 -17.17
N TYR A 80 49.20 -17.24 -16.57
CA TYR A 80 48.17 -16.27 -16.89
C TYR A 80 47.92 -15.42 -15.65
N PRO A 81 48.15 -14.10 -15.69
CA PRO A 81 47.75 -13.26 -14.56
C PRO A 81 46.26 -13.33 -14.31
N TRP A 82 45.82 -13.98 -13.23
CA TRP A 82 44.38 -14.19 -13.02
C TRP A 82 43.64 -12.88 -12.78
N ARG A 83 44.34 -11.75 -12.75
CA ARG A 83 43.67 -10.46 -12.75
C ARG A 83 42.91 -10.21 -14.05
N ILE A 84 43.32 -10.85 -15.15
CA ILE A 84 42.64 -10.64 -16.42
C ILE A 84 41.32 -11.38 -16.48
N PHE A 85 41.10 -12.35 -15.60
CA PHE A 85 39.87 -13.10 -15.58
C PHE A 85 38.72 -12.25 -15.03
N ASP A 86 37.53 -12.47 -15.55
CA ASP A 86 36.36 -11.73 -15.09
C ASP A 86 36.15 -11.93 -13.58
N ARG A 87 35.77 -10.86 -12.90
CA ARG A 87 35.59 -10.90 -11.46
C ARG A 87 34.25 -11.58 -11.11
N GLY A 88 34.00 -11.72 -9.82
CA GLY A 88 32.87 -12.50 -9.36
C GLY A 88 33.06 -13.99 -9.52
N GLY A 89 34.30 -14.45 -9.54
CA GLY A 89 34.54 -15.87 -9.68
C GLY A 89 33.96 -16.50 -10.94
N ASN A 90 34.11 -15.83 -12.08
CA ASN A 90 33.55 -16.30 -13.35
C ASN A 90 34.46 -17.39 -13.92
N VAL A 91 33.96 -18.61 -13.96
CA VAL A 91 34.76 -19.75 -14.43
C VAL A 91 34.67 -19.88 -15.94
N GLN A 92 33.48 -19.62 -16.49
CA GLN A 92 33.29 -19.61 -17.93
C GLN A 92 34.23 -18.61 -18.60
N ASN A 93 34.58 -17.53 -17.90
CA ASN A 93 35.51 -16.58 -18.49
C ASN A 93 36.91 -17.16 -18.58
N ILE A 94 37.36 -17.84 -17.52
CA ILE A 94 38.65 -18.54 -17.56
C ILE A 94 38.67 -19.51 -18.73
N MET A 95 37.64 -20.35 -18.83
CA MET A 95 37.60 -21.36 -19.89
C MET A 95 37.58 -20.72 -21.27
N THR A 96 36.99 -19.53 -21.40
CA THR A 96 37.05 -18.81 -22.67
C THR A 96 38.47 -18.35 -22.98
N PHE A 97 39.18 -17.84 -21.98
CA PHE A 97 40.59 -17.48 -22.16
C PHE A 97 41.43 -18.67 -22.61
N ILE A 98 41.54 -19.69 -21.75
CA ILE A 98 42.58 -20.70 -21.95
C ILE A 98 42.11 -21.89 -22.78
N ALA A 99 40.80 -22.10 -22.89
CA ALA A 99 40.24 -23.25 -23.62
C ALA A 99 39.19 -22.81 -24.63
N GLY A 100 39.40 -21.65 -25.24
CA GLY A 100 38.45 -21.11 -26.18
C GLY A 100 38.94 -21.12 -27.61
N ASN A 101 39.29 -19.93 -28.11
CA ASN A 101 39.69 -19.76 -29.49
C ASN A 101 40.96 -20.54 -29.82
N VAL A 102 41.81 -20.83 -28.83
CA VAL A 102 43.06 -21.52 -29.14
C VAL A 102 42.78 -22.89 -29.73
N PHE A 103 41.60 -23.43 -29.48
CA PHE A 103 41.20 -24.73 -30.00
C PHE A 103 40.81 -24.69 -31.47
N GLY A 104 40.69 -23.50 -32.06
CA GLY A 104 40.29 -23.38 -33.44
C GLY A 104 41.40 -22.87 -34.34
N MET A 105 42.56 -22.59 -33.76
CA MET A 105 43.67 -22.08 -34.56
C MET A 105 44.14 -23.11 -35.56
N ALA A 106 44.09 -22.74 -36.84
CA ALA A 106 44.45 -23.66 -37.92
C ALA A 106 45.91 -24.09 -37.84
N SER A 107 46.78 -23.25 -37.31
CA SER A 107 48.20 -23.57 -37.26
C SER A 107 48.58 -24.49 -36.08
N VAL A 108 47.63 -24.85 -35.23
CA VAL A 108 47.90 -25.70 -34.08
C VAL A 108 47.15 -27.01 -34.28
N LYS A 109 47.90 -28.10 -34.45
CA LYS A 109 47.32 -29.42 -34.66
C LYS A 109 47.10 -30.18 -33.36
N VAL A 110 47.84 -29.85 -32.31
CA VAL A 110 47.61 -30.43 -31.00
C VAL A 110 47.60 -29.31 -29.99
N CYS A 111 46.55 -29.25 -29.17
CA CYS A 111 46.47 -28.21 -28.15
C CYS A 111 45.62 -28.78 -27.02
N LYS A 112 46.29 -29.46 -26.07
CA LYS A 112 45.61 -30.20 -25.01
C LYS A 112 46.10 -29.71 -23.66
N ILE A 113 45.20 -29.12 -22.86
CA ILE A 113 45.58 -28.72 -21.51
C ILE A 113 45.66 -29.96 -20.62
N LEU A 114 46.82 -30.16 -19.98
CA LEU A 114 47.07 -31.36 -19.21
C LEU A 114 47.04 -31.15 -17.70
N ASP A 115 47.24 -29.93 -17.23
CA ASP A 115 47.22 -29.66 -15.80
C ASP A 115 47.12 -28.15 -15.59
N VAL A 116 46.64 -27.77 -14.41
CA VAL A 116 46.47 -26.36 -14.09
C VAL A 116 46.71 -26.19 -12.59
N TYR A 117 47.21 -25.02 -12.21
CA TYR A 117 47.53 -24.71 -10.82
C TYR A 117 46.75 -23.50 -10.35
N PHE A 118 46.14 -23.60 -9.16
CA PHE A 118 45.45 -22.46 -8.56
C PHE A 118 46.23 -21.98 -7.34
N PRO A 119 46.81 -20.78 -7.37
CA PRO A 119 47.45 -20.24 -6.16
C PRO A 119 46.40 -19.85 -5.13
N PRO A 120 46.76 -19.79 -3.84
CA PRO A 120 45.73 -19.47 -2.83
C PRO A 120 45.05 -18.13 -3.10
N GLN A 121 45.83 -17.14 -3.53
CA GLN A 121 45.27 -15.81 -3.77
C GLN A 121 44.22 -15.85 -4.87
N MET A 122 44.32 -16.80 -5.81
CA MET A 122 43.28 -16.93 -6.82
C MET A 122 42.07 -17.68 -6.25
N LEU A 123 42.32 -18.75 -5.48
CA LEU A 123 41.22 -19.51 -4.88
C LEU A 123 40.31 -18.61 -4.06
N VAL A 124 40.87 -17.56 -3.46
CA VAL A 124 40.03 -16.65 -2.65
C VAL A 124 38.86 -16.11 -3.47
N GLN A 125 39.04 -15.91 -4.77
CA GLN A 125 38.07 -15.22 -5.60
C GLN A 125 36.91 -16.10 -6.06
N TYR A 126 36.89 -17.38 -5.72
CA TYR A 126 35.91 -18.30 -6.29
C TYR A 126 35.13 -19.00 -5.19
N ASP A 127 33.98 -19.56 -5.58
CA ASP A 127 33.04 -20.11 -4.60
C ASP A 127 33.61 -21.35 -3.93
N GLY A 128 33.98 -22.35 -4.71
CA GLY A 128 34.26 -23.65 -4.16
C GLY A 128 32.96 -24.28 -3.68
N PRO A 129 32.99 -25.56 -3.36
CA PRO A 129 31.75 -26.22 -2.90
C PRO A 129 31.25 -25.62 -1.59
N GLU A 130 29.95 -25.81 -1.34
CA GLU A 130 29.27 -25.43 -0.11
C GLU A 130 28.55 -26.59 0.55
N TYR A 131 27.87 -27.43 -0.24
CA TYR A 131 27.26 -28.66 0.24
C TYR A 131 28.12 -29.84 -0.20
N THR A 132 28.54 -30.65 0.76
CA THR A 132 29.51 -31.71 0.50
C THR A 132 28.90 -33.09 0.68
N ILE A 133 29.70 -34.10 0.36
CA ILE A 133 29.29 -35.48 0.60
C ILE A 133 29.03 -35.71 2.09
N ASP A 134 29.78 -35.02 2.96
CA ASP A 134 29.59 -35.18 4.40
C ASP A 134 28.18 -34.76 4.81
N ASP A 135 27.67 -33.67 4.23
CA ASP A 135 26.31 -33.23 4.46
C ASP A 135 25.29 -34.29 4.02
N MET A 136 25.52 -34.90 2.85
CA MET A 136 24.62 -35.95 2.39
C MET A 136 24.68 -37.15 3.30
N ARG A 137 25.89 -37.53 3.75
CA ARG A 137 26.04 -38.60 4.71
C ARG A 137 25.23 -38.31 5.97
N LYS A 138 25.36 -37.11 6.51
CA LYS A 138 24.57 -36.75 7.69
C LYS A 138 23.10 -36.99 7.42
N TYR A 139 22.62 -36.53 6.26
CA TYR A 139 21.19 -36.70 5.96
C TYR A 139 20.81 -38.18 5.88
N LEU A 140 21.62 -38.96 5.16
CA LEU A 140 21.33 -40.37 4.95
C LEU A 140 21.64 -41.23 6.17
N ASN A 141 22.40 -40.70 7.12
CA ASN A 141 22.82 -41.45 8.30
C ASN A 141 23.54 -42.73 7.89
N ILE A 142 24.43 -42.60 6.91
CA ILE A 142 25.34 -43.67 6.50
C ILE A 142 26.75 -43.12 6.56
N GLN A 143 27.63 -43.83 7.26
CA GLN A 143 29.01 -43.42 7.44
C GLN A 143 29.94 -44.43 6.81
N GLU A 144 31.12 -43.96 6.41
CA GLU A 144 32.22 -44.83 6.00
C GLU A 144 32.04 -45.46 4.63
N ARG A 145 30.92 -46.13 4.38
CA ARG A 145 30.79 -46.89 3.14
C ARG A 145 30.51 -45.95 1.97
N PRO A 146 30.75 -46.41 0.73
CA PRO A 146 30.34 -45.62 -0.42
C PRO A 146 28.83 -45.47 -0.45
N ILE A 147 28.37 -44.40 -1.09
CA ILE A 147 26.94 -44.17 -1.26
C ILE A 147 26.50 -44.91 -2.52
N PHE A 148 25.57 -45.84 -2.36
CA PHE A 148 25.13 -46.70 -3.45
C PHE A 148 23.86 -46.10 -4.08
N GLY A 149 23.93 -45.83 -5.37
CA GLY A 149 22.83 -45.24 -6.09
C GLY A 149 22.66 -45.86 -7.46
N SER A 150 21.58 -45.46 -8.10
CA SER A 150 21.25 -45.99 -9.41
C SER A 150 20.82 -44.84 -10.31
N ILE A 151 20.95 -45.10 -11.61
CA ILE A 151 20.36 -44.28 -12.66
C ILE A 151 19.10 -45.00 -13.12
N ILE A 152 17.97 -44.29 -13.14
CA ILE A 152 16.75 -44.94 -13.59
C ILE A 152 16.87 -45.16 -15.10
N LYS A 153 16.72 -46.42 -15.52
CA LYS A 153 16.71 -46.78 -16.93
C LYS A 153 15.36 -47.39 -17.31
N PRO A 154 14.93 -47.26 -18.57
CA PRO A 154 15.58 -46.65 -19.75
C PRO A 154 15.88 -45.15 -19.68
N LYS A 155 16.89 -44.72 -20.45
CA LYS A 155 17.32 -43.32 -20.45
C LYS A 155 16.19 -42.36 -20.74
N ILE A 156 15.21 -42.77 -21.55
CA ILE A 156 14.01 -41.98 -21.80
C ILE A 156 12.89 -42.94 -22.18
N GLY A 157 11.66 -42.53 -21.87
CA GLY A 157 10.49 -43.28 -22.30
C GLY A 157 9.58 -43.76 -21.20
N LEU A 158 9.98 -43.65 -19.93
CA LEU A 158 9.12 -44.08 -18.85
C LEU A 158 8.18 -42.95 -18.45
N THR A 159 7.01 -43.34 -17.95
CA THR A 159 6.11 -42.36 -17.37
C THR A 159 6.61 -41.97 -15.99
N SER A 160 6.02 -40.91 -15.44
CA SER A 160 6.41 -40.50 -14.10
C SER A 160 6.15 -41.61 -13.08
N SER A 161 5.02 -42.33 -13.19
CA SER A 161 4.72 -43.41 -12.26
C SER A 161 5.70 -44.57 -12.36
N GLU A 162 5.94 -45.08 -13.57
CA GLU A 162 6.90 -46.16 -13.73
C GLU A 162 8.27 -45.77 -13.19
N TYR A 163 8.67 -44.53 -13.46
CA TYR A 163 9.93 -44.01 -12.93
C TYR A 163 9.95 -44.06 -11.40
N ALA A 164 8.88 -43.60 -10.77
CA ALA A 164 8.85 -43.64 -9.31
C ALA A 164 8.88 -45.07 -8.80
N GLU A 165 8.27 -46.01 -9.53
CA GLU A 165 8.34 -47.41 -9.16
C GLU A 165 9.78 -47.90 -9.11
N LEU A 166 10.54 -47.61 -10.16
CA LEU A 166 11.94 -48.04 -10.14
C LEU A 166 12.72 -47.37 -9.02
N CYS A 167 12.42 -46.10 -8.73
CA CYS A 167 13.02 -45.46 -7.55
C CYS A 167 12.71 -46.25 -6.28
N TYR A 168 11.43 -46.56 -6.07
CA TYR A 168 10.99 -47.29 -4.89
C TYR A 168 11.69 -48.64 -4.81
N ASP A 169 11.71 -49.39 -5.90
CA ASP A 169 12.33 -50.72 -5.87
C ASP A 169 13.81 -50.63 -5.55
N PHE A 170 14.51 -49.63 -6.07
CA PHE A 170 15.94 -49.54 -5.77
C PHE A 170 16.16 -49.17 -4.31
N TRP A 171 15.45 -48.15 -3.81
CA TRP A 171 15.62 -47.74 -2.42
C TRP A 171 15.24 -48.87 -1.46
N SER A 172 14.09 -49.51 -1.71
CA SER A 172 13.61 -50.59 -0.86
C SER A 172 14.59 -51.76 -0.83
N GLY A 173 15.39 -51.94 -1.87
CA GLY A 173 16.41 -52.97 -1.88
C GLY A 173 17.69 -52.58 -1.20
N GLY A 174 17.71 -51.46 -0.48
CA GLY A 174 18.88 -51.01 0.24
C GLY A 174 19.68 -49.92 -0.43
N GLY A 175 19.32 -49.49 -1.63
CA GLY A 175 20.04 -48.41 -2.27
C GLY A 175 19.80 -47.09 -1.55
N ASP A 176 20.80 -46.21 -1.61
CA ASP A 176 20.72 -44.93 -0.93
C ASP A 176 20.34 -43.77 -1.85
N PHE A 177 20.70 -43.85 -3.12
CA PHE A 177 20.75 -42.66 -3.96
C PHE A 177 20.16 -42.97 -5.33
N VAL A 178 19.24 -42.13 -5.80
CA VAL A 178 18.72 -42.30 -7.16
C VAL A 178 18.91 -41.01 -7.93
N KCX A 179 19.46 -41.10 -9.14
CA KCX A 179 19.61 -39.92 -9.98
CB KCX A 179 21.09 -39.66 -10.29
CG KCX A 179 21.66 -40.74 -11.21
CD KCX A 179 23.14 -40.46 -11.56
CE KCX A 179 23.25 -39.22 -12.45
NZ KCX A 179 22.61 -39.46 -13.74
C KCX A 179 18.81 -40.08 -11.27
O KCX A 179 18.64 -41.23 -11.78
CX KCX A 179 23.37 -40.05 -14.81
OQ1 KCX A 179 24.59 -40.30 -14.65
OQ2 KCX A 179 22.80 -40.35 -15.89
N ASN A 180 18.29 -38.96 -11.79
CA ASN A 180 17.77 -38.93 -13.15
C ASN A 180 18.87 -39.31 -14.11
N ASP A 181 18.53 -39.98 -15.20
CA ASP A 181 19.45 -39.99 -16.32
C ASP A 181 19.56 -38.57 -16.86
N GLU A 182 20.70 -38.26 -17.47
CA GLU A 182 21.01 -36.87 -17.79
C GLU A 182 19.98 -36.18 -18.69
N PRO A 183 19.27 -36.86 -19.64
CA PRO A 183 18.35 -36.11 -20.51
C PRO A 183 16.90 -36.10 -20.05
N GLN A 184 16.60 -36.84 -18.99
CA GLN A 184 15.23 -36.89 -18.50
C GLN A 184 14.82 -35.51 -17.99
N ALA A 185 13.66 -35.03 -18.44
CA ALA A 185 13.19 -33.70 -18.06
C ALA A 185 11.67 -33.63 -18.08
N ASP A 186 11.11 -32.71 -18.88
CA ASP A 186 9.66 -32.51 -18.89
C ASP A 186 9.06 -33.00 -20.21
N GLN A 187 9.37 -34.23 -20.60
CA GLN A 187 8.74 -34.81 -21.78
C GLN A 187 7.24 -34.96 -21.53
N ASP A 188 6.44 -34.82 -22.60
CA ASP A 188 4.99 -34.81 -22.42
C ASP A 188 4.49 -36.09 -21.76
N PHE A 189 5.09 -37.23 -22.10
CA PHE A 189 4.67 -38.50 -21.52
C PHE A 189 5.18 -38.72 -20.11
N CYS A 190 6.12 -37.91 -19.65
CA CYS A 190 6.68 -38.04 -18.30
C CYS A 190 6.68 -36.66 -17.65
N PRO A 191 5.50 -36.14 -17.31
CA PRO A 191 5.41 -34.79 -16.74
C PRO A 191 6.34 -34.62 -15.55
N TYR A 192 7.09 -33.51 -15.56
CA TYR A 192 8.12 -33.28 -14.56
C TYR A 192 7.50 -33.09 -13.18
N ASP A 193 6.45 -32.28 -13.07
CA ASP A 193 5.83 -32.08 -11.77
C ASP A 193 5.29 -33.40 -11.21
N LYS A 194 4.59 -34.18 -12.03
CA LYS A 194 4.08 -35.47 -11.57
C LYS A 194 5.22 -36.41 -11.22
N MET A 195 6.31 -36.37 -11.99
CA MET A 195 7.48 -37.16 -11.66
C MET A 195 8.00 -36.82 -10.27
N VAL A 196 8.07 -35.53 -9.95
CA VAL A 196 8.51 -35.09 -8.62
C VAL A 196 7.56 -35.59 -7.54
N GLN A 197 6.25 -35.41 -7.75
CA GLN A 197 5.30 -35.84 -6.72
C GLN A 197 5.39 -37.35 -6.47
N ASP A 198 5.51 -38.12 -7.55
CA ASP A 198 5.60 -39.56 -7.42
C ASP A 198 6.89 -39.97 -6.72
N VAL A 199 7.98 -39.24 -6.97
CA VAL A 199 9.24 -39.52 -6.27
C VAL A 199 9.07 -39.26 -4.77
N ARG A 200 8.42 -38.15 -4.41
CA ARG A 200 8.19 -37.88 -2.99
C ARG A 200 7.37 -39.01 -2.36
N HIS A 201 6.29 -39.41 -3.02
CA HIS A 201 5.46 -40.49 -2.47
C HIS A 201 6.26 -41.78 -2.31
N ALA A 202 7.03 -42.17 -3.33
CA ALA A 202 7.85 -43.36 -3.23
C ALA A 202 8.84 -43.26 -2.08
N MET A 203 9.46 -42.10 -1.92
CA MET A 203 10.39 -41.89 -0.82
C MET A 203 9.70 -42.01 0.53
N ASP A 204 8.50 -41.44 0.66
CA ASP A 204 7.73 -41.56 1.89
C ASP A 204 7.48 -43.03 2.22
N ARG A 205 7.13 -43.82 1.21
CA ARG A 205 6.87 -45.24 1.46
C ARG A 205 8.11 -45.98 1.91
N VAL A 206 9.24 -45.72 1.26
CA VAL A 206 10.49 -46.36 1.67
C VAL A 206 10.85 -45.97 3.09
N GLU A 207 10.70 -44.69 3.43
CA GLU A 207 10.99 -44.25 4.78
C GLU A 207 10.06 -44.90 5.78
N GLN A 208 8.81 -45.11 5.40
CA GLN A 208 7.88 -45.79 6.30
C GLN A 208 8.32 -47.22 6.53
N GLU A 209 8.67 -47.92 5.46
CA GLU A 209 8.97 -49.34 5.55
C GLU A 209 10.33 -49.62 6.22
N THR A 210 11.32 -48.76 5.96
CA THR A 210 12.69 -48.97 6.43
C THR A 210 13.10 -48.05 7.58
N GLY A 211 12.41 -46.93 7.77
CA GLY A 211 12.91 -45.95 8.72
C GLY A 211 14.14 -45.23 8.25
N LYS A 212 14.53 -45.39 6.99
CA LYS A 212 15.76 -44.85 6.46
C LYS A 212 15.45 -43.70 5.51
N THR A 213 16.27 -42.67 5.56
CA THR A 213 16.15 -41.57 4.62
C THR A 213 16.78 -41.94 3.27
N LYS A 214 16.36 -41.22 2.23
CA LYS A 214 16.90 -41.45 0.89
C LYS A 214 17.16 -40.11 0.21
N VAL A 215 17.83 -40.17 -0.95
CA VAL A 215 18.17 -38.97 -1.72
C VAL A 215 17.92 -39.23 -3.20
N HIS A 216 17.31 -38.25 -3.87
CA HIS A 216 17.08 -38.28 -5.30
C HIS A 216 17.65 -37.01 -5.91
N SER A 217 18.54 -37.19 -6.89
CA SER A 217 19.15 -36.08 -7.62
C SER A 217 18.33 -35.81 -8.89
N PHE A 218 17.66 -34.65 -8.92
CA PHE A 218 16.80 -34.30 -10.03
C PHE A 218 17.58 -33.54 -11.09
N ASN A 219 17.35 -33.90 -12.34
CA ASN A 219 17.90 -33.12 -13.45
C ASN A 219 17.07 -31.87 -13.66
N ILE A 220 17.70 -30.71 -13.43
CA ILE A 220 17.04 -29.42 -13.68
C ILE A 220 17.54 -28.74 -14.93
N SER A 221 18.44 -29.37 -15.69
CA SER A 221 18.83 -28.83 -17.00
C SER A 221 17.60 -28.53 -17.83
N SER A 222 17.52 -27.31 -18.36
CA SER A 222 16.30 -26.82 -19.00
C SER A 222 16.66 -26.05 -20.26
N SER A 223 15.64 -25.46 -20.89
CA SER A 223 15.87 -24.61 -22.06
C SER A 223 16.47 -23.26 -21.68
N ASP A 224 15.96 -22.64 -20.60
CA ASP A 224 16.43 -21.33 -20.16
C ASP A 224 16.56 -21.35 -18.63
N TYR A 225 17.04 -20.23 -18.08
CA TYR A 225 17.29 -20.21 -16.64
C TYR A 225 15.97 -20.17 -15.85
N ASP A 226 14.96 -19.47 -16.37
CA ASP A 226 13.68 -19.40 -15.66
C ASP A 226 13.05 -20.78 -15.48
N THR A 227 13.14 -21.65 -16.49
CA THR A 227 12.60 -22.99 -16.33
C THR A 227 13.39 -23.80 -15.30
N MET A 228 14.71 -23.65 -15.29
CA MET A 228 15.51 -24.36 -14.30
C MET A 228 15.18 -23.89 -12.90
N ILE A 229 15.03 -22.58 -12.71
CA ILE A 229 14.67 -22.03 -11.40
C ILE A 229 13.29 -22.50 -10.98
N LYS A 230 12.35 -22.55 -11.93
CA LYS A 230 11.02 -23.06 -11.66
C LYS A 230 11.08 -24.50 -11.15
N LYS A 231 11.83 -25.35 -11.84
CA LYS A 231 11.98 -26.73 -11.41
C LYS A 231 12.61 -26.81 -10.02
N ALA A 232 13.69 -26.06 -9.80
CA ALA A 232 14.39 -26.11 -8.51
C ALA A 232 13.46 -25.70 -7.38
N ASP A 233 12.72 -24.61 -7.59
CA ASP A 233 11.79 -24.13 -6.57
C ASP A 233 10.68 -25.14 -6.33
N TYR A 234 10.19 -25.78 -7.39
CA TYR A 234 9.17 -26.80 -7.21
C TYR A 234 9.69 -27.97 -6.38
N ILE A 235 10.88 -28.46 -6.72
CA ILE A 235 11.47 -29.56 -5.98
C ILE A 235 11.67 -29.19 -4.52
N GLN A 236 12.16 -27.98 -4.25
CA GLN A 236 12.25 -27.52 -2.86
C GLN A 236 10.88 -27.54 -2.19
N SER A 237 9.83 -27.18 -2.94
CA SER A 237 8.49 -27.16 -2.36
C SER A 237 7.90 -28.55 -2.16
N MET A 238 8.42 -29.57 -2.83
CA MET A 238 7.82 -30.89 -2.76
C MET A 238 8.62 -31.90 -1.95
N MET A 239 9.93 -31.70 -1.79
CA MET A 239 10.81 -32.65 -1.14
C MET A 239 11.33 -32.08 0.18
N LYS A 240 11.57 -32.98 1.12
CA LYS A 240 12.14 -32.58 2.39
C LYS A 240 13.59 -32.14 2.23
N PRO A 241 14.02 -31.16 3.02
CA PRO A 241 15.39 -30.68 2.94
C PRO A 241 16.39 -31.81 3.16
N GLY A 242 17.43 -31.85 2.32
CA GLY A 242 18.43 -32.89 2.33
C GLY A 242 18.08 -34.12 1.51
N SER A 243 16.80 -34.32 1.18
CA SER A 243 16.37 -35.52 0.47
C SER A 243 16.49 -35.41 -1.04
N TYR A 244 16.92 -34.26 -1.58
CA TYR A 244 17.03 -34.08 -3.02
C TYR A 244 18.35 -33.41 -3.34
N ALA A 245 18.86 -33.72 -4.53
CA ALA A 245 20.02 -33.06 -5.11
C ALA A 245 19.60 -32.49 -6.45
N PHE A 246 20.37 -31.52 -6.95
CA PHE A 246 20.09 -30.88 -8.23
C PHE A 246 21.17 -31.30 -9.21
N LEU A 247 20.77 -31.93 -10.30
CA LEU A 247 21.72 -32.33 -11.34
C LEU A 247 21.70 -31.30 -12.45
N VAL A 248 22.87 -30.92 -12.94
CA VAL A 248 23.01 -30.00 -14.05
C VAL A 248 23.97 -30.60 -15.07
N ASP A 249 23.54 -30.63 -16.34
CA ASP A 249 24.41 -31.01 -17.45
C ASP A 249 25.44 -29.91 -17.67
N GLY A 250 26.54 -29.97 -16.92
CA GLY A 250 27.47 -28.85 -16.87
C GLY A 250 27.98 -28.43 -18.24
N ILE A 251 28.35 -29.41 -19.07
CA ILE A 251 28.97 -29.09 -20.35
C ILE A 251 27.94 -28.51 -21.33
N THR A 252 26.82 -29.21 -21.52
CA THR A 252 25.87 -28.75 -22.53
C THR A 252 25.02 -27.59 -22.03
N ALA A 253 24.73 -27.55 -20.73
CA ALA A 253 23.98 -26.41 -20.20
C ALA A 253 24.89 -25.23 -19.93
N GLY A 254 26.13 -25.49 -19.53
CA GLY A 254 27.15 -24.45 -19.44
C GLY A 254 27.54 -24.18 -18.00
N TRP A 255 28.79 -23.71 -17.82
CA TRP A 255 29.30 -23.39 -16.50
C TRP A 255 28.43 -22.38 -15.78
N MET A 256 27.74 -21.50 -16.52
CA MET A 256 26.90 -20.50 -15.86
C MET A 256 25.74 -21.15 -15.14
N ALA A 257 25.17 -22.23 -15.71
CA ALA A 257 24.14 -22.98 -14.98
C ALA A 257 24.70 -23.56 -13.69
N ILE A 258 25.90 -24.15 -13.76
CA ILE A 258 26.55 -24.71 -12.57
C ILE A 258 26.67 -23.64 -11.49
N GLN A 259 27.32 -22.52 -11.83
CA GLN A 259 27.55 -21.49 -10.83
C GLN A 259 26.24 -20.91 -10.31
N THR A 260 25.23 -20.82 -11.17
CA THR A 260 23.95 -20.25 -10.75
C THR A 260 23.27 -21.14 -9.73
N ILE A 261 23.28 -22.46 -9.95
CA ILE A 261 22.66 -23.35 -8.97
C ILE A 261 23.45 -23.34 -7.67
N ARG A 262 24.78 -23.42 -7.76
CA ARG A 262 25.63 -23.30 -6.57
C ARG A 262 25.32 -22.05 -5.75
N ARG A 263 25.14 -20.90 -6.41
CA ARG A 263 24.94 -19.67 -5.66
C ARG A 263 23.50 -19.47 -5.22
N LYS A 264 22.53 -19.98 -5.97
CA LYS A 264 21.13 -19.79 -5.63
C LYS A 264 20.61 -20.84 -4.64
N TYR A 265 21.16 -22.05 -4.67
CA TYR A 265 20.76 -23.13 -3.78
C TYR A 265 22.03 -23.74 -3.18
N PRO A 266 22.73 -22.97 -2.35
CA PRO A 266 24.02 -23.46 -1.83
C PRO A 266 23.87 -24.61 -0.88
N ASN A 267 22.70 -24.76 -0.25
CA ASN A 267 22.45 -25.80 0.72
C ASN A 267 21.89 -27.07 0.08
N VAL A 268 21.98 -27.19 -1.24
CA VAL A 268 21.53 -28.37 -1.96
C VAL A 268 22.71 -28.94 -2.74
N PHE A 269 22.83 -30.27 -2.70
CA PHE A 269 23.92 -30.94 -3.40
C PHE A 269 23.85 -30.62 -4.89
N LEU A 270 24.92 -30.03 -5.41
CA LEU A 270 25.02 -29.72 -6.83
C LEU A 270 25.74 -30.88 -7.52
N HIS A 271 25.03 -31.58 -8.38
CA HIS A 271 25.51 -32.77 -9.08
C HIS A 271 25.85 -32.34 -10.50
N PHE A 272 27.14 -32.18 -10.75
CA PHE A 272 27.67 -31.80 -12.06
C PHE A 272 27.75 -33.05 -12.92
N HIS A 273 26.73 -33.28 -13.74
CA HIS A 273 26.83 -34.31 -14.75
C HIS A 273 27.54 -33.73 -15.97
N ARG A 274 28.54 -34.45 -16.47
CA ARG A 274 29.46 -33.95 -17.49
C ARG A 274 29.15 -34.54 -18.85
N ALA A 275 27.87 -34.74 -19.19
CA ALA A 275 27.50 -35.22 -20.50
C ALA A 275 28.06 -34.32 -21.57
N GLY A 276 28.92 -34.88 -22.42
CA GLY A 276 29.54 -34.15 -23.52
C GLY A 276 31.00 -33.81 -23.32
N HIS A 277 31.53 -33.96 -22.10
CA HIS A 277 32.92 -33.61 -21.84
C HIS A 277 33.91 -34.36 -22.73
N GLY A 278 33.50 -35.51 -23.30
CA GLY A 278 34.43 -36.34 -24.04
C GLY A 278 35.17 -35.60 -25.14
N ALA A 279 34.45 -34.76 -25.89
CA ALA A 279 35.07 -34.02 -26.98
C ALA A 279 36.25 -33.19 -26.49
N PHE A 280 36.23 -32.77 -25.23
CA PHE A 280 37.37 -32.09 -24.63
C PHE A 280 38.42 -33.07 -24.09
N THR A 281 37.98 -34.17 -23.45
CA THR A 281 38.86 -34.90 -22.55
C THR A 281 39.43 -36.19 -23.10
N ARG A 282 38.79 -36.79 -24.11
CA ARG A 282 39.23 -38.09 -24.61
C ARG A 282 40.68 -38.05 -25.09
N ASP A 283 41.41 -39.13 -24.81
CA ASP A 283 42.80 -39.23 -25.27
C ASP A 283 42.91 -39.10 -26.77
N GLU A 284 41.89 -39.57 -27.50
CA GLU A 284 41.94 -39.56 -28.95
C GLU A 284 41.84 -38.16 -29.54
N ASN A 285 41.28 -37.20 -28.80
CA ASN A 285 41.15 -35.83 -29.29
C ASN A 285 42.40 -35.05 -28.93
N PRO A 286 43.25 -34.68 -29.90
CA PRO A 286 44.45 -33.89 -29.57
C PRO A 286 44.14 -32.48 -29.10
N ILE A 287 42.91 -31.99 -29.24
CA ILE A 287 42.55 -30.64 -28.85
C ILE A 287 41.53 -30.69 -27.72
N GLY A 288 41.79 -29.97 -26.65
CA GLY A 288 40.86 -29.90 -25.52
C GLY A 288 41.64 -29.80 -24.22
N TYR A 289 41.01 -30.31 -23.15
CA TYR A 289 41.63 -30.39 -21.83
C TYR A 289 41.21 -31.70 -21.17
N THR A 290 42.09 -32.21 -20.31
CA THR A 290 41.89 -33.53 -19.71
C THR A 290 40.88 -33.48 -18.55
N VAL A 291 40.52 -34.68 -18.08
CA VAL A 291 39.53 -34.85 -17.01
C VAL A 291 40.03 -34.29 -15.67
N PRO A 292 41.30 -34.49 -15.29
CA PRO A 292 41.77 -33.83 -14.05
C PRO A 292 41.53 -32.33 -14.07
N VAL A 293 41.72 -31.70 -15.24
CA VAL A 293 41.49 -30.27 -15.37
C VAL A 293 40.01 -29.97 -15.20
N LEU A 294 39.16 -30.70 -15.93
CA LEU A 294 37.71 -30.51 -15.80
C LEU A 294 37.28 -30.59 -14.34
N THR A 295 37.80 -31.58 -13.62
CA THR A 295 37.45 -31.75 -12.22
C THR A 295 37.91 -30.58 -11.37
N LYS A 296 39.16 -30.14 -11.56
CA LYS A 296 39.64 -29.01 -10.75
C LYS A 296 38.75 -27.79 -10.96
N PHE A 297 38.36 -27.54 -12.20
CA PHE A 297 37.49 -26.39 -12.43
C PHE A 297 36.09 -26.62 -11.88
N ALA A 298 35.59 -27.86 -11.91
CA ALA A 298 34.29 -28.14 -11.30
C ALA A 298 34.32 -27.87 -9.80
N ARG A 299 35.44 -28.16 -9.16
CA ARG A 299 35.59 -27.82 -7.74
C ARG A 299 35.68 -26.31 -7.55
N LEU A 300 36.37 -25.63 -8.48
CA LEU A 300 36.45 -24.17 -8.41
C LEU A 300 35.06 -23.54 -8.50
N ALA A 301 34.21 -24.05 -9.40
CA ALA A 301 32.88 -23.50 -9.58
C ALA A 301 31.96 -23.81 -8.41
N GLY A 302 32.24 -24.86 -7.66
CA GLY A 302 31.46 -25.20 -6.49
C GLY A 302 30.56 -26.41 -6.62
N ALA A 303 30.77 -27.28 -7.60
CA ALA A 303 29.97 -28.48 -7.70
C ALA A 303 30.17 -29.34 -6.46
N SER A 304 29.06 -29.83 -5.91
CA SER A 304 29.17 -30.74 -4.78
C SER A 304 29.79 -32.05 -5.20
N GLY A 305 29.55 -32.47 -6.45
CA GLY A 305 30.13 -33.69 -6.96
C GLY A 305 30.16 -33.67 -8.46
N ILE A 306 31.10 -34.42 -9.02
CA ILE A 306 31.21 -34.58 -10.46
C ILE A 306 31.66 -36.01 -10.75
N HIS A 307 31.23 -36.52 -11.90
CA HIS A 307 31.68 -37.81 -12.36
C HIS A 307 33.16 -37.74 -12.69
N THR A 308 33.93 -38.69 -12.13
CA THR A 308 35.38 -38.70 -12.26
C THR A 308 35.88 -39.96 -12.94
N GLY A 309 35.00 -40.89 -13.29
CA GLY A 309 35.39 -42.07 -14.03
C GLY A 309 35.49 -43.31 -13.15
N THR A 310 35.49 -44.48 -13.80
CA THR A 310 35.60 -45.77 -13.16
C THR A 310 36.99 -46.41 -13.31
N ALA A 311 37.99 -45.63 -13.70
CA ALA A 311 39.38 -46.10 -13.82
C ALA A 311 39.51 -47.23 -14.84
N GLY A 312 38.68 -47.23 -15.88
CA GLY A 312 38.71 -48.26 -16.88
C GLY A 312 37.94 -49.52 -16.56
N ILE A 313 37.43 -49.65 -15.33
CA ILE A 313 36.69 -50.84 -14.94
C ILE A 313 35.34 -50.88 -15.65
N GLY A 314 34.69 -49.74 -15.78
CA GLY A 314 33.39 -49.66 -16.42
C GLY A 314 33.50 -49.49 -17.92
N LYS A 315 32.57 -48.71 -18.48
CA LYS A 315 32.44 -48.57 -19.93
C LYS A 315 32.92 -47.23 -20.48
N MET A 316 33.16 -46.24 -19.63
CA MET A 316 33.61 -44.94 -20.11
C MET A 316 35.14 -44.92 -20.14
N ALA A 317 35.70 -44.24 -21.12
CA ALA A 317 37.14 -44.19 -21.28
C ALA A 317 37.81 -43.60 -20.06
N GLY A 318 38.93 -44.18 -19.68
CA GLY A 318 39.69 -43.75 -18.54
C GLY A 318 40.59 -44.86 -18.03
N SER A 319 41.62 -44.45 -17.30
CA SER A 319 42.60 -45.33 -16.69
C SER A 319 42.63 -45.07 -15.19
N PRO A 320 43.21 -45.98 -14.41
CA PRO A 320 43.41 -45.68 -12.98
C PRO A 320 44.15 -44.36 -12.75
N LYS A 321 45.15 -44.05 -13.58
CA LYS A 321 45.94 -42.84 -13.39
C LYS A 321 45.06 -41.61 -13.39
N GLU A 322 44.42 -41.32 -14.52
CA GLU A 322 43.67 -40.08 -14.68
C GLU A 322 42.43 -40.06 -13.79
N ASP A 323 41.68 -41.16 -13.75
CA ASP A 323 40.41 -41.15 -13.04
C ASP A 323 40.63 -41.07 -11.52
N VAL A 324 41.64 -41.78 -11.01
CA VAL A 324 41.93 -41.72 -9.58
C VAL A 324 42.52 -40.36 -9.22
N MET A 325 43.36 -39.80 -10.12
CA MET A 325 43.86 -38.44 -9.94
C MET A 325 42.70 -37.45 -9.85
N ALA A 326 41.66 -37.64 -10.67
CA ALA A 326 40.50 -36.76 -10.64
C ALA A 326 39.73 -36.90 -9.34
N ALA A 327 39.53 -38.13 -8.88
CA ALA A 327 38.83 -38.34 -7.62
C ALA A 327 39.59 -37.68 -6.47
N ARG A 328 40.93 -37.77 -6.49
CA ARG A 328 41.71 -37.11 -5.43
C ARG A 328 41.66 -35.58 -5.56
N HIS A 329 41.69 -35.06 -6.80
CA HIS A 329 41.47 -33.62 -7.00
C HIS A 329 40.16 -33.18 -6.37
N ALA A 330 39.15 -34.04 -6.45
CA ALA A 330 37.84 -33.70 -5.91
C ALA A 330 37.81 -33.81 -4.38
N LEU A 331 38.52 -34.79 -3.82
CA LEU A 331 38.39 -35.12 -2.41
C LEU A 331 39.44 -34.46 -1.52
N LYS A 332 40.71 -34.55 -1.90
CA LYS A 332 41.79 -34.27 -0.97
C LYS A 332 42.04 -32.78 -0.81
N LEU A 333 42.62 -32.43 0.35
CA LEU A 333 43.12 -31.08 0.58
C LEU A 333 44.44 -30.84 -0.16
N TYR A 334 45.27 -31.87 -0.26
CA TYR A 334 46.51 -31.81 -1.05
C TYR A 334 46.38 -32.84 -2.15
N SER A 335 46.27 -32.37 -3.39
CA SER A 335 46.11 -33.24 -4.56
C SER A 335 47.24 -32.99 -5.55
N GLU A 336 47.69 -34.05 -6.21
CA GLU A 336 48.78 -33.94 -7.16
C GLU A 336 48.23 -34.11 -8.58
N GLY A 337 48.51 -33.11 -9.42
CA GLY A 337 48.29 -33.23 -10.85
C GLY A 337 49.50 -33.84 -11.52
N ASP A 338 49.42 -33.92 -12.85
CA ASP A 338 50.54 -34.43 -13.62
C ASP A 338 51.76 -33.51 -13.58
N TYR A 339 51.56 -32.23 -13.29
CA TYR A 339 52.63 -31.23 -13.31
C TYR A 339 52.57 -30.21 -12.18
N PHE A 340 51.43 -30.08 -11.49
CA PHE A 340 51.26 -29.11 -10.40
C PHE A 340 50.76 -29.80 -9.13
N LYS A 341 51.33 -29.39 -8.00
CA LYS A 341 50.85 -29.77 -6.68
C LYS A 341 49.82 -28.73 -6.24
N GLN A 342 48.61 -29.18 -5.91
CA GLN A 342 47.53 -28.28 -5.53
C GLN A 342 47.20 -28.46 -4.06
N ILE A 343 47.18 -27.34 -3.34
CA ILE A 343 46.65 -27.30 -1.98
C ILE A 343 45.39 -26.46 -2.04
N TRP A 344 44.27 -27.07 -1.68
CA TRP A 344 42.97 -26.39 -1.78
C TRP A 344 42.71 -25.52 -0.55
N SER A 345 43.62 -24.57 -0.34
CA SER A 345 43.56 -23.68 0.81
C SER A 345 43.96 -22.29 0.37
N GLU A 346 43.20 -21.29 0.83
CA GLU A 346 43.47 -19.88 0.55
C GLU A 346 44.49 -19.29 1.49
N ILE A 347 45.16 -20.14 2.24
CA ILE A 347 46.05 -19.79 3.35
C ILE A 347 47.49 -20.07 2.95
N PRO A 348 48.48 -19.34 3.49
CA PRO A 348 49.87 -19.62 3.12
C PRO A 348 50.25 -21.06 3.44
N GLU A 349 50.99 -21.68 2.53
CA GLU A 349 51.42 -23.06 2.75
C GLU A 349 52.25 -23.21 4.02
N LYS A 350 52.94 -22.14 4.41
CA LYS A 350 53.80 -22.19 5.59
C LYS A 350 53.02 -22.30 6.89
N ASP A 351 51.70 -22.03 6.85
CA ASP A 351 50.92 -22.03 8.08
C ASP A 351 51.00 -23.38 8.78
N ALA A 352 51.21 -23.33 10.09
CA ALA A 352 51.38 -24.56 10.86
C ALA A 352 50.11 -25.39 10.85
N ASP A 353 48.95 -24.75 11.05
CA ASP A 353 47.69 -25.51 11.06
C ASP A 353 47.41 -26.15 9.71
N LEU A 354 47.77 -25.47 8.61
CA LEU A 354 47.54 -26.02 7.28
C LEU A 354 48.41 -27.25 7.03
N GLN A 355 49.71 -27.15 7.33
CA GLN A 355 50.61 -28.29 7.19
C GLN A 355 50.18 -29.44 8.10
N LEU A 356 49.72 -29.12 9.31
CA LEU A 356 49.20 -30.13 10.20
C LEU A 356 48.01 -30.85 9.60
N ALA A 357 47.07 -30.10 9.01
CA ALA A 357 45.92 -30.71 8.35
C ALA A 357 46.35 -31.58 7.18
N ILE A 358 47.37 -31.14 6.44
CA ILE A 358 47.85 -31.94 5.32
C ILE A 358 48.40 -33.27 5.83
N GLN A 359 49.19 -33.21 6.91
CA GLN A 359 49.71 -34.43 7.51
C GLN A 359 48.59 -35.33 8.02
N LYS A 360 47.63 -34.76 8.75
CA LYS A 360 46.50 -35.54 9.27
C LYS A 360 45.70 -36.18 8.15
N GLU A 361 45.60 -35.51 7.00
CA GLU A 361 44.96 -36.12 5.86
C GLU A 361 45.77 -37.30 5.34
N ALA A 362 47.10 -37.16 5.32
CA ALA A 362 47.94 -38.29 4.93
C ALA A 362 47.77 -39.49 5.86
N GLU A 363 47.23 -39.28 7.07
CA GLU A 363 46.98 -40.35 8.01
C GLU A 363 45.53 -40.81 8.04
N GLY A 364 44.67 -40.24 7.20
CA GLY A 364 43.30 -40.66 7.12
C GLY A 364 42.30 -39.83 7.88
N GLU A 365 42.71 -38.67 8.39
CA GLU A 365 41.81 -37.80 9.14
C GLU A 365 41.16 -36.73 8.26
N ASP A 366 39.95 -36.35 8.65
CA ASP A 366 39.16 -35.40 7.91
C ASP A 366 39.66 -33.97 8.12
N TYR A 367 39.67 -33.19 7.05
CA TYR A 367 40.03 -31.78 7.13
C TYR A 367 38.83 -30.85 7.00
N SER A 368 37.62 -31.40 6.87
CA SER A 368 36.45 -30.59 6.57
C SER A 368 36.15 -29.55 7.63
N ASN A 369 36.54 -29.79 8.89
CA ASN A 369 36.31 -28.85 9.98
C ASN A 369 37.46 -27.86 10.15
N LEU A 370 38.45 -27.85 9.26
CA LEU A 370 39.64 -27.03 9.45
C LEU A 370 39.35 -25.53 9.53
N GLY A 371 38.19 -25.07 9.03
CA GLY A 371 37.91 -23.65 9.04
C GLY A 371 37.39 -23.12 7.71
N TYR A 372 36.15 -22.62 7.69
CA TYR A 372 35.56 -22.19 6.42
C TYR A 372 36.38 -21.11 5.72
N TRP A 373 37.19 -20.35 6.45
CA TRP A 373 37.96 -19.28 5.83
C TRP A 373 39.31 -19.76 5.33
N ARG A 374 39.61 -21.04 5.42
CA ARG A 374 40.94 -21.51 5.05
C ARG A 374 40.95 -22.76 4.16
N ILE A 375 39.79 -23.30 3.78
CA ILE A 375 39.76 -24.45 2.90
C ILE A 375 38.72 -24.25 1.81
N THR A 376 39.00 -24.85 0.65
CA THR A 376 37.98 -25.11 -0.36
C THR A 376 37.32 -26.44 -0.01
N LYS A 377 36.00 -26.43 0.16
CA LYS A 377 35.30 -27.61 0.63
C LYS A 377 35.52 -28.80 -0.32
N LYS A 378 35.40 -30.01 0.22
CA LYS A 378 35.66 -31.19 -0.58
C LYS A 378 34.52 -31.41 -1.57
N MET A 379 34.88 -31.93 -2.74
CA MET A 379 33.90 -32.26 -3.77
C MET A 379 33.84 -33.77 -3.94
N CYS A 380 32.62 -34.27 -4.30
CA CYS A 380 32.38 -35.71 -4.27
C CYS A 380 32.60 -36.34 -5.64
N PRO A 381 33.46 -37.36 -5.74
CA PRO A 381 33.56 -38.11 -7.00
C PRO A 381 32.36 -39.02 -7.15
N ILE A 382 31.78 -39.01 -8.35
CA ILE A 382 30.64 -39.84 -8.70
C ILE A 382 31.09 -40.86 -9.73
N ILE A 383 30.81 -42.13 -9.45
CA ILE A 383 31.41 -43.25 -10.17
C ILE A 383 30.31 -43.92 -10.96
N SER A 384 30.39 -43.85 -12.28
CA SER A 384 29.28 -44.30 -13.12
C SER A 384 29.80 -44.78 -14.46
N GLY A 385 29.00 -45.64 -15.09
CA GLY A 385 29.28 -46.10 -16.44
C GLY A 385 29.64 -47.56 -16.54
N GLY A 386 28.64 -48.40 -16.84
CA GLY A 386 28.91 -49.81 -17.03
C GLY A 386 29.25 -50.56 -15.77
N LEU A 387 28.91 -50.01 -14.61
CA LEU A 387 29.22 -50.65 -13.36
C LEU A 387 28.12 -51.62 -12.96
N ASN A 388 28.52 -52.69 -12.26
CA ASN A 388 27.60 -53.70 -11.76
C ASN A 388 28.24 -54.25 -10.48
N PRO A 389 27.46 -55.05 -9.71
CA PRO A 389 28.00 -55.52 -8.41
C PRO A 389 29.36 -56.20 -8.49
N LEU A 390 29.72 -56.78 -9.65
CA LEU A 390 30.97 -57.51 -9.70
C LEU A 390 32.18 -56.59 -9.68
N LEU A 391 31.99 -55.32 -10.01
CA LEU A 391 33.09 -54.40 -10.26
C LEU A 391 33.31 -53.39 -9.12
N ILE A 392 32.35 -53.27 -8.20
CA ILE A 392 32.43 -52.24 -7.16
C ILE A 392 33.67 -52.45 -6.29
N GLY A 393 33.93 -53.70 -5.90
CA GLY A 393 35.08 -53.96 -5.05
C GLY A 393 36.38 -53.57 -5.71
N LYS A 394 36.56 -53.99 -6.97
CA LYS A 394 37.73 -53.60 -7.74
C LYS A 394 37.88 -52.08 -7.78
N PHE A 395 36.77 -51.36 -7.95
CA PHE A 395 36.90 -49.91 -7.99
C PHE A 395 37.39 -49.37 -6.67
N ILE A 396 36.77 -49.80 -5.56
CA ILE A 396 37.18 -49.34 -4.25
C ILE A 396 38.66 -49.62 -4.04
N ASP A 397 39.12 -50.80 -4.47
CA ASP A 397 40.53 -51.15 -4.33
C ASP A 397 41.41 -50.20 -5.14
N THR A 398 40.98 -49.84 -6.34
CA THR A 398 41.79 -48.99 -7.21
C THR A 398 41.83 -47.55 -6.72
N VAL A 399 40.71 -47.05 -6.21
CA VAL A 399 40.67 -45.64 -5.84
C VAL A 399 41.28 -45.42 -4.46
N GLY A 400 41.18 -46.42 -3.57
CA GLY A 400 41.79 -46.32 -2.26
C GLY A 400 41.02 -45.47 -1.28
N THR A 401 39.72 -45.34 -1.47
CA THR A 401 38.88 -44.58 -0.54
C THR A 401 37.45 -45.05 -0.70
N GLN A 402 36.59 -44.56 0.19
CA GLN A 402 35.16 -44.83 0.10
C GLN A 402 34.30 -43.58 0.08
N ASP A 403 34.89 -42.37 0.06
CA ASP A 403 34.10 -41.14 -0.05
C ASP A 403 33.73 -40.92 -1.52
N PHE A 404 32.69 -41.63 -1.95
CA PHE A 404 32.19 -41.41 -3.30
C PHE A 404 30.78 -41.96 -3.41
N ILE A 405 30.10 -41.53 -4.47
CA ILE A 405 28.80 -42.04 -4.85
C ILE A 405 28.99 -42.91 -6.10
N THR A 406 28.56 -44.16 -6.03
CA THR A 406 28.47 -45.00 -7.23
C THR A 406 27.03 -44.99 -7.73
N THR A 407 26.87 -44.91 -9.05
CA THR A 407 25.55 -44.98 -9.65
C THR A 407 25.54 -46.05 -10.73
N MET A 408 24.55 -46.91 -10.69
CA MET A 408 24.45 -48.06 -11.59
C MET A 408 23.11 -48.05 -12.30
N GLY A 409 23.14 -48.18 -13.63
CA GLY A 409 21.92 -48.24 -14.40
C GLY A 409 21.53 -49.64 -14.77
N ALA A 410 22.15 -50.17 -15.82
CA ALA A 410 21.88 -51.54 -16.23
C ALA A 410 22.43 -52.53 -15.22
N GLY A 411 23.46 -52.15 -14.47
CA GLY A 411 23.94 -53.00 -13.39
C GLY A 411 22.89 -53.27 -12.33
N VAL A 412 21.78 -52.55 -12.35
CA VAL A 412 20.66 -52.75 -11.44
C VAL A 412 19.40 -53.15 -12.17
N HIS A 413 19.00 -52.37 -13.18
CA HIS A 413 17.71 -52.55 -13.81
C HIS A 413 17.67 -53.69 -14.80
N SER A 414 18.82 -54.24 -15.19
CA SER A 414 18.86 -55.43 -16.03
C SER A 414 19.08 -56.70 -15.23
N HIS A 415 19.12 -56.61 -13.90
CA HIS A 415 19.26 -57.78 -13.06
C HIS A 415 18.09 -58.73 -13.28
N PRO A 416 18.35 -60.03 -13.52
CA PRO A 416 17.25 -60.95 -13.87
C PRO A 416 16.10 -60.98 -12.87
N MET A 417 16.32 -60.63 -11.60
CA MET A 417 15.24 -60.65 -10.63
C MET A 417 14.64 -59.27 -10.37
N GLY A 418 15.05 -58.25 -11.11
CA GLY A 418 14.41 -56.95 -10.97
C GLY A 418 15.28 -55.95 -10.25
N THR A 419 14.72 -54.75 -10.10
CA THR A 419 15.47 -53.63 -9.54
C THR A 419 15.82 -53.87 -8.07
N LYS A 420 14.82 -54.21 -7.25
CA LYS A 420 15.07 -54.47 -5.83
C LYS A 420 16.16 -55.53 -5.65
N ALA A 421 16.11 -56.59 -6.45
CA ALA A 421 17.16 -57.61 -6.38
C ALA A 421 18.50 -57.04 -6.80
N GLY A 422 18.52 -56.18 -7.82
CA GLY A 422 19.78 -55.56 -8.24
C GLY A 422 20.41 -54.72 -7.14
N ALA A 423 19.59 -53.96 -6.42
CA ALA A 423 20.11 -53.18 -5.30
C ALA A 423 20.65 -54.08 -4.21
N THR A 424 19.90 -55.12 -3.85
CA THR A 424 20.41 -56.09 -2.88
C THR A 424 21.70 -56.73 -3.36
N ALA A 425 21.84 -56.95 -4.67
CA ALA A 425 23.05 -57.57 -5.19
C ALA A 425 24.26 -56.66 -5.05
N VAL A 426 24.07 -55.35 -5.27
CA VAL A 426 25.20 -54.46 -5.06
C VAL A 426 25.59 -54.42 -3.59
N LEU A 427 24.59 -54.42 -2.69
CA LEU A 427 24.92 -54.39 -1.26
C LEU A 427 25.64 -55.67 -0.84
N GLN A 428 25.24 -56.82 -1.40
CA GLN A 428 25.91 -58.07 -1.05
C GLN A 428 27.32 -58.08 -1.61
N ALA A 429 27.53 -57.51 -2.80
CA ALA A 429 28.87 -57.44 -3.36
C ALA A 429 29.78 -56.53 -2.52
N TYR A 430 29.21 -55.46 -1.98
CA TYR A 430 30.01 -54.63 -1.07
C TYR A 430 30.35 -55.38 0.21
N GLU A 431 29.38 -56.09 0.79
CA GLU A 431 29.66 -56.92 1.96
C GLU A 431 30.72 -57.98 1.68
N ALA A 432 30.67 -58.57 0.48
CA ALA A 432 31.71 -59.53 0.13
C ALA A 432 33.08 -58.85 0.12
N TRP A 433 33.16 -57.66 -0.47
CA TRP A 433 34.43 -56.94 -0.49
C TRP A 433 34.91 -56.59 0.91
N LYS A 434 33.99 -56.15 1.76
CA LYS A 434 34.36 -55.64 3.08
C LYS A 434 34.89 -56.74 3.99
N GLN A 435 34.39 -57.97 3.85
CA GLN A 435 34.81 -59.08 4.70
C GLN A 435 35.95 -59.89 4.08
N LYS A 436 36.51 -59.43 2.97
CA LYS A 436 37.61 -60.12 2.28
C LYS A 436 37.19 -61.52 1.85
N ILE A 437 35.93 -61.67 1.46
CA ILE A 437 35.41 -62.90 0.89
C ILE A 437 35.18 -62.68 -0.60
N SER A 438 35.56 -63.66 -1.41
CA SER A 438 35.35 -63.54 -2.84
C SER A 438 33.86 -63.53 -3.17
N LEU A 439 33.52 -62.86 -4.28
CA LEU A 439 32.13 -62.83 -4.71
C LEU A 439 31.61 -64.23 -4.95
N GLU A 440 32.47 -65.10 -5.44
CA GLU A 440 32.08 -66.48 -5.75
C GLU A 440 31.61 -67.19 -4.49
N ASP A 441 32.45 -67.17 -3.46
CA ASP A 441 32.13 -67.81 -2.20
C ASP A 441 30.97 -67.12 -1.50
N TYR A 442 30.96 -65.78 -1.48
CA TYR A 442 29.87 -65.06 -0.83
C TYR A 442 28.52 -65.34 -1.49
N ALA A 443 28.49 -65.54 -2.80
CA ALA A 443 27.23 -65.75 -3.49
C ALA A 443 26.61 -67.12 -3.23
N LYS A 444 27.33 -68.04 -2.58
CA LYS A 444 26.79 -69.38 -2.33
C LYS A 444 25.47 -69.33 -1.59
N ASP A 445 25.31 -68.42 -0.63
CA ASP A 445 24.07 -68.30 0.11
C ASP A 445 23.45 -66.92 -0.05
N LYS A 446 23.80 -66.20 -1.11
CA LYS A 446 23.19 -64.92 -1.46
C LYS A 446 22.67 -65.06 -2.88
N GLU A 447 21.35 -65.16 -3.03
CA GLU A 447 20.75 -65.44 -4.34
C GLU A 447 20.93 -64.28 -5.32
N GLU A 448 20.70 -63.06 -4.85
CA GLU A 448 20.78 -61.90 -5.73
C GLU A 448 22.19 -61.75 -6.32
N LEU A 449 23.22 -61.82 -5.47
CA LEU A 449 24.60 -61.72 -5.96
C LEU A 449 24.93 -62.86 -6.92
N ARG A 450 24.44 -64.07 -6.64
CA ARG A 450 24.69 -65.20 -7.53
C ARG A 450 24.13 -64.97 -8.93
N ALA A 451 22.90 -64.47 -9.01
CA ALA A 451 22.34 -64.19 -10.33
C ALA A 451 23.05 -63.02 -11.00
N ALA A 452 23.50 -62.02 -10.22
CA ALA A 452 24.29 -60.95 -10.81
C ALA A 452 25.59 -61.47 -11.38
N ILE A 453 26.21 -62.45 -10.70
CA ILE A 453 27.44 -63.06 -11.20
C ILE A 453 27.18 -63.73 -12.53
N GLN A 454 26.09 -64.51 -12.62
CA GLN A 454 25.83 -65.21 -13.87
C GLN A 454 25.49 -64.25 -15.01
N PHE A 455 24.74 -63.20 -14.72
CA PHE A 455 24.29 -62.29 -15.78
C PHE A 455 25.41 -61.38 -16.27
N TYR A 456 26.21 -60.83 -15.35
CA TYR A 456 27.18 -59.80 -15.70
C TYR A 456 28.53 -60.34 -16.12
N ASP A 457 28.78 -61.64 -15.97
CA ASP A 457 30.01 -62.22 -16.53
C ASP A 457 29.87 -62.48 -18.03
N MET B 1 26.38 -56.38 -29.19
CA MET B 1 25.45 -55.72 -30.09
C MET B 1 24.04 -55.66 -29.52
N GLN B 2 23.43 -54.49 -29.57
CA GLN B 2 22.04 -54.31 -29.15
C GLN B 2 21.20 -54.16 -30.41
N LYS B 3 20.64 -55.28 -30.86
CA LYS B 3 19.91 -55.31 -32.13
C LYS B 3 18.61 -54.53 -32.07
N GLU B 4 18.11 -54.24 -30.87
CA GLU B 4 16.84 -53.54 -30.74
C GLU B 4 16.89 -52.12 -31.29
N TYR B 5 18.09 -51.61 -31.57
CA TYR B 5 18.29 -50.27 -32.12
C TYR B 5 18.67 -50.30 -33.59
N ILE B 6 18.65 -51.47 -34.22
CA ILE B 6 19.03 -51.62 -35.62
C ILE B 6 17.77 -51.94 -36.42
N GLN B 7 17.37 -51.02 -37.30
CA GLN B 7 16.26 -51.20 -38.24
C GLN B 7 16.68 -50.61 -39.58
N ILE B 8 17.65 -51.28 -40.22
CA ILE B 8 18.21 -50.75 -41.46
C ILE B 8 17.12 -50.61 -42.50
N GLY B 9 17.11 -49.46 -43.19
CA GLY B 9 16.19 -49.20 -44.27
C GLY B 9 14.76 -48.90 -43.86
N ASN B 10 14.48 -48.70 -42.58
CA ASN B 10 13.13 -48.40 -42.15
C ASN B 10 12.64 -47.12 -42.80
N PRO B 11 11.58 -47.17 -43.61
CA PRO B 11 11.10 -45.96 -44.29
C PRO B 11 10.28 -45.02 -43.42
N ASN B 12 9.97 -45.38 -42.18
CA ASN B 12 9.18 -44.51 -41.32
C ASN B 12 10.00 -43.43 -40.63
N VAL B 13 11.32 -43.45 -40.80
CA VAL B 13 12.14 -42.42 -40.17
C VAL B 13 11.97 -41.07 -40.84
N PHE B 14 11.33 -41.03 -42.01
CA PHE B 14 11.17 -39.79 -42.75
C PHE B 14 9.77 -39.20 -42.59
N ASN B 15 9.03 -39.61 -41.56
CA ASN B 15 7.63 -39.24 -41.42
C ASN B 15 7.42 -37.98 -40.58
N GLY B 16 8.48 -37.25 -40.28
CA GLY B 16 8.38 -36.01 -39.53
C GLY B 16 8.46 -36.17 -38.03
N GLN B 17 8.45 -37.41 -37.53
CA GLN B 17 8.61 -37.66 -36.11
C GLN B 17 10.05 -37.80 -35.67
N TYR B 18 11.00 -37.81 -36.61
CA TYR B 18 12.38 -38.09 -36.25
C TYR B 18 13.30 -36.96 -36.71
N MET B 19 14.21 -36.58 -35.82
CA MET B 19 15.40 -35.85 -36.21
C MET B 19 16.46 -36.85 -36.62
N LEU B 20 17.09 -36.64 -37.77
CA LEU B 20 18.04 -37.60 -38.29
C LEU B 20 19.46 -37.07 -38.12
N ALA B 21 20.41 -37.99 -38.00
CA ALA B 21 21.80 -37.59 -37.84
C ALA B 21 22.71 -38.62 -38.49
N VAL B 22 23.86 -38.14 -38.96
CA VAL B 22 24.93 -38.99 -39.46
C VAL B 22 26.12 -38.86 -38.53
N PHE B 23 26.64 -40.00 -38.11
CA PHE B 23 27.87 -40.07 -37.34
C PHE B 23 28.93 -40.74 -38.20
N ARG B 24 30.17 -40.30 -38.04
CA ARG B 24 31.31 -41.09 -38.43
C ARG B 24 31.77 -41.82 -37.17
N LEU B 25 31.61 -43.14 -37.17
CA LEU B 25 31.81 -44.00 -36.00
C LEU B 25 32.88 -45.03 -36.31
N GLN B 26 33.70 -45.31 -35.30
CA GLN B 26 34.63 -46.43 -35.38
C GLN B 26 34.88 -46.94 -33.97
N GLY B 27 34.50 -48.21 -33.76
CA GLY B 27 34.67 -48.83 -32.47
C GLY B 27 36.03 -49.49 -32.29
N GLU B 28 36.26 -49.93 -31.05
CA GLU B 28 37.50 -50.56 -30.64
C GLU B 28 37.71 -51.89 -31.36
N GLU B 29 38.90 -52.45 -31.15
CA GLU B 29 39.28 -53.70 -31.78
C GLU B 29 38.25 -54.77 -31.43
N GLY B 30 37.61 -55.33 -32.45
CA GLY B 30 36.61 -56.36 -32.28
C GLY B 30 35.19 -55.94 -32.63
N MET B 31 34.88 -54.64 -32.65
CA MET B 31 33.52 -54.17 -32.93
C MET B 31 33.36 -53.75 -34.40
N THR B 32 32.31 -54.27 -35.04
CA THR B 32 31.94 -53.84 -36.38
C THR B 32 31.30 -52.45 -36.35
N LEU B 33 31.12 -51.88 -37.55
CA LEU B 33 30.51 -50.56 -37.66
C LEU B 33 29.06 -50.57 -37.19
N VAL B 34 28.30 -51.61 -37.56
CA VAL B 34 26.92 -51.68 -37.13
C VAL B 34 26.80 -51.97 -35.63
N ASP B 35 27.77 -52.69 -35.06
CA ASP B 35 27.77 -52.93 -33.62
C ASP B 35 28.01 -51.61 -32.88
N THR B 36 29.04 -50.87 -33.28
CA THR B 36 29.30 -49.56 -32.72
C THR B 36 28.10 -48.64 -32.90
N ALA B 37 27.42 -48.77 -34.04
CA ALA B 37 26.26 -47.92 -34.31
C ALA B 37 25.10 -48.27 -33.38
N SER B 38 24.88 -49.57 -33.14
CA SER B 38 23.82 -49.97 -32.22
C SER B 38 24.10 -49.46 -30.82
N GLU B 39 25.34 -49.56 -30.37
CA GLU B 39 25.65 -49.10 -29.01
C GLU B 39 25.51 -47.57 -28.91
N VAL B 40 25.91 -46.84 -29.95
CA VAL B 40 25.76 -45.38 -29.92
C VAL B 40 24.29 -44.98 -29.92
N ALA B 41 23.48 -45.64 -30.77
CA ALA B 41 22.05 -45.39 -30.79
C ALA B 41 21.42 -45.70 -29.44
N ALA B 42 21.92 -46.72 -28.75
CA ALA B 42 21.42 -47.05 -27.42
C ALA B 42 21.76 -45.95 -26.42
N GLU B 43 23.02 -45.54 -26.40
CA GLU B 43 23.46 -44.55 -25.42
C GLU B 43 23.02 -43.12 -25.76
N SER B 44 22.46 -42.87 -26.94
CA SER B 44 21.98 -41.54 -27.28
C SER B 44 20.46 -41.46 -27.35
N SER B 45 19.74 -42.46 -26.83
CA SER B 45 18.29 -42.39 -26.76
C SER B 45 17.73 -43.03 -25.49
N THR B 46 17.49 -44.35 -25.52
CA THR B 46 16.72 -45.01 -24.47
C THR B 46 17.51 -46.06 -23.69
N GLY B 47 18.71 -46.41 -24.12
CA GLY B 47 19.34 -47.58 -23.55
C GLY B 47 20.63 -47.33 -22.80
N SER B 48 21.42 -48.39 -22.62
CA SER B 48 22.69 -48.33 -21.92
C SER B 48 23.60 -49.40 -22.53
N PHE B 49 24.57 -49.87 -21.75
CA PHE B 49 25.56 -50.81 -22.26
C PHE B 49 25.02 -52.21 -22.47
N VAL B 50 23.83 -52.51 -21.98
CA VAL B 50 23.15 -53.78 -22.24
C VAL B 50 21.67 -53.49 -22.37
N LYS B 51 20.94 -54.44 -22.96
CA LYS B 51 19.49 -54.34 -23.05
C LYS B 51 18.90 -54.02 -21.69
N ILE B 52 17.97 -53.07 -21.65
CA ILE B 52 17.41 -52.56 -20.40
C ILE B 52 16.24 -53.42 -19.99
N GLY B 53 16.35 -54.09 -18.82
CA GLY B 53 15.31 -55.01 -18.38
C GLY B 53 14.00 -54.35 -17.98
N THR B 54 14.04 -53.09 -17.57
CA THR B 54 12.82 -52.40 -17.16
C THR B 54 12.15 -51.69 -18.32
N ALA B 55 12.62 -51.90 -19.54
CA ALA B 55 12.02 -51.25 -20.70
C ALA B 55 10.58 -51.70 -20.90
N THR B 56 9.74 -50.77 -21.32
CA THR B 56 8.35 -51.01 -21.67
C THR B 56 8.16 -50.88 -23.18
N ALA B 57 7.04 -51.41 -23.66
CA ALA B 57 6.71 -51.27 -25.08
C ALA B 57 6.73 -49.82 -25.55
N PHE B 58 6.17 -48.92 -24.74
CA PHE B 58 6.21 -47.48 -25.03
C PHE B 58 7.65 -46.98 -25.20
N SER B 59 8.50 -47.23 -24.20
CA SER B 59 9.87 -46.74 -24.27
C SER B 59 10.60 -47.37 -25.45
N GLU B 60 10.28 -48.62 -25.77
CA GLU B 60 10.86 -49.25 -26.94
C GLU B 60 10.39 -48.59 -28.23
N SER B 61 9.15 -48.08 -28.24
CA SER B 61 8.64 -47.35 -29.40
C SER B 61 9.32 -46.01 -29.55
N LEU B 62 9.99 -45.52 -28.51
CA LEU B 62 10.75 -44.28 -28.62
C LEU B 62 12.25 -44.52 -28.80
N ASP B 63 12.65 -45.72 -29.25
CA ASP B 63 14.06 -46.01 -29.46
C ASP B 63 14.61 -45.23 -30.65
N ALA B 64 15.91 -44.90 -30.56
CA ALA B 64 16.62 -44.40 -31.74
C ALA B 64 16.88 -45.55 -32.69
N LEU B 65 16.86 -45.23 -33.99
CA LEU B 65 16.91 -46.23 -35.05
C LEU B 65 18.15 -45.99 -35.90
N VAL B 66 19.03 -46.99 -35.96
CA VAL B 66 20.09 -46.99 -36.96
C VAL B 66 19.49 -47.51 -38.26
N TYR B 67 19.32 -46.64 -39.25
CA TYR B 67 18.59 -47.02 -40.47
C TYR B 67 19.43 -47.09 -41.73
N ARG B 68 20.71 -46.70 -41.68
CA ARG B 68 21.57 -46.78 -42.85
C ARG B 68 23.02 -46.85 -42.40
N ILE B 69 23.83 -47.60 -43.15
CA ILE B 69 25.24 -47.77 -42.83
C ILE B 69 26.06 -47.65 -44.12
N ASP B 70 27.23 -47.00 -44.01
CA ASP B 70 28.21 -46.93 -45.09
C ASP B 70 29.52 -47.44 -44.52
N GLU B 71 29.87 -48.70 -44.80
CA GLU B 71 31.06 -49.28 -44.18
C GLU B 71 32.34 -48.62 -44.67
N LYS B 72 32.40 -48.26 -45.96
CA LYS B 72 33.66 -47.76 -46.51
C LYS B 72 34.04 -46.43 -45.89
N ASN B 73 33.06 -45.56 -45.65
CA ASN B 73 33.32 -44.25 -45.11
C ASN B 73 33.02 -44.18 -43.62
N ASN B 74 32.72 -45.33 -43.00
CA ASN B 74 32.44 -45.43 -41.58
C ASN B 74 31.34 -44.44 -41.18
N LEU B 75 30.24 -44.47 -41.92
CA LEU B 75 29.13 -43.56 -41.71
C LEU B 75 27.92 -44.34 -41.21
N VAL B 76 27.14 -43.71 -40.34
CA VAL B 76 25.95 -44.33 -39.77
C VAL B 76 24.84 -43.29 -39.68
N TRP B 77 23.65 -43.66 -40.12
CA TRP B 77 22.46 -42.82 -40.04
C TRP B 77 21.59 -43.30 -38.88
N ILE B 78 21.32 -42.41 -37.93
CA ILE B 78 20.47 -42.72 -36.78
C ILE B 78 19.30 -41.74 -36.75
N ALA B 79 18.12 -42.25 -36.40
CA ALA B 79 16.91 -41.45 -36.31
C ALA B 79 16.46 -41.35 -34.86
N TYR B 80 16.15 -40.14 -34.41
CA TYR B 80 15.76 -39.86 -33.03
C TYR B 80 14.32 -39.35 -32.99
N PRO B 81 13.39 -40.08 -32.38
CA PRO B 81 12.06 -39.49 -32.20
C PRO B 81 12.17 -38.27 -31.33
N TRP B 82 12.01 -37.07 -31.92
CA TRP B 82 12.24 -35.83 -31.18
C TRP B 82 11.23 -35.61 -30.05
N ARG B 83 10.27 -36.53 -29.89
CA ARG B 83 9.39 -36.51 -28.73
C ARG B 83 10.14 -36.81 -27.45
N ILE B 84 11.29 -37.49 -27.55
CA ILE B 84 12.08 -37.82 -26.37
C ILE B 84 12.84 -36.61 -25.84
N PHE B 85 13.01 -35.58 -26.67
CA PHE B 85 13.71 -34.37 -26.27
C PHE B 85 12.85 -33.55 -25.32
N ASP B 86 13.51 -32.87 -24.39
CA ASP B 86 12.80 -32.02 -23.43
C ASP B 86 11.96 -30.97 -24.16
N ARG B 87 10.76 -30.73 -23.65
CA ARG B 87 9.85 -29.77 -24.26
C ARG B 87 10.29 -28.36 -23.88
N GLY B 88 9.58 -27.37 -24.43
CA GLY B 88 10.00 -26.00 -24.28
C GLY B 88 11.20 -25.64 -25.12
N GLY B 89 11.39 -26.35 -26.24
CA GLY B 89 12.50 -26.03 -27.12
C GLY B 89 13.86 -26.10 -26.45
N ASN B 90 14.09 -27.12 -25.62
CA ASN B 90 15.34 -27.26 -24.89
C ASN B 90 16.39 -27.85 -25.84
N VAL B 91 17.41 -27.04 -26.18
CA VAL B 91 18.44 -27.48 -27.12
C VAL B 91 19.60 -28.18 -26.41
N GLN B 92 20.01 -27.68 -25.24
CA GLN B 92 21.05 -28.36 -24.48
C GLN B 92 20.66 -29.81 -24.22
N ASN B 93 19.36 -30.08 -24.15
CA ASN B 93 18.91 -31.45 -23.97
C ASN B 93 19.15 -32.29 -25.23
N ILE B 94 18.90 -31.71 -26.42
CA ILE B 94 19.24 -32.39 -27.67
C ILE B 94 20.73 -32.74 -27.68
N MET B 95 21.57 -31.76 -27.35
CA MET B 95 23.00 -32.02 -27.36
C MET B 95 23.39 -33.05 -26.31
N THR B 96 22.65 -33.11 -25.20
CA THR B 96 22.90 -34.13 -24.19
C THR B 96 22.59 -35.53 -24.72
N PHE B 97 21.47 -35.66 -25.42
CA PHE B 97 21.13 -36.93 -26.08
C PHE B 97 22.19 -37.34 -27.09
N ILE B 98 22.40 -36.54 -28.14
CA ILE B 98 23.18 -37.00 -29.28
C ILE B 98 24.67 -36.67 -29.17
N ALA B 99 25.04 -35.69 -28.35
CA ALA B 99 26.43 -35.28 -28.23
C ALA B 99 26.88 -35.30 -26.77
N GLY B 100 26.35 -36.26 -25.99
CA GLY B 100 26.65 -36.32 -24.58
C GLY B 100 27.55 -37.49 -24.23
N ASN B 101 26.96 -38.51 -23.60
CA ASN B 101 27.74 -39.63 -23.09
C ASN B 101 28.48 -40.37 -24.21
N VAL B 102 27.95 -40.34 -25.44
CA VAL B 102 28.55 -41.10 -26.53
C VAL B 102 29.98 -40.67 -26.80
N PHE B 103 30.35 -39.46 -26.42
CA PHE B 103 31.71 -38.98 -26.63
C PHE B 103 32.71 -39.52 -25.62
N GLY B 104 32.25 -40.21 -24.58
CA GLY B 104 33.16 -40.73 -23.58
C GLY B 104 33.21 -42.25 -23.59
N MET B 105 32.42 -42.88 -24.46
CA MET B 105 32.39 -44.34 -24.49
C MET B 105 33.75 -44.90 -24.90
N ALA B 106 34.33 -45.71 -24.02
CA ALA B 106 35.67 -46.24 -24.28
C ALA B 106 35.70 -47.09 -25.55
N SER B 107 34.59 -47.74 -25.87
CA SER B 107 34.55 -48.63 -27.03
C SER B 107 34.41 -47.89 -28.35
N VAL B 108 34.27 -46.57 -28.34
CA VAL B 108 34.11 -45.80 -29.56
C VAL B 108 35.35 -44.93 -29.71
N LYS B 109 36.13 -45.22 -30.75
CA LYS B 109 37.35 -44.47 -31.01
C LYS B 109 37.10 -43.29 -31.92
N VAL B 110 36.06 -43.34 -32.75
CA VAL B 110 35.67 -42.23 -33.61
C VAL B 110 34.17 -42.03 -33.49
N CYS B 111 33.74 -40.80 -33.20
CA CYS B 111 32.33 -40.47 -33.02
C CYS B 111 32.14 -38.99 -33.38
N LYS B 112 31.90 -38.72 -34.67
CA LYS B 112 31.84 -37.34 -35.17
C LYS B 112 30.50 -37.11 -35.86
N ILE B 113 29.66 -36.25 -35.31
CA ILE B 113 28.39 -35.94 -35.97
C ILE B 113 28.67 -35.02 -37.16
N LEU B 114 28.24 -35.45 -38.34
CA LEU B 114 28.55 -34.73 -39.57
C LEU B 114 27.37 -33.94 -40.09
N ASP B 115 26.15 -34.34 -39.76
CA ASP B 115 24.98 -33.64 -40.28
C ASP B 115 23.77 -34.06 -39.47
N VAL B 116 22.75 -33.19 -39.47
CA VAL B 116 21.52 -33.40 -38.74
C VAL B 116 20.38 -32.77 -39.52
N TYR B 117 19.19 -33.36 -39.42
CA TYR B 117 18.01 -32.91 -40.13
C TYR B 117 16.90 -32.58 -39.13
N PHE B 118 16.28 -31.41 -39.31
CA PHE B 118 15.15 -31.03 -38.48
C PHE B 118 13.89 -31.08 -39.34
N PRO B 119 12.94 -31.97 -39.08
CA PRO B 119 11.69 -31.97 -39.85
C PRO B 119 10.86 -30.75 -39.49
N PRO B 120 9.93 -30.34 -40.37
CA PRO B 120 9.16 -29.12 -40.07
C PRO B 120 8.39 -29.22 -38.77
N GLN B 121 7.80 -30.39 -38.50
CA GLN B 121 7.06 -30.60 -37.26
C GLN B 121 7.96 -30.45 -36.05
N MET B 122 9.24 -30.75 -36.19
CA MET B 122 10.17 -30.52 -35.08
C MET B 122 10.52 -29.05 -34.96
N LEU B 123 10.78 -28.38 -36.09
CA LEU B 123 11.09 -26.95 -36.09
C LEU B 123 10.01 -26.14 -35.38
N VAL B 124 8.75 -26.61 -35.45
CA VAL B 124 7.67 -25.89 -34.79
C VAL B 124 7.94 -25.66 -33.30
N GLN B 125 8.67 -26.56 -32.65
CA GLN B 125 8.81 -26.52 -31.20
C GLN B 125 9.90 -25.57 -30.71
N TYR B 126 10.64 -24.90 -31.59
CA TYR B 126 11.82 -24.16 -31.18
C TYR B 126 11.70 -22.70 -31.61
N ASP B 127 12.52 -21.86 -30.96
CA ASP B 127 12.39 -20.41 -31.10
C ASP B 127 12.79 -19.94 -32.50
N GLY B 128 13.99 -20.31 -32.93
CA GLY B 128 14.56 -19.71 -34.12
C GLY B 128 14.91 -18.26 -33.84
N PRO B 129 15.68 -17.65 -34.73
CA PRO B 129 16.04 -16.23 -34.53
C PRO B 129 14.81 -15.33 -34.54
N GLU B 130 14.95 -14.17 -33.91
CA GLU B 130 13.90 -13.16 -33.87
C GLU B 130 14.36 -11.81 -34.40
N TYR B 131 15.57 -11.38 -34.05
CA TYR B 131 16.21 -10.19 -34.60
C TYR B 131 17.28 -10.66 -35.58
N THR B 132 17.21 -10.19 -36.82
CA THR B 132 18.07 -10.71 -37.86
C THR B 132 19.05 -9.64 -38.33
N ILE B 133 19.93 -10.04 -39.24
CA ILE B 133 20.83 -9.10 -39.89
C ILE B 133 20.05 -8.00 -40.59
N ASP B 134 18.87 -8.31 -41.11
CA ASP B 134 18.07 -7.29 -41.78
C ASP B 134 17.67 -6.18 -40.81
N ASP B 135 17.29 -6.55 -39.58
CA ASP B 135 16.98 -5.54 -38.57
C ASP B 135 18.18 -4.66 -38.27
N MET B 136 19.37 -5.26 -38.15
CA MET B 136 20.57 -4.46 -37.90
C MET B 136 20.85 -3.54 -39.07
N ARG B 137 20.70 -4.03 -40.29
CA ARG B 137 20.85 -3.19 -41.49
C ARG B 137 19.91 -2.00 -41.43
N LYS B 138 18.64 -2.25 -41.12
CA LYS B 138 17.67 -1.16 -40.97
C LYS B 138 18.19 -0.13 -39.99
N TYR B 139 18.68 -0.58 -38.83
CA TYR B 139 19.16 0.40 -37.85
C TYR B 139 20.37 1.17 -38.38
N LEU B 140 21.33 0.46 -39.00
CA LEU B 140 22.54 1.09 -39.51
C LEU B 140 22.30 1.88 -40.78
N ASN B 141 21.18 1.63 -41.45
CA ASN B 141 20.84 2.28 -42.71
C ASN B 141 21.94 2.04 -43.74
N ILE B 142 22.43 0.81 -43.79
CA ILE B 142 23.37 0.37 -44.82
C ILE B 142 22.74 -0.85 -45.47
N GLN B 143 22.73 -0.86 -46.80
CA GLN B 143 22.11 -1.94 -47.52
C GLN B 143 23.12 -2.67 -48.39
N GLU B 144 22.86 -3.96 -48.60
CA GLU B 144 23.55 -4.79 -49.58
C GLU B 144 24.96 -5.18 -49.16
N ARG B 145 25.81 -4.22 -48.79
CA ARG B 145 27.21 -4.54 -48.55
C ARG B 145 27.36 -5.29 -47.22
N PRO B 146 28.48 -5.99 -47.03
CA PRO B 146 28.72 -6.63 -45.73
C PRO B 146 28.83 -5.58 -44.64
N ILE B 147 28.56 -6.01 -43.42
CA ILE B 147 28.74 -5.14 -42.26
C ILE B 147 30.18 -5.24 -41.78
N PHE B 148 30.87 -4.10 -41.77
CA PHE B 148 32.29 -4.03 -41.45
C PHE B 148 32.47 -3.70 -39.98
N GLY B 149 33.11 -4.61 -39.25
CA GLY B 149 33.28 -4.46 -37.82
C GLY B 149 34.68 -4.84 -37.39
N SER B 150 34.94 -4.57 -36.12
CA SER B 150 36.23 -4.83 -35.53
C SER B 150 36.06 -5.43 -34.14
N ILE B 151 37.08 -6.16 -33.74
CA ILE B 151 37.25 -6.60 -32.36
C ILE B 151 38.26 -5.67 -31.73
N ILE B 152 37.90 -5.10 -30.58
CA ILE B 152 38.86 -4.23 -29.90
C ILE B 152 39.99 -5.11 -29.37
N LYS B 153 41.21 -4.81 -29.78
CA LYS B 153 42.40 -5.48 -29.29
C LYS B 153 43.27 -4.46 -28.57
N PRO B 154 44.07 -4.88 -27.57
CA PRO B 154 44.34 -6.25 -27.08
C PRO B 154 43.13 -6.97 -26.50
N LYS B 155 43.22 -8.31 -26.55
CA LYS B 155 42.13 -9.15 -26.06
C LYS B 155 41.75 -8.79 -24.63
N ILE B 156 42.72 -8.38 -23.83
CA ILE B 156 42.51 -7.92 -22.46
C ILE B 156 43.63 -6.95 -22.11
N GLY B 157 43.33 -6.03 -21.19
CA GLY B 157 44.33 -5.13 -20.65
C GLY B 157 44.06 -3.65 -20.84
N LEU B 158 43.06 -3.25 -21.61
CA LEU B 158 42.75 -1.83 -21.78
C LEU B 158 41.80 -1.35 -20.69
N THR B 159 41.90 -0.07 -20.38
CA THR B 159 40.90 0.54 -19.53
C THR B 159 39.64 0.81 -20.34
N SER B 160 38.56 1.15 -19.64
CA SER B 160 37.32 1.45 -20.33
C SER B 160 37.49 2.63 -21.31
N SER B 161 38.23 3.66 -20.90
CA SER B 161 38.44 4.82 -21.77
C SER B 161 39.21 4.44 -23.04
N GLU B 162 40.33 3.75 -22.90
CA GLU B 162 41.08 3.31 -24.08
C GLU B 162 40.22 2.46 -25.00
N TYR B 163 39.41 1.58 -24.41
CA TYR B 163 38.50 0.75 -25.19
C TYR B 163 37.53 1.62 -26.00
N ALA B 164 36.91 2.60 -25.35
CA ALA B 164 35.99 3.47 -26.06
C ALA B 164 36.70 4.27 -27.15
N GLU B 165 37.96 4.64 -26.90
CA GLU B 165 38.73 5.33 -27.92
C GLU B 165 38.88 4.49 -29.17
N LEU B 166 39.25 3.21 -29.01
CA LEU B 166 39.37 2.37 -30.19
C LEU B 166 38.02 2.19 -30.88
N CYS B 167 36.95 2.10 -30.10
CA CYS B 167 35.62 2.12 -30.72
C CYS B 167 35.43 3.37 -31.58
N TYR B 168 35.71 4.54 -31.00
CA TYR B 168 35.54 5.80 -31.71
C TYR B 168 36.36 5.84 -32.99
N ASP B 169 37.65 5.49 -32.89
CA ASP B 169 38.52 5.54 -34.06
C ASP B 169 38.03 4.60 -35.15
N PHE B 170 37.54 3.41 -34.79
CA PHE B 170 37.07 2.49 -35.82
C PHE B 170 35.81 2.99 -36.48
N TRP B 171 34.81 3.38 -35.67
CA TRP B 171 33.55 3.88 -36.23
C TRP B 171 33.80 5.11 -37.09
N SER B 172 34.58 6.06 -36.56
CA SER B 172 34.87 7.30 -37.24
C SER B 172 35.59 7.07 -38.56
N GLY B 173 36.29 5.95 -38.69
CA GLY B 173 36.92 5.60 -39.95
C GLY B 173 36.01 4.93 -40.95
N GLY B 174 34.70 4.92 -40.68
CA GLY B 174 33.74 4.32 -41.56
C GLY B 174 33.27 2.93 -41.15
N GLY B 175 33.82 2.39 -40.07
CA GLY B 175 33.40 1.09 -39.61
C GLY B 175 32.00 1.12 -39.03
N ASP B 176 31.28 0.02 -39.18
CA ASP B 176 29.89 -0.07 -38.76
C ASP B 176 29.70 -0.74 -37.40
N PHE B 177 30.56 -1.70 -37.05
CA PHE B 177 30.24 -2.65 -35.99
C PHE B 177 31.45 -2.88 -35.11
N VAL B 178 31.28 -2.77 -33.80
CA VAL B 178 32.40 -3.13 -32.91
C VAL B 178 31.94 -4.18 -31.90
N KCX B 179 32.73 -5.22 -31.70
CA KCX B 179 32.41 -6.21 -30.68
CB KCX B 179 32.24 -7.59 -31.34
CG KCX B 179 33.57 -8.11 -31.89
CD KCX B 179 33.33 -9.49 -32.49
CE KCX B 179 33.03 -10.50 -31.37
NZ KCX B 179 34.20 -10.62 -30.54
C KCX B 179 33.48 -6.28 -29.59
O KCX B 179 34.69 -6.03 -29.86
CX KCX B 179 35.23 -11.56 -30.88
OQ1 KCX B 179 35.05 -12.34 -31.87
OQ2 KCX B 179 36.28 -11.61 -30.20
N ASN B 180 33.06 -6.55 -28.35
CA ASN B 180 34.00 -6.93 -27.31
C ASN B 180 34.79 -8.12 -27.82
N ASP B 181 36.04 -8.26 -27.40
CA ASP B 181 36.67 -9.56 -27.47
C ASP B 181 36.00 -10.49 -26.47
N GLU B 182 35.97 -11.80 -26.79
CA GLU B 182 35.09 -12.70 -26.05
C GLU B 182 35.34 -12.76 -24.54
N PRO B 183 36.54 -12.55 -24.00
CA PRO B 183 36.70 -12.61 -22.54
C PRO B 183 36.62 -11.27 -21.84
N GLN B 184 36.51 -10.17 -22.58
CA GLN B 184 36.40 -8.86 -21.93
C GLN B 184 35.11 -8.80 -21.14
N ALA B 185 35.21 -8.42 -19.87
CA ALA B 185 34.04 -8.38 -19.02
C ALA B 185 34.17 -7.29 -17.98
N ASP B 186 34.08 -7.68 -16.69
CA ASP B 186 34.12 -6.71 -15.61
C ASP B 186 35.44 -6.80 -14.84
N GLN B 187 36.56 -6.79 -15.56
CA GLN B 187 37.86 -6.73 -14.90
C GLN B 187 38.02 -5.41 -14.16
N ASP B 188 38.75 -5.45 -13.04
CA ASP B 188 38.85 -4.27 -12.18
C ASP B 188 39.45 -3.09 -12.95
N PHE B 189 40.45 -3.34 -13.79
CA PHE B 189 41.08 -2.26 -14.53
C PHE B 189 40.23 -1.77 -15.68
N CYS B 190 39.18 -2.49 -16.04
CA CYS B 190 38.27 -2.09 -17.12
C CYS B 190 36.83 -2.23 -16.64
N PRO B 191 36.39 -1.37 -15.73
CA PRO B 191 35.02 -1.48 -15.20
C PRO B 191 33.99 -1.57 -16.29
N TYR B 192 33.08 -2.55 -16.15
CA TYR B 192 32.08 -2.80 -17.19
C TYR B 192 31.11 -1.64 -17.32
N ASP B 193 30.62 -1.10 -16.21
CA ASP B 193 29.70 0.04 -16.28
C ASP B 193 30.36 1.23 -16.97
N LYS B 194 31.59 1.57 -16.59
CA LYS B 194 32.27 2.67 -17.24
C LYS B 194 32.58 2.34 -18.69
N MET B 195 32.87 1.08 -18.99
CA MET B 195 33.06 0.68 -20.39
C MET B 195 31.80 0.97 -21.21
N VAL B 196 30.62 0.62 -20.67
CA VAL B 196 29.35 0.89 -21.35
C VAL B 196 29.14 2.39 -21.53
N GLN B 197 29.36 3.16 -20.46
CA GLN B 197 29.17 4.61 -20.50
C GLN B 197 30.08 5.26 -21.52
N ASP B 198 31.37 4.87 -21.54
CA ASP B 198 32.31 5.44 -22.49
C ASP B 198 31.96 5.03 -23.91
N VAL B 199 31.49 3.79 -24.09
CA VAL B 199 31.05 3.37 -25.42
C VAL B 199 29.88 4.22 -25.88
N ARG B 200 28.92 4.48 -24.99
CA ARG B 200 27.81 5.33 -25.35
C ARG B 200 28.30 6.71 -25.77
N HIS B 201 29.17 7.31 -24.97
CA HIS B 201 29.67 8.65 -25.28
C HIS B 201 30.37 8.67 -26.63
N ALA B 202 31.24 7.69 -26.88
CA ALA B 202 31.96 7.61 -28.15
C ALA B 202 30.99 7.47 -29.32
N MET B 203 29.95 6.65 -29.16
CA MET B 203 28.96 6.48 -30.22
C MET B 203 28.22 7.78 -30.47
N ASP B 204 27.84 8.50 -29.42
CA ASP B 204 27.19 9.79 -29.59
C ASP B 204 28.06 10.73 -30.40
N ARG B 205 29.37 10.73 -30.10
CA ARG B 205 30.27 11.62 -30.82
C ARG B 205 30.38 11.24 -32.29
N VAL B 206 30.49 9.95 -32.60
CA VAL B 206 30.55 9.52 -34.00
C VAL B 206 29.25 9.88 -34.73
N GLU B 207 28.11 9.65 -34.09
CA GLU B 207 26.84 10.00 -34.74
C GLU B 207 26.75 11.50 -34.98
N GLN B 208 27.24 12.30 -34.04
CA GLN B 208 27.26 13.75 -34.25
C GLN B 208 28.16 14.13 -35.41
N GLU B 209 29.35 13.54 -35.47
CA GLU B 209 30.32 13.95 -36.47
C GLU B 209 29.94 13.48 -37.87
N THR B 210 29.39 12.27 -37.99
CA THR B 210 29.11 11.65 -39.28
C THR B 210 27.64 11.60 -39.65
N GLY B 211 26.72 11.78 -38.71
CA GLY B 211 25.32 11.56 -39.00
C GLY B 211 24.94 10.10 -39.17
N LYS B 212 25.84 9.17 -38.86
CA LYS B 212 25.63 7.75 -39.06
C LYS B 212 25.48 7.01 -37.73
N THR B 213 24.57 6.04 -37.70
CA THR B 213 24.45 5.19 -36.53
C THR B 213 25.52 4.11 -36.54
N LYS B 214 25.80 3.56 -35.36
CA LYS B 214 26.78 2.50 -35.19
C LYS B 214 26.20 1.45 -34.25
N VAL B 215 26.89 0.32 -34.15
CA VAL B 215 26.44 -0.79 -33.31
C VAL B 215 27.63 -1.37 -32.55
N HIS B 216 27.39 -1.69 -31.28
CA HIS B 216 28.38 -2.37 -30.45
C HIS B 216 27.78 -3.62 -29.82
N SER B 217 28.44 -4.75 -30.04
CA SER B 217 28.07 -6.02 -29.45
C SER B 217 28.83 -6.14 -28.14
N PHE B 218 28.10 -6.11 -27.02
CA PHE B 218 28.71 -6.24 -25.70
C PHE B 218 28.72 -7.69 -25.28
N ASN B 219 29.84 -8.13 -24.73
CA ASN B 219 29.90 -9.44 -24.10
C ASN B 219 29.23 -9.38 -22.74
N ILE B 220 28.15 -10.15 -22.58
CA ILE B 220 27.44 -10.25 -21.31
C ILE B 220 27.67 -11.58 -20.62
N SER B 221 28.51 -12.46 -21.17
CA SER B 221 28.90 -13.68 -20.47
C SER B 221 29.39 -13.36 -19.07
N SER B 222 28.88 -14.07 -18.06
CA SER B 222 29.12 -13.72 -16.67
C SER B 222 29.39 -14.98 -15.85
N SER B 223 29.54 -14.79 -14.54
CA SER B 223 29.70 -15.93 -13.65
C SER B 223 28.38 -16.66 -13.47
N ASP B 224 27.30 -15.92 -13.28
CA ASP B 224 25.99 -16.52 -13.08
C ASP B 224 24.95 -15.75 -13.89
N TYR B 225 23.72 -16.23 -13.81
CA TYR B 225 22.62 -15.69 -14.59
C TYR B 225 22.22 -14.30 -14.12
N ASP B 226 22.23 -14.07 -12.79
CA ASP B 226 21.85 -12.76 -12.28
C ASP B 226 22.77 -11.66 -12.80
N THR B 227 24.07 -11.94 -12.87
CA THR B 227 25.01 -10.94 -13.35
C THR B 227 24.83 -10.65 -14.83
N MET B 228 24.59 -11.68 -15.63
CA MET B 228 24.37 -11.45 -17.06
C MET B 228 23.14 -10.60 -17.28
N ILE B 229 22.06 -10.90 -16.56
CA ILE B 229 20.84 -10.10 -16.69
C ILE B 229 21.09 -8.68 -16.24
N LYS B 230 21.85 -8.50 -15.16
CA LYS B 230 22.22 -7.16 -14.70
C LYS B 230 22.94 -6.38 -15.80
N LYS B 231 23.94 -7.00 -16.41
CA LYS B 231 24.69 -6.34 -17.48
C LYS B 231 23.78 -5.96 -18.64
N ALA B 232 22.94 -6.90 -19.07
CA ALA B 232 22.05 -6.66 -20.21
C ALA B 232 21.10 -5.51 -19.90
N ASP B 233 20.50 -5.51 -18.70
CA ASP B 233 19.58 -4.44 -18.35
C ASP B 233 20.30 -3.09 -18.30
N TYR B 234 21.53 -3.07 -17.78
CA TYR B 234 22.29 -1.82 -17.76
C TYR B 234 22.54 -1.32 -19.17
N ILE B 235 22.95 -2.21 -20.07
CA ILE B 235 23.18 -1.82 -21.45
C ILE B 235 21.91 -1.26 -22.06
N GLN B 236 20.77 -1.92 -21.84
CA GLN B 236 19.49 -1.39 -22.32
C GLN B 236 19.23 0.00 -21.78
N SER B 237 19.58 0.24 -20.52
CA SER B 237 19.34 1.55 -19.92
C SER B 237 20.31 2.62 -20.43
N MET B 238 21.44 2.21 -21.00
CA MET B 238 22.50 3.15 -21.40
C MET B 238 22.63 3.33 -22.91
N MET B 239 22.16 2.39 -23.72
CA MET B 239 22.33 2.46 -25.17
C MET B 239 20.97 2.65 -25.87
N LYS B 240 21.00 3.35 -26.99
CA LYS B 240 19.78 3.55 -27.78
C LYS B 240 19.37 2.25 -28.47
N PRO B 241 18.07 1.97 -28.56
CA PRO B 241 17.62 0.70 -29.17
C PRO B 241 18.17 0.49 -30.58
N GLY B 242 18.63 -0.72 -30.83
CA GLY B 242 19.25 -1.06 -32.08
C GLY B 242 20.73 -0.77 -32.16
N SER B 243 21.25 0.06 -31.26
CA SER B 243 22.67 0.42 -31.26
C SER B 243 23.54 -0.56 -30.50
N TYR B 244 22.97 -1.60 -29.89
CA TYR B 244 23.74 -2.55 -29.11
C TYR B 244 23.30 -3.97 -29.41
N ALA B 245 24.25 -4.89 -29.37
CA ALA B 245 24.00 -6.32 -29.50
C ALA B 245 24.52 -7.04 -28.26
N PHE B 246 24.01 -8.25 -28.04
CA PHE B 246 24.37 -9.05 -26.87
C PHE B 246 25.22 -10.23 -27.33
N LEU B 247 26.47 -10.27 -26.87
CA LEU B 247 27.38 -11.36 -27.19
C LEU B 247 27.44 -12.35 -26.03
N VAL B 248 27.35 -13.65 -26.35
CA VAL B 248 27.41 -14.74 -25.39
C VAL B 248 28.42 -15.78 -25.87
N ASP B 249 29.35 -16.14 -24.99
CA ASP B 249 30.27 -17.25 -25.24
C ASP B 249 29.48 -18.55 -25.17
N GLY B 250 28.87 -18.94 -26.29
CA GLY B 250 27.88 -20.01 -26.26
C GLY B 250 28.41 -21.30 -25.66
N ILE B 251 29.60 -21.71 -26.07
CA ILE B 251 30.12 -23.02 -25.69
C ILE B 251 30.50 -23.06 -24.21
N THR B 252 31.31 -22.08 -23.76
CA THR B 252 31.78 -22.10 -22.39
C THR B 252 30.70 -21.63 -21.40
N ALA B 253 29.83 -20.71 -21.81
CA ALA B 253 28.75 -20.28 -20.93
C ALA B 253 27.57 -21.23 -21.00
N GLY B 254 27.30 -21.81 -22.17
CA GLY B 254 26.31 -22.86 -22.29
C GLY B 254 25.12 -22.43 -23.13
N TRP B 255 24.47 -23.44 -23.73
CA TRP B 255 23.27 -23.19 -24.54
C TRP B 255 22.17 -22.49 -23.75
N MET B 256 22.10 -22.72 -22.44
CA MET B 256 21.05 -22.08 -21.66
C MET B 256 21.20 -20.56 -21.66
N ALA B 257 22.44 -20.07 -21.62
CA ALA B 257 22.66 -18.63 -21.71
C ALA B 257 22.15 -18.08 -23.04
N ILE B 258 22.45 -18.77 -24.14
CA ILE B 258 21.95 -18.37 -25.45
C ILE B 258 20.43 -18.28 -25.44
N GLN B 259 19.77 -19.38 -25.05
CA GLN B 259 18.31 -19.42 -25.12
C GLN B 259 17.69 -18.38 -24.20
N THR B 260 18.31 -18.13 -23.05
CA THR B 260 17.79 -17.16 -22.10
C THR B 260 17.87 -15.75 -22.65
N ILE B 261 18.99 -15.39 -23.29
CA ILE B 261 19.09 -14.06 -23.88
C ILE B 261 18.14 -13.93 -25.08
N ARG B 262 18.08 -14.96 -25.92
CA ARG B 262 17.11 -14.99 -27.02
C ARG B 262 15.69 -14.71 -26.55
N ARG B 263 15.28 -15.33 -25.44
CA ARG B 263 13.90 -15.20 -24.99
C ARG B 263 13.67 -13.95 -24.14
N LYS B 264 14.68 -13.51 -23.40
CA LYS B 264 14.51 -12.35 -22.51
C LYS B 264 14.69 -11.03 -23.24
N TYR B 265 15.51 -11.02 -24.29
CA TYR B 265 15.77 -9.82 -25.09
C TYR B 265 15.60 -10.20 -26.56
N PRO B 266 14.38 -10.53 -26.98
CA PRO B 266 14.20 -11.00 -28.36
C PRO B 266 14.46 -9.93 -29.40
N ASN B 267 14.35 -8.66 -29.02
CA ASN B 267 14.56 -7.53 -29.94
C ASN B 267 15.99 -7.03 -29.96
N VAL B 268 16.94 -7.82 -29.45
CA VAL B 268 18.34 -7.46 -29.47
C VAL B 268 19.11 -8.55 -30.22
N PHE B 269 20.03 -8.14 -31.07
CA PHE B 269 20.84 -9.10 -31.81
C PHE B 269 21.62 -9.97 -30.82
N LEU B 270 21.41 -11.28 -30.90
CA LEU B 270 22.12 -12.24 -30.06
C LEU B 270 23.35 -12.76 -30.81
N HIS B 271 24.52 -12.39 -30.32
CA HIS B 271 25.79 -12.68 -30.98
C HIS B 271 26.40 -13.89 -30.29
N PHE B 272 26.28 -15.05 -30.93
CA PHE B 272 26.80 -16.33 -30.42
C PHE B 272 28.28 -16.40 -30.78
N HIS B 273 29.14 -16.07 -29.82
CA HIS B 273 30.56 -16.34 -29.98
C HIS B 273 30.84 -17.77 -29.54
N ARG B 274 31.60 -18.49 -30.35
CA ARG B 274 31.77 -19.94 -30.19
C ARG B 274 33.16 -20.31 -29.64
N ALA B 275 33.71 -19.46 -28.79
CA ALA B 275 35.03 -19.74 -28.19
C ALA B 275 35.01 -21.10 -27.50
N GLY B 276 35.86 -22.00 -27.96
CA GLY B 276 35.96 -23.33 -27.40
C GLY B 276 35.38 -24.42 -28.27
N HIS B 277 34.62 -24.07 -29.32
CA HIS B 277 33.98 -25.07 -30.17
C HIS B 277 34.99 -26.00 -30.85
N GLY B 278 36.26 -25.59 -30.93
CA GLY B 278 37.23 -26.41 -31.64
C GLY B 278 37.29 -27.84 -31.15
N ALA B 279 37.22 -28.02 -29.82
CA ALA B 279 37.26 -29.37 -29.24
C ALA B 279 36.16 -30.26 -29.80
N PHE B 280 35.02 -29.66 -30.17
CA PHE B 280 33.95 -30.41 -30.81
C PHE B 280 34.18 -30.53 -32.31
N THR B 281 34.66 -29.46 -32.95
CA THR B 281 34.50 -29.33 -34.40
C THR B 281 35.77 -29.61 -35.20
N ARG B 282 36.95 -29.46 -34.61
CA ARG B 282 38.19 -29.58 -35.36
C ARG B 282 38.32 -30.91 -36.07
N ASP B 283 38.84 -30.88 -37.30
CA ASP B 283 39.05 -32.10 -38.06
C ASP B 283 39.94 -33.08 -37.32
N GLU B 284 40.88 -32.57 -36.53
CA GLU B 284 41.85 -33.41 -35.83
C GLU B 284 41.23 -34.21 -34.69
N ASN B 285 40.10 -33.75 -34.15
CA ASN B 285 39.41 -34.48 -33.09
C ASN B 285 38.44 -35.46 -33.72
N PRO B 286 38.69 -36.77 -33.65
CA PRO B 286 37.74 -37.73 -34.23
C PRO B 286 36.42 -37.81 -33.48
N ILE B 287 36.32 -37.23 -32.29
CA ILE B 287 35.11 -37.27 -31.47
C ILE B 287 34.56 -35.85 -31.33
N GLY B 288 33.28 -35.69 -31.61
CA GLY B 288 32.63 -34.39 -31.50
C GLY B 288 31.57 -34.25 -32.60
N TYR B 289 31.33 -32.99 -32.99
CA TYR B 289 30.44 -32.67 -34.10
C TYR B 289 31.00 -31.51 -34.90
N THR B 290 30.68 -31.47 -36.19
CA THR B 290 31.28 -30.50 -37.09
C THR B 290 30.62 -29.12 -36.95
N VAL B 291 31.24 -28.13 -37.60
CA VAL B 291 30.82 -26.74 -37.58
C VAL B 291 29.46 -26.57 -38.25
N PRO B 292 29.16 -27.25 -39.37
CA PRO B 292 27.80 -27.17 -39.90
C PRO B 292 26.73 -27.57 -38.89
N VAL B 293 26.99 -28.61 -38.10
CA VAL B 293 26.02 -29.04 -37.09
C VAL B 293 25.88 -27.97 -36.02
N LEU B 294 27.00 -27.47 -35.52
CA LEU B 294 26.97 -26.39 -34.55
C LEU B 294 26.14 -25.23 -35.07
N THR B 295 26.33 -24.85 -36.34
CA THR B 295 25.62 -23.72 -36.91
C THR B 295 24.12 -23.98 -36.98
N LYS B 296 23.73 -25.18 -37.44
CA LYS B 296 22.30 -25.49 -37.52
C LYS B 296 21.66 -25.44 -36.13
N PHE B 297 22.36 -25.95 -35.12
CA PHE B 297 21.78 -25.90 -33.79
C PHE B 297 21.74 -24.48 -33.24
N ALA B 298 22.75 -23.66 -33.58
CA ALA B 298 22.71 -22.26 -33.18
C ALA B 298 21.55 -21.52 -33.83
N ARG B 299 21.19 -21.88 -35.06
CA ARG B 299 19.98 -21.29 -35.63
C ARG B 299 18.74 -21.79 -34.89
N LEU B 300 18.72 -23.08 -34.57
CA LEU B 300 17.59 -23.65 -33.82
C LEU B 300 17.38 -22.96 -32.48
N ALA B 301 18.47 -22.65 -31.78
CA ALA B 301 18.39 -22.01 -30.47
C ALA B 301 17.92 -20.56 -30.54
N GLY B 302 18.09 -19.91 -31.69
CA GLY B 302 17.64 -18.56 -31.88
C GLY B 302 18.72 -17.49 -31.92
N ALA B 303 19.98 -17.86 -32.12
CA ALA B 303 21.03 -16.85 -32.22
C ALA B 303 20.81 -15.96 -33.43
N SER B 304 20.94 -14.66 -33.22
CA SER B 304 20.84 -13.74 -34.34
C SER B 304 22.00 -13.92 -35.31
N GLY B 305 23.17 -14.28 -34.79
CA GLY B 305 24.32 -14.54 -35.64
C GLY B 305 25.32 -15.40 -34.90
N ILE B 306 26.12 -16.13 -35.68
CA ILE B 306 27.19 -16.94 -35.12
C ILE B 306 28.38 -16.90 -36.08
N HIS B 307 29.57 -17.01 -35.52
CA HIS B 307 30.77 -17.12 -36.34
C HIS B 307 30.75 -18.42 -37.13
N THR B 308 31.02 -18.33 -38.43
CA THR B 308 30.96 -19.48 -39.32
C THR B 308 32.30 -19.77 -39.99
N GLY B 309 33.32 -18.95 -39.75
CA GLY B 309 34.63 -19.23 -40.28
C GLY B 309 34.94 -18.43 -41.53
N THR B 310 36.24 -18.32 -41.84
CA THR B 310 36.72 -17.57 -42.98
C THR B 310 37.13 -18.47 -44.15
N ALA B 311 36.69 -19.73 -44.14
CA ALA B 311 36.92 -20.66 -45.25
C ALA B 311 38.40 -20.89 -45.53
N GLY B 312 39.24 -20.82 -44.49
CA GLY B 312 40.66 -21.01 -44.64
C GLY B 312 41.46 -19.79 -45.04
N ILE B 313 40.81 -18.68 -45.35
CA ILE B 313 41.52 -17.46 -45.75
C ILE B 313 42.22 -16.84 -44.54
N GLY B 314 41.58 -16.88 -43.38
CA GLY B 314 42.14 -16.36 -42.15
C GLY B 314 42.99 -17.35 -41.39
N LYS B 315 42.93 -17.24 -40.05
CA LYS B 315 43.81 -17.98 -39.16
C LYS B 315 43.16 -19.16 -38.44
N MET B 316 41.84 -19.28 -38.45
CA MET B 316 41.13 -20.37 -37.79
C MET B 316 40.91 -21.52 -38.77
N ALA B 317 40.93 -22.74 -38.25
CA ALA B 317 40.78 -23.93 -39.08
C ALA B 317 39.45 -23.93 -39.83
N GLY B 318 39.49 -24.35 -41.09
CA GLY B 318 38.33 -24.46 -41.95
C GLY B 318 38.73 -24.41 -43.41
N SER B 319 37.85 -24.92 -44.27
CA SER B 319 38.01 -24.86 -45.71
C SER B 319 36.75 -24.24 -46.32
N PRO B 320 36.78 -23.85 -47.60
CA PRO B 320 35.55 -23.34 -48.25
C PRO B 320 34.34 -24.23 -48.11
N LYS B 321 34.49 -25.57 -48.19
CA LYS B 321 33.32 -26.44 -48.12
C LYS B 321 32.58 -26.27 -46.80
N GLU B 322 33.25 -26.55 -45.69
CA GLU B 322 32.55 -26.55 -44.41
C GLU B 322 32.09 -25.16 -44.04
N ASP B 323 32.97 -24.16 -44.17
CA ASP B 323 32.61 -22.82 -43.69
C ASP B 323 31.51 -22.22 -44.55
N VAL B 324 31.56 -22.43 -45.86
CA VAL B 324 30.51 -21.89 -46.71
C VAL B 324 29.21 -22.64 -46.46
N MET B 325 29.27 -23.96 -46.26
CA MET B 325 28.10 -24.73 -45.86
C MET B 325 27.50 -24.17 -44.58
N ALA B 326 28.34 -23.76 -43.64
CA ALA B 326 27.82 -23.19 -42.40
C ALA B 326 27.11 -21.87 -42.65
N ALA B 327 27.74 -20.98 -43.45
CA ALA B 327 27.11 -19.70 -43.75
C ALA B 327 25.76 -19.88 -44.42
N ARG B 328 25.66 -20.86 -45.34
CA ARG B 328 24.38 -21.13 -45.98
C ARG B 328 23.36 -21.76 -45.03
N HIS B 329 23.81 -22.64 -44.12
CA HIS B 329 22.89 -23.12 -43.07
C HIS B 329 22.31 -21.95 -42.30
N ALA B 330 23.12 -20.90 -42.09
CA ALA B 330 22.64 -19.76 -41.31
C ALA B 330 21.69 -18.88 -42.11
N LEU B 331 21.97 -18.66 -43.40
CA LEU B 331 21.28 -17.65 -44.20
C LEU B 331 20.09 -18.17 -44.98
N LYS B 332 20.25 -19.30 -45.65
CA LYS B 332 19.35 -19.69 -46.72
C LYS B 332 18.03 -20.22 -46.17
N LEU B 333 16.99 -20.11 -46.99
CA LEU B 333 15.75 -20.83 -46.72
C LEU B 333 15.90 -22.32 -47.03
N TYR B 334 16.66 -22.65 -48.08
CA TYR B 334 16.99 -24.03 -48.42
C TYR B 334 18.52 -24.18 -48.36
N SER B 335 19.00 -24.96 -47.39
CA SER B 335 20.43 -25.17 -47.21
C SER B 335 20.78 -26.65 -47.32
N GLU B 336 21.94 -26.93 -47.92
CA GLU B 336 22.38 -28.30 -48.16
C GLU B 336 23.56 -28.64 -47.26
N GLY B 337 23.40 -29.72 -46.48
CA GLY B 337 24.49 -30.30 -45.74
C GLY B 337 25.22 -31.36 -46.55
N ASP B 338 26.20 -31.99 -45.90
CA ASP B 338 26.88 -33.12 -46.52
C ASP B 338 25.96 -34.31 -46.75
N TYR B 339 24.87 -34.41 -45.99
CA TYR B 339 24.00 -35.59 -46.02
C TYR B 339 22.51 -35.29 -45.95
N PHE B 340 22.09 -34.11 -45.48
CA PHE B 340 20.67 -33.77 -45.40
C PHE B 340 20.42 -32.42 -46.06
N LYS B 341 19.31 -32.34 -46.78
CA LYS B 341 18.77 -31.10 -47.32
C LYS B 341 17.79 -30.50 -46.32
N GLN B 342 18.03 -29.26 -45.90
CA GLN B 342 17.24 -28.59 -44.87
C GLN B 342 16.43 -27.45 -45.47
N ILE B 343 15.13 -27.46 -45.20
CA ILE B 343 14.26 -26.33 -45.50
C ILE B 343 13.84 -25.70 -44.18
N TRP B 344 14.20 -24.44 -43.99
CA TRP B 344 13.95 -23.75 -42.73
C TRP B 344 12.53 -23.17 -42.68
N SER B 345 11.58 -24.09 -42.80
CA SER B 345 10.17 -23.76 -42.82
C SER B 345 9.42 -24.83 -42.03
N GLU B 346 8.47 -24.40 -41.19
CA GLU B 346 7.61 -25.32 -40.45
C GLU B 346 6.41 -25.78 -41.26
N ILE B 347 6.40 -25.51 -42.56
CA ILE B 347 5.25 -25.75 -43.45
C ILE B 347 5.60 -26.91 -44.37
N PRO B 348 4.63 -27.71 -44.84
CA PRO B 348 4.97 -28.82 -45.72
C PRO B 348 5.66 -28.34 -46.98
N GLU B 349 6.67 -29.09 -47.40
CA GLU B 349 7.46 -28.72 -48.57
C GLU B 349 6.60 -28.57 -49.81
N LYS B 350 5.47 -29.28 -49.87
CA LYS B 350 4.59 -29.25 -51.03
C LYS B 350 3.86 -27.93 -51.19
N ASP B 351 3.87 -27.07 -50.18
CA ASP B 351 3.14 -25.80 -50.27
C ASP B 351 3.66 -24.98 -51.45
N ALA B 352 2.72 -24.40 -52.21
CA ALA B 352 3.10 -23.64 -53.39
C ALA B 352 3.91 -22.41 -53.03
N ASP B 353 3.49 -21.68 -52.00
CA ASP B 353 4.23 -20.48 -51.60
C ASP B 353 5.64 -20.84 -51.17
N LEU B 354 5.82 -21.98 -50.49
CA LEU B 354 7.15 -22.38 -50.06
C LEU B 354 8.05 -22.71 -51.24
N GLN B 355 7.56 -23.54 -52.16
CA GLN B 355 8.34 -23.86 -53.36
C GLN B 355 8.65 -22.61 -54.16
N LEU B 356 7.68 -21.69 -54.25
CA LEU B 356 7.93 -20.40 -54.90
C LEU B 356 9.05 -19.63 -54.23
N ALA B 357 9.00 -19.54 -52.91
CA ALA B 357 10.04 -18.81 -52.17
C ALA B 357 11.40 -19.47 -52.37
N ILE B 358 11.43 -20.81 -52.41
CA ILE B 358 12.68 -21.51 -52.63
C ILE B 358 13.22 -21.19 -54.01
N GLN B 359 12.35 -21.19 -55.02
CA GLN B 359 12.77 -20.85 -56.37
C GLN B 359 13.28 -19.41 -56.42
N LYS B 360 12.55 -18.48 -55.82
CA LYS B 360 12.97 -17.08 -55.80
C LYS B 360 14.29 -16.89 -55.07
N GLU B 361 14.54 -17.68 -54.04
CA GLU B 361 15.83 -17.61 -53.36
C GLU B 361 16.95 -18.09 -54.27
N ALA B 362 16.71 -19.16 -55.03
CA ALA B 362 17.72 -19.55 -56.00
C ALA B 362 18.00 -18.46 -57.02
N GLU B 363 17.09 -17.50 -57.17
CA GLU B 363 17.22 -16.37 -58.09
C GLU B 363 17.68 -15.08 -57.41
N GLY B 364 17.91 -15.10 -56.10
CA GLY B 364 18.40 -13.93 -55.42
C GLY B 364 17.37 -13.07 -54.70
N GLU B 365 16.12 -13.54 -54.59
CA GLU B 365 15.10 -12.75 -53.91
C GLU B 365 14.99 -13.15 -52.44
N ASP B 366 14.63 -12.17 -51.61
CA ASP B 366 14.56 -12.35 -50.18
C ASP B 366 13.31 -13.11 -49.77
N TYR B 367 13.46 -14.03 -48.82
CA TYR B 367 12.34 -14.78 -48.27
C TYR B 367 11.92 -14.32 -46.90
N SER B 368 12.56 -13.29 -46.34
CA SER B 368 12.32 -12.91 -44.96
C SER B 368 10.87 -12.49 -44.72
N ASN B 369 10.17 -12.02 -45.75
CA ASN B 369 8.79 -11.58 -45.62
C ASN B 369 7.79 -12.69 -45.87
N LEU B 370 8.24 -13.93 -46.05
CA LEU B 370 7.35 -15.03 -46.42
C LEU B 370 6.26 -15.31 -45.38
N GLY B 371 6.43 -14.86 -44.14
CA GLY B 371 5.41 -15.18 -43.15
C GLY B 371 5.98 -15.71 -41.86
N TYR B 372 5.77 -14.99 -40.75
CA TYR B 372 6.33 -15.38 -39.47
C TYR B 372 5.93 -16.79 -39.06
N TRP B 373 4.80 -17.28 -39.54
CA TRP B 373 4.33 -18.61 -39.18
C TRP B 373 4.89 -19.66 -40.12
N ARG B 374 5.78 -19.27 -41.01
CA ARG B 374 6.14 -20.13 -42.12
C ARG B 374 7.63 -20.33 -42.34
N ILE B 375 8.51 -19.55 -41.69
CA ILE B 375 9.95 -19.72 -41.88
C ILE B 375 10.67 -19.60 -40.55
N THR B 376 11.80 -20.29 -40.45
CA THR B 376 12.77 -20.01 -39.40
C THR B 376 13.62 -18.83 -39.86
N LYS B 377 13.63 -17.76 -39.07
CA LYS B 377 14.25 -16.51 -39.49
C LYS B 377 15.72 -16.75 -39.82
N LYS B 378 16.26 -15.89 -40.68
CA LYS B 378 17.64 -16.06 -41.10
C LYS B 378 18.57 -15.67 -39.96
N MET B 379 19.71 -16.36 -39.90
CA MET B 379 20.75 -16.08 -38.95
C MET B 379 21.98 -15.55 -39.67
N CYS B 380 22.70 -14.69 -38.99
CA CYS B 380 23.77 -13.98 -39.66
C CYS B 380 25.11 -14.68 -39.45
N PRO B 381 25.81 -15.02 -40.52
CA PRO B 381 27.18 -15.55 -40.38
C PRO B 381 28.12 -14.40 -40.04
N ILE B 382 29.00 -14.63 -39.07
CA ILE B 382 29.96 -13.63 -38.62
C ILE B 382 31.36 -14.14 -38.99
N ILE B 383 32.13 -13.31 -39.68
CA ILE B 383 33.34 -13.74 -40.35
C ILE B 383 34.52 -13.08 -39.64
N SER B 384 35.32 -13.89 -38.95
CA SER B 384 36.36 -13.35 -38.10
C SER B 384 37.51 -14.33 -37.98
N GLY B 385 38.69 -13.78 -37.66
CA GLY B 385 39.86 -14.59 -37.39
C GLY B 385 40.94 -14.44 -38.41
N GLY B 386 41.89 -13.54 -38.15
CA GLY B 386 43.00 -13.34 -39.06
C GLY B 386 42.65 -12.59 -40.32
N LEU B 387 41.55 -11.85 -40.34
CA LEU B 387 41.15 -11.10 -41.53
C LEU B 387 41.80 -9.72 -41.52
N ASN B 388 42.06 -9.22 -42.73
CA ASN B 388 42.60 -7.88 -42.93
C ASN B 388 42.10 -7.40 -44.28
N PRO B 389 42.26 -6.10 -44.58
CA PRO B 389 41.66 -5.58 -45.83
C PRO B 389 42.01 -6.37 -47.08
N LEU B 390 43.14 -7.07 -47.09
CA LEU B 390 43.57 -7.77 -48.29
C LEU B 390 42.74 -9.01 -48.57
N LEU B 391 42.06 -9.55 -47.57
CA LEU B 391 41.39 -10.85 -47.67
C LEU B 391 39.87 -10.76 -47.78
N ILE B 392 39.28 -9.59 -47.54
CA ILE B 392 37.82 -9.48 -47.53
C ILE B 392 37.24 -9.84 -48.89
N GLY B 393 37.84 -9.32 -49.97
CA GLY B 393 37.33 -9.61 -51.30
C GLY B 393 37.39 -11.08 -51.63
N LYS B 394 38.51 -11.72 -51.34
CA LYS B 394 38.62 -13.16 -51.52
C LYS B 394 37.50 -13.88 -50.78
N PHE B 395 37.21 -13.46 -49.55
CA PHE B 395 36.15 -14.15 -48.82
C PHE B 395 34.81 -13.96 -49.51
N ILE B 396 34.49 -12.71 -49.88
CA ILE B 396 33.22 -12.45 -50.55
C ILE B 396 33.09 -13.34 -51.77
N ASP B 397 34.18 -13.47 -52.53
CA ASP B 397 34.16 -14.34 -53.70
C ASP B 397 33.91 -15.80 -53.31
N THR B 398 34.49 -16.24 -52.18
CA THR B 398 34.37 -17.64 -51.75
C THR B 398 32.99 -17.99 -51.22
N VAL B 399 32.39 -17.11 -50.42
CA VAL B 399 31.12 -17.46 -49.80
C VAL B 399 29.98 -17.22 -50.76
N GLY B 400 30.13 -16.27 -51.68
CA GLY B 400 29.09 -15.99 -52.66
C GLY B 400 27.96 -15.13 -52.17
N THR B 401 28.21 -14.30 -51.17
CA THR B 401 27.19 -13.39 -50.68
C THR B 401 27.88 -12.23 -49.98
N GLN B 402 27.08 -11.22 -49.63
CA GLN B 402 27.52 -10.07 -48.86
C GLN B 402 26.66 -9.88 -47.62
N ASP B 403 25.74 -10.80 -47.36
CA ASP B 403 24.86 -10.77 -46.19
C ASP B 403 25.61 -11.39 -45.00
N PHE B 404 26.52 -10.63 -44.42
CA PHE B 404 27.24 -11.11 -43.24
C PHE B 404 27.92 -9.96 -42.51
N ILE B 405 28.39 -10.26 -41.30
CA ILE B 405 29.24 -9.35 -40.52
C ILE B 405 30.66 -9.89 -40.55
N THR B 406 31.61 -9.05 -40.96
CA THR B 406 33.03 -9.33 -40.79
C THR B 406 33.53 -8.54 -39.59
N THR B 407 34.40 -9.16 -38.78
CA THR B 407 35.04 -8.46 -37.68
C THR B 407 36.53 -8.72 -37.76
N MET B 408 37.32 -7.66 -37.64
CA MET B 408 38.77 -7.72 -37.76
C MET B 408 39.38 -7.12 -36.51
N GLY B 409 40.33 -7.83 -35.90
CA GLY B 409 41.02 -7.33 -34.72
C GLY B 409 42.38 -6.73 -35.05
N ALA B 410 43.39 -7.59 -35.19
CA ALA B 410 44.70 -7.08 -35.55
C ALA B 410 44.73 -6.57 -36.99
N GLY B 411 43.84 -7.09 -37.83
CA GLY B 411 43.67 -6.57 -39.19
C GLY B 411 43.23 -5.12 -39.23
N VAL B 412 42.87 -4.55 -38.09
CA VAL B 412 42.49 -3.14 -37.98
C VAL B 412 43.41 -2.40 -37.03
N HIS B 413 43.58 -2.92 -35.81
CA HIS B 413 44.29 -2.17 -34.77
C HIS B 413 45.80 -2.24 -34.89
N SER B 414 46.35 -3.11 -35.72
CA SER B 414 47.78 -3.12 -35.98
C SER B 414 48.14 -2.39 -37.27
N HIS B 415 47.18 -1.74 -37.90
CA HIS B 415 47.45 -0.98 -39.11
C HIS B 415 48.48 0.11 -38.82
N PRO B 416 49.52 0.25 -39.64
CA PRO B 416 50.60 1.19 -39.32
C PRO B 416 50.13 2.61 -39.03
N MET B 417 49.01 3.04 -39.62
CA MET B 417 48.54 4.40 -39.40
C MET B 417 47.45 4.47 -38.35
N GLY B 418 47.15 3.37 -37.66
CA GLY B 418 46.21 3.40 -36.56
C GLY B 418 44.87 2.77 -36.92
N THR B 419 43.98 2.79 -35.93
CA THR B 419 42.68 2.14 -36.06
C THR B 419 41.82 2.80 -37.14
N LYS B 420 41.66 4.13 -37.06
CA LYS B 420 40.84 4.85 -38.04
C LYS B 420 41.31 4.55 -39.46
N ALA B 421 42.62 4.57 -39.67
CA ALA B 421 43.16 4.23 -40.98
C ALA B 421 42.86 2.78 -41.35
N GLY B 422 42.93 1.87 -40.37
CA GLY B 422 42.63 0.47 -40.65
C GLY B 422 41.20 0.27 -41.12
N ALA B 423 40.25 0.97 -40.48
CA ALA B 423 38.86 0.89 -40.91
C ALA B 423 38.72 1.46 -42.32
N THR B 424 39.34 2.62 -42.57
CA THR B 424 39.34 3.17 -43.92
C THR B 424 39.93 2.20 -44.92
N ALA B 425 40.95 1.44 -44.51
CA ALA B 425 41.58 0.52 -45.44
C ALA B 425 40.64 -0.62 -45.80
N VAL B 426 39.87 -1.12 -44.82
CA VAL B 426 38.92 -2.18 -45.15
C VAL B 426 37.82 -1.65 -46.07
N LEU B 427 37.33 -0.42 -45.82
CA LEU B 427 36.32 0.13 -46.73
C LEU B 427 36.88 0.34 -48.13
N GLN B 428 38.14 0.78 -48.24
CA GLN B 428 38.73 0.98 -49.55
C GLN B 428 38.94 -0.35 -50.26
N ALA B 429 39.31 -1.39 -49.51
CA ALA B 429 39.45 -2.71 -50.13
C ALA B 429 38.10 -3.23 -50.62
N TYR B 430 37.02 -2.94 -49.88
CA TYR B 430 35.70 -3.34 -50.35
C TYR B 430 35.32 -2.60 -51.62
N GLU B 431 35.60 -1.29 -51.69
CA GLU B 431 35.39 -0.57 -52.94
C GLU B 431 36.21 -1.17 -54.07
N ALA B 432 37.45 -1.58 -53.77
CA ALA B 432 38.28 -2.20 -54.80
C ALA B 432 37.62 -3.46 -55.33
N TRP B 433 37.07 -4.28 -54.43
CA TRP B 433 36.37 -5.49 -54.87
C TRP B 433 35.12 -5.13 -55.66
N LYS B 434 34.37 -4.11 -55.21
CA LYS B 434 33.10 -3.76 -55.83
C LYS B 434 33.29 -3.18 -57.23
N GLN B 435 34.39 -2.46 -57.46
CA GLN B 435 34.63 -1.90 -58.78
C GLN B 435 35.49 -2.80 -59.65
N LYS B 436 35.79 -4.01 -59.15
CA LYS B 436 36.57 -5.00 -59.90
C LYS B 436 37.96 -4.49 -60.24
N ILE B 437 38.54 -3.69 -59.34
CA ILE B 437 39.90 -3.19 -59.47
C ILE B 437 40.78 -3.94 -58.48
N SER B 438 41.99 -4.31 -58.91
CA SER B 438 42.91 -5.00 -58.03
C SER B 438 43.35 -4.08 -56.88
N LEU B 439 43.67 -4.70 -55.73
CA LEU B 439 44.07 -3.92 -54.55
C LEU B 439 45.31 -3.09 -54.83
N GLU B 440 46.21 -3.61 -55.65
CA GLU B 440 47.41 -2.85 -56.02
C GLU B 440 47.03 -1.62 -56.84
N ASP B 441 46.16 -1.81 -57.84
CA ASP B 441 45.73 -0.69 -58.67
C ASP B 441 44.91 0.31 -57.87
N TYR B 442 43.93 -0.16 -57.11
CA TYR B 442 43.10 0.75 -56.31
C TYR B 442 43.91 1.49 -55.26
N ALA B 443 44.92 0.85 -54.69
CA ALA B 443 45.70 1.51 -53.65
C ALA B 443 46.63 2.59 -54.19
N LYS B 444 46.76 2.72 -55.51
CA LYS B 444 47.64 3.74 -56.08
C LYS B 444 47.33 5.13 -55.54
N ASP B 445 46.04 5.44 -55.33
CA ASP B 445 45.66 6.71 -54.74
C ASP B 445 44.86 6.53 -53.45
N LYS B 446 45.03 5.41 -52.77
CA LYS B 446 44.46 5.18 -51.45
C LYS B 446 45.59 4.86 -50.48
N GLU B 447 45.94 5.83 -49.64
CA GLU B 447 47.12 5.67 -48.78
C GLU B 447 46.90 4.55 -47.77
N GLU B 448 45.72 4.53 -47.14
CA GLU B 448 45.42 3.54 -46.10
C GLU B 448 45.48 2.12 -46.65
N LEU B 449 44.83 1.88 -47.80
CA LEU B 449 44.90 0.56 -48.42
C LEU B 449 46.35 0.21 -48.80
N ARG B 450 47.10 1.19 -49.30
CA ARG B 450 48.49 0.93 -49.66
C ARG B 450 49.32 0.49 -48.44
N ALA B 451 49.10 1.13 -47.30
CA ALA B 451 49.81 0.71 -46.09
C ALA B 451 49.35 -0.65 -45.59
N ALA B 452 48.05 -0.96 -45.75
CA ALA B 452 47.58 -2.30 -45.42
C ALA B 452 48.28 -3.33 -46.29
N ILE B 453 48.49 -3.02 -47.56
CA ILE B 453 49.25 -3.89 -48.45
C ILE B 453 50.65 -4.10 -47.89
N GLN B 454 51.27 -3.01 -47.42
CA GLN B 454 52.64 -3.07 -46.92
C GLN B 454 52.77 -3.96 -45.69
N PHE B 455 51.86 -3.78 -44.73
CA PHE B 455 51.97 -4.46 -43.44
C PHE B 455 51.51 -5.90 -43.53
N TYR B 456 50.40 -6.14 -44.21
CA TYR B 456 49.74 -7.44 -44.17
C TYR B 456 50.27 -8.42 -45.20
N ASP B 457 51.13 -8.00 -46.13
CA ASP B 457 51.79 -8.97 -47.00
C ASP B 457 52.95 -9.60 -46.23
N MET C 1 48.47 46.32 12.50
CA MET C 1 47.93 45.76 13.74
C MET C 1 46.46 46.09 13.86
N GLN C 2 45.65 45.09 14.20
CA GLN C 2 44.21 45.28 14.41
C GLN C 2 43.95 45.23 15.91
N LYS C 3 43.92 46.41 16.54
CA LYS C 3 43.83 46.51 17.99
C LYS C 3 42.49 46.04 18.55
N GLU C 4 41.45 45.98 17.71
CA GLU C 4 40.12 45.58 18.17
C GLU C 4 40.07 44.15 18.68
N TYR C 5 41.11 43.36 18.44
CA TYR C 5 41.20 41.97 18.89
C TYR C 5 42.12 41.82 20.09
N ILE C 6 42.57 42.94 20.65
CA ILE C 6 43.48 42.96 21.79
C ILE C 6 42.72 43.51 22.98
N GLN C 7 42.52 42.68 24.01
CA GLN C 7 41.97 43.10 25.31
C GLN C 7 42.74 42.36 26.41
N ILE C 8 44.01 42.74 26.60
CA ILE C 8 44.84 42.05 27.58
C ILE C 8 44.23 42.21 28.96
N GLY C 9 44.17 41.10 29.71
CA GLY C 9 43.65 41.16 31.05
C GLY C 9 42.14 41.26 31.18
N ASN C 10 41.40 41.05 30.10
CA ASN C 10 39.94 41.08 30.18
C ASN C 10 39.46 39.98 31.12
N PRO C 11 38.76 40.32 32.21
CA PRO C 11 38.31 39.29 33.15
C PRO C 11 37.07 38.52 32.73
N ASN C 12 36.42 38.87 31.63
CA ASN C 12 35.22 38.16 31.20
C ASN C 12 35.50 36.90 30.40
N VAL C 13 36.77 36.62 30.07
CA VAL C 13 37.09 35.43 29.29
C VAL C 13 36.96 34.15 30.10
N PHE C 14 36.81 34.26 31.42
CA PHE C 14 36.69 33.13 32.33
C PHE C 14 35.25 32.86 32.73
N ASN C 15 34.27 33.40 31.98
CA ASN C 15 32.87 33.31 32.39
C ASN C 15 32.12 32.17 31.72
N GLY C 16 32.80 31.28 31.02
CA GLY C 16 32.14 30.15 30.41
C GLY C 16 31.58 30.43 29.04
N GLN C 17 31.60 31.69 28.60
CA GLN C 17 31.17 32.07 27.28
C GLN C 17 32.26 31.89 26.24
N TYR C 18 33.48 31.59 26.66
CA TYR C 18 34.60 31.49 25.74
C TYR C 18 35.28 30.14 25.88
N MET C 19 35.60 29.54 24.75
CA MET C 19 36.62 28.51 24.70
C MET C 19 37.97 29.21 24.56
N LEU C 20 38.93 28.79 25.37
CA LEU C 20 40.22 29.45 25.45
C LEU C 20 41.28 28.62 24.73
N ALA C 21 42.30 29.31 24.21
CA ALA C 21 43.37 28.61 23.51
C ALA C 21 44.69 29.35 23.69
N VAL C 22 45.78 28.56 23.68
CA VAL C 22 47.14 29.08 23.72
C VAL C 22 47.78 28.79 22.37
N PHE C 23 48.33 29.82 21.74
CA PHE C 23 49.06 29.67 20.51
C PHE C 23 50.51 30.06 20.73
N ARG C 24 51.41 29.39 20.02
CA ARG C 24 52.78 29.84 19.84
C ARG C 24 52.86 30.59 18.51
N LEU C 25 53.15 31.90 18.57
CA LEU C 25 53.12 32.76 17.41
C LEU C 25 54.47 33.40 17.17
N GLN C 26 54.83 33.51 15.90
CA GLN C 26 55.99 34.29 15.48
C GLN C 26 55.65 34.83 14.09
N GLY C 27 55.52 36.15 14.00
CA GLY C 27 55.22 36.78 12.74
C GLY C 27 56.46 37.10 11.94
N GLU C 28 56.23 37.56 10.71
CA GLU C 28 57.34 37.93 9.85
C GLU C 28 58.10 39.09 10.49
N GLU C 29 59.32 39.32 10.03
CA GLU C 29 60.17 40.34 10.64
C GLU C 29 59.52 41.72 10.57
N GLY C 30 59.40 42.35 11.73
CA GLY C 30 58.75 43.64 11.89
C GLY C 30 57.46 43.53 12.67
N MET C 31 56.90 42.33 12.76
CA MET C 31 55.65 42.11 13.48
C MET C 31 55.99 41.75 14.92
N THR C 32 55.41 42.48 15.86
CA THR C 32 55.51 42.13 17.26
C THR C 32 54.62 40.93 17.56
N LEU C 33 54.79 40.36 18.75
CA LEU C 33 53.95 39.22 19.12
C LEU C 33 52.48 39.64 19.23
N VAL C 34 52.22 40.82 19.78
CA VAL C 34 50.85 41.31 19.88
C VAL C 34 50.32 41.67 18.49
N ASP C 35 51.21 42.06 17.58
CA ASP C 35 50.81 42.34 16.20
C ASP C 35 50.31 41.06 15.52
N THR C 36 51.15 40.01 15.57
CA THR C 36 50.78 38.71 15.05
C THR C 36 49.53 38.15 15.74
N ALA C 37 49.40 38.42 17.04
CA ALA C 37 48.25 37.94 17.78
C ALA C 37 46.96 38.63 17.34
N SER C 38 47.03 39.94 17.10
CA SER C 38 45.85 40.65 16.62
C SER C 38 45.43 40.13 15.25
N GLU C 39 46.40 39.89 14.35
CA GLU C 39 46.05 39.38 13.03
C GLU C 39 45.47 37.96 13.10
N VAL C 40 46.00 37.13 13.99
CA VAL C 40 45.49 35.78 14.13
C VAL C 40 44.08 35.79 14.72
N ALA C 41 43.87 36.58 15.77
CA ALA C 41 42.54 36.70 16.35
C ALA C 41 41.54 37.18 15.32
N ALA C 42 41.98 38.05 14.40
CA ALA C 42 41.10 38.51 13.34
C ALA C 42 40.75 37.38 12.39
N GLU C 43 41.76 36.65 11.91
CA GLU C 43 41.46 35.62 10.91
C GLU C 43 40.82 34.37 11.50
N SER C 44 40.77 34.22 12.82
CA SER C 44 40.14 33.05 13.43
C SER C 44 38.83 33.37 14.14
N SER C 45 38.26 34.55 13.92
CA SER C 45 36.95 34.87 14.48
C SER C 45 36.09 35.69 13.53
N THR C 46 36.22 37.03 13.56
CA THR C 46 35.28 37.90 12.88
C THR C 46 35.92 38.73 11.78
N GLY C 47 37.25 38.75 11.67
CA GLY C 47 37.88 39.73 10.81
C GLY C 47 38.67 39.20 9.65
N SER C 48 39.55 40.05 9.13
CA SER C 48 40.41 39.70 8.01
C SER C 48 41.71 40.48 8.16
N PHE C 49 42.43 40.67 7.05
CA PHE C 49 43.75 41.30 7.14
C PHE C 49 43.68 42.78 7.44
N VAL C 50 42.49 43.39 7.36
CA VAL C 50 42.29 44.78 7.78
C VAL C 50 40.93 44.82 8.47
N LYS C 51 40.74 45.88 9.27
CA LYS C 51 39.48 46.10 9.95
C LYS C 51 38.29 46.03 9.00
N ILE C 52 37.22 45.37 9.46
CA ILE C 52 36.05 45.13 8.64
C ILE C 52 35.09 46.31 8.76
N GLY C 53 34.89 47.04 7.66
CA GLY C 53 34.02 48.21 7.63
C GLY C 53 32.54 47.89 7.74
N THR C 54 32.14 46.67 7.41
CA THR C 54 30.77 46.22 7.56
C THR C 54 30.52 45.52 8.89
N ALA C 55 31.49 45.56 9.81
CA ALA C 55 31.27 44.96 11.12
C ALA C 55 30.16 45.72 11.85
N THR C 56 29.37 44.99 12.62
CA THR C 56 28.33 45.59 13.45
C THR C 56 28.72 45.47 14.92
N ALA C 57 28.08 46.29 15.75
CA ALA C 57 28.33 46.20 17.19
C ALA C 57 28.07 44.79 17.70
N PHE C 58 26.97 44.17 17.24
CA PHE C 58 26.71 42.78 17.60
C PHE C 58 27.87 41.87 17.21
N SER C 59 28.30 41.95 15.95
CA SER C 59 29.37 41.08 15.50
C SER C 59 30.68 41.41 16.20
N GLU C 60 30.91 42.69 16.54
CA GLU C 60 32.14 43.03 17.27
C GLU C 60 32.12 42.48 18.68
N SER C 61 30.94 42.26 19.26
CA SER C 61 30.86 41.62 20.57
C SER C 61 31.22 40.13 20.54
N LEU C 62 31.28 39.51 19.36
CA LEU C 62 31.66 38.11 19.22
C LEU C 62 33.09 37.93 18.73
N ASP C 63 33.95 38.94 18.90
CA ASP C 63 35.34 38.83 18.50
C ASP C 63 36.11 37.86 19.38
N ALA C 64 37.12 37.23 18.80
CA ALA C 64 38.12 36.55 19.62
C ALA C 64 38.98 37.60 20.29
N LEU C 65 39.40 37.31 21.52
CA LEU C 65 40.07 38.28 22.38
C LEU C 65 41.45 37.76 22.74
N VAL C 66 42.48 38.52 22.40
CA VAL C 66 43.82 38.26 22.93
C VAL C 66 43.89 38.89 24.32
N TYR C 67 43.90 38.05 25.37
CA TYR C 67 43.83 38.55 26.73
C TYR C 67 45.10 38.33 27.55
N ARG C 68 46.07 37.59 27.04
CA ARG C 68 47.32 37.36 27.75
C ARG C 68 48.43 37.11 26.74
N ILE C 69 49.63 37.59 27.06
CA ILE C 69 50.80 37.48 26.20
C ILE C 69 51.99 37.04 27.05
N ASP C 70 52.84 36.18 26.48
CA ASP C 70 54.14 35.86 27.06
C ASP C 70 55.16 36.09 25.95
N GLU C 71 55.83 37.25 25.97
CA GLU C 71 56.76 37.57 24.88
C GLU C 71 57.97 36.64 24.89
N LYS C 72 58.45 36.24 26.06
CA LYS C 72 59.66 35.43 26.12
C LYS C 72 59.47 34.06 25.48
N ASN C 73 58.31 33.45 25.69
CA ASN C 73 58.06 32.12 25.14
C ASN C 73 57.18 32.18 23.89
N ASN C 74 56.94 33.38 23.36
CA ASN C 74 56.16 33.56 22.14
C ASN C 74 54.78 32.92 22.28
N LEU C 75 54.12 33.19 23.41
CA LEU C 75 52.82 32.61 23.70
C LEU C 75 51.74 33.68 23.69
N VAL C 76 50.55 33.29 23.25
CA VAL C 76 49.40 34.19 23.16
C VAL C 76 48.18 33.42 23.61
N TRP C 77 47.41 34.03 24.51
CA TRP C 77 46.16 33.46 25.01
C TRP C 77 45.02 34.18 24.30
N ILE C 78 44.22 33.43 23.56
CA ILE C 78 43.08 33.99 22.84
C ILE C 78 41.82 33.33 23.35
N ALA C 79 40.77 34.13 23.51
CA ALA C 79 39.48 33.65 23.97
C ALA C 79 38.49 33.77 22.83
N TYR C 80 37.75 32.69 22.56
CA TYR C 80 36.80 32.62 21.44
C TYR C 80 35.40 32.46 22.00
N PRO C 81 34.48 33.38 21.76
CA PRO C 81 33.09 33.15 22.17
C PRO C 81 32.53 31.92 21.46
N TRP C 82 32.30 30.81 22.19
CA TRP C 82 31.91 29.56 21.52
C TRP C 82 30.52 29.64 20.87
N ARG C 83 29.81 30.76 21.02
CA ARG C 83 28.57 30.99 20.28
C ARG C 83 28.82 31.13 18.78
N ILE C 84 30.03 31.52 18.37
CA ILE C 84 30.33 31.69 16.96
C ILE C 84 30.50 30.36 16.24
N PHE C 85 30.67 29.26 16.99
CA PHE C 85 30.81 27.95 16.41
C PHE C 85 29.46 27.45 15.90
N ASP C 86 29.50 26.68 14.81
CA ASP C 86 28.28 26.10 14.25
C ASP C 86 27.58 25.24 15.32
N ARG C 87 26.26 25.30 15.34
CA ARG C 87 25.50 24.54 16.31
C ARG C 87 25.41 23.07 15.90
N GLY C 88 24.80 22.25 16.75
CA GLY C 88 24.79 20.82 16.56
C GLY C 88 26.11 20.13 16.85
N GLY C 89 26.91 20.71 17.74
CA GLY C 89 28.20 20.14 18.12
C GLY C 89 29.18 19.95 16.97
N ASN C 90 29.28 20.92 16.08
CA ASN C 90 30.14 20.80 14.91
C ASN C 90 31.59 21.06 15.34
N VAL C 91 32.42 20.02 15.26
CA VAL C 91 33.82 20.15 15.61
C VAL C 91 34.65 20.60 14.42
N GLN C 92 34.31 20.09 13.24
CA GLN C 92 34.98 20.53 12.01
C GLN C 92 34.88 22.04 11.85
N ASN C 93 33.80 22.64 12.34
CA ASN C 93 33.65 24.10 12.25
C ASN C 93 34.61 24.81 13.22
N ILE C 94 34.75 24.29 14.44
CA ILE C 94 35.75 24.83 15.37
C ILE C 94 37.13 24.77 14.74
N MET C 95 37.49 23.62 14.17
CA MET C 95 38.81 23.47 13.57
C MET C 95 38.99 24.40 12.38
N THR C 96 37.91 24.73 11.67
CA THR C 96 38.01 25.71 10.60
C THR C 96 38.28 27.11 11.16
N PHE C 97 37.62 27.46 12.26
CA PHE C 97 37.89 28.71 12.96
C PHE C 97 39.35 28.81 13.41
N ILE C 98 39.75 27.94 14.33
CA ILE C 98 41.03 28.11 15.03
C ILE C 98 42.20 27.37 14.39
N ALA C 99 41.95 26.38 13.55
CA ALA C 99 43.02 25.60 12.92
C ALA C 99 42.85 25.58 11.41
N GLY C 100 42.32 26.66 10.84
CA GLY C 100 42.07 26.75 9.43
C GLY C 100 42.96 27.72 8.67
N ASN C 101 42.39 28.84 8.24
CA ASN C 101 43.11 29.79 7.41
C ASN C 101 44.32 30.39 8.11
N VAL C 102 44.30 30.44 9.45
CA VAL C 102 45.41 31.04 10.17
C VAL C 102 46.70 30.29 9.89
N PHE C 103 46.61 29.04 9.44
CA PHE C 103 47.80 28.25 9.13
C PHE C 103 48.41 28.61 7.78
N GLY C 104 47.76 29.45 6.99
CA GLY C 104 48.27 29.82 5.69
C GLY C 104 48.68 31.27 5.58
N MET C 105 48.54 32.02 6.67
CA MET C 105 48.90 33.43 6.63
C MET C 105 50.40 33.56 6.39
N ALA C 106 50.76 34.25 5.30
CA ALA C 106 52.17 34.42 4.97
C ALA C 106 52.92 35.19 6.03
N SER C 107 52.24 36.10 6.72
CA SER C 107 52.89 36.96 7.71
C SER C 107 53.11 36.27 9.05
N VAL C 108 52.69 35.00 9.21
CA VAL C 108 52.89 34.26 10.46
C VAL C 108 53.82 33.09 10.18
N LYS C 109 55.00 33.12 10.80
CA LYS C 109 56.00 32.08 10.57
C LYS C 109 55.90 30.93 11.57
N VAL C 110 55.33 31.17 12.74
CA VAL C 110 55.05 30.10 13.71
C VAL C 110 53.62 30.31 14.19
N CYS C 111 52.81 29.24 14.12
CA CYS C 111 51.40 29.31 14.46
C CYS C 111 51.00 27.91 14.96
N LYS C 112 51.21 27.67 16.25
CA LYS C 112 51.04 26.34 16.82
C LYS C 112 50.09 26.37 18.01
N ILE C 113 48.95 25.71 17.91
CA ILE C 113 48.03 25.60 19.05
C ILE C 113 48.60 24.60 20.03
N LEU C 114 48.78 25.02 21.28
CA LEU C 114 49.40 24.19 22.29
C LEU C 114 48.42 23.66 23.33
N ASP C 115 47.29 24.33 23.53
CA ASP C 115 46.35 23.86 24.55
C ASP C 115 45.04 24.58 24.34
N VAL C 116 43.95 23.95 24.81
CA VAL C 116 42.61 24.50 24.67
C VAL C 116 41.76 24.08 25.86
N TYR C 117 40.81 24.94 26.23
CA TYR C 117 39.93 24.73 27.38
C TYR C 117 38.48 24.75 26.93
N PHE C 118 37.70 23.78 27.40
CA PHE C 118 36.27 23.74 27.10
C PHE C 118 35.51 24.07 28.38
N PRO C 119 34.80 25.20 28.45
CA PRO C 119 34.01 25.49 29.64
C PRO C 119 32.84 24.54 29.75
N PRO C 120 32.29 24.36 30.96
CA PRO C 120 31.17 23.41 31.11
C PRO C 120 29.98 23.74 30.24
N GLN C 121 29.67 25.03 30.06
CA GLN C 121 28.56 25.43 29.20
C GLN C 121 28.81 25.08 27.74
N MET C 122 30.07 24.98 27.32
CA MET C 122 30.33 24.57 25.95
C MET C 122 30.19 23.07 25.77
N LEU C 123 30.71 22.28 26.71
CA LEU C 123 30.64 20.83 26.64
C LEU C 123 29.22 20.32 26.45
N VAL C 124 28.23 21.04 27.00
CA VAL C 124 26.83 20.62 26.88
C VAL C 124 26.44 20.46 25.41
N GLN C 125 27.02 21.28 24.53
CA GLN C 125 26.64 21.33 23.13
C GLN C 125 27.25 20.23 22.29
N TYR C 126 28.07 19.37 22.88
CA TYR C 126 28.82 18.40 22.11
C TYR C 126 28.53 16.99 22.62
N ASP C 127 28.81 16.01 21.76
CA ASP C 127 28.38 14.64 22.03
C ASP C 127 29.15 14.03 23.19
N GLY C 128 30.48 14.05 23.11
CA GLY C 128 31.28 13.26 23.99
C GLY C 128 31.13 11.80 23.65
N PRO C 129 32.00 10.95 24.19
CA PRO C 129 31.91 9.51 23.89
C PRO C 129 30.60 8.92 24.40
N GLU C 130 30.24 7.78 23.80
CA GLU C 130 29.08 7.02 24.23
C GLU C 130 29.42 5.57 24.53
N TYR C 131 30.25 4.96 23.70
CA TYR C 131 30.79 3.63 23.97
C TYR C 131 32.23 3.80 24.44
N THR C 132 32.53 3.29 25.62
CA THR C 132 33.81 3.52 26.27
C THR C 132 34.58 2.21 26.39
N ILE C 133 35.81 2.33 26.88
CA ILE C 133 36.62 1.15 27.14
C ILE C 133 35.92 0.24 28.14
N ASP C 134 35.17 0.81 29.08
CA ASP C 134 34.48 -0.02 30.06
C ASP C 134 33.46 -0.94 29.39
N ASP C 135 32.72 -0.43 28.42
CA ASP C 135 31.79 -1.27 27.67
C ASP C 135 32.52 -2.41 26.96
N MET C 136 33.67 -2.11 26.36
CA MET C 136 34.41 -3.17 25.69
C MET C 136 34.94 -4.19 26.70
N ARG C 137 35.44 -3.72 27.84
CA ARG C 137 35.86 -4.63 28.91
C ARG C 137 34.73 -5.55 29.32
N LYS C 138 33.54 -4.99 29.53
CA LYS C 138 32.40 -5.81 29.87
C LYS C 138 32.16 -6.88 28.81
N TYR C 139 32.22 -6.51 27.52
CA TYR C 139 32.04 -7.54 26.48
C TYR C 139 33.15 -8.60 26.52
N LEU C 140 34.40 -8.17 26.67
CA LEU C 140 35.54 -9.08 26.68
C LEU C 140 35.69 -9.83 27.99
N ASN C 141 35.05 -9.36 29.06
CA ASN C 141 35.17 -9.95 30.39
C ASN C 141 36.63 -10.00 30.83
N ILE C 142 37.36 -8.92 30.59
CA ILE C 142 38.70 -8.73 31.11
C ILE C 142 38.69 -7.43 31.89
N GLN C 143 39.17 -7.48 33.13
CA GLN C 143 39.11 -6.34 34.00
C GLN C 143 40.52 -5.90 34.34
N GLU C 144 40.68 -4.62 34.63
CA GLU C 144 41.91 -4.10 35.22
C GLU C 144 43.07 -4.08 34.23
N ARG C 145 43.40 -5.24 33.66
CA ARG C 145 44.59 -5.33 32.83
C ARG C 145 44.38 -4.60 31.50
N PRO C 146 45.47 -4.20 30.83
CA PRO C 146 45.32 -3.55 29.52
C PRO C 146 44.78 -4.55 28.49
N ILE C 147 44.11 -4.00 27.48
CA ILE C 147 43.59 -4.81 26.38
C ILE C 147 44.68 -5.00 25.33
N PHE C 148 45.04 -6.25 25.07
CA PHE C 148 46.12 -6.58 24.16
C PHE C 148 45.58 -6.92 22.78
N GLY C 149 46.04 -6.16 21.77
CA GLY C 149 45.58 -6.30 20.41
C GLY C 149 46.74 -6.20 19.44
N SER C 150 46.42 -6.44 18.17
CA SER C 150 47.41 -6.46 17.10
C SER C 150 46.87 -5.74 15.87
N ILE C 151 47.80 -5.24 15.06
CA ILE C 151 47.50 -4.75 13.72
C ILE C 151 47.92 -5.84 12.76
N ILE C 152 47.01 -6.24 11.86
CA ILE C 152 47.37 -7.28 10.92
C ILE C 152 48.38 -6.71 9.93
N LYS C 153 49.55 -7.35 9.85
CA LYS C 153 50.55 -6.97 8.86
C LYS C 153 50.80 -8.16 7.93
N PRO C 154 51.21 -7.92 6.68
CA PRO C 154 51.56 -6.63 6.04
C PRO C 154 50.43 -5.61 5.94
N LYS C 155 50.80 -4.32 5.87
CA LYS C 155 49.83 -3.24 5.81
C LYS C 155 48.83 -3.43 4.68
N ILE C 156 49.29 -3.98 3.57
CA ILE C 156 48.43 -4.30 2.45
C ILE C 156 49.06 -5.47 1.71
N GLY C 157 48.23 -6.26 1.04
CA GLY C 157 48.71 -7.33 0.18
C GLY C 157 48.22 -8.70 0.57
N LEU C 158 47.60 -8.86 1.73
CA LEU C 158 47.05 -10.15 2.11
C LEU C 158 45.64 -10.29 1.55
N THR C 159 45.26 -11.53 1.28
CA THR C 159 43.88 -11.84 0.94
C THR C 159 43.02 -11.89 2.20
N SER C 160 41.70 -11.91 2.00
CA SER C 160 40.77 -11.97 3.12
C SER C 160 41.00 -13.22 3.97
N SER C 161 41.31 -14.35 3.33
CA SER C 161 41.57 -15.58 4.07
C SER C 161 42.82 -15.46 4.94
N GLU C 162 43.94 -15.01 4.36
CA GLU C 162 45.17 -14.80 5.11
C GLU C 162 44.96 -13.83 6.27
N TYR C 163 44.19 -12.76 6.03
CA TYR C 163 43.89 -11.80 7.08
C TYR C 163 43.15 -12.47 8.24
N ALA C 164 42.10 -13.24 7.95
CA ALA C 164 41.38 -13.91 9.02
C ALA C 164 42.26 -14.94 9.71
N GLU C 165 43.16 -15.58 8.98
CA GLU C 165 44.08 -16.52 9.60
C GLU C 165 44.93 -15.84 10.66
N LEU C 166 45.52 -14.69 10.33
CA LEU C 166 46.32 -13.97 11.32
C LEU C 166 45.46 -13.52 12.50
N CYS C 167 44.21 -13.12 12.24
CA CYS C 167 43.28 -12.84 13.34
C CYS C 167 43.15 -14.05 14.26
N TYR C 168 42.87 -15.22 13.68
CA TYR C 168 42.71 -16.44 14.47
C TYR C 168 43.96 -16.73 15.28
N ASP C 169 45.12 -16.69 14.64
CA ASP C 169 46.36 -17.03 15.33
C ASP C 169 46.64 -16.08 16.47
N PHE C 170 46.35 -14.78 16.29
CA PHE C 170 46.57 -13.83 17.37
C PHE C 170 45.62 -14.08 18.53
N TRP C 171 44.32 -14.24 18.23
CA TRP C 171 43.36 -14.49 19.29
C TRP C 171 43.64 -15.80 20.03
N SER C 172 43.96 -16.86 19.29
CA SER C 172 44.29 -18.14 19.90
C SER C 172 45.52 -18.05 20.80
N GLY C 173 46.41 -17.09 20.53
CA GLY C 173 47.56 -16.93 21.41
C GLY C 173 47.30 -16.12 22.65
N GLY C 174 46.05 -15.77 22.91
CA GLY C 174 45.69 -15.00 24.07
C GLY C 174 45.42 -13.53 23.80
N GLY C 175 45.60 -13.06 22.57
CA GLY C 175 45.30 -11.68 22.26
C GLY C 175 43.81 -11.42 22.27
N ASP C 176 43.43 -10.22 22.68
CA ASP C 176 42.03 -9.86 22.81
C ASP C 176 41.48 -9.08 21.62
N PHE C 177 42.31 -8.28 20.94
CA PHE C 177 41.81 -7.21 20.09
C PHE C 177 42.57 -7.20 18.77
N VAL C 178 41.87 -7.14 17.65
CA VAL C 178 42.57 -7.02 16.38
C VAL C 178 42.03 -5.80 15.65
N KCX C 179 42.89 -5.09 14.92
CA KCX C 179 42.42 -3.95 14.15
CB KCX C 179 42.81 -2.64 14.84
CG KCX C 179 44.32 -2.42 14.76
CD KCX C 179 44.76 -1.09 15.38
CE KCX C 179 44.26 0.06 14.53
NZ KCX C 179 44.87 0.01 13.22
C KCX C 179 42.98 -4.02 12.73
O KCX C 179 44.16 -4.44 12.54
CX KCX C 179 46.16 0.61 12.96
OQ1 KCX C 179 46.74 1.27 13.86
OQ2 KCX C 179 46.67 0.46 11.83
N ASN C 180 42.16 -3.65 11.74
CA ASN C 180 42.66 -3.41 10.41
C ASN C 180 43.82 -2.43 10.50
N ASP C 181 44.81 -2.60 9.64
CA ASP C 181 45.72 -1.49 9.40
C ASP C 181 44.91 -0.36 8.78
N GLU C 182 45.36 0.87 9.00
CA GLU C 182 44.53 2.02 8.67
C GLU C 182 44.08 2.11 7.22
N PRO C 183 44.84 1.64 6.18
CA PRO C 183 44.33 1.75 4.82
C PRO C 183 43.62 0.50 4.31
N GLN C 184 43.61 -0.57 5.10
CA GLN C 184 42.96 -1.79 4.63
C GLN C 184 41.47 -1.56 4.46
N ALA C 185 40.97 -1.91 3.27
CA ALA C 185 39.57 -1.70 2.92
C ALA C 185 39.12 -2.71 1.89
N ASP C 186 38.58 -2.25 0.76
CA ASP C 186 37.96 -3.13 -0.22
C ASP C 186 38.79 -3.35 -1.48
N GLN C 187 40.07 -3.68 -1.31
CA GLN C 187 40.92 -3.99 -2.46
C GLN C 187 40.41 -5.26 -3.16
N ASP C 188 40.64 -5.34 -4.47
CA ASP C 188 40.08 -6.46 -5.24
C ASP C 188 40.59 -7.80 -4.72
N PHE C 189 41.87 -7.87 -4.36
CA PHE C 189 42.45 -9.13 -3.90
C PHE C 189 42.05 -9.47 -2.48
N CYS C 190 41.49 -8.52 -1.73
CA CYS C 190 41.07 -8.73 -0.35
C CYS C 190 39.65 -8.19 -0.19
N PRO C 191 38.66 -8.87 -0.78
CA PRO C 191 37.28 -8.38 -0.72
C PRO C 191 36.83 -8.11 0.70
N TYR C 192 36.23 -6.93 0.90
CA TYR C 192 35.83 -6.52 2.24
C TYR C 192 34.73 -7.42 2.80
N ASP C 193 33.72 -7.71 1.98
CA ASP C 193 32.66 -8.60 2.42
C ASP C 193 33.21 -9.95 2.84
N LYS C 194 34.07 -10.52 1.99
CA LYS C 194 34.67 -11.81 2.30
C LYS C 194 35.55 -11.71 3.54
N MET C 195 36.26 -10.60 3.69
CA MET C 195 37.06 -10.36 4.89
C MET C 195 36.19 -10.37 6.14
N VAL C 196 35.05 -9.69 6.10
CA VAL C 196 34.15 -9.67 7.26
C VAL C 196 33.66 -11.08 7.59
N GLN C 197 33.26 -11.82 6.56
CA GLN C 197 32.77 -13.18 6.81
C GLN C 197 33.85 -14.05 7.41
N ASP C 198 35.08 -13.94 6.89
CA ASP C 198 36.18 -14.77 7.37
C ASP C 198 36.58 -14.39 8.79
N VAL C 199 36.55 -13.09 9.11
CA VAL C 199 36.82 -12.67 10.49
C VAL C 199 35.77 -13.25 11.43
N ARG C 200 34.49 -13.21 11.04
CA ARG C 200 33.45 -13.80 11.87
C ARG C 200 33.71 -15.29 12.12
N HIS C 201 34.02 -16.04 11.06
CA HIS C 201 34.29 -17.47 11.22
C HIS C 201 35.50 -17.74 12.13
N ALA C 202 36.59 -16.99 11.91
CA ALA C 202 37.77 -17.14 12.76
C ALA C 202 37.46 -16.82 14.21
N MET C 203 36.68 -15.76 14.44
CA MET C 203 36.30 -15.41 15.79
C MET C 203 35.45 -16.50 16.41
N ASP C 204 34.52 -17.07 15.64
CA ASP C 204 33.70 -18.18 16.11
C ASP C 204 34.56 -19.35 16.55
N ARG C 205 35.57 -19.69 15.75
CA ARG C 205 36.45 -20.80 16.09
C ARG C 205 37.24 -20.52 17.36
N VAL C 206 37.75 -19.29 17.51
CA VAL C 206 38.45 -18.94 18.75
C VAL C 206 37.51 -19.03 19.94
N GLU C 207 36.29 -18.51 19.81
CA GLU C 207 35.36 -18.56 20.92
C GLU C 207 35.03 -19.99 21.30
N GLN C 208 34.95 -20.88 20.30
CA GLN C 208 34.73 -22.29 20.59
C GLN C 208 35.91 -22.87 21.36
N GLU C 209 37.13 -22.61 20.90
CA GLU C 209 38.30 -23.27 21.47
C GLU C 209 38.64 -22.72 22.85
N THR C 210 38.46 -21.42 23.07
CA THR C 210 38.86 -20.79 24.33
C THR C 210 37.70 -20.44 25.24
N GLY C 211 36.47 -20.38 24.72
CA GLY C 211 35.36 -19.89 25.51
C GLY C 211 35.41 -18.40 25.78
N LYS C 212 36.34 -17.68 25.16
CA LYS C 212 36.53 -16.27 25.42
C LYS C 212 36.05 -15.45 24.23
N THR C 213 35.46 -14.28 24.51
CA THR C 213 35.09 -13.36 23.45
C THR C 213 36.32 -12.59 22.96
N LYS C 214 36.20 -12.04 21.74
CA LYS C 214 37.24 -11.25 21.11
C LYS C 214 36.60 -10.02 20.47
N VAL C 215 37.44 -9.10 19.97
CA VAL C 215 36.98 -7.87 19.32
C VAL C 215 37.82 -7.62 18.07
N HIS C 216 37.16 -7.19 16.99
CA HIS C 216 37.84 -6.77 15.77
C HIS C 216 37.36 -5.37 15.37
N SER C 217 38.32 -4.47 15.20
CA SER C 217 38.08 -3.10 14.78
C SER C 217 38.18 -3.03 13.26
N PHE C 218 37.05 -2.78 12.59
CA PHE C 218 37.02 -2.73 11.14
C PHE C 218 37.26 -1.31 10.65
N ASN C 219 38.10 -1.19 9.64
CA ASN C 219 38.23 0.10 8.96
C ASN C 219 37.03 0.28 8.05
N ILE C 220 36.21 1.29 8.33
CA ILE C 220 35.09 1.64 7.47
C ILE C 220 35.32 2.92 6.70
N SER C 221 36.49 3.55 6.83
CA SER C 221 36.86 4.67 5.98
C SER C 221 36.69 4.29 4.51
N SER C 222 35.98 5.12 3.76
CA SER C 222 35.59 4.79 2.39
C SER C 222 35.73 6.02 1.51
N SER C 223 35.35 5.88 0.24
CA SER C 223 35.39 7.02 -0.67
C SER C 223 34.33 8.04 -0.31
N ASP C 224 33.11 7.60 -0.02
CA ASP C 224 32.02 8.51 0.33
C ASP C 224 31.26 7.94 1.52
N TYR C 225 30.27 8.70 1.99
CA TYR C 225 29.56 8.30 3.20
C TYR C 225 28.68 7.09 2.95
N ASP C 226 28.07 6.99 1.78
CA ASP C 226 27.21 5.86 1.48
C ASP C 226 27.98 4.54 1.56
N THR C 227 29.23 4.53 1.07
CA THR C 227 30.04 3.32 1.15
C THR C 227 30.41 2.99 2.59
N MET C 228 30.71 4.01 3.38
CA MET C 228 31.00 3.78 4.80
C MET C 228 29.82 3.16 5.51
N ILE C 229 28.62 3.69 5.26
CA ILE C 229 27.41 3.15 5.88
C ILE C 229 27.16 1.73 5.39
N LYS C 230 27.40 1.47 4.11
CA LYS C 230 27.28 0.11 3.59
C LYS C 230 28.15 -0.84 4.39
N LYS C 231 29.42 -0.47 4.58
CA LYS C 231 30.34 -1.32 5.33
C LYS C 231 29.87 -1.53 6.76
N ALA C 232 29.49 -0.45 7.44
CA ALA C 232 29.07 -0.54 8.83
C ALA C 232 27.85 -1.45 8.97
N ASP C 233 26.85 -1.25 8.10
CA ASP C 233 25.65 -2.07 8.15
C ASP C 233 25.96 -3.53 7.89
N TYR C 234 26.86 -3.80 6.94
CA TYR C 234 27.25 -5.18 6.69
C TYR C 234 27.89 -5.80 7.93
N ILE C 235 28.78 -5.06 8.59
CA ILE C 235 29.42 -5.56 9.80
C ILE C 235 28.38 -5.86 10.87
N GLN C 236 27.42 -4.94 11.06
CA GLN C 236 26.35 -5.19 12.02
C GLN C 236 25.58 -6.46 11.67
N SER C 237 25.38 -6.71 10.38
CA SER C 237 24.66 -7.91 9.99
C SER C 237 25.48 -9.17 10.14
N MET C 238 26.81 -9.05 10.21
CA MET C 238 27.62 -10.26 10.23
C MET C 238 28.26 -10.57 11.59
N MET C 239 28.42 -9.60 12.48
CA MET C 239 29.10 -9.81 13.75
C MET C 239 28.12 -9.70 14.92
N LYS C 240 28.38 -10.47 15.97
CA LYS C 240 27.55 -10.38 17.15
C LYS C 240 27.84 -9.07 17.90
N PRO C 241 26.81 -8.47 18.50
CA PRO C 241 26.98 -7.16 19.13
C PRO C 241 28.13 -7.12 20.14
N GLY C 242 28.90 -6.04 20.09
CA GLY C 242 30.04 -5.85 20.96
C GLY C 242 31.34 -6.47 20.49
N SER C 243 31.29 -7.42 19.55
CA SER C 243 32.50 -8.08 19.07
C SER C 243 33.21 -7.29 17.99
N TYR C 244 32.67 -6.15 17.56
CA TYR C 244 33.25 -5.39 16.46
C TYR C 244 33.31 -3.92 16.83
N ALA C 245 34.35 -3.25 16.34
CA ALA C 245 34.49 -1.81 16.46
C ALA C 245 34.62 -1.19 15.07
N PHE C 246 34.42 0.12 15.01
CA PHE C 246 34.50 0.88 13.78
C PHE C 246 35.73 1.79 13.83
N LEU C 247 36.65 1.59 12.89
CA LEU C 247 37.84 2.40 12.74
C LEU C 247 37.63 3.42 11.63
N VAL C 248 38.00 4.67 11.90
CA VAL C 248 37.90 5.75 10.93
C VAL C 248 39.21 6.53 10.90
N ASP C 249 39.73 6.74 9.69
CA ASP C 249 40.88 7.62 9.49
C ASP C 249 40.46 9.07 9.72
N GLY C 250 40.47 9.51 10.98
CA GLY C 250 39.86 10.81 11.29
C GLY C 250 40.43 11.95 10.48
N ILE C 251 41.75 12.01 10.35
CA ILE C 251 42.37 13.16 9.70
C ILE C 251 42.08 13.17 8.20
N THR C 252 42.32 12.04 7.52
CA THR C 252 42.14 12.03 6.08
C THR C 252 40.68 11.89 5.67
N ALA C 253 39.86 11.15 6.45
CA ALA C 253 38.44 11.07 6.11
C ALA C 253 37.67 12.27 6.67
N GLY C 254 38.09 12.81 7.79
CA GLY C 254 37.54 14.07 8.26
C GLY C 254 36.74 13.94 9.54
N TRP C 255 36.69 15.04 10.30
CA TRP C 255 35.91 15.08 11.54
C TRP C 255 34.44 14.75 11.30
N MET C 256 33.91 15.07 10.12
CA MET C 256 32.51 14.76 9.87
C MET C 256 32.26 13.26 9.89
N ALA C 257 33.21 12.48 9.35
CA ALA C 257 33.06 11.03 9.41
C ALA C 257 33.03 10.55 10.86
N ILE C 258 33.93 11.08 11.70
CA ILE C 258 33.96 10.74 13.11
C ILE C 258 32.59 10.99 13.75
N GLN C 259 32.10 12.22 13.62
CA GLN C 259 30.84 12.56 14.27
C GLN C 259 29.68 11.73 13.70
N THR C 260 29.73 11.42 12.41
CA THR C 260 28.65 10.68 11.76
C THR C 260 28.57 9.26 12.30
N ILE C 261 29.72 8.59 12.41
CA ILE C 261 29.69 7.24 12.97
C ILE C 261 29.29 7.30 14.44
N ARG C 262 29.82 8.28 15.19
CA ARG C 262 29.40 8.45 16.57
C ARG C 262 27.89 8.54 16.70
N ARG C 263 27.24 9.31 15.83
CA ARG C 263 25.81 9.52 15.99
C ARG C 263 24.97 8.40 15.40
N LYS C 264 25.43 7.76 14.31
CA LYS C 264 24.64 6.74 13.64
C LYS C 264 24.77 5.38 14.30
N TYR C 265 25.89 5.11 14.96
CA TYR C 265 26.13 3.85 15.65
C TYR C 265 26.67 4.15 17.04
N PRO C 266 25.85 4.74 17.92
CA PRO C 266 26.36 5.16 19.24
C PRO C 266 26.72 3.99 20.16
N ASN C 267 26.20 2.78 19.93
CA ASN C 267 26.50 1.63 20.77
C ASN C 267 27.67 0.80 20.24
N VAL C 268 28.47 1.33 19.32
CA VAL C 268 29.65 0.63 18.82
C VAL C 268 30.88 1.49 19.08
N PHE C 269 31.96 0.84 19.48
CA PHE C 269 33.22 1.51 19.76
C PHE C 269 33.72 2.24 18.52
N LEU C 270 33.90 3.56 18.64
CA LEU C 270 34.44 4.38 17.56
C LEU C 270 35.94 4.51 17.75
N HIS C 271 36.71 3.94 16.83
CA HIS C 271 38.16 3.87 16.91
C HIS C 271 38.72 4.94 15.98
N PHE C 272 39.17 6.04 16.56
CA PHE C 272 39.75 7.16 15.82
C PHE C 272 41.22 6.84 15.54
N HIS C 273 41.50 6.36 14.34
CA HIS C 273 42.88 6.29 13.86
C HIS C 273 43.23 7.63 13.23
N ARG C 274 44.41 8.14 13.60
CA ARG C 274 44.81 9.51 13.26
C ARG C 274 45.87 9.58 12.17
N ALA C 275 45.84 8.66 11.20
CA ALA C 275 46.81 8.67 10.11
C ALA C 275 46.78 10.02 9.39
N GLY C 276 47.92 10.71 9.39
CA GLY C 276 48.05 12.02 8.77
C GLY C 276 48.16 13.15 9.76
N HIS C 277 47.86 12.90 11.03
CA HIS C 277 47.90 13.93 12.07
C HIS C 277 49.29 14.55 12.23
N GLY C 278 50.34 13.86 11.80
CA GLY C 278 51.69 14.35 12.06
C GLY C 278 51.91 15.77 11.59
N ALA C 279 51.43 16.10 10.40
CA ALA C 279 51.61 17.44 9.84
C ALA C 279 51.05 18.50 10.76
N PHE C 280 50.04 18.17 11.56
CA PHE C 280 49.52 19.13 12.53
C PHE C 280 50.34 19.12 13.81
N THR C 281 50.77 17.95 14.27
CA THR C 281 51.19 17.79 15.66
C THR C 281 52.68 17.74 15.87
N ARG C 282 53.47 17.35 14.87
CA ARG C 282 54.90 17.16 15.04
C ARG C 282 55.57 18.43 15.56
N ASP C 283 56.51 18.24 16.48
CA ASP C 283 57.26 19.37 17.02
C ASP C 283 57.98 20.13 15.91
N GLU C 284 58.41 19.42 14.87
CA GLU C 284 59.19 20.03 13.81
C GLU C 284 58.36 20.98 12.95
N ASN C 285 57.03 20.82 12.95
CA ASN C 285 56.16 21.72 12.19
C ASN C 285 55.80 22.91 13.07
N PRO C 286 56.30 24.12 12.78
CA PRO C 286 55.93 25.29 13.60
C PRO C 286 54.47 25.71 13.45
N ILE C 287 53.74 25.16 12.48
CA ILE C 287 52.34 25.48 12.25
C ILE C 287 51.50 24.23 12.48
N GLY C 288 50.45 24.34 13.27
CA GLY C 288 49.56 23.22 13.51
C GLY C 288 49.00 23.26 14.94
N TYR C 289 48.67 22.07 15.43
CA TYR C 289 48.22 21.89 16.81
C TYR C 289 48.80 20.60 17.36
N THR C 290 49.04 20.57 18.66
CA THR C 290 49.72 19.45 19.29
C THR C 290 48.77 18.27 19.52
N VAL C 291 49.35 17.15 19.96
CA VAL C 291 48.63 15.91 20.21
C VAL C 291 47.65 16.04 21.39
N PRO C 292 48.02 16.72 22.49
CA PRO C 292 46.99 16.96 23.53
C PRO C 292 45.75 17.66 23.00
N VAL C 293 45.93 18.64 22.11
CA VAL C 293 44.79 19.36 21.54
C VAL C 293 43.96 18.41 20.67
N LEU C 294 44.65 17.67 19.80
CA LEU C 294 43.95 16.70 18.98
C LEU C 294 43.12 15.75 19.83
N THR C 295 43.70 15.27 20.93
CA THR C 295 43.01 14.33 21.81
C THR C 295 41.82 14.96 22.49
N LYS C 296 41.96 16.20 22.98
CA LYS C 296 40.80 16.85 23.59
C LYS C 296 39.67 17.02 22.57
N PHE C 297 40.00 17.38 21.33
CA PHE C 297 38.95 17.53 20.34
C PHE C 297 38.36 16.18 19.92
N ALA C 298 39.18 15.13 19.87
CA ALA C 298 38.69 13.79 19.57
C ALA C 298 37.73 13.30 20.65
N ARG C 299 37.98 13.68 21.91
CA ARG C 299 37.00 13.37 22.94
C ARG C 299 35.74 14.22 22.76
N LEU C 300 35.92 15.50 22.41
CA LEU C 300 34.79 16.37 22.15
C LEU C 300 33.90 15.84 21.05
N ALA C 301 34.51 15.29 19.98
CA ALA C 301 33.73 14.75 18.87
C ALA C 301 33.01 13.47 19.24
N GLY C 302 33.47 12.75 20.25
CA GLY C 302 32.84 11.54 20.70
C GLY C 302 33.55 10.23 20.38
N ALA C 303 34.83 10.27 20.02
CA ALA C 303 35.56 9.05 19.71
C ALA C 303 35.64 8.17 20.95
N SER C 304 35.44 6.86 20.77
CA SER C 304 35.62 5.93 21.88
C SER C 304 37.10 5.79 22.25
N GLY C 305 37.99 5.92 21.28
CA GLY C 305 39.41 5.87 21.54
C GLY C 305 40.19 6.49 20.41
N ILE C 306 41.39 6.97 20.75
CA ILE C 306 42.30 7.51 19.75
C ILE C 306 43.72 7.13 20.15
N HIS C 307 44.57 6.98 19.14
CA HIS C 307 45.99 6.76 19.41
C HIS C 307 46.57 8.00 20.06
N THR C 308 47.29 7.81 21.17
CA THR C 308 47.82 8.92 21.95
C THR C 308 49.35 8.89 22.03
N GLY C 309 49.98 7.87 21.46
CA GLY C 309 51.42 7.76 21.42
C GLY C 309 51.96 6.80 22.46
N THR C 310 53.21 6.38 22.26
CA THR C 310 53.91 5.47 23.13
C THR C 310 54.93 6.18 24.02
N ALA C 311 54.84 7.49 24.13
CA ALA C 311 55.73 8.29 24.97
C ALA C 311 57.19 8.14 24.55
N GLY C 312 57.42 7.91 23.26
CA GLY C 312 58.76 7.74 22.73
C GLY C 312 59.33 6.35 22.81
N ILE C 313 58.63 5.42 23.48
CA ILE C 313 59.14 4.06 23.61
C ILE C 313 59.09 3.34 22.27
N GLY C 314 58.05 3.59 21.47
CA GLY C 314 57.92 2.96 20.16
C GLY C 314 58.62 3.74 19.06
N LYS C 315 58.02 3.77 17.86
CA LYS C 315 58.64 4.35 16.67
C LYS C 315 58.05 5.69 16.25
N MET C 316 56.91 6.08 16.82
CA MET C 316 56.25 7.33 16.46
C MET C 316 56.73 8.44 17.37
N ALA C 317 56.81 9.64 16.82
CA ALA C 317 57.34 10.79 17.55
C ALA C 317 56.53 11.04 18.81
N GLY C 318 57.25 11.39 19.88
CA GLY C 318 56.59 11.72 21.12
C GLY C 318 57.54 11.57 22.29
N SER C 319 57.17 12.24 23.38
CA SER C 319 57.86 12.20 24.64
C SER C 319 56.87 11.77 25.71
N PRO C 320 57.34 11.34 26.88
CA PRO C 320 56.40 11.08 27.99
C PRO C 320 55.47 12.23 28.29
N LYS C 321 55.96 13.48 28.20
CA LYS C 321 55.15 14.63 28.54
C LYS C 321 53.88 14.71 27.69
N GLU C 322 54.03 14.85 26.35
CA GLU C 322 52.87 15.08 25.51
C GLU C 322 51.97 13.86 25.48
N ASP C 323 52.56 12.68 25.34
CA ASP C 323 51.78 11.47 25.13
C ASP C 323 51.02 11.07 26.41
N VAL C 324 51.66 11.21 27.56
CA VAL C 324 50.96 10.89 28.79
C VAL C 324 49.87 11.92 29.06
N MET C 325 50.15 13.21 28.76
CA MET C 325 49.12 14.22 28.87
C MET C 325 47.92 13.90 27.97
N ALA C 326 48.18 13.38 26.77
CA ALA C 326 47.09 13.04 25.87
C ALA C 326 46.27 11.86 26.41
N ALA C 327 46.95 10.83 26.90
CA ALA C 327 46.24 9.69 27.47
C ALA C 327 45.37 10.12 28.66
N ARG C 328 45.88 11.03 29.48
CA ARG C 328 45.06 11.50 30.60
C ARG C 328 43.92 12.39 30.11
N HIS C 329 44.15 13.23 29.08
CA HIS C 329 43.06 13.97 28.46
C HIS C 329 41.95 13.04 28.00
N ALA C 330 42.32 11.84 27.55
CA ALA C 330 41.32 10.88 27.10
C ALA C 330 40.60 10.23 28.28
N LEU C 331 41.32 9.93 29.37
CA LEU C 331 40.79 9.06 30.44
C LEU C 331 40.16 9.81 31.61
N LYS C 332 40.83 10.81 32.15
CA LYS C 332 40.50 11.34 33.47
C LYS C 332 39.32 12.31 33.43
N LEU C 333 38.62 12.40 34.56
CA LEU C 333 37.62 13.45 34.73
C LEU C 333 38.26 14.83 34.88
N TYR C 334 39.43 14.91 35.53
CA TYR C 334 40.20 16.13 35.65
C TYR C 334 41.56 15.91 35.00
N SER C 335 41.82 16.61 33.90
CA SER C 335 43.08 16.48 33.18
C SER C 335 43.79 17.84 33.09
N GLU C 336 45.12 17.82 33.18
CA GLU C 336 45.90 19.04 33.10
C GLU C 336 46.65 19.13 31.79
N GLY C 337 46.42 20.22 31.06
CA GLY C 337 47.25 20.56 29.94
C GLY C 337 48.43 21.41 30.38
N ASP C 338 49.21 21.84 29.38
CA ASP C 338 50.33 22.73 29.66
C ASP C 338 49.86 24.08 30.19
N TYR C 339 48.61 24.46 29.91
CA TYR C 339 48.14 25.81 30.21
C TYR C 339 46.72 25.86 30.76
N PHE C 340 45.90 24.83 30.54
CA PHE C 340 44.53 24.84 31.05
C PHE C 340 44.24 23.57 31.84
N LYS C 341 43.55 23.75 32.95
CA LYS C 341 43.04 22.64 33.73
C LYS C 341 41.62 22.35 33.22
N GLN C 342 41.39 21.12 32.79
CA GLN C 342 40.15 20.71 32.18
C GLN C 342 39.40 19.78 33.13
N ILE C 343 38.14 20.13 33.40
CA ILE C 343 37.23 19.22 34.09
C ILE C 343 36.19 18.79 33.07
N TRP C 344 36.17 17.49 32.76
CA TRP C 344 35.26 16.97 31.75
C TRP C 344 33.86 16.78 32.34
N SER C 345 33.30 17.89 32.81
CA SER C 345 31.98 17.91 33.42
C SER C 345 31.24 19.14 32.96
N GLU C 346 29.96 18.96 32.65
CA GLU C 346 29.11 20.08 32.31
C GLU C 346 28.52 20.73 33.55
N ILE C 347 29.01 20.41 34.74
CA ILE C 347 28.38 20.80 35.99
C ILE C 347 29.26 21.88 36.64
N PRO C 348 28.72 22.81 37.43
CA PRO C 348 29.61 23.82 38.04
C PRO C 348 30.69 23.18 38.90
N GLU C 349 31.89 23.75 38.81
CA GLU C 349 33.04 23.25 39.56
C GLU C 349 32.78 23.28 41.06
N LYS C 350 31.91 24.17 41.53
CA LYS C 350 31.58 24.27 42.95
C LYS C 350 30.78 23.08 43.47
N ASP C 351 30.17 22.29 42.59
CA ASP C 351 29.27 21.23 43.03
C ASP C 351 30.01 20.20 43.91
N ALA C 352 29.38 19.85 45.03
CA ALA C 352 30.01 18.94 45.98
C ALA C 352 30.24 17.57 45.37
N ASP C 353 29.25 17.07 44.62
CA ASP C 353 29.39 15.75 44.00
C ASP C 353 30.55 15.71 43.02
N LEU C 354 30.75 16.79 42.27
CA LEU C 354 31.84 16.84 41.30
C LEU C 354 33.22 16.85 41.98
N GLN C 355 33.40 17.71 42.98
CA GLN C 355 34.66 17.70 43.73
C GLN C 355 34.90 16.36 44.42
N LEU C 356 33.84 15.76 44.95
CA LEU C 356 33.98 14.43 45.55
C LEU C 356 34.47 13.43 44.52
N ALA C 357 33.88 13.44 43.33
CA ALA C 357 34.33 12.53 42.27
C ALA C 357 35.78 12.80 41.86
N ILE C 358 36.17 14.07 41.80
CA ILE C 358 37.55 14.41 41.44
C ILE C 358 38.52 13.85 42.48
N GLN C 359 38.17 14.01 43.76
CA GLN C 359 39.00 13.43 44.82
C GLN C 359 39.06 11.91 44.71
N LYS C 360 37.91 11.27 44.48
CA LYS C 360 37.88 9.82 44.33
C LYS C 360 38.75 9.37 43.17
N GLU C 361 38.77 10.15 42.08
CA GLU C 361 39.60 9.82 40.94
C GLU C 361 41.08 9.93 41.31
N ALA C 362 41.45 10.95 42.07
CA ALA C 362 42.83 11.06 42.54
C ALA C 362 43.23 9.85 43.40
N GLU C 363 42.24 9.12 43.93
CA GLU C 363 42.49 7.91 44.73
C GLU C 363 42.33 6.63 43.93
N GLY C 364 41.97 6.72 42.65
CA GLY C 364 41.84 5.56 41.80
C GLY C 364 40.45 5.01 41.57
N GLU C 365 39.40 5.72 42.01
CA GLU C 365 38.05 5.19 41.83
C GLU C 365 37.44 5.68 40.52
N ASP C 366 36.58 4.83 39.95
CA ASP C 366 35.97 5.11 38.66
C ASP C 366 34.84 6.12 38.80
N TYR C 367 34.79 7.07 37.87
CA TYR C 367 33.75 8.10 37.86
C TYR C 367 32.69 7.86 36.80
N SER C 368 32.77 6.76 36.06
CA SER C 368 31.83 6.57 34.95
C SER C 368 30.39 6.51 35.46
N ASN C 369 30.19 6.09 36.70
CA ASN C 369 28.85 5.99 37.27
C ASN C 369 28.40 7.29 37.93
N LEU C 370 29.17 8.37 37.80
CA LEU C 370 28.81 9.63 38.46
C LEU C 370 27.48 10.18 37.95
N GLY C 371 27.06 9.75 36.76
CA GLY C 371 25.83 10.20 36.14
C GLY C 371 26.09 10.63 34.71
N TYR C 372 25.61 9.85 33.76
CA TYR C 372 25.89 10.14 32.35
C TYR C 372 25.40 11.51 31.91
N TRP C 373 24.53 12.16 32.69
CA TRP C 373 24.03 13.48 32.32
C TRP C 373 24.91 14.62 32.82
N ARG C 374 26.05 14.31 33.43
CA ARG C 374 26.90 15.35 34.00
C ARG C 374 28.38 15.14 33.72
N ILE C 375 28.76 14.12 32.94
CA ILE C 375 30.15 13.88 32.59
C ILE C 375 30.25 13.66 31.09
N THR C 376 31.40 14.06 30.54
CA THR C 376 31.82 13.59 29.24
C THR C 376 32.49 12.24 29.45
N LYS C 377 31.99 11.20 28.80
CA LYS C 377 32.46 9.85 29.08
C LYS C 377 33.96 9.73 28.84
N LYS C 378 34.56 8.74 29.48
CA LYS C 378 35.99 8.54 29.33
C LYS C 378 36.27 8.04 27.92
N MET C 379 37.41 8.46 27.37
CA MET C 379 37.82 8.02 26.05
C MET C 379 39.05 7.15 26.18
N CYS C 380 39.18 6.21 25.28
CA CYS C 380 40.23 5.22 25.46
C CYS C 380 41.50 5.62 24.73
N PRO C 381 42.63 5.67 25.42
CA PRO C 381 43.91 5.83 24.73
C PRO C 381 44.33 4.51 24.10
N ILE C 382 44.79 4.57 22.86
CA ILE C 382 45.26 3.40 22.13
C ILE C 382 46.75 3.56 21.89
N ILE C 383 47.52 2.55 22.24
CA ILE C 383 48.98 2.63 22.29
C ILE C 383 49.51 1.75 21.18
N SER C 384 50.14 2.37 20.18
CA SER C 384 50.54 1.63 18.99
C SER C 384 51.76 2.27 18.37
N GLY C 385 52.51 1.45 17.61
CA GLY C 385 53.63 1.94 16.84
C GLY C 385 54.99 1.43 17.31
N GLY C 386 55.49 0.38 16.67
CA GLY C 386 56.82 -0.09 17.01
C GLY C 386 56.93 -0.76 18.36
N LEU C 387 55.80 -1.19 18.93
CA LEU C 387 55.83 -1.82 20.24
C LEU C 387 56.06 -3.31 20.10
N ASN C 388 56.69 -3.90 21.12
CA ASN C 388 56.95 -5.32 21.18
C ASN C 388 56.92 -5.73 22.63
N PRO C 389 56.85 -7.05 22.93
CA PRO C 389 56.66 -7.48 24.33
C PRO C 389 57.67 -6.89 25.31
N LEU C 390 58.84 -6.48 24.83
CA LEU C 390 59.85 -5.99 25.75
C LEU C 390 59.50 -4.61 26.29
N LEU C 391 58.63 -3.87 25.61
CA LEU C 391 58.38 -2.46 25.90
C LEU C 391 57.06 -2.19 26.62
N ILE C 392 56.15 -3.16 26.64
CA ILE C 392 54.81 -2.91 27.19
C ILE C 392 54.88 -2.53 28.66
N GLY C 393 55.68 -3.25 29.44
CA GLY C 393 55.80 -2.93 30.85
C GLY C 393 56.31 -1.53 31.08
N LYS C 394 57.37 -1.16 30.36
CA LYS C 394 57.90 0.20 30.46
C LYS C 394 56.83 1.22 30.12
N PHE C 395 55.98 0.93 29.12
CA PHE C 395 54.92 1.88 28.82
C PHE C 395 53.94 2.01 29.98
N ILE C 396 53.49 0.87 30.51
CA ILE C 396 52.56 0.90 31.66
C ILE C 396 53.15 1.72 32.78
N ASP C 397 54.45 1.55 33.03
CA ASP C 397 55.13 2.33 34.05
C ASP C 397 55.10 3.82 33.72
N THR C 398 55.28 4.17 32.44
CA THR C 398 55.36 5.57 32.06
C THR C 398 53.99 6.26 32.12
N VAL C 399 52.93 5.56 31.71
CA VAL C 399 51.62 6.21 31.61
C VAL C 399 50.94 6.24 32.98
N GLY C 400 51.23 5.28 33.85
CA GLY C 400 50.65 5.27 35.18
C GLY C 400 49.24 4.75 35.26
N THR C 401 48.83 3.91 34.32
CA THR C 401 47.51 3.32 34.35
C THR C 401 47.52 2.07 33.49
N GLN C 402 46.41 1.34 33.52
CA GLN C 402 46.19 0.16 32.68
C GLN C 402 44.93 0.27 31.85
N ASP C 403 44.25 1.42 31.88
CA ASP C 403 43.06 1.66 31.05
C ASP C 403 43.51 2.05 29.64
N PHE C 404 43.93 1.05 28.86
CA PHE C 404 44.27 1.34 27.48
C PHE C 404 44.29 0.07 26.66
N ILE C 405 44.27 0.26 25.34
CA ILE C 405 44.44 -0.79 24.36
C ILE C 405 45.82 -0.63 23.75
N THR C 406 46.64 -1.67 23.82
CA THR C 406 47.88 -1.70 23.06
C THR C 406 47.63 -2.52 21.80
N THR C 407 48.15 -2.04 20.68
CA THR C 407 48.08 -2.80 19.43
C THR C 407 49.48 -2.89 18.86
N MET C 408 49.87 -4.11 18.48
CA MET C 408 51.22 -4.39 18.03
C MET C 408 51.15 -5.12 16.70
N GLY C 409 51.85 -4.59 15.69
CA GLY C 409 51.85 -5.21 14.38
C GLY C 409 53.05 -6.10 14.17
N ALA C 410 54.20 -5.50 13.84
CA ALA C 410 55.40 -6.30 13.70
C ALA C 410 55.86 -6.82 15.06
N GLY C 411 55.50 -6.13 16.14
CA GLY C 411 55.78 -6.63 17.48
C GLY C 411 55.16 -7.97 17.77
N VAL C 412 54.24 -8.45 16.92
CA VAL C 412 53.63 -9.76 17.05
C VAL C 412 53.89 -10.63 15.83
N HIS C 413 53.61 -10.10 14.63
CA HIS C 413 53.62 -10.94 13.44
C HIS C 413 55.02 -11.22 12.91
N SER C 414 56.04 -10.55 13.44
CA SER C 414 57.43 -10.84 13.10
C SER C 414 58.12 -11.70 14.15
N HIS C 415 57.39 -12.16 15.17
CA HIS C 415 57.97 -13.05 16.17
C HIS C 415 58.47 -14.30 15.47
N PRO C 416 59.72 -14.71 15.69
CA PRO C 416 60.28 -15.81 14.88
C PRO C 416 59.43 -17.06 14.89
N MET C 417 58.63 -17.27 15.93
CA MET C 417 57.82 -18.47 16.09
C MET C 417 56.38 -18.31 15.62
N GLY C 418 56.04 -17.17 15.04
CA GLY C 418 54.72 -16.96 14.47
C GLY C 418 53.85 -16.06 15.33
N THR C 419 52.65 -15.80 14.79
CA THR C 419 51.72 -14.84 15.40
C THR C 419 51.23 -15.31 16.76
N LYS C 420 50.74 -16.56 16.84
CA LYS C 420 50.27 -17.07 18.13
C LYS C 420 51.34 -16.92 19.19
N ALA C 421 52.58 -17.24 18.82
CA ALA C 421 53.69 -17.07 19.76
C ALA C 421 53.89 -15.60 20.10
N GLY C 422 53.73 -14.69 19.13
CA GLY C 422 53.87 -13.28 19.43
C GLY C 422 52.85 -12.79 20.46
N ALA C 423 51.59 -13.22 20.30
CA ALA C 423 50.56 -12.84 21.27
C ALA C 423 50.85 -13.44 22.64
N THR C 424 51.21 -14.73 22.69
CA THR C 424 51.58 -15.34 23.96
C THR C 424 52.77 -14.62 24.59
N ALA C 425 53.69 -14.11 23.75
CA ALA C 425 54.85 -13.40 24.26
C ALA C 425 54.43 -12.09 24.89
N VAL C 426 53.44 -11.40 24.30
CA VAL C 426 52.94 -10.17 24.91
C VAL C 426 52.31 -10.47 26.26
N LEU C 427 51.51 -11.53 26.33
CA LEU C 427 50.88 -11.90 27.60
C LEU C 427 51.91 -12.28 28.65
N GLN C 428 52.95 -12.99 28.26
CA GLN C 428 53.99 -13.39 29.21
C GLN C 428 54.78 -12.18 29.70
N ALA C 429 55.03 -11.21 28.81
CA ALA C 429 55.72 -10.00 29.23
C ALA C 429 54.86 -9.21 30.21
N TYR C 430 53.55 -9.20 29.98
CA TYR C 430 52.69 -8.52 30.94
C TYR C 430 52.72 -9.22 32.29
N GLU C 431 52.65 -10.56 32.31
CA GLU C 431 52.73 -11.27 33.59
C GLU C 431 54.05 -11.00 34.31
N ALA C 432 55.17 -10.96 33.58
CA ALA C 432 56.44 -10.62 34.21
C ALA C 432 56.36 -9.23 34.83
N TRP C 433 55.75 -8.28 34.12
CA TRP C 433 55.60 -6.94 34.69
C TRP C 433 54.72 -6.98 35.94
N LYS C 434 53.64 -7.75 35.89
CA LYS C 434 52.66 -7.74 36.97
C LYS C 434 53.22 -8.36 38.25
N GLN C 435 54.10 -9.35 38.12
CA GLN C 435 54.66 -10.00 39.29
C GLN C 435 55.98 -9.39 39.72
N LYS C 436 56.38 -8.28 39.08
CA LYS C 436 57.64 -7.58 39.37
C LYS C 436 58.86 -8.47 39.14
N ILE C 437 58.77 -9.35 38.13
CA ILE C 437 59.86 -10.21 37.71
C ILE C 437 60.42 -9.64 36.41
N SER C 438 61.76 -9.64 36.28
CA SER C 438 62.38 -9.17 35.06
C SER C 438 62.02 -10.08 33.90
N LEU C 439 62.01 -9.50 32.69
CA LEU C 439 61.67 -10.28 31.50
C LEU C 439 62.68 -11.41 31.29
N GLU C 440 63.95 -11.18 31.62
CA GLU C 440 64.95 -12.23 31.47
C GLU C 440 64.66 -13.40 32.42
N ASP C 441 64.37 -13.09 33.67
CA ASP C 441 64.09 -14.14 34.64
C ASP C 441 62.83 -14.90 34.26
N TYR C 442 61.75 -14.18 33.93
CA TYR C 442 60.50 -14.83 33.58
C TYR C 442 60.65 -15.68 32.32
N ALA C 443 61.44 -15.23 31.35
CA ALA C 443 61.57 -15.94 30.09
C ALA C 443 62.37 -17.24 30.21
N LYS C 444 63.00 -17.50 31.36
CA LYS C 444 63.78 -18.72 31.52
C LYS C 444 62.97 -19.96 31.19
N ASP C 445 61.70 -19.98 31.56
CA ASP C 445 60.81 -21.11 31.28
C ASP C 445 59.60 -20.69 30.44
N LYS C 446 59.73 -19.58 29.71
CA LYS C 446 58.75 -19.11 28.74
C LYS C 446 59.47 -18.97 27.42
N GLU C 447 59.21 -19.90 26.49
CA GLU C 447 59.98 -19.92 25.24
C GLU C 447 59.65 -18.72 24.37
N GLU C 448 58.37 -18.38 24.25
CA GLU C 448 57.95 -17.29 23.38
C GLU C 448 58.60 -15.98 23.80
N LEU C 449 58.53 -15.66 25.09
CA LEU C 449 59.15 -14.43 25.57
C LEU C 449 60.67 -14.45 25.35
N ARG C 450 61.30 -15.62 25.52
CA ARG C 450 62.73 -15.71 25.27
C ARG C 450 63.05 -15.37 23.80
N ALA C 451 62.23 -15.89 22.89
CA ALA C 451 62.45 -15.62 21.47
C ALA C 451 62.20 -14.15 21.16
N ALA C 452 61.21 -13.56 21.82
CA ALA C 452 60.95 -12.13 21.66
C ALA C 452 62.14 -11.31 22.15
N ILE C 453 62.75 -11.74 23.24
CA ILE C 453 63.93 -11.08 23.77
C ILE C 453 65.05 -11.11 22.74
N GLN C 454 65.28 -12.28 22.15
CA GLN C 454 66.36 -12.41 21.18
C GLN C 454 66.09 -11.59 19.92
N PHE C 455 64.84 -11.61 19.44
CA PHE C 455 64.51 -10.98 18.16
C PHE C 455 64.42 -9.47 18.28
N TYR C 456 63.82 -8.96 19.34
CA TYR C 456 63.51 -7.55 19.48
C TYR C 456 64.62 -6.71 20.12
N ASP C 457 65.67 -7.33 20.66
CA ASP C 457 66.84 -6.56 21.10
C ASP C 457 67.75 -6.19 19.94
N MET D 1 -50.38 -45.98 -11.63
CA MET D 1 -50.87 -44.65 -12.00
C MET D 1 -50.74 -43.64 -10.85
N GLN D 2 -50.23 -42.43 -11.16
CA GLN D 2 -50.11 -41.33 -10.19
C GLN D 2 -51.11 -40.24 -10.57
N LYS D 3 -52.24 -40.21 -9.85
CA LYS D 3 -53.39 -39.40 -10.24
C LYS D 3 -53.13 -37.90 -10.17
N GLU D 4 -52.16 -37.45 -9.38
CA GLU D 4 -51.88 -36.03 -9.15
C GLU D 4 -51.25 -35.28 -10.33
N TYR D 5 -50.76 -35.94 -11.38
CA TYR D 5 -50.08 -35.23 -12.46
C TYR D 5 -50.87 -35.12 -13.76
N ILE D 6 -52.13 -35.56 -13.80
CA ILE D 6 -52.94 -35.49 -15.02
C ILE D 6 -54.05 -34.47 -14.81
N GLN D 7 -54.03 -33.40 -15.60
CA GLN D 7 -55.11 -32.43 -15.63
C GLN D 7 -55.34 -32.11 -17.11
N ILE D 8 -55.86 -33.12 -17.82
CA ILE D 8 -56.09 -32.97 -19.24
C ILE D 8 -57.08 -31.84 -19.47
N GLY D 9 -56.76 -30.98 -20.44
CA GLY D 9 -57.62 -29.86 -20.75
C GLY D 9 -57.52 -28.72 -19.77
N ASN D 10 -56.54 -28.72 -18.88
CA ASN D 10 -56.39 -27.63 -17.92
C ASN D 10 -56.16 -26.33 -18.68
N PRO D 11 -57.05 -25.34 -18.54
CA PRO D 11 -56.86 -24.07 -19.25
C PRO D 11 -55.81 -23.17 -18.63
N ASN D 12 -55.24 -23.56 -17.48
CA ASN D 12 -54.25 -22.75 -16.78
C ASN D 12 -52.84 -22.93 -17.33
N VAL D 13 -52.64 -23.88 -18.25
CA VAL D 13 -51.30 -24.12 -18.77
C VAL D 13 -50.85 -23.06 -19.76
N PHE D 14 -51.78 -22.25 -20.28
CA PHE D 14 -51.48 -21.19 -21.23
C PHE D 14 -51.43 -19.82 -20.58
N ASN D 15 -51.27 -19.75 -19.26
CA ASN D 15 -51.31 -18.48 -18.56
C ASN D 15 -49.94 -17.86 -18.37
N GLY D 16 -48.90 -18.38 -19.03
CA GLY D 16 -47.58 -17.80 -19.02
C GLY D 16 -46.67 -18.24 -17.90
N GLN D 17 -47.20 -18.97 -16.93
CA GLN D 17 -46.39 -19.49 -15.84
C GLN D 17 -45.78 -20.84 -16.15
N TYR D 18 -46.06 -21.43 -17.31
CA TYR D 18 -45.61 -22.77 -17.64
C TYR D 18 -44.83 -22.77 -18.95
N MET D 19 -43.71 -23.48 -18.93
CA MET D 19 -43.05 -23.92 -20.15
C MET D 19 -43.71 -25.21 -20.63
N LEU D 20 -44.00 -25.29 -21.91
CA LEU D 20 -44.74 -26.41 -22.46
C LEU D 20 -43.82 -27.35 -23.23
N ALA D 21 -44.17 -28.63 -23.26
CA ALA D 21 -43.36 -29.60 -23.99
C ALA D 21 -44.24 -30.72 -24.53
N VAL D 22 -43.84 -31.27 -25.67
CA VAL D 22 -44.48 -32.44 -26.27
C VAL D 22 -43.48 -33.58 -26.25
N PHE D 23 -43.90 -34.71 -25.70
CA PHE D 23 -43.12 -35.94 -25.67
C PHE D 23 -43.81 -36.99 -26.55
N ARG D 24 -43.00 -37.83 -27.17
CA ARG D 24 -43.43 -39.09 -27.75
C ARG D 24 -43.10 -40.22 -26.78
N LEU D 25 -44.13 -40.88 -26.23
CA LEU D 25 -43.98 -41.82 -25.13
C LEU D 25 -44.44 -43.22 -25.52
N GLN D 26 -43.72 -44.20 -25.00
CA GLN D 26 -44.08 -45.62 -25.09
C GLN D 26 -43.63 -46.27 -23.79
N GLY D 27 -44.62 -46.70 -22.99
CA GLY D 27 -44.34 -47.39 -21.75
C GLY D 27 -44.19 -48.89 -21.96
N GLU D 28 -43.79 -49.58 -20.90
CA GLU D 28 -43.63 -51.03 -20.99
C GLU D 28 -44.97 -51.67 -21.30
N GLU D 29 -44.93 -52.90 -21.83
CA GLU D 29 -46.16 -53.55 -22.24
C GLU D 29 -47.09 -53.72 -21.05
N GLY D 30 -48.29 -53.16 -21.16
CA GLY D 30 -49.24 -53.13 -20.07
C GLY D 30 -49.47 -51.74 -19.54
N MET D 31 -48.57 -50.80 -19.85
CA MET D 31 -48.74 -49.43 -19.44
C MET D 31 -49.46 -48.67 -20.54
N THR D 32 -50.56 -48.01 -20.18
CA THR D 32 -51.16 -47.10 -21.13
C THR D 32 -50.30 -45.85 -21.28
N LEU D 33 -50.55 -45.12 -22.36
CA LEU D 33 -49.76 -43.92 -22.65
C LEU D 33 -50.01 -42.81 -21.64
N VAL D 34 -51.26 -42.65 -21.19
CA VAL D 34 -51.52 -41.62 -20.19
C VAL D 34 -50.84 -41.98 -18.87
N ASP D 35 -50.67 -43.27 -18.56
CA ASP D 35 -49.91 -43.58 -17.36
C ASP D 35 -48.43 -43.21 -17.52
N THR D 36 -47.83 -43.61 -18.64
CA THR D 36 -46.45 -43.24 -18.91
C THR D 36 -46.29 -41.73 -18.80
N ALA D 37 -47.31 -40.98 -19.21
CA ALA D 37 -47.26 -39.53 -19.05
C ALA D 37 -47.28 -39.13 -17.59
N SER D 38 -48.07 -39.84 -16.77
CA SER D 38 -48.11 -39.56 -15.35
C SER D 38 -46.75 -39.76 -14.69
N GLU D 39 -46.10 -40.88 -15.02
CA GLU D 39 -44.81 -41.19 -14.41
C GLU D 39 -43.72 -40.23 -14.89
N VAL D 40 -43.76 -39.85 -16.17
CA VAL D 40 -42.77 -38.92 -16.69
C VAL D 40 -42.97 -37.54 -16.10
N ALA D 41 -44.22 -37.07 -16.02
CA ALA D 41 -44.49 -35.80 -15.37
C ALA D 41 -44.05 -35.81 -13.92
N ALA D 42 -44.18 -36.97 -13.25
CA ALA D 42 -43.75 -37.06 -11.86
C ALA D 42 -42.25 -36.95 -11.74
N GLU D 43 -41.51 -37.72 -12.53
CA GLU D 43 -40.05 -37.73 -12.43
C GLU D 43 -39.41 -36.50 -13.06
N SER D 44 -40.17 -35.67 -13.77
CA SER D 44 -39.65 -34.46 -14.40
C SER D 44 -40.12 -33.19 -13.72
N SER D 45 -40.70 -33.29 -12.53
CA SER D 45 -41.04 -32.09 -11.76
C SER D 45 -40.88 -32.35 -10.27
N THR D 46 -41.92 -32.90 -9.63
CA THR D 46 -41.98 -32.93 -8.18
C THR D 46 -41.99 -34.33 -7.59
N GLY D 47 -42.14 -35.37 -8.39
CA GLY D 47 -42.41 -36.69 -7.83
C GLY D 47 -41.35 -37.73 -8.11
N SER D 48 -41.76 -38.99 -7.97
CA SER D 48 -40.88 -40.13 -8.22
C SER D 48 -41.75 -41.29 -8.71
N PHE D 49 -41.28 -42.52 -8.50
CA PHE D 49 -41.98 -43.70 -8.97
C PHE D 49 -43.25 -44.01 -8.17
N VAL D 50 -43.44 -43.33 -7.05
CA VAL D 50 -44.64 -43.47 -6.23
C VAL D 50 -44.97 -42.08 -5.71
N LYS D 51 -46.23 -41.91 -5.32
CA LYS D 51 -46.69 -40.68 -4.69
C LYS D 51 -45.77 -40.30 -3.54
N ILE D 52 -45.40 -39.03 -3.46
CA ILE D 52 -44.46 -38.55 -2.45
C ILE D 52 -45.26 -38.22 -1.19
N GLY D 53 -44.97 -38.95 -0.11
CA GLY D 53 -45.70 -38.76 1.13
C GLY D 53 -45.45 -37.43 1.81
N THR D 54 -44.34 -36.77 1.50
CA THR D 54 -43.99 -35.48 2.09
C THR D 54 -44.42 -34.29 1.24
N ALA D 55 -45.20 -34.50 0.19
CA ALA D 55 -45.58 -33.37 -0.65
C ALA D 55 -46.35 -32.34 0.17
N THR D 56 -46.14 -31.08 -0.13
CA THR D 56 -46.92 -30.04 0.51
C THR D 56 -47.87 -29.43 -0.52
N ALA D 57 -48.87 -28.72 -0.03
CA ALA D 57 -49.79 -28.02 -0.91
C ALA D 57 -49.04 -27.11 -1.87
N PHE D 58 -48.05 -26.39 -1.34
CA PHE D 58 -47.17 -25.56 -2.17
C PHE D 58 -46.50 -26.39 -3.25
N SER D 59 -45.86 -27.51 -2.88
CA SER D 59 -45.15 -28.30 -3.87
C SER D 59 -46.09 -28.94 -4.87
N GLU D 60 -47.28 -29.36 -4.42
CA GLU D 60 -48.24 -29.90 -5.37
C GLU D 60 -48.76 -28.82 -6.31
N SER D 61 -48.73 -27.55 -5.90
CA SER D 61 -49.07 -26.48 -6.84
C SER D 61 -48.01 -26.30 -7.93
N LEU D 62 -46.79 -26.81 -7.73
CA LEU D 62 -45.75 -26.75 -8.75
C LEU D 62 -45.55 -28.09 -9.46
N ASP D 63 -46.54 -28.98 -9.41
CA ASP D 63 -46.43 -30.25 -10.12
C ASP D 63 -46.46 -29.99 -11.63
N ALA D 64 -45.81 -30.86 -12.39
CA ALA D 64 -46.00 -30.85 -13.83
C ALA D 64 -47.38 -31.41 -14.17
N LEU D 65 -47.97 -30.86 -15.23
CA LEU D 65 -49.35 -31.18 -15.61
C LEU D 65 -49.33 -31.79 -16.99
N VAL D 66 -49.81 -33.02 -17.10
CA VAL D 66 -50.13 -33.62 -18.39
C VAL D 66 -51.50 -33.08 -18.79
N TYR D 67 -51.55 -32.21 -19.79
CA TYR D 67 -52.77 -31.48 -20.11
C TYR D 67 -53.39 -31.82 -21.47
N ARG D 68 -52.72 -32.59 -22.32
CA ARG D 68 -53.28 -33.00 -23.60
C ARG D 68 -52.60 -34.30 -24.03
N ILE D 69 -53.37 -35.17 -24.70
CA ILE D 69 -52.91 -36.49 -25.14
C ILE D 69 -53.33 -36.76 -26.58
N ASP D 70 -52.46 -37.47 -27.30
CA ASP D 70 -52.67 -38.00 -28.64
C ASP D 70 -52.38 -39.49 -28.65
N GLU D 71 -53.43 -40.29 -28.56
CA GLU D 71 -53.23 -41.74 -28.46
C GLU D 71 -52.70 -42.37 -29.74
N LYS D 72 -53.15 -41.88 -30.90
CA LYS D 72 -52.82 -42.55 -32.14
C LYS D 72 -51.34 -42.43 -32.50
N ASN D 73 -50.74 -41.27 -32.29
CA ASN D 73 -49.33 -41.05 -32.64
C ASN D 73 -48.41 -41.05 -31.44
N ASN D 74 -48.92 -41.46 -30.27
CA ASN D 74 -48.12 -41.55 -29.04
C ASN D 74 -47.55 -40.20 -28.60
N LEU D 75 -48.40 -39.17 -28.54
CA LEU D 75 -47.95 -37.84 -28.17
C LEU D 75 -48.54 -37.40 -26.83
N VAL D 76 -47.79 -36.61 -26.07
CA VAL D 76 -48.20 -36.13 -24.75
C VAL D 76 -47.74 -34.69 -24.55
N TRP D 77 -48.65 -33.83 -24.06
CA TRP D 77 -48.36 -32.45 -23.75
C TRP D 77 -48.21 -32.31 -22.23
N ILE D 78 -47.05 -31.85 -21.78
CA ILE D 78 -46.78 -31.65 -20.37
C ILE D 78 -46.41 -30.19 -20.14
N ALA D 79 -46.91 -29.63 -19.04
CA ALA D 79 -46.64 -28.24 -18.67
C ALA D 79 -45.82 -28.20 -17.39
N TYR D 80 -44.74 -27.41 -17.39
CA TYR D 80 -43.83 -27.28 -16.27
C TYR D 80 -43.87 -25.86 -15.73
N PRO D 81 -44.29 -25.62 -14.47
CA PRO D 81 -44.21 -24.25 -13.93
C PRO D 81 -42.77 -23.77 -13.91
N TRP D 82 -42.43 -22.77 -14.74
CA TRP D 82 -41.02 -22.39 -14.80
C TRP D 82 -40.50 -21.81 -13.49
N ARG D 83 -41.36 -21.67 -12.48
CA ARG D 83 -40.89 -21.26 -11.16
C ARG D 83 -40.00 -22.32 -10.52
N ILE D 84 -40.15 -23.59 -10.91
CA ILE D 84 -39.33 -24.67 -10.36
C ILE D 84 -37.92 -24.65 -10.91
N PHE D 85 -37.68 -23.93 -12.00
CA PHE D 85 -36.36 -23.87 -12.61
C PHE D 85 -35.41 -23.02 -11.76
N ASP D 86 -34.14 -23.42 -11.75
CA ASP D 86 -33.10 -22.69 -11.01
C ASP D 86 -33.03 -21.24 -11.49
N ARG D 87 -32.78 -20.33 -10.54
CA ARG D 87 -32.68 -18.92 -10.88
C ARG D 87 -31.38 -18.65 -11.61
N GLY D 88 -31.23 -17.41 -12.05
CA GLY D 88 -30.09 -17.03 -12.88
C GLY D 88 -30.10 -17.62 -14.26
N GLY D 89 -31.28 -17.93 -14.80
CA GLY D 89 -31.37 -18.48 -16.14
C GLY D 89 -30.60 -19.76 -16.35
N ASN D 90 -30.67 -20.70 -15.40
CA ASN D 90 -29.91 -21.94 -15.49
C ASN D 90 -30.58 -22.89 -16.47
N VAL D 91 -29.90 -23.16 -17.59
CA VAL D 91 -30.45 -24.00 -18.65
C VAL D 91 -30.17 -25.46 -18.38
N GLN D 92 -28.98 -25.76 -17.87
CA GLN D 92 -28.67 -27.12 -17.45
C GLN D 92 -29.70 -27.65 -16.44
N ASN D 93 -30.28 -26.75 -15.64
CA ASN D 93 -31.28 -27.18 -14.67
C ASN D 93 -32.58 -27.57 -15.36
N ILE D 94 -33.00 -26.78 -16.36
CA ILE D 94 -34.14 -27.18 -17.18
C ILE D 94 -33.90 -28.55 -17.79
N MET D 95 -32.72 -28.74 -18.38
CA MET D 95 -32.42 -30.01 -19.03
C MET D 95 -32.37 -31.16 -18.04
N THR D 96 -31.98 -30.91 -16.78
CA THR D 96 -32.01 -31.98 -15.78
C THR D 96 -33.45 -32.37 -15.45
N PHE D 97 -34.32 -31.38 -15.28
CA PHE D 97 -35.74 -31.67 -15.09
C PHE D 97 -36.31 -32.50 -16.23
N ILE D 98 -36.30 -31.93 -17.44
CA ILE D 98 -37.10 -32.48 -18.54
C ILE D 98 -36.37 -33.49 -19.42
N ALA D 99 -35.05 -33.48 -19.43
CA ALA D 99 -34.26 -34.37 -20.27
C ALA D 99 -33.22 -35.10 -19.43
N GLY D 100 -33.56 -35.40 -18.18
CA GLY D 100 -32.62 -36.01 -17.26
C GLY D 100 -32.92 -37.46 -16.94
N ASN D 101 -33.40 -37.70 -15.72
CA ASN D 101 -33.60 -39.07 -15.25
C ASN D 101 -34.65 -39.83 -16.05
N VAL D 102 -35.62 -39.12 -16.64
CA VAL D 102 -36.70 -39.78 -17.39
C VAL D 102 -36.16 -40.56 -18.56
N PHE D 103 -34.94 -40.27 -18.99
CA PHE D 103 -34.33 -41.03 -20.07
C PHE D 103 -33.84 -42.39 -19.62
N GLY D 104 -33.80 -42.65 -18.31
CA GLY D 104 -33.28 -43.92 -17.83
C GLY D 104 -34.36 -44.79 -17.23
N MET D 105 -35.59 -44.29 -17.19
CA MET D 105 -36.68 -45.06 -16.61
C MET D 105 -36.92 -46.33 -17.42
N ALA D 106 -36.79 -47.48 -16.75
CA ALA D 106 -36.93 -48.76 -17.42
C ALA D 106 -38.33 -48.95 -17.99
N SER D 107 -39.33 -48.32 -17.38
CA SER D 107 -40.71 -48.52 -17.80
C SER D 107 -41.06 -47.75 -19.07
N VAL D 108 -40.15 -46.96 -19.61
CA VAL D 108 -40.39 -46.19 -20.83
C VAL D 108 -39.43 -46.67 -21.91
N LYS D 109 -40.00 -47.20 -22.99
CA LYS D 109 -39.23 -47.58 -24.17
C LYS D 109 -39.10 -46.44 -25.16
N VAL D 110 -40.00 -45.45 -25.13
CA VAL D 110 -39.87 -44.26 -25.96
C VAL D 110 -40.15 -43.03 -25.11
N CYS D 111 -39.23 -42.06 -25.15
CA CYS D 111 -39.33 -40.82 -24.38
C CYS D 111 -38.63 -39.74 -25.20
N LYS D 112 -39.41 -39.07 -26.04
CA LYS D 112 -38.87 -38.18 -27.07
C LYS D 112 -39.39 -36.74 -26.96
N ILE D 113 -38.51 -35.82 -26.59
CA ILE D 113 -38.97 -34.44 -26.64
C ILE D 113 -38.95 -33.99 -28.10
N LEU D 114 -40.11 -33.58 -28.60
CA LEU D 114 -40.26 -33.19 -29.98
C LEU D 114 -40.41 -31.69 -30.16
N ASP D 115 -40.83 -30.97 -29.13
CA ASP D 115 -40.97 -29.51 -29.19
C ASP D 115 -41.17 -28.96 -27.78
N VAL D 116 -40.87 -27.66 -27.63
CA VAL D 116 -40.94 -26.95 -26.36
C VAL D 116 -41.37 -25.51 -26.65
N TYR D 117 -42.09 -24.90 -25.71
CA TYR D 117 -42.55 -23.52 -25.85
C TYR D 117 -42.05 -22.67 -24.70
N PHE D 118 -41.52 -21.49 -25.02
CA PHE D 118 -41.08 -20.53 -24.01
C PHE D 118 -42.03 -19.34 -23.99
N PRO D 119 -42.79 -19.12 -22.92
CA PRO D 119 -43.66 -17.93 -22.83
C PRO D 119 -42.83 -16.67 -22.60
N PRO D 120 -43.36 -15.50 -22.95
CA PRO D 120 -42.56 -14.26 -22.78
C PRO D 120 -42.11 -13.99 -21.36
N GLN D 121 -42.94 -14.27 -20.36
CA GLN D 121 -42.52 -14.05 -18.98
C GLN D 121 -41.35 -14.94 -18.59
N MET D 122 -41.24 -16.11 -19.23
CA MET D 122 -40.11 -17.00 -18.96
C MET D 122 -38.84 -16.50 -19.62
N LEU D 123 -38.94 -16.05 -20.88
CA LEU D 123 -37.78 -15.56 -21.61
C LEU D 123 -37.06 -14.45 -20.86
N VAL D 124 -37.80 -13.62 -20.11
CA VAL D 124 -37.20 -12.51 -19.38
C VAL D 124 -36.08 -13.00 -18.47
N GLN D 125 -36.18 -14.22 -17.95
CA GLN D 125 -35.24 -14.72 -16.95
C GLN D 125 -33.95 -15.27 -17.55
N TYR D 126 -33.80 -15.28 -18.86
CA TYR D 126 -32.69 -15.94 -19.52
C TYR D 126 -31.92 -14.97 -20.40
N ASP D 127 -30.70 -15.36 -20.76
CA ASP D 127 -29.78 -14.44 -21.43
C ASP D 127 -30.24 -14.11 -22.84
N GLY D 128 -30.43 -15.13 -23.67
CA GLY D 128 -30.54 -14.94 -25.10
C GLY D 128 -29.19 -14.53 -25.64
N PRO D 129 -29.03 -14.58 -26.96
CA PRO D 129 -27.74 -14.21 -27.55
C PRO D 129 -27.44 -12.74 -27.32
N GLU D 130 -26.15 -12.43 -27.44
CA GLU D 130 -25.67 -11.05 -27.36
C GLU D 130 -24.88 -10.62 -28.58
N TYR D 131 -24.00 -11.48 -29.09
CA TYR D 131 -23.30 -11.24 -30.34
C TYR D 131 -23.96 -12.09 -31.42
N THR D 132 -24.41 -11.44 -32.49
CA THR D 132 -25.19 -12.10 -33.52
C THR D 132 -24.42 -12.13 -34.84
N ILE D 133 -25.02 -12.78 -35.84
CA ILE D 133 -24.46 -12.79 -37.18
C ILE D 133 -24.31 -11.38 -37.74
N ASP D 134 -25.22 -10.47 -37.39
CA ASP D 134 -25.15 -9.10 -37.88
C ASP D 134 -23.87 -8.40 -37.40
N ASP D 135 -23.50 -8.63 -36.15
CA ASP D 135 -22.25 -8.07 -35.62
C ASP D 135 -21.04 -8.54 -36.41
N MET D 136 -20.99 -9.83 -36.72
CA MET D 136 -19.91 -10.37 -37.53
C MET D 136 -19.94 -9.80 -38.94
N ARG D 137 -21.14 -9.64 -39.52
CA ARG D 137 -21.26 -8.99 -40.82
C ARG D 137 -20.65 -7.59 -40.82
N LYS D 138 -20.99 -6.79 -39.80
CA LYS D 138 -20.38 -5.48 -39.67
C LYS D 138 -18.86 -5.58 -39.66
N TYR D 139 -18.30 -6.49 -38.85
CA TYR D 139 -16.85 -6.61 -38.81
C TYR D 139 -16.29 -7.04 -40.17
N LEU D 140 -16.92 -8.03 -40.80
CA LEU D 140 -16.44 -8.57 -42.06
C LEU D 140 -16.72 -7.65 -43.23
N ASN D 141 -17.64 -6.68 -43.07
CA ASN D 141 -18.03 -5.76 -44.12
C ASN D 141 -18.58 -6.49 -45.34
N ILE D 142 -19.37 -7.53 -45.10
CA ILE D 142 -20.10 -8.24 -46.15
C ILE D 142 -21.58 -8.28 -45.77
N GLN D 143 -22.43 -7.92 -46.72
CA GLN D 143 -23.86 -7.89 -46.49
C GLN D 143 -24.57 -8.86 -47.42
N GLU D 144 -25.75 -9.34 -46.97
CA GLU D 144 -26.66 -10.14 -47.78
C GLU D 144 -26.22 -11.58 -47.95
N ARG D 145 -25.03 -11.76 -48.50
CA ARG D 145 -24.57 -13.09 -48.87
C ARG D 145 -24.17 -13.90 -47.63
N PRO D 146 -24.16 -15.22 -47.72
CA PRO D 146 -23.76 -16.06 -46.59
C PRO D 146 -22.29 -15.88 -46.24
N ILE D 147 -21.93 -16.21 -45.00
CA ILE D 147 -20.54 -16.21 -44.55
C ILE D 147 -19.91 -17.56 -44.89
N PHE D 148 -18.86 -17.52 -45.71
CA PHE D 148 -18.24 -18.73 -46.24
C PHE D 148 -17.02 -19.09 -45.39
N GLY D 149 -17.03 -20.28 -44.80
CA GLY D 149 -15.97 -20.69 -43.91
C GLY D 149 -15.54 -22.11 -44.15
N SER D 150 -14.46 -22.47 -43.47
CA SER D 150 -13.83 -23.76 -43.58
C SER D 150 -13.48 -24.29 -42.20
N ILE D 151 -13.42 -25.61 -42.12
CA ILE D 151 -12.86 -26.34 -40.99
C ILE D 151 -11.49 -26.81 -41.42
N ILE D 152 -10.46 -26.51 -40.63
CA ILE D 152 -9.12 -26.94 -41.01
C ILE D 152 -9.05 -28.44 -40.90
N LYS D 153 -8.70 -29.11 -42.00
CA LYS D 153 -8.54 -30.56 -41.93
C LYS D 153 -7.11 -30.92 -42.30
N PRO D 154 -6.57 -32.04 -41.79
CA PRO D 154 -7.16 -33.10 -40.96
C PRO D 154 -7.66 -32.66 -39.59
N LYS D 155 -8.63 -33.41 -39.07
CA LYS D 155 -9.24 -33.11 -37.78
C LYS D 155 -8.19 -32.95 -36.68
N ILE D 156 -7.11 -33.71 -36.77
CA ILE D 156 -5.97 -33.59 -35.86
C ILE D 156 -4.72 -34.05 -36.60
N GLY D 157 -3.58 -33.50 -36.22
CA GLY D 157 -2.30 -33.93 -36.75
C GLY D 157 -1.48 -32.85 -37.39
N LEU D 158 -2.01 -31.64 -37.57
CA LEU D 158 -1.22 -30.56 -38.12
C LEU D 158 -0.47 -29.86 -36.99
N THR D 159 0.70 -29.32 -37.32
CA THR D 159 1.36 -28.43 -36.39
C THR D 159 0.70 -27.06 -36.46
N SER D 160 1.04 -26.21 -35.49
CA SER D 160 0.46 -24.87 -35.48
C SER D 160 0.78 -24.11 -36.76
N SER D 161 2.00 -24.28 -37.30
CA SER D 161 2.34 -23.62 -38.55
C SER D 161 1.50 -24.13 -39.72
N GLU D 162 1.42 -25.45 -39.89
CA GLU D 162 0.59 -26.02 -40.95
C GLU D 162 -0.86 -25.56 -40.84
N TYR D 163 -1.39 -25.53 -39.62
CA TYR D 163 -2.75 -25.05 -39.40
C TYR D 163 -2.91 -23.61 -39.87
N ALA D 164 -1.98 -22.73 -39.50
CA ALA D 164 -2.09 -21.35 -39.95
C ALA D 164 -1.95 -21.25 -41.46
N GLU D 165 -1.11 -22.10 -42.07
CA GLU D 165 -0.97 -22.09 -43.53
C GLU D 165 -2.30 -22.37 -44.20
N LEU D 166 -3.03 -23.39 -43.74
CA LEU D 166 -4.33 -23.66 -44.34
C LEU D 166 -5.31 -22.51 -44.08
N CYS D 167 -5.25 -21.89 -42.90
CA CYS D 167 -6.08 -20.71 -42.66
C CYS D 167 -5.81 -19.62 -43.70
N TYR D 168 -4.53 -19.32 -43.92
CA TYR D 168 -4.16 -18.31 -44.91
C TYR D 168 -4.66 -18.70 -46.29
N ASP D 169 -4.41 -19.95 -46.70
CA ASP D 169 -4.79 -20.35 -48.05
C ASP D 169 -6.28 -20.22 -48.26
N PHE D 170 -7.08 -20.56 -47.25
CA PHE D 170 -8.52 -20.44 -47.39
C PHE D 170 -8.95 -18.98 -47.46
N TRP D 171 -8.47 -18.15 -46.54
CA TRP D 171 -8.86 -16.74 -46.54
C TRP D 171 -8.44 -16.06 -47.83
N SER D 172 -7.21 -16.31 -48.29
CA SER D 172 -6.68 -15.70 -49.51
C SER D 172 -7.51 -16.06 -50.74
N GLY D 173 -8.18 -17.21 -50.71
CA GLY D 173 -9.04 -17.60 -51.80
C GLY D 173 -10.45 -17.03 -51.75
N GLY D 174 -10.69 -16.09 -50.85
CA GLY D 174 -11.99 -15.45 -50.73
C GLY D 174 -12.82 -15.94 -49.57
N GLY D 175 -12.35 -16.92 -48.80
CA GLY D 175 -13.11 -17.37 -47.65
C GLY D 175 -13.12 -16.33 -46.54
N ASP D 176 -14.23 -16.29 -45.81
CA ASP D 176 -14.42 -15.30 -44.75
C ASP D 176 -14.13 -15.84 -43.37
N PHE D 177 -14.33 -17.15 -43.15
CA PHE D 177 -14.47 -17.65 -41.80
C PHE D 177 -13.70 -18.95 -41.66
N VAL D 178 -12.90 -19.07 -40.60
CA VAL D 178 -12.23 -20.34 -40.36
C VAL D 178 -12.60 -20.76 -38.95
N KCX D 179 -12.84 -22.05 -38.74
CA KCX D 179 -13.12 -22.54 -37.40
CB KCX D 179 -14.58 -22.96 -37.24
CG KCX D 179 -14.86 -24.20 -38.08
CD KCX D 179 -16.29 -24.69 -37.94
CE KCX D 179 -16.57 -25.30 -36.57
NZ KCX D 179 -15.79 -26.51 -36.33
C KCX D 179 -12.19 -23.70 -37.13
O KCX D 179 -11.80 -24.45 -38.08
CX KCX D 179 -16.32 -27.79 -36.76
OQ1 KCX D 179 -17.46 -27.86 -37.29
OQ2 KCX D 179 -15.64 -28.83 -36.57
N ASN D 180 -11.80 -23.87 -35.87
CA ASN D 180 -11.13 -25.09 -35.45
C ASN D 180 -12.04 -26.27 -35.68
N ASP D 181 -11.48 -27.42 -36.01
CA ASP D 181 -12.26 -28.65 -35.87
C ASP D 181 -12.56 -28.87 -34.39
N GLU D 182 -13.69 -29.52 -34.11
CA GLU D 182 -14.20 -29.53 -32.74
C GLU D 182 -13.22 -30.08 -31.71
N PRO D 183 -12.30 -31.03 -32.01
CA PRO D 183 -11.37 -31.49 -30.96
C PRO D 183 -10.01 -30.80 -30.94
N GLN D 184 -9.72 -29.92 -31.90
CA GLN D 184 -8.42 -29.27 -31.94
C GLN D 184 -8.21 -28.40 -30.71
N ALA D 185 -7.08 -28.59 -30.04
CA ALA D 185 -6.82 -27.84 -28.81
C ALA D 185 -5.32 -27.67 -28.56
N ASP D 186 -4.85 -28.09 -27.39
CA ASP D 186 -3.46 -27.88 -26.99
C ASP D 186 -2.66 -29.17 -27.04
N GLN D 187 -2.73 -29.88 -28.17
CA GLN D 187 -1.89 -31.05 -28.35
C GLN D 187 -0.42 -30.65 -28.40
N ASP D 188 0.46 -31.54 -27.90
CA ASP D 188 1.86 -31.20 -27.77
C ASP D 188 2.48 -30.85 -29.12
N PHE D 189 2.06 -31.54 -30.19
CA PHE D 189 2.58 -31.29 -31.52
C PHE D 189 1.95 -30.07 -32.17
N CYS D 190 0.87 -29.53 -31.61
CA CYS D 190 0.21 -28.34 -32.14
C CYS D 190 -0.04 -27.38 -30.99
N PRO D 191 1.01 -26.74 -30.47
CA PRO D 191 0.87 -25.85 -29.31
C PRO D 191 -0.21 -24.79 -29.52
N TYR D 192 -1.08 -24.64 -28.51
CA TYR D 192 -2.22 -23.75 -28.64
C TYR D 192 -1.79 -22.30 -28.74
N ASP D 193 -0.87 -21.86 -27.88
CA ASP D 193 -0.43 -20.47 -27.93
C ASP D 193 0.19 -20.15 -29.29
N LYS D 194 1.07 -21.03 -29.78
CA LYS D 194 1.67 -20.83 -31.09
C LYS D 194 0.61 -20.87 -32.20
N MET D 195 -0.38 -21.75 -32.09
CA MET D 195 -1.46 -21.78 -33.06
C MET D 195 -2.15 -20.43 -33.14
N VAL D 196 -2.45 -19.82 -31.99
CA VAL D 196 -3.11 -18.53 -31.98
C VAL D 196 -2.22 -17.46 -32.63
N GLN D 197 -0.95 -17.42 -32.25
CA GLN D 197 -0.06 -16.42 -32.82
C GLN D 197 0.06 -16.58 -34.34
N ASP D 198 0.21 -17.82 -34.80
CA ASP D 198 0.35 -18.07 -36.23
C ASP D 198 -0.93 -17.73 -36.99
N VAL D 199 -2.09 -18.02 -36.40
CA VAL D 199 -3.33 -17.60 -37.05
C VAL D 199 -3.40 -16.08 -37.12
N ARG D 200 -2.99 -15.40 -36.06
CA ARG D 200 -2.97 -13.93 -36.11
C ARG D 200 -2.12 -13.43 -37.26
N HIS D 201 -0.90 -13.95 -37.38
CA HIS D 201 -0.03 -13.50 -38.45
C HIS D 201 -0.61 -13.82 -39.82
N ALA D 202 -1.21 -15.01 -39.98
CA ALA D 202 -1.83 -15.37 -41.24
C ALA D 202 -2.96 -14.40 -41.60
N MET D 203 -3.80 -14.06 -40.62
CA MET D 203 -4.86 -13.10 -40.85
C MET D 203 -4.30 -11.74 -41.23
N ASP D 204 -3.21 -11.32 -40.55
CA ASP D 204 -2.57 -10.06 -40.88
C ASP D 204 -2.14 -10.03 -42.33
N ARG D 205 -1.54 -11.14 -42.79
CA ARG D 205 -1.08 -11.20 -44.18
C ARG D 205 -2.24 -11.15 -45.15
N VAL D 206 -3.32 -11.86 -44.85
CA VAL D 206 -4.50 -11.81 -45.72
C VAL D 206 -5.06 -10.40 -45.77
N GLU D 207 -5.17 -9.74 -44.63
CA GLU D 207 -5.70 -8.38 -44.59
C GLU D 207 -4.81 -7.42 -45.38
N GLN D 208 -3.50 -7.58 -45.31
CA GLN D 208 -2.62 -6.73 -46.09
C GLN D 208 -2.82 -6.98 -47.58
N GLU D 209 -2.89 -8.25 -47.98
CA GLU D 209 -2.93 -8.57 -49.41
C GLU D 209 -4.29 -8.24 -50.03
N THR D 210 -5.38 -8.44 -49.30
CA THR D 210 -6.72 -8.26 -49.86
C THR D 210 -7.44 -7.02 -49.37
N GLY D 211 -7.02 -6.43 -48.25
CA GLY D 211 -7.79 -5.33 -47.68
C GLY D 211 -9.09 -5.75 -47.04
N LYS D 212 -9.30 -7.06 -46.87
CA LYS D 212 -10.53 -7.60 -46.32
C LYS D 212 -10.26 -8.18 -44.95
N THR D 213 -11.19 -8.00 -44.02
CA THR D 213 -11.08 -8.63 -42.70
C THR D 213 -11.52 -10.08 -42.75
N LYS D 214 -11.07 -10.85 -41.76
CA LYS D 214 -11.42 -12.26 -41.66
C LYS D 214 -11.78 -12.58 -40.21
N VAL D 215 -12.29 -13.79 -40.00
CA VAL D 215 -12.71 -14.24 -38.66
C VAL D 215 -12.23 -15.67 -38.46
N HIS D 216 -11.73 -15.94 -37.24
CA HIS D 216 -11.35 -17.29 -36.85
C HIS D 216 -12.05 -17.64 -35.56
N SER D 217 -12.78 -18.76 -35.56
CA SER D 217 -13.45 -19.29 -34.40
C SER D 217 -12.52 -20.29 -33.72
N PHE D 218 -12.07 -19.96 -32.51
CA PHE D 218 -11.14 -20.81 -31.76
C PHE D 218 -11.88 -21.77 -30.85
N ASN D 219 -11.44 -23.02 -30.82
CA ASN D 219 -11.96 -23.97 -29.85
C ASN D 219 -11.32 -23.75 -28.49
N ILE D 220 -12.12 -23.34 -27.51
CA ILE D 220 -11.64 -23.16 -26.14
C ILE D 220 -12.11 -24.28 -25.22
N SER D 221 -12.83 -25.27 -25.73
CA SER D 221 -13.14 -26.46 -24.94
C SER D 221 -11.87 -27.02 -24.33
N SER D 222 -11.91 -27.27 -23.02
CA SER D 222 -10.71 -27.61 -22.27
C SER D 222 -11.04 -28.69 -21.25
N SER D 223 -10.03 -29.07 -20.48
CA SER D 223 -10.22 -30.04 -19.41
C SER D 223 -11.04 -29.45 -18.27
N ASP D 224 -10.71 -28.23 -17.87
CA ASP D 224 -11.43 -27.57 -16.78
C ASP D 224 -11.66 -26.10 -17.16
N TYR D 225 -12.35 -25.40 -16.26
CA TYR D 225 -12.82 -24.04 -16.53
C TYR D 225 -11.68 -23.04 -16.59
N ASP D 226 -10.68 -23.18 -15.71
CA ASP D 226 -9.55 -22.25 -15.69
C ASP D 226 -8.77 -22.28 -17.00
N THR D 227 -8.59 -23.47 -17.57
CA THR D 227 -7.87 -23.57 -18.85
C THR D 227 -8.64 -22.90 -19.98
N MET D 228 -9.97 -23.05 -19.99
CA MET D 228 -10.76 -22.38 -21.02
C MET D 228 -10.64 -20.87 -20.91
N ILE D 229 -10.72 -20.34 -19.68
CA ILE D 229 -10.58 -18.90 -19.50
C ILE D 229 -9.20 -18.43 -19.91
N LYS D 230 -8.16 -19.21 -19.59
CA LYS D 230 -6.80 -18.93 -20.05
C LYS D 230 -6.76 -18.79 -21.57
N LYS D 231 -7.34 -19.77 -22.27
CA LYS D 231 -7.33 -19.72 -23.72
C LYS D 231 -8.05 -18.48 -24.25
N ALA D 232 -9.25 -18.22 -23.72
CA ALA D 232 -10.05 -17.09 -24.18
C ALA D 232 -9.33 -15.76 -23.95
N ASP D 233 -8.78 -15.56 -22.75
CA ASP D 233 -8.07 -14.33 -22.45
C ASP D 233 -6.85 -14.16 -23.34
N TYR D 234 -6.14 -15.26 -23.62
CA TYR D 234 -4.99 -15.20 -24.51
C TYR D 234 -5.40 -14.75 -25.91
N ILE D 235 -6.48 -15.35 -26.43
CA ILE D 235 -6.97 -14.95 -27.74
C ILE D 235 -7.35 -13.48 -27.74
N GLN D 236 -8.04 -13.03 -26.68
CA GLN D 236 -8.38 -11.62 -26.58
C GLN D 236 -7.14 -10.75 -26.62
N SER D 237 -6.07 -11.18 -25.98
CA SER D 237 -4.84 -10.40 -25.98
C SER D 237 -4.10 -10.45 -27.31
N MET D 238 -4.38 -11.45 -28.16
CA MET D 238 -3.60 -11.65 -29.38
C MET D 238 -4.34 -11.25 -30.66
N MET D 239 -5.66 -11.24 -30.65
CA MET D 239 -6.48 -10.98 -31.82
C MET D 239 -7.17 -9.63 -31.71
N LYS D 240 -7.35 -8.98 -32.86
CA LYS D 240 -8.07 -7.72 -32.89
C LYS D 240 -9.53 -7.97 -32.56
N PRO D 241 -10.19 -7.04 -31.87
CA PRO D 241 -11.61 -7.23 -31.54
C PRO D 241 -12.43 -7.52 -32.78
N GLY D 242 -13.34 -8.49 -32.67
CA GLY D 242 -14.19 -8.89 -33.77
C GLY D 242 -13.60 -9.92 -34.71
N SER D 243 -12.29 -10.10 -34.71
CA SER D 243 -11.65 -11.03 -35.62
C SER D 243 -11.69 -12.46 -35.13
N TYR D 244 -12.20 -12.71 -33.92
CA TYR D 244 -12.18 -14.04 -33.35
C TYR D 244 -13.53 -14.39 -32.79
N ALA D 245 -13.85 -15.68 -32.84
CA ALA D 245 -15.00 -16.26 -32.19
C ALA D 245 -14.54 -17.38 -31.28
N PHE D 246 -15.37 -17.73 -30.31
CA PHE D 246 -15.06 -18.76 -29.34
C PHE D 246 -15.94 -19.97 -29.59
N LEU D 247 -15.33 -21.10 -29.91
CA LEU D 247 -16.07 -22.33 -30.17
C LEU D 247 -16.08 -23.18 -28.90
N VAL D 248 -17.25 -23.71 -28.55
CA VAL D 248 -17.42 -24.56 -27.38
C VAL D 248 -18.18 -25.81 -27.79
N ASP D 249 -17.61 -26.98 -27.48
CA ASP D 249 -18.27 -28.27 -27.67
C ASP D 249 -19.39 -28.36 -26.63
N GLY D 250 -20.55 -27.79 -26.98
CA GLY D 250 -21.60 -27.60 -25.99
C GLY D 250 -22.02 -28.88 -25.28
N ILE D 251 -22.22 -29.95 -26.05
CA ILE D 251 -22.73 -31.18 -25.46
C ILE D 251 -21.68 -31.83 -24.57
N THR D 252 -20.46 -31.99 -25.07
CA THR D 252 -19.44 -32.67 -24.29
C THR D 252 -18.84 -31.77 -23.20
N ALA D 253 -18.77 -30.46 -23.43
CA ALA D 253 -18.29 -29.58 -22.37
C ALA D 253 -19.38 -29.20 -21.38
N GLY D 254 -20.62 -29.06 -21.84
CA GLY D 254 -21.74 -28.84 -20.97
C GLY D 254 -22.38 -27.47 -21.17
N TRP D 255 -23.68 -27.38 -20.85
CA TRP D 255 -24.40 -26.12 -20.96
C TRP D 255 -23.77 -25.01 -20.13
N MET D 256 -23.17 -25.35 -19.01
CA MET D 256 -22.56 -24.33 -18.17
C MET D 256 -21.39 -23.66 -18.87
N ALA D 257 -20.63 -24.41 -19.67
CA ALA D 257 -19.57 -23.79 -20.45
C ALA D 257 -20.16 -22.77 -21.42
N ILE D 258 -21.25 -23.14 -22.09
CA ILE D 258 -21.92 -22.22 -23.01
C ILE D 258 -22.29 -20.95 -22.28
N GLN D 259 -23.04 -21.07 -21.18
CA GLN D 259 -23.50 -19.88 -20.48
C GLN D 259 -22.33 -19.06 -19.93
N THR D 260 -21.28 -19.75 -19.49
CA THR D 260 -20.15 -19.06 -18.88
C THR D 260 -19.41 -18.21 -19.90
N ILE D 261 -19.16 -18.76 -21.10
CA ILE D 261 -18.51 -17.96 -22.14
C ILE D 261 -19.43 -16.85 -22.62
N ARG D 262 -20.72 -17.15 -22.81
CA ARG D 262 -21.71 -16.13 -23.16
C ARG D 262 -21.67 -14.95 -22.21
N ARG D 263 -21.61 -15.22 -20.91
CA ARG D 263 -21.72 -14.14 -19.94
C ARG D 263 -20.36 -13.48 -19.67
N LYS D 264 -19.25 -14.22 -19.80
CA LYS D 264 -17.93 -13.68 -19.52
C LYS D 264 -17.34 -12.93 -20.71
N TYR D 265 -17.74 -13.30 -21.93
CA TYR D 265 -17.28 -12.64 -23.15
C TYR D 265 -18.48 -12.34 -24.03
N PRO D 266 -19.37 -11.44 -23.57
CA PRO D 266 -20.62 -11.20 -24.32
C PRO D 266 -20.42 -10.51 -25.66
N ASN D 267 -19.30 -9.82 -25.86
CA ASN D 267 -19.05 -9.10 -27.10
C ASN D 267 -18.28 -9.95 -28.11
N VAL D 268 -18.21 -11.26 -27.90
CA VAL D 268 -17.53 -12.17 -28.81
C VAL D 268 -18.54 -13.23 -29.26
N PHE D 269 -18.50 -13.56 -30.55
CA PHE D 269 -19.38 -14.58 -31.11
C PHE D 269 -19.09 -15.93 -30.46
N LEU D 270 -20.12 -16.50 -29.81
CA LEU D 270 -20.03 -17.81 -29.17
C LEU D 270 -20.59 -18.86 -30.13
N HIS D 271 -19.73 -19.78 -30.56
CA HIS D 271 -20.01 -20.80 -31.57
C HIS D 271 -20.27 -22.12 -30.85
N PHE D 272 -21.53 -22.51 -30.76
CA PHE D 272 -21.94 -23.75 -30.11
C PHE D 272 -21.74 -24.89 -31.11
N HIS D 273 -20.65 -25.64 -30.96
CA HIS D 273 -20.49 -26.91 -31.64
C HIS D 273 -21.15 -27.98 -30.80
N ARG D 274 -21.96 -28.82 -31.43
CA ARG D 274 -22.83 -29.78 -30.76
C ARG D 274 -22.33 -31.22 -30.91
N ALA D 275 -21.01 -31.42 -30.91
CA ALA D 275 -20.44 -32.76 -31.03
C ALA D 275 -21.00 -33.69 -29.96
N GLY D 276 -21.68 -34.75 -30.41
CA GLY D 276 -22.31 -35.70 -29.51
C GLY D 276 -23.80 -35.59 -29.44
N HIS D 277 -24.39 -34.54 -30.02
CA HIS D 277 -25.83 -34.33 -29.96
C HIS D 277 -26.63 -35.48 -30.57
N GLY D 278 -26.01 -36.28 -31.45
CA GLY D 278 -26.75 -37.34 -32.11
C GLY D 278 -27.44 -38.28 -31.14
N ALA D 279 -26.77 -38.64 -30.05
CA ALA D 279 -27.34 -39.55 -29.07
C ALA D 279 -28.67 -39.04 -28.54
N PHE D 280 -28.85 -37.72 -28.47
CA PHE D 280 -30.15 -37.18 -28.09
C PHE D 280 -31.08 -37.03 -29.28
N THR D 281 -30.56 -36.64 -30.45
CA THR D 281 -31.40 -36.07 -31.50
C THR D 281 -31.76 -37.03 -32.62
N ARG D 282 -30.94 -38.05 -32.88
CA ARG D 282 -31.15 -38.92 -34.03
C ARG D 282 -32.53 -39.58 -34.01
N ASP D 283 -33.16 -39.67 -35.19
CA ASP D 283 -34.46 -40.33 -35.31
C ASP D 283 -34.40 -41.77 -34.82
N GLU D 284 -33.25 -42.42 -34.99
CA GLU D 284 -33.10 -43.84 -34.65
C GLU D 284 -33.11 -44.10 -33.17
N ASN D 285 -32.77 -43.10 -32.37
CA ASN D 285 -32.77 -43.25 -30.92
C ASN D 285 -34.20 -43.06 -30.48
N PRO D 286 -34.77 -43.99 -29.69
CA PRO D 286 -36.10 -43.76 -29.10
C PRO D 286 -36.06 -42.95 -27.77
N ILE D 287 -34.87 -42.64 -27.20
CA ILE D 287 -34.73 -41.80 -26.02
C ILE D 287 -33.97 -40.53 -26.37
N GLY D 288 -34.52 -39.37 -25.99
CA GLY D 288 -33.79 -38.12 -26.20
C GLY D 288 -34.65 -36.90 -26.52
N TYR D 289 -34.07 -35.92 -27.23
CA TYR D 289 -34.77 -34.74 -27.72
C TYR D 289 -34.27 -34.40 -29.12
N THR D 290 -35.16 -33.80 -29.91
CA THR D 290 -34.84 -33.52 -31.31
C THR D 290 -33.96 -32.28 -31.47
N VAL D 291 -33.54 -32.06 -32.72
CA VAL D 291 -32.63 -30.97 -33.06
C VAL D 291 -33.31 -29.62 -32.87
N PRO D 292 -34.59 -29.43 -33.25
CA PRO D 292 -35.24 -28.15 -32.95
C PRO D 292 -35.26 -27.79 -31.46
N VAL D 293 -35.46 -28.78 -30.59
CA VAL D 293 -35.48 -28.51 -29.16
C VAL D 293 -34.11 -28.07 -28.69
N LEU D 294 -33.08 -28.81 -29.11
CA LEU D 294 -31.70 -28.44 -28.82
C LEU D 294 -31.41 -27.01 -29.27
N THR D 295 -31.85 -26.66 -30.49
CA THR D 295 -31.60 -25.34 -31.03
C THR D 295 -32.31 -24.25 -30.23
N LYS D 296 -33.57 -24.48 -29.87
CA LYS D 296 -34.29 -23.48 -29.08
C LYS D 296 -33.59 -23.25 -27.74
N PHE D 297 -33.09 -24.33 -27.12
CA PHE D 297 -32.38 -24.13 -25.86
C PHE D 297 -31.01 -23.48 -26.07
N ALA D 298 -30.34 -23.75 -27.20
CA ALA D 298 -29.08 -23.08 -27.50
C ALA D 298 -29.28 -21.58 -27.68
N ARG D 299 -30.41 -21.17 -28.25
CA ARG D 299 -30.72 -19.75 -28.29
C ARG D 299 -31.06 -19.22 -26.91
N LEU D 300 -31.81 -20.00 -26.11
CA LEU D 300 -32.14 -19.60 -24.75
C LEU D 300 -30.88 -19.37 -23.92
N ALA D 301 -29.88 -20.24 -24.06
CA ALA D 301 -28.65 -20.12 -23.30
C ALA D 301 -27.81 -18.92 -23.76
N GLY D 302 -28.03 -18.43 -24.97
CA GLY D 302 -27.34 -17.27 -25.46
C GLY D 302 -26.26 -17.52 -26.49
N ALA D 303 -26.26 -18.68 -27.14
CA ALA D 303 -25.25 -18.96 -28.16
C ALA D 303 -25.41 -17.99 -29.34
N SER D 304 -24.29 -17.48 -29.81
CA SER D 304 -24.32 -16.65 -31.01
C SER D 304 -24.66 -17.47 -32.24
N GLY D 305 -24.26 -18.74 -32.27
CA GLY D 305 -24.56 -19.60 -33.39
C GLY D 305 -24.43 -21.06 -32.98
N ILE D 306 -25.15 -21.91 -33.70
CA ILE D 306 -25.06 -23.36 -33.49
C ILE D 306 -25.23 -24.06 -34.83
N HIS D 307 -24.60 -25.23 -34.96
CA HIS D 307 -24.84 -26.05 -36.14
C HIS D 307 -26.30 -26.50 -36.19
N THR D 308 -26.92 -26.33 -37.35
CA THR D 308 -28.34 -26.60 -37.52
C THR D 308 -28.61 -27.73 -38.53
N GLY D 309 -27.59 -28.20 -39.22
CA GLY D 309 -27.76 -29.31 -40.13
C GLY D 309 -27.81 -28.86 -41.59
N THR D 310 -27.59 -29.82 -42.48
CA THR D 310 -27.53 -29.58 -43.91
C THR D 310 -28.79 -30.01 -44.64
N ALA D 311 -29.88 -30.30 -43.91
CA ALA D 311 -31.16 -30.69 -44.49
C ALA D 311 -31.03 -31.93 -45.37
N GLY D 312 -30.09 -32.82 -45.02
CA GLY D 312 -29.87 -34.02 -45.80
C GLY D 312 -28.97 -33.84 -47.00
N ILE D 313 -28.59 -32.61 -47.33
CA ILE D 313 -27.78 -32.38 -48.52
C ILE D 313 -26.38 -32.95 -48.30
N GLY D 314 -25.85 -32.80 -47.09
CA GLY D 314 -24.55 -33.31 -46.73
C GLY D 314 -24.56 -34.72 -46.17
N LYS D 315 -23.69 -34.98 -45.19
CA LYS D 315 -23.48 -36.30 -44.64
C LYS D 315 -24.09 -36.49 -43.25
N MET D 316 -24.56 -35.43 -42.61
CA MET D 316 -25.16 -35.50 -41.28
C MET D 316 -26.65 -35.80 -41.41
N ALA D 317 -27.16 -36.59 -40.47
CA ALA D 317 -28.57 -36.99 -40.51
C ALA D 317 -29.48 -35.78 -40.39
N GLY D 318 -30.52 -35.76 -41.21
CA GLY D 318 -31.48 -34.66 -41.19
C GLY D 318 -32.27 -34.58 -42.47
N SER D 319 -33.41 -33.90 -42.38
CA SER D 319 -34.32 -33.65 -43.48
C SER D 319 -34.53 -32.16 -43.62
N PRO D 320 -35.05 -31.70 -44.76
CA PRO D 320 -35.41 -30.27 -44.87
C PRO D 320 -36.32 -29.79 -43.76
N LYS D 321 -37.30 -30.59 -43.36
CA LYS D 321 -38.27 -30.15 -42.36
C LYS D 321 -37.59 -29.77 -41.05
N GLU D 322 -36.91 -30.74 -40.43
CA GLU D 322 -36.35 -30.51 -39.11
C GLU D 322 -35.22 -29.48 -39.15
N ASP D 323 -34.33 -29.59 -40.15
CA ASP D 323 -33.17 -28.70 -40.17
C ASP D 323 -33.58 -27.26 -40.48
N VAL D 324 -34.52 -27.07 -41.41
CA VAL D 324 -34.97 -25.71 -41.72
C VAL D 324 -35.77 -25.14 -40.56
N MET D 325 -36.58 -25.98 -39.89
CA MET D 325 -37.28 -25.55 -38.68
C MET D 325 -36.30 -25.07 -37.62
N ALA D 326 -35.17 -25.76 -37.48
CA ALA D 326 -34.18 -25.35 -36.51
C ALA D 326 -33.52 -24.04 -36.92
N ALA D 327 -33.18 -23.90 -38.20
CA ALA D 327 -32.55 -22.67 -38.68
C ALA D 327 -33.46 -21.47 -38.44
N ARG D 328 -34.78 -21.65 -38.66
CA ARG D 328 -35.71 -20.57 -38.38
C ARG D 328 -35.85 -20.33 -36.87
N HIS D 329 -35.84 -21.40 -36.06
CA HIS D 329 -35.81 -21.24 -34.61
C HIS D 329 -34.62 -20.36 -34.18
N ALA D 330 -33.49 -20.51 -34.87
CA ALA D 330 -32.31 -19.73 -34.52
C ALA D 330 -32.42 -18.29 -35.01
N LEU D 331 -32.98 -18.07 -36.20
CA LEU D 331 -32.93 -16.75 -36.84
C LEU D 331 -34.17 -15.91 -36.56
N LYS D 332 -35.35 -16.47 -36.74
CA LYS D 332 -36.53 -15.64 -36.86
C LYS D 332 -37.13 -15.23 -35.51
N LEU D 333 -37.81 -14.08 -35.52
CA LEU D 333 -38.58 -13.61 -34.38
C LEU D 333 -39.86 -14.43 -34.20
N TYR D 334 -40.45 -14.93 -35.29
CA TYR D 334 -41.60 -15.83 -35.21
C TYR D 334 -41.17 -17.17 -35.80
N SER D 335 -41.04 -18.19 -34.96
CA SER D 335 -40.70 -19.53 -35.41
C SER D 335 -41.74 -20.50 -34.90
N GLU D 336 -42.09 -21.46 -35.74
CA GLU D 336 -43.10 -22.46 -35.41
C GLU D 336 -42.41 -23.80 -35.20
N GLY D 337 -42.65 -24.44 -34.07
CA GLY D 337 -42.22 -25.80 -33.89
C GLY D 337 -43.23 -26.75 -34.49
N ASP D 338 -42.98 -28.05 -34.34
CA ASP D 338 -43.94 -29.02 -34.85
C ASP D 338 -45.28 -28.91 -34.15
N TYR D 339 -45.34 -28.29 -32.98
CA TYR D 339 -46.55 -28.21 -32.16
C TYR D 339 -46.77 -26.86 -31.50
N PHE D 340 -45.77 -26.00 -31.39
CA PHE D 340 -45.93 -24.69 -30.73
C PHE D 340 -45.45 -23.56 -31.62
N LYS D 341 -46.18 -22.45 -31.55
CA LYS D 341 -45.74 -21.19 -32.13
C LYS D 341 -44.92 -20.44 -31.08
N GLN D 342 -43.69 -20.09 -31.44
CA GLN D 342 -42.76 -19.39 -30.56
C GLN D 342 -42.52 -17.99 -31.09
N ILE D 343 -42.76 -17.00 -30.25
CA ILE D 343 -42.35 -15.63 -30.50
C ILE D 343 -41.25 -15.30 -29.51
N TRP D 344 -40.07 -14.98 -30.04
CA TRP D 344 -38.89 -14.72 -29.24
C TRP D 344 -38.88 -13.27 -28.74
N SER D 345 -39.90 -12.95 -27.94
CA SER D 345 -40.06 -11.60 -27.40
C SER D 345 -40.57 -11.67 -25.96
N GLU D 346 -39.99 -10.82 -25.10
CA GLU D 346 -40.42 -10.67 -23.72
C GLU D 346 -41.58 -9.70 -23.57
N ILE D 347 -42.15 -9.24 -24.68
CA ILE D 347 -43.19 -8.22 -24.65
C ILE D 347 -44.47 -8.96 -25.00
N PRO D 348 -45.63 -8.53 -24.48
CA PRO D 348 -46.87 -9.25 -24.80
C PRO D 348 -47.20 -9.22 -26.28
N GLU D 349 -47.70 -10.35 -26.78
CA GLU D 349 -48.11 -10.46 -28.17
C GLU D 349 -49.17 -9.41 -28.51
N LYS D 350 -49.87 -8.89 -27.49
CA LYS D 350 -50.87 -7.86 -27.70
C LYS D 350 -50.25 -6.54 -28.17
N ASP D 351 -48.95 -6.36 -27.99
CA ASP D 351 -48.29 -5.10 -28.35
C ASP D 351 -48.38 -4.80 -29.84
N ALA D 352 -48.69 -3.55 -30.16
CA ALA D 352 -48.80 -3.14 -31.56
C ALA D 352 -47.44 -3.20 -32.26
N ASP D 353 -46.38 -2.73 -31.59
CA ASP D 353 -45.05 -2.71 -32.19
C ASP D 353 -44.55 -4.11 -32.49
N LEU D 354 -44.84 -5.07 -31.61
CA LEU D 354 -44.41 -6.45 -31.86
C LEU D 354 -45.13 -7.00 -33.08
N GLN D 355 -46.44 -6.78 -33.17
CA GLN D 355 -47.19 -7.26 -34.34
C GLN D 355 -46.69 -6.62 -35.62
N LEU D 356 -46.36 -5.32 -35.56
CA LEU D 356 -45.78 -4.64 -36.72
C LEU D 356 -44.48 -5.31 -37.15
N ALA D 357 -43.61 -5.60 -36.18
CA ALA D 357 -42.37 -6.30 -36.50
C ALA D 357 -42.64 -7.67 -37.08
N ILE D 358 -43.67 -8.36 -36.60
CA ILE D 358 -43.98 -9.70 -37.10
C ILE D 358 -44.36 -9.65 -38.58
N GLN D 359 -45.24 -8.72 -38.96
CA GLN D 359 -45.58 -8.55 -40.38
C GLN D 359 -44.33 -8.17 -41.17
N LYS D 360 -43.54 -7.22 -40.64
CA LYS D 360 -42.32 -6.81 -41.36
C LYS D 360 -41.35 -7.99 -41.52
N GLU D 361 -41.29 -8.88 -40.53
CA GLU D 361 -40.48 -10.08 -40.66
C GLU D 361 -41.04 -11.01 -41.72
N ALA D 362 -42.36 -11.12 -41.80
CA ALA D 362 -42.93 -11.85 -42.92
C ALA D 362 -42.55 -11.21 -44.24
N GLU D 363 -42.14 -9.94 -44.22
CA GLU D 363 -41.77 -9.25 -45.45
C GLU D 363 -40.28 -9.21 -45.75
N GLY D 364 -39.43 -9.78 -44.89
CA GLY D 364 -38.01 -9.78 -45.15
C GLY D 364 -37.25 -8.65 -44.49
N GLU D 365 -37.89 -7.89 -43.60
CA GLU D 365 -37.26 -6.79 -42.90
C GLU D 365 -36.72 -7.24 -41.54
N ASP D 366 -35.64 -6.61 -41.12
CA ASP D 366 -34.94 -6.97 -39.90
C ASP D 366 -35.65 -6.46 -38.66
N TYR D 367 -35.66 -7.29 -37.63
CA TYR D 367 -36.23 -6.94 -36.33
C TYR D 367 -35.14 -6.64 -35.30
N SER D 368 -33.86 -6.64 -35.70
CA SER D 368 -32.78 -6.48 -34.74
C SER D 368 -32.83 -5.13 -34.02
N ASN D 369 -33.34 -4.09 -34.68
CA ASN D 369 -33.46 -2.77 -34.07
C ASN D 369 -34.78 -2.55 -33.36
N LEU D 370 -35.62 -3.58 -33.26
CA LEU D 370 -36.92 -3.41 -32.61
C LEU D 370 -36.76 -2.94 -31.17
N GLY D 371 -35.58 -3.16 -30.59
CA GLY D 371 -35.30 -2.81 -29.21
C GLY D 371 -34.69 -3.97 -28.48
N TYR D 372 -33.42 -3.85 -28.10
CA TYR D 372 -32.71 -4.95 -27.45
C TYR D 372 -33.40 -5.40 -26.19
N TRP D 373 -34.24 -4.55 -25.61
CA TRP D 373 -34.87 -4.83 -24.34
C TRP D 373 -36.24 -5.54 -24.47
N ARG D 374 -36.66 -5.93 -25.69
CA ARG D 374 -37.95 -6.61 -25.85
C ARG D 374 -37.88 -7.87 -26.71
N ILE D 375 -36.71 -8.26 -27.21
CA ILE D 375 -36.57 -9.43 -28.06
C ILE D 375 -35.40 -10.29 -27.62
N THR D 376 -35.48 -11.59 -27.90
CA THR D 376 -34.32 -12.47 -27.85
C THR D 376 -33.54 -12.33 -29.14
N LYS D 377 -32.25 -11.97 -29.04
CA LYS D 377 -31.48 -11.72 -30.25
C LYS D 377 -31.45 -12.95 -31.14
N LYS D 378 -31.23 -12.73 -32.43
CA LYS D 378 -31.19 -13.81 -33.38
C LYS D 378 -29.93 -14.64 -33.20
N MET D 379 -30.06 -15.93 -33.44
CA MET D 379 -28.94 -16.86 -33.36
C MET D 379 -28.62 -17.38 -34.75
N CYS D 380 -27.34 -17.65 -34.97
CA CYS D 380 -26.87 -17.94 -36.32
C CYS D 380 -26.82 -19.44 -36.57
N PRO D 381 -27.46 -19.94 -37.62
CA PRO D 381 -27.27 -21.34 -38.01
C PRO D 381 -25.96 -21.54 -38.75
N ILE D 382 -25.25 -22.60 -38.37
CA ILE D 382 -23.99 -23.00 -38.99
C ILE D 382 -24.23 -24.29 -39.75
N ILE D 383 -23.87 -24.29 -41.03
CA ILE D 383 -24.24 -25.34 -41.96
C ILE D 383 -22.96 -26.08 -42.29
N SER D 384 -22.87 -27.34 -41.86
CA SER D 384 -21.64 -28.09 -41.99
C SER D 384 -21.95 -29.58 -42.13
N GLY D 385 -20.99 -30.30 -42.71
CA GLY D 385 -21.07 -31.74 -42.83
C GLY D 385 -21.23 -32.24 -44.25
N GLY D 386 -20.10 -32.61 -44.89
CA GLY D 386 -20.14 -33.18 -46.22
C GLY D 386 -20.48 -32.22 -47.32
N LEU D 387 -20.35 -30.92 -47.10
CA LEU D 387 -20.67 -29.95 -48.11
C LEU D 387 -19.49 -29.72 -49.03
N ASN D 388 -19.80 -29.38 -50.28
CA ASN D 388 -18.79 -29.03 -51.27
C ASN D 388 -19.43 -28.01 -52.19
N PRO D 389 -18.62 -27.29 -53.00
CA PRO D 389 -19.17 -26.16 -53.78
C PRO D 389 -20.41 -26.49 -54.60
N LEU D 390 -20.61 -27.76 -54.95
CA LEU D 390 -21.77 -28.11 -55.77
C LEU D 390 -23.07 -28.05 -54.98
N LEU D 391 -23.01 -28.13 -53.64
CA LEU D 391 -24.19 -28.31 -52.82
C LEU D 391 -24.67 -27.03 -52.15
N ILE D 392 -23.88 -25.95 -52.18
CA ILE D 392 -24.25 -24.73 -51.48
C ILE D 392 -25.57 -24.18 -52.01
N GLY D 393 -25.71 -24.12 -53.34
CA GLY D 393 -26.93 -23.57 -53.93
C GLY D 393 -28.16 -24.35 -53.54
N LYS D 394 -28.07 -25.69 -53.59
CA LYS D 394 -29.17 -26.55 -53.19
C LYS D 394 -29.61 -26.22 -51.77
N PHE D 395 -28.65 -26.04 -50.87
CA PHE D 395 -28.98 -25.72 -49.49
C PHE D 395 -29.62 -24.36 -49.38
N ILE D 396 -29.04 -23.34 -50.02
CA ILE D 396 -29.61 -22.00 -49.95
C ILE D 396 -31.07 -22.03 -50.39
N ASP D 397 -31.34 -22.77 -51.47
CA ASP D 397 -32.71 -22.91 -51.93
C ASP D 397 -33.58 -23.62 -50.91
N THR D 398 -33.04 -24.64 -50.23
CA THR D 398 -33.84 -25.40 -49.28
C THR D 398 -34.14 -24.60 -48.03
N VAL D 399 -33.18 -23.80 -47.55
CA VAL D 399 -33.37 -23.09 -46.30
C VAL D 399 -34.17 -21.81 -46.50
N GLY D 400 -34.06 -21.18 -47.68
CA GLY D 400 -34.82 -19.98 -47.95
C GLY D 400 -34.28 -18.73 -47.31
N THR D 401 -32.98 -18.70 -47.01
CA THR D 401 -32.37 -17.51 -46.41
C THR D 401 -30.89 -17.52 -46.71
N GLN D 402 -30.25 -16.40 -46.40
CA GLN D 402 -28.81 -16.25 -46.55
C GLN D 402 -28.10 -15.79 -45.29
N ASP D 403 -28.82 -15.66 -44.17
CA ASP D 403 -28.22 -15.33 -42.88
C ASP D 403 -27.69 -16.61 -42.24
N PHE D 404 -26.51 -17.04 -42.70
CA PHE D 404 -25.90 -18.20 -42.08
C PHE D 404 -24.42 -18.26 -42.41
N ILE D 405 -23.71 -19.07 -41.61
CA ILE D 405 -22.33 -19.41 -41.85
C ILE D 405 -22.33 -20.84 -42.37
N THR D 406 -21.73 -21.06 -43.53
CA THR D 406 -21.46 -22.41 -43.99
C THR D 406 -20.01 -22.72 -43.68
N THR D 407 -19.76 -23.94 -43.23
CA THR D 407 -18.39 -24.36 -42.96
C THR D 407 -18.14 -25.66 -43.71
N MET D 408 -17.02 -25.71 -44.41
CA MET D 408 -16.67 -26.83 -45.27
C MET D 408 -15.28 -27.33 -44.91
N GLY D 409 -15.16 -28.63 -44.68
CA GLY D 409 -13.86 -29.21 -44.37
C GLY D 409 -13.19 -29.84 -45.57
N ALA D 410 -13.56 -31.08 -45.88
CA ALA D 410 -13.01 -31.74 -47.06
C ALA D 410 -13.56 -31.11 -48.33
N GLY D 411 -14.71 -30.46 -48.26
CA GLY D 411 -15.24 -29.71 -49.39
C GLY D 411 -14.34 -28.60 -49.90
N VAL D 412 -13.30 -28.24 -49.15
CA VAL D 412 -12.32 -27.25 -49.56
C VAL D 412 -10.92 -27.84 -49.65
N HIS D 413 -10.47 -28.51 -48.59
CA HIS D 413 -9.08 -28.95 -48.50
C HIS D 413 -8.79 -30.21 -49.30
N SER D 414 -9.82 -30.91 -49.79
CA SER D 414 -9.59 -32.05 -50.66
C SER D 414 -9.68 -31.68 -52.13
N HIS D 415 -9.87 -30.40 -52.43
CA HIS D 415 -9.92 -29.94 -53.80
C HIS D 415 -8.61 -30.26 -54.51
N PRO D 416 -8.65 -30.84 -55.71
CA PRO D 416 -7.41 -31.26 -56.37
C PRO D 416 -6.36 -30.16 -56.50
N MET D 417 -6.77 -28.90 -56.53
CA MET D 417 -5.84 -27.78 -56.71
C MET D 417 -5.50 -27.06 -55.41
N GLY D 418 -5.99 -27.54 -54.27
CA GLY D 418 -5.60 -26.98 -52.98
C GLY D 418 -6.68 -26.15 -52.32
N THR D 419 -6.35 -25.68 -51.12
CA THR D 419 -7.28 -24.98 -50.25
C THR D 419 -7.75 -23.66 -50.86
N LYS D 420 -6.81 -22.82 -51.30
CA LYS D 420 -7.19 -21.56 -51.94
C LYS D 420 -8.11 -21.78 -53.13
N ALA D 421 -7.79 -22.78 -53.95
CA ALA D 421 -8.67 -23.11 -55.08
C ALA D 421 -10.03 -23.60 -54.58
N GLY D 422 -10.06 -24.35 -53.48
CA GLY D 422 -11.33 -24.79 -52.92
C GLY D 422 -12.22 -23.64 -52.48
N ALA D 423 -11.62 -22.65 -51.83
CA ALA D 423 -12.37 -21.45 -51.43
C ALA D 423 -12.84 -20.66 -52.65
N THR D 424 -11.97 -20.48 -53.64
CA THR D 424 -12.37 -19.79 -54.86
C THR D 424 -13.51 -20.54 -55.55
N ALA D 425 -13.49 -21.86 -55.50
CA ALA D 425 -14.56 -22.64 -56.11
C ALA D 425 -15.86 -22.43 -55.37
N VAL D 426 -15.79 -22.28 -54.03
CA VAL D 426 -17.01 -22.00 -53.27
C VAL D 426 -17.58 -20.64 -53.67
N LEU D 427 -16.72 -19.64 -53.83
CA LEU D 427 -17.21 -18.33 -54.27
C LEU D 427 -17.79 -18.38 -55.68
N GLN D 428 -17.17 -19.15 -56.57
CA GLN D 428 -17.66 -19.24 -57.94
C GLN D 428 -18.99 -19.97 -58.00
N ALA D 429 -19.17 -21.00 -57.18
CA ALA D 429 -20.45 -21.69 -57.14
C ALA D 429 -21.54 -20.79 -56.59
N TYR D 430 -21.20 -19.96 -55.59
CA TYR D 430 -22.19 -19.01 -55.11
C TYR D 430 -22.53 -17.98 -56.18
N GLU D 431 -21.53 -17.52 -56.93
CA GLU D 431 -21.79 -16.61 -58.05
C GLU D 431 -22.72 -17.23 -59.07
N ALA D 432 -22.48 -18.50 -59.43
CA ALA D 432 -23.35 -19.20 -60.37
C ALA D 432 -24.77 -19.27 -59.84
N TRP D 433 -24.92 -19.55 -58.56
CA TRP D 433 -26.25 -19.55 -57.97
C TRP D 433 -26.87 -18.16 -58.03
N LYS D 434 -26.05 -17.14 -57.79
CA LYS D 434 -26.54 -15.77 -57.61
C LYS D 434 -27.11 -15.20 -58.90
N GLN D 435 -26.48 -15.52 -60.02
CA GLN D 435 -26.94 -15.04 -61.31
C GLN D 435 -27.82 -16.07 -62.04
N LYS D 436 -28.18 -17.16 -61.36
CA LYS D 436 -29.07 -18.20 -61.90
C LYS D 436 -28.46 -18.96 -63.09
N ILE D 437 -27.13 -19.20 -63.07
CA ILE D 437 -26.45 -20.02 -64.09
C ILE D 437 -26.14 -21.39 -63.49
N SER D 438 -26.28 -22.44 -64.31
CA SER D 438 -25.92 -23.79 -63.89
C SER D 438 -24.42 -23.86 -63.56
N LEU D 439 -24.08 -24.76 -62.65
CA LEU D 439 -22.69 -24.93 -62.26
C LEU D 439 -21.85 -25.40 -63.44
N GLU D 440 -22.43 -26.22 -64.31
CA GLU D 440 -21.71 -26.70 -65.48
C GLU D 440 -21.38 -25.56 -66.43
N ASP D 441 -22.37 -24.71 -66.74
CA ASP D 441 -22.13 -23.60 -67.64
C ASP D 441 -21.16 -22.60 -67.03
N TYR D 442 -21.33 -22.28 -65.75
CA TYR D 442 -20.44 -21.33 -65.09
C TYR D 442 -19.01 -21.85 -65.06
N ALA D 443 -18.82 -23.16 -64.96
CA ALA D 443 -17.48 -23.74 -64.87
C ALA D 443 -16.72 -23.69 -66.19
N LYS D 444 -17.37 -23.36 -67.30
CA LYS D 444 -16.69 -23.34 -68.60
C LYS D 444 -15.47 -22.44 -68.60
N ASP D 445 -15.53 -21.29 -67.89
CA ASP D 445 -14.39 -20.38 -67.83
C ASP D 445 -13.92 -20.18 -66.39
N LYS D 446 -14.26 -21.09 -65.49
CA LYS D 446 -13.79 -21.07 -64.11
C LYS D 446 -13.13 -22.42 -63.85
N GLU D 447 -11.79 -22.44 -63.78
CA GLU D 447 -11.09 -23.71 -63.63
C GLU D 447 -11.36 -24.36 -62.28
N GLU D 448 -11.35 -23.56 -61.21
CA GLU D 448 -11.50 -24.10 -59.86
C GLU D 448 -12.84 -24.81 -59.70
N LEU D 449 -13.94 -24.15 -60.09
CA LEU D 449 -15.25 -24.77 -59.98
C LEU D 449 -15.34 -25.99 -60.88
N ARG D 450 -14.73 -25.94 -62.07
CA ARG D 450 -14.73 -27.08 -62.98
C ARG D 450 -14.07 -28.30 -62.34
N ALA D 451 -12.91 -28.08 -61.69
CA ALA D 451 -12.23 -29.19 -61.03
C ALA D 451 -13.03 -29.68 -59.82
N ALA D 452 -13.71 -28.78 -59.11
CA ALA D 452 -14.57 -29.21 -58.02
C ALA D 452 -15.70 -30.10 -58.52
N ILE D 453 -16.27 -29.75 -59.68
CA ILE D 453 -17.30 -30.58 -60.30
C ILE D 453 -16.74 -31.96 -60.60
N GLN D 454 -15.52 -32.01 -61.16
CA GLN D 454 -14.96 -33.30 -61.54
C GLN D 454 -14.68 -34.15 -60.30
N PHE D 455 -14.20 -33.54 -59.21
CA PHE D 455 -13.78 -34.28 -58.01
C PHE D 455 -14.96 -34.76 -57.17
N TYR D 456 -15.98 -33.92 -56.97
CA TYR D 456 -17.05 -34.19 -56.01
C TYR D 456 -18.24 -34.96 -56.58
N ASP D 457 -18.32 -35.17 -57.90
CA ASP D 457 -19.39 -36.00 -58.48
C ASP D 457 -19.13 -37.50 -58.32
N MET E 1 67.71 -0.86 7.88
CA MET E 1 67.28 -0.48 6.53
C MET E 1 66.53 -1.65 5.91
N GLN E 2 65.39 -1.38 5.27
CA GLN E 2 64.58 -2.42 4.65
C GLN E 2 64.79 -2.40 3.14
N LYS E 3 65.68 -3.27 2.66
CA LYS E 3 66.09 -3.23 1.26
C LYS E 3 64.98 -3.70 0.32
N GLU E 4 63.98 -4.44 0.81
CA GLU E 4 62.95 -4.95 -0.09
C GLU E 4 62.15 -3.81 -0.74
N TYR E 5 62.31 -2.59 -0.25
CA TYR E 5 61.59 -1.44 -0.78
C TYR E 5 62.47 -0.54 -1.66
N ILE E 6 63.70 -0.97 -1.94
CA ILE E 6 64.66 -0.21 -2.74
C ILE E 6 64.84 -0.96 -4.06
N GLN E 7 64.41 -0.35 -5.17
CA GLN E 7 64.55 -0.98 -6.47
C GLN E 7 64.98 0.09 -7.46
N ILE E 8 66.22 0.56 -7.30
CA ILE E 8 66.72 1.67 -8.09
C ILE E 8 66.79 1.32 -9.57
N GLY E 9 66.32 2.25 -10.40
CA GLY E 9 66.40 2.09 -11.84
C GLY E 9 65.38 1.13 -12.42
N ASN E 10 64.40 0.71 -11.63
CA ASN E 10 63.40 -0.23 -12.12
C ASN E 10 62.65 0.39 -13.30
N PRO E 11 62.74 -0.17 -14.49
CA PRO E 11 62.03 0.40 -15.65
C PRO E 11 60.55 0.09 -15.67
N ASN E 12 60.05 -0.74 -14.76
CA ASN E 12 58.64 -1.11 -14.72
C ASN E 12 57.77 -0.10 -13.98
N VAL E 13 58.34 0.95 -13.40
CA VAL E 13 57.52 1.93 -12.68
C VAL E 13 56.74 2.82 -13.62
N PHE E 14 57.07 2.80 -14.91
CA PHE E 14 56.45 3.66 -15.91
C PHE E 14 55.39 2.92 -16.73
N ASN E 15 54.92 1.77 -16.26
CA ASN E 15 54.03 0.94 -17.06
C ASN E 15 52.55 1.15 -16.75
N GLY E 16 52.21 2.16 -15.95
CA GLY E 16 50.83 2.46 -15.68
C GLY E 16 50.26 1.75 -14.48
N GLN E 17 51.01 0.82 -13.87
CA GLN E 17 50.57 0.14 -12.66
C GLN E 17 50.89 0.92 -11.40
N TYR E 18 51.64 2.01 -11.53
CA TYR E 18 52.13 2.75 -10.37
C TYR E 18 51.78 4.23 -10.43
N MET E 19 51.32 4.73 -9.30
CA MET E 19 51.31 6.16 -9.03
C MET E 19 52.69 6.55 -8.51
N LEU E 20 53.26 7.61 -9.05
CA LEU E 20 54.61 8.00 -8.69
C LEU E 20 54.56 9.16 -7.71
N ALA E 21 55.58 9.26 -6.88
CA ALA E 21 55.63 10.34 -5.91
C ALA E 21 57.08 10.74 -5.69
N VAL E 22 57.26 12.02 -5.38
CA VAL E 22 58.55 12.57 -4.98
C VAL E 22 58.45 13.01 -3.53
N PHE E 23 59.39 12.54 -2.70
CA PHE E 23 59.52 12.99 -1.33
C PHE E 23 60.81 13.73 -1.10
N ARG E 24 60.73 14.76 -0.26
CA ARG E 24 61.89 15.36 0.38
C ARG E 24 62.02 14.69 1.74
N LEU E 25 63.06 13.89 1.92
CA LEU E 25 63.21 13.08 3.10
C LEU E 25 64.52 13.40 3.82
N GLN E 26 64.46 13.40 5.15
CA GLN E 26 65.65 13.44 5.98
C GLN E 26 65.35 12.67 7.25
N GLY E 27 66.11 11.59 7.47
CA GLY E 27 65.98 10.75 8.63
C GLY E 27 66.82 11.21 9.81
N GLU E 28 66.64 10.52 10.93
CA GLU E 28 67.33 10.88 12.16
C GLU E 28 68.84 10.74 12.00
N GLU E 29 69.55 11.25 13.01
CA GLU E 29 71.01 11.24 13.01
C GLU E 29 71.57 9.85 12.80
N GLY E 30 72.36 9.68 11.74
CA GLY E 30 72.96 8.41 11.42
C GLY E 30 72.33 7.71 10.22
N MET E 31 71.14 8.12 9.81
CA MET E 31 70.41 7.47 8.72
C MET E 31 70.73 8.11 7.38
N THR E 32 71.14 7.29 6.43
CA THR E 32 71.32 7.77 5.07
C THR E 32 69.96 8.01 4.41
N LEU E 33 69.98 8.71 3.28
CA LEU E 33 68.73 9.02 2.58
C LEU E 33 68.04 7.77 2.06
N VAL E 34 68.81 6.81 1.56
CA VAL E 34 68.19 5.60 1.04
C VAL E 34 67.57 4.76 2.14
N ASP E 35 68.14 4.80 3.35
CA ASP E 35 67.56 4.09 4.49
C ASP E 35 66.22 4.70 4.88
N THR E 36 66.19 6.03 5.03
CA THR E 36 64.95 6.72 5.31
C THR E 36 63.93 6.45 4.22
N ALA E 37 64.37 6.38 2.96
CA ALA E 37 63.45 6.12 1.87
C ALA E 37 62.87 4.72 1.96
N SER E 38 63.69 3.74 2.35
CA SER E 38 63.20 2.38 2.54
C SER E 38 62.15 2.35 3.64
N GLU E 39 62.41 3.04 4.75
CA GLU E 39 61.44 3.03 5.85
C GLU E 39 60.15 3.73 5.49
N VAL E 40 60.24 4.82 4.72
CA VAL E 40 59.05 5.55 4.31
C VAL E 40 58.22 4.73 3.33
N ALA E 41 58.89 4.09 2.36
CA ALA E 41 58.20 3.18 1.46
C ALA E 41 57.55 2.04 2.22
N ALA E 42 58.20 1.56 3.29
CA ALA E 42 57.64 0.49 4.09
C ALA E 42 56.39 0.94 4.83
N GLU E 43 56.44 2.08 5.52
CA GLU E 43 55.28 2.51 6.28
C GLU E 43 54.18 3.13 5.41
N SER E 44 54.42 3.37 4.13
CA SER E 44 53.38 3.92 3.25
C SER E 44 52.89 2.90 2.23
N SER E 45 53.22 1.62 2.40
CA SER E 45 52.68 0.61 1.50
C SER E 45 52.39 -0.70 2.24
N THR E 46 53.39 -1.57 2.36
CA THR E 46 53.14 -2.94 2.78
C THR E 46 53.79 -3.30 4.11
N GLY E 47 54.64 -2.45 4.67
CA GLY E 47 55.45 -2.86 5.79
C GLY E 47 55.26 -2.11 7.08
N SER E 48 56.27 -2.22 7.94
CA SER E 48 56.33 -1.57 9.24
C SER E 48 57.80 -1.28 9.53
N PHE E 49 58.14 -1.13 10.81
CA PHE E 49 59.50 -0.78 11.19
C PHE E 49 60.50 -1.91 10.99
N VAL E 50 60.03 -3.14 10.75
CA VAL E 50 60.88 -4.27 10.46
C VAL E 50 60.18 -5.13 9.41
N LYS E 51 60.95 -5.96 8.73
CA LYS E 51 60.40 -6.88 7.75
C LYS E 51 59.29 -7.72 8.35
N ILE E 52 58.19 -7.86 7.61
CA ILE E 52 57.00 -8.53 8.09
C ILE E 52 57.13 -10.02 7.81
N GLY E 53 57.17 -10.83 8.88
CA GLY E 53 57.33 -12.26 8.75
C GLY E 53 56.15 -12.95 8.12
N THR E 54 54.97 -12.33 8.16
CA THR E 54 53.78 -12.91 7.56
C THR E 54 53.57 -12.48 6.12
N ALA E 55 54.53 -11.78 5.52
CA ALA E 55 54.40 -11.36 4.13
C ALA E 55 54.36 -12.56 3.20
N THR E 56 53.62 -12.40 2.11
CA THR E 56 53.56 -13.40 1.05
C THR E 56 54.26 -12.85 -0.19
N ALA E 57 54.58 -13.75 -1.12
CA ALA E 57 55.13 -13.31 -2.40
C ALA E 57 54.18 -12.32 -3.09
N PHE E 58 52.88 -12.57 -3.03
CA PHE E 58 51.87 -11.65 -3.55
C PHE E 58 52.03 -10.27 -2.91
N SER E 59 52.02 -10.22 -1.59
CA SER E 59 52.10 -8.95 -0.88
C SER E 59 53.41 -8.23 -1.16
N GLU E 60 54.50 -8.99 -1.31
CA GLU E 60 55.76 -8.37 -1.68
C GLU E 60 55.76 -7.87 -3.12
N SER E 61 54.97 -8.50 -4.00
CA SER E 61 54.83 -7.96 -5.35
C SER E 61 54.02 -6.66 -5.35
N LEU E 62 53.31 -6.37 -4.26
CA LEU E 62 52.59 -5.11 -4.16
C LEU E 62 53.34 -4.06 -3.34
N ASP E 63 54.65 -4.20 -3.18
CA ASP E 63 55.45 -3.24 -2.44
C ASP E 63 55.53 -1.89 -3.15
N ALA E 64 55.66 -0.82 -2.35
CA ALA E 64 56.10 0.45 -2.90
C ALA E 64 57.59 0.39 -3.17
N LEU E 65 58.04 1.08 -4.21
CA LEU E 65 59.40 0.94 -4.69
C LEU E 65 60.09 2.28 -4.65
N VAL E 66 61.17 2.39 -3.89
CA VAL E 66 62.05 3.55 -3.99
C VAL E 66 62.92 3.31 -5.22
N TYR E 67 62.65 4.05 -6.30
CA TYR E 67 63.32 3.76 -7.54
C TYR E 67 64.30 4.84 -7.97
N ARG E 68 64.33 5.99 -7.28
CA ARG E 68 65.40 6.92 -7.67
C ARG E 68 65.72 7.85 -6.50
N ILE E 69 66.99 8.26 -6.41
CA ILE E 69 67.47 9.09 -5.31
C ILE E 69 68.28 10.28 -5.84
N ASP E 70 68.11 11.42 -5.17
CA ASP E 70 68.93 12.62 -5.37
C ASP E 70 69.49 12.97 -4.00
N GLU E 71 70.73 12.57 -3.73
CA GLU E 71 71.33 12.77 -2.42
C GLU E 71 71.53 14.26 -2.14
N LYS E 72 71.87 15.03 -3.17
CA LYS E 72 72.22 16.44 -2.96
C LYS E 72 71.00 17.25 -2.55
N ASN E 73 69.82 16.95 -3.11
CA ASN E 73 68.62 17.70 -2.80
C ASN E 73 67.67 16.93 -1.88
N ASN E 74 68.12 15.80 -1.34
CA ASN E 74 67.31 14.99 -0.42
C ASN E 74 65.97 14.60 -1.06
N LEU E 75 66.04 14.12 -2.28
CA LEU E 75 64.85 13.74 -3.02
C LEU E 75 64.83 12.24 -3.24
N VAL E 76 63.63 11.68 -3.22
CA VAL E 76 63.45 10.26 -3.44
C VAL E 76 62.18 10.06 -4.28
N TRP E 77 62.30 9.26 -5.33
CA TRP E 77 61.19 8.89 -6.19
C TRP E 77 60.75 7.48 -5.81
N ILE E 78 59.48 7.38 -5.39
CA ILE E 78 58.85 6.13 -4.96
C ILE E 78 57.64 5.88 -5.86
N ALA E 79 57.40 4.60 -6.16
CA ALA E 79 56.26 4.16 -6.97
C ALA E 79 55.34 3.28 -6.13
N TYR E 80 54.03 3.55 -6.20
CA TYR E 80 53.03 2.82 -5.44
C TYR E 80 52.11 2.08 -6.40
N PRO E 81 52.03 0.74 -6.35
CA PRO E 81 51.03 0.04 -7.17
C PRO E 81 49.64 0.47 -6.77
N TRP E 82 48.95 1.21 -7.65
CA TRP E 82 47.65 1.77 -7.25
C TRP E 82 46.58 0.71 -7.05
N ARG E 83 46.89 -0.56 -7.33
CA ARG E 83 45.99 -1.66 -6.98
C ARG E 83 45.83 -1.79 -5.47
N ILE E 84 46.77 -1.28 -4.68
CA ILE E 84 46.66 -1.38 -3.23
C ILE E 84 45.67 -0.36 -2.67
N PHE E 85 45.33 0.68 -3.43
CA PHE E 85 44.39 1.69 -2.95
C PHE E 85 42.96 1.14 -2.93
N ASP E 86 42.19 1.60 -1.95
CA ASP E 86 40.80 1.19 -1.83
C ASP E 86 40.05 1.52 -3.12
N ARG E 87 39.22 0.59 -3.57
CA ARG E 87 38.52 0.75 -4.83
C ARG E 87 37.34 1.71 -4.67
N GLY E 88 36.64 1.96 -5.77
CA GLY E 88 35.60 2.96 -5.73
C GLY E 88 36.15 4.37 -5.70
N GLY E 89 37.33 4.57 -6.26
CA GLY E 89 37.93 5.90 -6.34
C GLY E 89 38.10 6.57 -5.00
N ASN E 90 38.55 5.84 -3.99
CA ASN E 90 38.73 6.37 -2.65
C ASN E 90 40.02 7.16 -2.59
N VAL E 91 39.90 8.48 -2.39
CA VAL E 91 41.07 9.36 -2.31
C VAL E 91 41.59 9.45 -0.88
N GLN E 92 40.67 9.46 0.09
CA GLN E 92 41.07 9.44 1.51
C GLN E 92 41.97 8.25 1.81
N ASN E 93 41.79 7.14 1.11
CA ASN E 93 42.66 6.00 1.31
C ASN E 93 44.06 6.25 0.73
N ILE E 94 44.13 6.89 -0.45
CA ILE E 94 45.42 7.29 -1.00
C ILE E 94 46.17 8.18 -0.02
N MET E 95 45.47 9.19 0.50
CA MET E 95 46.11 10.10 1.44
C MET E 95 46.49 9.40 2.74
N THR E 96 45.75 8.37 3.13
CA THR E 96 46.15 7.59 4.31
C THR E 96 47.44 6.81 4.04
N PHE E 97 47.55 6.22 2.85
CA PHE E 97 48.79 5.56 2.46
C PHE E 97 49.97 6.54 2.45
N ILE E 98 49.93 7.54 1.58
CA ILE E 98 51.13 8.32 1.31
C ILE E 98 51.29 9.52 2.24
N ALA E 99 50.21 9.96 2.89
CA ALA E 99 50.24 11.13 3.76
C ALA E 99 49.66 10.79 5.14
N GLY E 100 49.89 9.57 5.61
CA GLY E 100 49.37 9.14 6.89
C GLY E 100 50.42 8.94 7.97
N ASN E 101 50.69 7.67 8.30
CA ASN E 101 51.59 7.35 9.41
C ASN E 101 53.00 7.88 9.17
N VAL E 102 53.40 8.05 7.91
CA VAL E 102 54.76 8.50 7.63
C VAL E 102 55.03 9.88 8.20
N PHE E 103 54.00 10.67 8.41
CA PHE E 103 54.18 12.01 8.98
C PHE E 103 54.45 11.97 10.47
N GLY E 104 54.32 10.81 11.11
CA GLY E 104 54.52 10.70 12.54
C GLY E 104 55.73 9.90 12.96
N MET E 105 56.47 9.38 11.98
CA MET E 105 57.64 8.58 12.30
C MET E 105 58.68 9.44 13.01
N ALA E 106 59.07 9.01 14.23
CA ALA E 106 60.05 9.75 15.01
C ALA E 106 61.40 9.80 14.30
N SER E 107 61.71 8.78 13.51
CA SER E 107 62.99 8.72 12.83
C SER E 107 63.04 9.60 11.59
N VAL E 108 61.94 10.26 11.24
CA VAL E 108 61.88 11.10 10.06
C VAL E 108 61.64 12.53 10.52
N LYS E 109 62.63 13.38 10.25
CA LYS E 109 62.58 14.80 10.55
C LYS E 109 62.13 15.64 9.36
N VAL E 110 62.28 15.14 8.13
CA VAL E 110 61.76 15.83 6.96
C VAL E 110 61.04 14.82 6.08
N CYS E 111 59.78 15.11 5.74
CA CYS E 111 58.96 14.22 4.92
C CYS E 111 57.92 15.08 4.21
N LYS E 112 58.28 15.56 3.01
CA LYS E 112 57.43 16.48 2.25
C LYS E 112 57.13 15.89 0.89
N ILE E 113 55.86 15.63 0.60
CA ILE E 113 55.46 15.18 -0.73
C ILE E 113 55.49 16.39 -1.66
N LEU E 114 56.26 16.29 -2.73
CA LEU E 114 56.48 17.42 -3.62
C LEU E 114 55.77 17.31 -4.96
N ASP E 115 55.47 16.08 -5.42
CA ASP E 115 54.82 15.86 -6.71
C ASP E 115 54.32 14.42 -6.74
N VAL E 116 53.31 14.18 -7.56
CA VAL E 116 52.70 12.87 -7.72
C VAL E 116 52.28 12.71 -9.16
N TYR E 117 52.29 11.48 -9.65
CA TYR E 117 51.93 11.20 -11.03
C TYR E 117 50.77 10.21 -11.03
N PHE E 118 49.74 10.51 -11.82
CA PHE E 118 48.61 9.62 -12.00
C PHE E 118 48.64 9.05 -13.42
N PRO E 119 48.86 7.75 -13.60
CA PRO E 119 48.81 7.18 -14.95
C PRO E 119 47.37 7.15 -15.45
N PRO E 120 47.17 7.09 -16.77
CA PRO E 120 45.79 7.11 -17.29
C PRO E 120 44.94 5.97 -16.76
N GLN E 121 45.53 4.77 -16.64
CA GLN E 121 44.79 3.63 -16.11
C GLN E 121 44.36 3.88 -14.68
N MET E 122 45.11 4.68 -13.93
CA MET E 122 44.65 5.05 -12.60
C MET E 122 43.57 6.11 -12.66
N LEU E 123 43.75 7.11 -13.53
CA LEU E 123 42.75 8.16 -13.67
C LEU E 123 41.38 7.58 -13.96
N VAL E 124 41.33 6.47 -14.72
CA VAL E 124 40.05 5.84 -15.05
C VAL E 124 39.24 5.51 -13.79
N GLN E 125 39.91 5.21 -12.68
CA GLN E 125 39.24 4.72 -11.48
C GLN E 125 38.63 5.82 -10.62
N TYR E 126 38.78 7.10 -11.00
CA TYR E 126 38.37 8.20 -10.14
C TYR E 126 37.43 9.13 -10.88
N ASP E 127 36.69 9.93 -10.10
CA ASP E 127 35.61 10.74 -10.66
C ASP E 127 36.14 11.86 -11.55
N GLY E 128 37.00 12.72 -11.00
CA GLY E 128 37.31 13.97 -11.64
C GLY E 128 36.14 14.93 -11.55
N PRO E 129 36.36 16.19 -11.89
CA PRO E 129 35.27 17.17 -11.80
C PRO E 129 34.14 16.82 -12.77
N GLU E 130 32.95 17.33 -12.47
CA GLU E 130 31.79 17.18 -13.34
C GLU E 130 31.15 18.50 -13.72
N TYR E 131 30.98 19.41 -12.78
CA TYR E 131 30.51 20.77 -13.04
C TYR E 131 31.72 21.69 -13.01
N THR E 132 31.95 22.42 -14.09
CA THR E 132 33.20 23.18 -14.22
C THR E 132 32.92 24.69 -14.28
N ILE E 133 34.03 25.43 -14.34
CA ILE E 133 33.96 26.88 -14.52
C ILE E 133 33.22 27.23 -15.80
N ASP E 134 33.31 26.41 -16.85
CA ASP E 134 32.59 26.70 -18.08
C ASP E 134 31.09 26.67 -17.85
N ASP E 135 30.59 25.67 -17.12
CA ASP E 135 29.17 25.61 -16.79
C ASP E 135 28.73 26.86 -16.02
N MET E 136 29.55 27.29 -15.06
CA MET E 136 29.20 28.48 -14.30
C MET E 136 29.18 29.72 -15.17
N ARG E 137 30.15 29.84 -16.10
CA ARG E 137 30.13 30.94 -17.06
C ARG E 137 28.83 30.94 -17.85
N LYS E 138 28.45 29.78 -18.38
CA LYS E 138 27.20 29.67 -19.11
C LYS E 138 26.01 30.14 -18.28
N TYR E 139 25.94 29.72 -17.01
CA TYR E 139 24.82 30.18 -16.19
C TYR E 139 24.89 31.70 -16.01
N LEU E 140 26.08 32.24 -15.73
CA LEU E 140 26.29 33.66 -15.50
C LEU E 140 26.27 34.48 -16.78
N ASN E 141 26.45 33.83 -17.93
CA ASN E 141 26.50 34.51 -19.23
C ASN E 141 27.61 35.56 -19.26
N ILE E 142 28.80 35.21 -18.76
CA ILE E 142 29.99 36.05 -18.87
C ILE E 142 31.08 35.24 -19.56
N GLN E 143 31.72 35.83 -20.57
CA GLN E 143 32.71 35.13 -21.35
C GLN E 143 34.07 35.76 -21.10
N GLU E 144 35.12 34.95 -21.19
CA GLU E 144 36.51 35.42 -21.20
C GLU E 144 37.03 35.92 -19.86
N ARG E 145 36.37 36.92 -19.28
CA ARG E 145 36.91 37.56 -18.11
C ARG E 145 36.78 36.67 -16.86
N PRO E 146 37.58 36.92 -15.84
CA PRO E 146 37.43 36.19 -14.58
C PRO E 146 36.10 36.47 -13.94
N ILE E 147 35.66 35.53 -13.11
CA ILE E 147 34.43 35.70 -12.34
C ILE E 147 34.76 36.48 -11.08
N PHE E 148 34.10 37.61 -10.90
CA PHE E 148 34.40 38.50 -9.79
C PHE E 148 33.44 38.20 -8.64
N GLY E 149 34.00 37.82 -7.50
CA GLY E 149 33.22 37.44 -6.35
C GLY E 149 33.81 38.01 -5.07
N SER E 150 33.03 37.85 -4.01
CA SER E 150 33.39 38.38 -2.71
C SER E 150 33.09 37.35 -1.64
N ILE E 151 33.81 37.49 -0.52
CA ILE E 151 33.52 36.78 0.70
C ILE E 151 32.80 37.74 1.63
N ILE E 152 31.66 37.33 2.16
CA ILE E 152 30.93 38.21 3.07
C ILE E 152 31.74 38.36 4.34
N LYS E 153 32.08 39.60 4.68
CA LYS E 153 32.74 39.87 5.94
C LYS E 153 31.86 40.79 6.79
N PRO E 154 31.93 40.70 8.12
CA PRO E 154 32.82 39.89 8.99
C PRO E 154 32.71 38.36 8.86
N LYS E 155 33.81 37.67 9.19
CA LYS E 155 33.86 36.21 9.04
C LYS E 155 32.71 35.51 9.76
N ILE E 156 32.27 36.07 10.89
CA ILE E 156 31.10 35.57 11.61
C ILE E 156 30.52 36.74 12.39
N GLY E 157 29.23 36.70 12.64
CA GLY E 157 28.60 37.68 13.51
C GLY E 157 27.51 38.49 12.85
N LEU E 158 27.32 38.38 11.55
CA LEU E 158 26.26 39.10 10.87
C LEU E 158 24.99 38.28 10.97
N THR E 159 23.86 38.96 10.95
CA THR E 159 22.61 38.25 10.83
C THR E 159 22.36 37.86 9.38
N SER E 160 21.38 36.97 9.18
CA SER E 160 21.05 36.51 7.83
C SER E 160 20.61 37.67 6.95
N SER E 161 19.83 38.60 7.50
CA SER E 161 19.39 39.76 6.72
C SER E 161 20.57 40.61 6.30
N GLU E 162 21.45 40.94 7.26
CA GLU E 162 22.66 41.69 6.95
C GLU E 162 23.50 40.97 5.89
N TYR E 163 23.63 39.65 6.04
CA TYR E 163 24.39 38.86 5.07
C TYR E 163 23.80 38.98 3.66
N ALA E 164 22.48 38.84 3.53
CA ALA E 164 21.88 38.98 2.20
C ALA E 164 22.03 40.39 1.67
N GLU E 165 22.01 41.39 2.56
CA GLU E 165 22.24 42.77 2.14
C GLU E 165 23.62 42.94 1.53
N LEU E 166 24.64 42.40 2.18
CA LEU E 166 25.98 42.47 1.62
C LEU E 166 26.07 41.70 0.30
N CYS E 167 25.37 40.56 0.20
CA CYS E 167 25.29 39.86 -1.08
C CYS E 167 24.72 40.75 -2.17
N TYR E 168 23.56 41.37 -1.89
CA TYR E 168 22.92 42.26 -2.86
C TYR E 168 23.85 43.39 -3.23
N ASP E 169 24.47 44.02 -2.24
CA ASP E 169 25.33 45.16 -2.50
C ASP E 169 26.47 44.79 -3.42
N PHE E 170 27.04 43.60 -3.24
CA PHE E 170 28.13 43.19 -4.11
C PHE E 170 27.63 42.92 -5.53
N TRP E 171 26.55 42.14 -5.66
CA TRP E 171 26.03 41.80 -6.98
C TRP E 171 25.57 43.03 -7.74
N SER E 172 24.79 43.89 -7.07
CA SER E 172 24.26 45.09 -7.70
C SER E 172 25.39 46.01 -8.19
N GLY E 173 26.55 45.92 -7.57
CA GLY E 173 27.68 46.68 -8.04
C GLY E 173 28.43 46.04 -9.19
N GLY E 174 27.88 44.98 -9.77
CA GLY E 174 28.48 44.31 -10.89
C GLY E 174 29.23 43.04 -10.57
N GLY E 175 29.32 42.68 -9.29
CA GLY E 175 29.97 41.43 -8.94
C GLY E 175 29.14 40.23 -9.37
N ASP E 176 29.83 39.14 -9.69
CA ASP E 176 29.17 37.95 -10.21
C ASP E 176 28.93 36.88 -9.15
N PHE E 177 29.79 36.78 -8.14
CA PHE E 177 29.88 35.57 -7.33
C PHE E 177 30.02 35.93 -5.86
N VAL E 178 29.21 35.32 -5.00
CA VAL E 178 29.39 35.52 -3.57
C VAL E 178 29.53 34.20 -2.85
N KCX E 179 30.57 34.05 -2.04
CA KCX E 179 30.74 32.83 -1.25
CB KCX E 179 32.10 32.20 -1.53
CG KCX E 179 33.23 33.04 -0.91
CD KCX E 179 34.58 32.36 -1.17
CE KCX E 179 34.71 31.09 -0.34
NZ KCX E 179 34.71 31.42 1.07
C KCX E 179 30.59 33.12 0.25
O KCX E 179 30.87 34.25 0.71
CX KCX E 179 35.97 31.77 1.67
OQ1 KCX E 179 37.02 31.71 0.99
OQ2 KCX E 179 36.01 32.14 2.87
N ASN E 180 30.13 32.12 0.99
CA ASN E 180 30.23 32.15 2.44
C ASN E 180 31.69 32.20 2.82
N ASP E 181 32.01 32.87 3.93
CA ASP E 181 33.27 32.61 4.59
C ASP E 181 33.25 31.18 5.14
N GLU E 182 34.43 30.58 5.24
CA GLU E 182 34.49 29.14 5.49
C GLU E 182 33.80 28.67 6.77
N PRO E 183 33.74 29.43 7.89
CA PRO E 183 33.09 28.90 9.09
C PRO E 183 31.63 29.25 9.26
N GLN E 184 31.08 30.08 8.37
CA GLN E 184 29.68 30.47 8.47
C GLN E 184 28.78 29.25 8.28
N ALA E 185 27.82 29.09 9.19
CA ALA E 185 26.93 27.94 9.12
C ALA E 185 25.58 28.26 9.74
N ASP E 186 25.15 27.45 10.71
CA ASP E 186 23.83 27.62 11.30
C ASP E 186 23.95 28.20 12.70
N GLN E 187 24.70 29.29 12.83
CA GLN E 187 24.79 29.95 14.13
C GLN E 187 23.42 30.50 14.53
N ASP E 188 23.17 30.48 15.84
CA ASP E 188 21.85 30.85 16.34
C ASP E 188 21.48 32.26 15.94
N PHE E 189 22.45 33.17 15.88
CA PHE E 189 22.19 34.54 15.48
C PHE E 189 22.06 34.73 13.97
N CYS E 190 22.47 33.74 13.16
CA CYS E 190 22.37 33.80 11.70
C CYS E 190 21.78 32.50 11.17
N PRO E 191 20.50 32.25 11.40
CA PRO E 191 19.91 30.96 11.00
C PRO E 191 20.16 30.61 9.54
N TYR E 192 20.57 29.38 9.31
CA TYR E 192 20.96 28.92 7.98
C TYR E 192 19.79 28.93 7.01
N ASP E 193 18.63 28.44 7.45
CA ASP E 193 17.46 28.46 6.57
C ASP E 193 17.11 29.88 6.15
N LYS E 194 17.05 30.80 7.13
CA LYS E 194 16.74 32.19 6.83
C LYS E 194 17.84 32.85 6.00
N MET E 195 19.10 32.47 6.25
CA MET E 195 20.20 32.95 5.42
C MET E 195 19.99 32.57 3.96
N VAL E 196 19.60 31.32 3.70
CA VAL E 196 19.36 30.86 2.33
C VAL E 196 18.18 31.61 1.70
N GLN E 197 17.08 31.74 2.46
CA GLN E 197 15.90 32.41 1.92
C GLN E 197 16.18 33.87 1.57
N ASP E 198 16.89 34.57 2.47
CA ASP E 198 17.20 35.98 2.22
C ASP E 198 18.18 36.12 1.07
N VAL E 199 19.12 35.18 0.94
CA VAL E 199 20.03 35.21 -0.21
C VAL E 199 19.26 35.05 -1.51
N ARG E 200 18.29 34.12 -1.54
CA ARG E 200 17.45 33.98 -2.72
C ARG E 200 16.71 35.27 -3.04
N HIS E 201 16.10 35.90 -2.03
CA HIS E 201 15.36 37.14 -2.27
C HIS E 201 16.28 38.22 -2.82
N ALA E 202 17.46 38.39 -2.22
CA ALA E 202 18.42 39.37 -2.72
C ALA E 202 18.83 39.06 -4.14
N MET E 203 19.03 37.78 -4.45
CA MET E 203 19.38 37.40 -5.82
C MET E 203 18.25 37.76 -6.77
N ASP E 204 17.00 37.54 -6.35
CA ASP E 204 15.83 37.90 -7.16
C ASP E 204 15.82 39.39 -7.48
N ARG E 205 16.09 40.21 -6.46
CA ARG E 205 16.06 41.66 -6.65
C ARG E 205 17.16 42.11 -7.61
N VAL E 206 18.38 41.57 -7.44
CA VAL E 206 19.46 41.91 -8.36
C VAL E 206 19.12 41.46 -9.78
N GLU E 207 18.57 40.25 -9.93
CA GLU E 207 18.22 39.76 -11.26
C GLU E 207 17.17 40.65 -11.92
N GLN E 208 16.20 41.16 -11.15
CA GLN E 208 15.27 42.11 -11.74
C GLN E 208 15.97 43.40 -12.14
N GLU E 209 16.83 43.93 -11.27
CA GLU E 209 17.37 45.26 -11.50
C GLU E 209 18.39 45.27 -12.63
N THR E 210 19.17 44.21 -12.77
CA THR E 210 20.20 44.16 -13.80
C THR E 210 19.87 43.23 -14.96
N GLY E 211 18.95 42.29 -14.77
CA GLY E 211 18.74 41.29 -15.80
C GLY E 211 19.83 40.26 -15.90
N LYS E 212 20.76 40.23 -14.94
CA LYS E 212 21.91 39.35 -14.97
C LYS E 212 21.74 38.26 -13.92
N THR E 213 22.20 37.05 -14.24
CA THR E 213 22.20 35.98 -13.26
C THR E 213 23.39 36.15 -12.33
N LYS E 214 23.31 35.49 -11.16
CA LYS E 214 24.35 35.55 -10.15
C LYS E 214 24.57 34.16 -9.58
N VAL E 215 25.61 34.02 -8.74
CA VAL E 215 25.96 32.74 -8.13
C VAL E 215 26.34 32.97 -6.68
N HIS E 216 25.87 32.06 -5.81
CA HIS E 216 26.23 32.06 -4.40
C HIS E 216 26.72 30.68 -4.01
N SER E 217 27.94 30.63 -3.47
CA SER E 217 28.53 29.40 -2.95
C SER E 217 28.18 29.29 -1.47
N PHE E 218 27.36 28.30 -1.12
CA PHE E 218 26.95 28.08 0.25
C PHE E 218 27.88 27.08 0.94
N ASN E 219 28.28 27.40 2.17
CA ASN E 219 29.03 26.46 2.99
C ASN E 219 28.08 25.41 3.56
N ILE E 220 28.24 24.16 3.15
CA ILE E 220 27.43 23.08 3.70
C ILE E 220 28.19 22.22 4.68
N SER E 221 29.45 22.55 4.97
CA SER E 221 30.19 21.88 6.03
C SER E 221 29.36 21.89 7.30
N SER E 222 29.17 20.71 7.90
CA SER E 222 28.25 20.56 9.02
C SER E 222 28.88 19.64 10.06
N SER E 223 28.12 19.35 11.11
CA SER E 223 28.61 18.44 12.14
C SER E 223 28.64 17.01 11.64
N ASP E 224 27.60 16.59 10.93
CA ASP E 224 27.50 15.23 10.43
C ASP E 224 27.01 15.24 8.99
N TYR E 225 26.93 14.05 8.42
CA TYR E 225 26.58 13.87 7.01
C TYR E 225 25.12 14.20 6.78
N ASP E 226 24.26 13.84 7.74
CA ASP E 226 22.83 14.10 7.63
C ASP E 226 22.52 15.59 7.54
N THR E 227 23.20 16.41 8.35
CA THR E 227 22.98 17.86 8.28
C THR E 227 23.50 18.47 7.00
N MET E 228 24.66 18.01 6.52
CA MET E 228 25.17 18.51 5.26
C MET E 228 24.18 18.20 4.13
N ILE E 229 23.62 16.98 4.14
CA ILE E 229 22.63 16.60 3.11
C ILE E 229 21.35 17.43 3.26
N LYS E 230 20.90 17.67 4.49
CA LYS E 230 19.76 18.56 4.68
C LYS E 230 19.99 19.93 4.08
N LYS E 231 21.14 20.53 4.38
CA LYS E 231 21.45 21.85 3.86
C LYS E 231 21.47 21.85 2.33
N ALA E 232 22.14 20.85 1.74
CA ALA E 232 22.22 20.79 0.29
C ALA E 232 20.83 20.69 -0.34
N ASP E 233 19.99 19.78 0.19
CA ASP E 233 18.66 19.62 -0.35
C ASP E 233 17.81 20.89 -0.19
N TYR E 234 17.97 21.58 0.95
CA TYR E 234 17.24 22.82 1.15
C TYR E 234 17.66 23.87 0.13
N ILE E 235 18.96 24.01 -0.10
CA ILE E 235 19.45 24.98 -1.07
C ILE E 235 18.88 24.66 -2.45
N GLN E 236 18.92 23.39 -2.84
CA GLN E 236 18.32 23.00 -4.12
C GLN E 236 16.84 23.36 -4.16
N SER E 237 16.13 23.19 -3.04
CA SER E 237 14.71 23.50 -3.02
C SER E 237 14.43 25.00 -3.03
N MET E 238 15.42 25.82 -2.67
CA MET E 238 15.20 27.25 -2.56
C MET E 238 15.85 28.09 -3.66
N MET E 239 16.88 27.57 -4.34
CA MET E 239 17.61 28.33 -5.34
C MET E 239 17.37 27.76 -6.73
N LYS E 240 17.41 28.63 -7.74
CA LYS E 240 17.30 28.17 -9.12
C LYS E 240 18.55 27.40 -9.53
N PRO E 241 18.40 26.38 -10.37
CA PRO E 241 19.56 25.60 -10.81
C PRO E 241 20.64 26.49 -11.41
N GLY E 242 21.88 26.21 -11.04
CA GLY E 242 23.02 26.97 -11.47
C GLY E 242 23.32 28.19 -10.62
N SER E 243 22.35 28.70 -9.87
CA SER E 243 22.53 29.92 -9.10
C SER E 243 23.22 29.68 -7.77
N TYR E 244 23.55 28.42 -7.44
CA TYR E 244 24.16 28.07 -6.17
C TYR E 244 25.30 27.10 -6.39
N ALA E 245 26.30 27.20 -5.51
CA ALA E 245 27.37 26.22 -5.43
C ALA E 245 27.47 25.70 -3.99
N PHE E 246 28.08 24.52 -3.83
CA PHE E 246 28.24 23.89 -2.52
C PHE E 246 29.69 23.97 -2.10
N LEU E 247 29.97 24.68 -1.02
CA LEU E 247 31.32 24.81 -0.50
C LEU E 247 31.54 23.84 0.65
N VAL E 248 32.70 23.17 0.65
CA VAL E 248 33.08 22.24 1.70
C VAL E 248 34.47 22.60 2.23
N ASP E 249 34.57 22.72 3.56
CA ASP E 249 35.85 22.85 4.26
C ASP E 249 36.55 21.50 4.13
N GLY E 250 37.21 21.31 2.99
CA GLY E 250 37.71 19.99 2.64
C GLY E 250 38.64 19.39 3.66
N ILE E 251 39.61 20.18 4.14
CA ILE E 251 40.62 19.61 5.02
C ILE E 251 40.01 19.24 6.37
N THR E 252 39.24 20.15 6.97
CA THR E 252 38.70 19.89 8.30
C THR E 252 37.50 18.94 8.26
N ALA E 253 36.68 19.00 7.21
CA ALA E 253 35.56 18.06 7.11
C ALA E 253 36.00 16.74 6.52
N GLY E 254 36.97 16.74 5.62
CA GLY E 254 37.57 15.51 5.15
C GLY E 254 37.29 15.24 3.68
N TRP E 255 38.20 14.47 3.06
CA TRP E 255 38.04 14.08 1.66
C TRP E 255 36.73 13.37 1.40
N MET E 256 36.21 12.63 2.40
CA MET E 256 34.95 11.92 2.18
C MET E 256 33.78 12.88 1.96
N ALA E 257 33.78 14.01 2.67
CA ALA E 257 32.74 15.00 2.41
C ALA E 257 32.81 15.49 0.97
N ILE E 258 34.03 15.79 0.50
CA ILE E 258 34.24 16.23 -0.88
C ILE E 258 33.66 15.21 -1.86
N GLN E 259 34.10 13.95 -1.73
CA GLN E 259 33.67 12.94 -2.70
C GLN E 259 32.17 12.70 -2.62
N THR E 260 31.59 12.80 -1.43
CA THR E 260 30.15 12.57 -1.28
C THR E 260 29.34 13.66 -1.96
N ILE E 261 29.73 14.93 -1.77
CA ILE E 261 29.01 16.01 -2.43
C ILE E 261 29.19 15.94 -3.95
N ARG E 262 30.40 15.65 -4.40
CA ARG E 262 30.64 15.42 -5.83
C ARG E 262 29.71 14.36 -6.39
N ARG E 263 29.50 13.26 -5.66
CA ARG E 263 28.73 12.17 -6.23
C ARG E 263 27.22 12.35 -6.08
N LYS E 264 26.75 13.01 -5.02
CA LYS E 264 25.31 13.15 -4.83
C LYS E 264 24.73 14.35 -5.59
N TYR E 265 25.54 15.37 -5.84
CA TYR E 265 25.08 16.56 -6.57
C TYR E 265 26.09 16.86 -7.67
N PRO E 266 26.20 15.97 -8.66
CA PRO E 266 27.22 16.17 -9.70
C PRO E 266 26.92 17.38 -10.56
N ASN E 267 25.66 17.83 -10.61
CA ASN E 267 25.27 18.98 -11.40
C ASN E 267 25.34 20.30 -10.63
N VAL E 268 26.00 20.32 -9.48
CA VAL E 268 26.21 21.54 -8.72
C VAL E 268 27.70 21.75 -8.51
N PHE E 269 28.16 22.99 -8.68
CA PHE E 269 29.56 23.34 -8.52
C PHE E 269 30.04 23.00 -7.12
N LEU E 270 31.06 22.14 -7.05
CA LEU E 270 31.68 21.77 -5.79
C LEU E 270 32.89 22.67 -5.53
N HIS E 271 32.79 23.50 -4.50
CA HIS E 271 33.80 24.50 -4.14
C HIS E 271 34.59 23.99 -2.93
N PHE E 272 35.80 23.51 -3.19
CA PHE E 272 36.70 23.00 -2.16
C PHE E 272 37.41 24.17 -1.51
N HIS E 273 36.95 24.56 -0.32
CA HIS E 273 37.71 25.48 0.49
C HIS E 273 38.71 24.68 1.33
N ARG E 274 39.96 25.13 1.35
CA ARG E 274 41.06 24.36 1.92
C ARG E 274 41.52 24.89 3.27
N ALA E 275 40.59 25.42 4.07
CA ALA E 275 40.93 25.92 5.40
C ALA E 275 41.57 24.83 6.24
N GLY E 276 42.82 25.09 6.66
CA GLY E 276 43.59 24.15 7.45
C GLY E 276 44.74 23.50 6.69
N HIS E 277 44.77 23.64 5.37
CA HIS E 277 45.81 23.03 4.55
C HIS E 277 47.21 23.51 4.89
N GLY E 278 47.35 24.67 5.53
CA GLY E 278 48.67 25.21 5.78
C GLY E 278 49.60 24.24 6.48
N ALA E 279 49.08 23.54 7.50
CA ALA E 279 49.89 22.57 8.23
C ALA E 279 50.50 21.52 7.32
N PHE E 280 49.83 21.19 6.21
CA PHE E 280 50.43 20.28 5.25
C PHE E 280 51.36 21.02 4.30
N THR E 281 50.96 22.20 3.84
CA THR E 281 51.55 22.78 2.63
C THR E 281 52.57 23.88 2.90
N ARG E 282 52.53 24.53 4.07
CA ARG E 282 53.42 25.65 4.30
C ARG E 282 54.88 25.23 4.18
N ASP E 283 55.66 26.12 3.55
CA ASP E 283 57.08 25.87 3.33
C ASP E 283 57.82 25.65 4.65
N GLU E 284 57.35 26.28 5.73
CA GLU E 284 57.99 26.20 7.03
C GLU E 284 57.84 24.84 7.68
N ASN E 285 56.81 24.08 7.32
CA ASN E 285 56.56 22.77 7.92
C ASN E 285 57.32 21.72 7.13
N PRO E 286 58.37 21.11 7.68
CA PRO E 286 59.10 20.08 6.93
C PRO E 286 58.30 18.80 6.69
N ILE E 287 57.17 18.63 7.37
CA ILE E 287 56.34 17.43 7.25
C ILE E 287 55.00 17.83 6.66
N GLY E 288 54.58 17.15 5.61
CA GLY E 288 53.32 17.40 4.93
C GLY E 288 53.45 17.16 3.44
N TYR E 289 52.60 17.84 2.66
CA TYR E 289 52.67 17.81 1.21
C TYR E 289 52.35 19.20 0.68
N THR E 290 52.90 19.50 -0.50
CA THR E 290 52.81 20.83 -1.08
C THR E 290 51.45 21.10 -1.73
N VAL E 291 51.25 22.36 -2.11
CA VAL E 291 50.00 22.86 -2.68
C VAL E 291 49.73 22.27 -4.07
N PRO E 292 50.73 22.12 -4.96
CA PRO E 292 50.44 21.41 -6.22
C PRO E 292 49.87 20.02 -6.00
N VAL E 293 50.37 19.30 -4.99
CA VAL E 293 49.87 17.97 -4.69
C VAL E 293 48.43 18.05 -4.19
N LEU E 294 48.17 18.95 -3.25
CA LEU E 294 46.81 19.17 -2.76
C LEU E 294 45.85 19.44 -3.91
N THR E 295 46.27 20.29 -4.84
CA THR E 295 45.42 20.65 -5.97
C THR E 295 45.17 19.46 -6.88
N LYS E 296 46.21 18.70 -7.21
CA LYS E 296 46.03 17.53 -8.06
C LYS E 296 45.08 16.53 -7.43
N PHE E 297 45.18 16.33 -6.12
CA PHE E 297 44.23 15.42 -5.48
C PHE E 297 42.83 16.01 -5.42
N ALA E 298 42.71 17.34 -5.29
CA ALA E 298 41.39 17.97 -5.34
C ALA E 298 40.74 17.77 -6.71
N ARG E 299 41.54 17.77 -7.77
CA ARG E 299 40.99 17.46 -9.08
C ARG E 299 40.59 16.00 -9.18
N LEU E 300 41.45 15.11 -8.66
CA LEU E 300 41.15 13.69 -8.68
C LEU E 300 39.85 13.38 -7.93
N ALA E 301 39.64 14.05 -6.79
CA ALA E 301 38.46 13.81 -5.97
C ALA E 301 37.19 14.30 -6.63
N GLY E 302 37.29 15.26 -7.54
CA GLY E 302 36.16 15.78 -8.25
C GLY E 302 35.72 17.19 -7.88
N ALA E 303 36.55 17.97 -7.21
CA ALA E 303 36.18 19.35 -6.88
C ALA E 303 35.98 20.17 -8.15
N SER E 304 34.91 20.97 -8.16
CA SER E 304 34.72 21.89 -9.29
C SER E 304 35.75 23.01 -9.28
N GLY E 305 36.19 23.42 -8.09
CA GLY E 305 37.21 24.44 -7.96
C GLY E 305 37.83 24.36 -6.59
N ILE E 306 39.08 24.83 -6.50
CA ILE E 306 39.78 24.90 -5.22
C ILE E 306 40.66 26.14 -5.23
N HIS E 307 40.86 26.70 -4.03
CA HIS E 307 41.78 27.82 -3.87
C HIS E 307 43.21 27.39 -4.17
N THR E 308 43.89 28.17 -5.00
CA THR E 308 45.23 27.82 -5.47
C THR E 308 46.28 28.84 -5.06
N GLY E 309 45.88 29.93 -4.41
CA GLY E 309 46.82 30.92 -3.94
C GLY E 309 46.89 32.13 -4.85
N THR E 310 47.42 33.22 -4.30
CA THR E 310 47.56 34.48 -5.02
C THR E 310 48.99 34.72 -5.49
N ALA E 311 49.81 33.66 -5.52
CA ALA E 311 51.20 33.72 -6.01
C ALA E 311 52.02 34.75 -5.24
N GLY E 312 51.70 34.93 -3.95
CA GLY E 312 52.37 35.90 -3.13
C GLY E 312 51.84 37.31 -3.24
N ILE E 313 50.93 37.57 -4.18
CA ILE E 313 50.40 38.93 -4.34
C ILE E 313 49.54 39.31 -3.14
N GLY E 314 48.75 38.37 -2.63
CA GLY E 314 47.91 38.61 -1.48
C GLY E 314 48.56 38.33 -0.15
N LYS E 315 47.77 37.82 0.80
CA LYS E 315 48.21 37.64 2.17
C LYS E 315 48.52 36.20 2.56
N MET E 316 48.13 35.22 1.74
CA MET E 316 48.39 33.82 2.06
C MET E 316 49.72 33.40 1.48
N ALA E 317 50.42 32.53 2.20
CA ALA E 317 51.75 32.11 1.78
C ALA E 317 51.71 31.45 0.41
N GLY E 318 52.71 31.77 -0.41
CA GLY E 318 52.84 31.22 -1.73
C GLY E 318 53.72 32.09 -2.59
N SER E 319 54.25 31.49 -3.64
CA SER E 319 55.08 32.16 -4.63
C SER E 319 54.45 31.98 -6.01
N PRO E 320 54.88 32.77 -7.00
CA PRO E 320 54.41 32.50 -8.37
C PRO E 320 54.61 31.06 -8.80
N LYS E 321 55.71 30.44 -8.37
CA LYS E 321 56.08 29.09 -8.75
C LYS E 321 54.98 28.09 -8.37
N GLU E 322 54.74 27.97 -7.07
CA GLU E 322 53.84 26.95 -6.55
C GLU E 322 52.39 27.23 -6.91
N ASP E 323 51.95 28.49 -6.73
CA ASP E 323 50.55 28.83 -6.94
C ASP E 323 50.18 28.78 -8.42
N VAL E 324 51.08 29.24 -9.29
CA VAL E 324 50.76 29.18 -10.72
C VAL E 324 50.78 27.72 -11.18
N MET E 325 51.73 26.92 -10.69
CA MET E 325 51.71 25.49 -10.99
C MET E 325 50.39 24.87 -10.52
N ALA E 326 49.87 25.33 -9.39
CA ALA E 326 48.60 24.81 -8.89
C ALA E 326 47.44 25.18 -9.82
N ALA E 327 47.41 26.44 -10.26
CA ALA E 327 46.37 26.85 -11.20
C ALA E 327 46.45 26.04 -12.49
N ARG E 328 47.65 25.76 -12.95
CA ARG E 328 47.80 24.96 -14.17
C ARG E 328 47.37 23.52 -13.93
N HIS E 329 47.71 22.94 -12.78
CA HIS E 329 47.22 21.60 -12.43
C HIS E 329 45.71 21.55 -12.46
N ALA E 330 45.04 22.64 -12.09
CA ALA E 330 43.58 22.65 -12.10
C ALA E 330 43.01 22.82 -13.51
N LEU E 331 43.64 23.66 -14.35
CA LEU E 331 43.03 24.08 -15.61
C LEU E 331 43.45 23.26 -16.82
N LYS E 332 44.74 22.99 -16.99
CA LYS E 332 45.26 22.50 -18.26
C LYS E 332 45.05 21.01 -18.43
N LEU E 333 44.99 20.58 -19.70
CA LEU E 333 45.01 19.16 -20.03
C LEU E 333 46.41 18.57 -19.83
N TYR E 334 47.44 19.36 -20.13
CA TYR E 334 48.84 18.99 -19.88
C TYR E 334 49.41 19.99 -18.89
N SER E 335 49.72 19.53 -17.69
CA SER E 335 50.26 20.39 -16.64
C SER E 335 51.62 19.85 -16.20
N GLU E 336 52.49 20.77 -15.82
CA GLU E 336 53.86 20.43 -15.47
C GLU E 336 54.01 20.51 -13.96
N GLY E 337 54.43 19.41 -13.33
CA GLY E 337 54.86 19.44 -11.96
C GLY E 337 56.35 19.73 -11.87
N ASP E 338 56.83 19.80 -10.63
CA ASP E 338 58.26 19.99 -10.39
C ASP E 338 59.07 18.80 -10.86
N TYR E 339 58.44 17.63 -11.00
CA TYR E 339 59.14 16.38 -11.30
C TYR E 339 58.38 15.47 -12.25
N PHE E 340 57.07 15.63 -12.40
CA PHE E 340 56.24 14.78 -13.24
C PHE E 340 55.44 15.63 -14.22
N LYS E 341 55.33 15.14 -15.46
CA LYS E 341 54.40 15.70 -16.43
C LYS E 341 53.07 14.98 -16.29
N GLN E 342 51.98 15.73 -16.11
CA GLN E 342 50.66 15.16 -15.95
C GLN E 342 49.82 15.47 -17.18
N ILE E 343 49.28 14.43 -17.80
CA ILE E 343 48.25 14.56 -18.83
C ILE E 343 46.96 14.04 -18.24
N TRP E 344 45.96 14.91 -18.12
CA TRP E 344 44.70 14.56 -17.48
C TRP E 344 43.78 13.87 -18.49
N SER E 345 44.27 12.75 -19.01
CA SER E 345 43.56 11.98 -20.03
C SER E 345 43.71 10.50 -19.73
N GLU E 346 42.60 9.77 -19.86
CA GLU E 346 42.56 8.33 -19.64
C GLU E 346 42.98 7.54 -20.88
N ILE E 347 43.50 8.25 -21.89
CA ILE E 347 43.77 7.73 -23.22
C ILE E 347 45.28 7.63 -23.39
N PRO E 348 45.82 6.70 -24.19
CA PRO E 348 47.28 6.65 -24.37
C PRO E 348 47.83 7.97 -24.89
N GLU E 349 49.00 8.36 -24.37
CA GLU E 349 49.61 9.62 -24.78
C GLU E 349 49.84 9.69 -26.27
N LYS E 350 50.12 8.56 -26.91
CA LYS E 350 50.42 8.57 -28.33
C LYS E 350 49.19 8.85 -29.18
N ASP E 351 47.99 8.81 -28.61
CA ASP E 351 46.78 8.97 -29.41
C ASP E 351 46.78 10.29 -30.15
N ALA E 352 46.44 10.24 -31.43
CA ALA E 352 46.53 11.41 -32.28
C ALA E 352 45.62 12.54 -31.80
N ASP E 353 44.38 12.21 -31.43
CA ASP E 353 43.46 13.23 -30.94
C ASP E 353 43.99 13.89 -29.68
N LEU E 354 44.59 13.10 -28.79
CA LEU E 354 45.11 13.66 -27.55
C LEU E 354 46.29 14.60 -27.80
N GLN E 355 47.27 14.16 -28.61
CA GLN E 355 48.40 15.02 -28.94
C GLN E 355 47.94 16.29 -29.66
N LEU E 356 46.99 16.16 -30.58
CA LEU E 356 46.45 17.32 -31.27
C LEU E 356 45.80 18.29 -30.29
N ALA E 357 45.00 17.76 -29.36
CA ALA E 357 44.37 18.62 -28.36
C ALA E 357 45.41 19.30 -27.49
N ILE E 358 46.48 18.60 -27.13
CA ILE E 358 47.53 19.20 -26.31
C ILE E 358 48.16 20.37 -27.04
N GLN E 359 48.45 20.18 -28.33
CA GLN E 359 48.99 21.28 -29.14
C GLN E 359 48.01 22.45 -29.21
N LYS E 360 46.74 22.16 -29.49
CA LYS E 360 45.74 23.21 -29.56
C LYS E 360 45.60 23.95 -28.24
N GLU E 361 45.77 23.26 -27.12
CA GLU E 361 45.77 23.93 -25.82
C GLU E 361 47.00 24.83 -25.70
N ALA E 362 48.15 24.34 -26.17
CA ALA E 362 49.34 25.20 -26.21
C ALA E 362 49.10 26.44 -27.05
N GLU E 363 48.10 26.41 -27.93
CA GLU E 363 47.75 27.58 -28.74
C GLU E 363 46.57 28.38 -28.19
N GLY E 364 46.02 27.99 -27.05
CA GLY E 364 44.94 28.73 -26.42
C GLY E 364 43.55 28.22 -26.70
N GLU E 365 43.41 27.05 -27.33
CA GLU E 365 42.09 26.51 -27.63
C GLU E 365 41.63 25.60 -26.52
N ASP E 366 40.32 25.59 -26.29
CA ASP E 366 39.73 24.84 -25.20
C ASP E 366 39.68 23.37 -25.55
N TYR E 367 39.99 22.51 -24.58
CA TYR E 367 39.94 21.08 -24.79
C TYR E 367 38.70 20.44 -24.18
N SER E 368 37.81 21.24 -23.57
CA SER E 368 36.70 20.69 -22.82
C SER E 368 35.75 19.84 -23.66
N ASN E 369 35.69 20.07 -24.97
CA ASN E 369 34.82 19.31 -25.85
C ASN E 369 35.48 18.05 -26.40
N LEU E 370 36.68 17.71 -25.93
CA LEU E 370 37.43 16.59 -26.50
C LEU E 370 36.70 15.26 -26.33
N GLY E 371 35.75 15.16 -25.41
CA GLY E 371 35.09 13.90 -25.17
C GLY E 371 34.95 13.56 -23.70
N TYR E 372 33.70 13.52 -23.23
CA TYR E 372 33.39 13.35 -21.81
C TYR E 372 34.06 12.11 -21.24
N TRP E 373 34.37 11.16 -22.10
CA TRP E 373 34.97 9.87 -21.83
C TRP E 373 36.48 9.79 -22.00
N ARG E 374 37.17 10.89 -22.29
CA ARG E 374 38.61 10.76 -22.52
C ARG E 374 39.47 11.80 -21.81
N ILE E 375 38.88 12.71 -21.04
CA ILE E 375 39.64 13.70 -20.31
C ILE E 375 39.12 13.79 -18.89
N THR E 376 40.01 14.16 -17.98
CA THR E 376 39.61 14.63 -16.65
C THR E 376 39.21 16.09 -16.80
N LYS E 377 37.98 16.42 -16.44
CA LYS E 377 37.44 17.75 -16.66
C LYS E 377 38.28 18.80 -15.94
N LYS E 378 38.25 20.03 -16.44
CA LYS E 378 39.06 21.09 -15.85
C LYS E 378 38.48 21.53 -14.51
N MET E 379 39.38 21.93 -13.62
CA MET E 379 39.00 22.43 -12.30
C MET E 379 39.33 23.91 -12.19
N CYS E 380 38.53 24.61 -11.42
CA CYS E 380 38.65 26.05 -11.40
C CYS E 380 39.55 26.49 -10.26
N PRO E 381 40.59 27.29 -10.55
CA PRO E 381 41.35 27.91 -9.46
C PRO E 381 40.55 29.06 -8.88
N ILE E 382 40.51 29.14 -7.56
CA ILE E 382 39.81 30.19 -6.85
C ILE E 382 40.86 31.04 -6.16
N ILE E 383 40.79 32.35 -6.37
CA ILE E 383 41.88 33.26 -6.04
C ILE E 383 41.40 34.14 -4.90
N SER E 384 42.00 33.98 -3.72
CA SER E 384 41.53 34.68 -2.55
C SER E 384 42.67 34.87 -1.55
N GLY E 385 42.48 35.85 -0.67
CA GLY E 385 43.42 36.10 0.39
C GLY E 385 44.13 37.42 0.22
N GLY E 386 43.62 38.47 0.88
CA GLY E 386 44.28 39.76 0.82
C GLY E 386 44.16 40.47 -0.50
N LEU E 387 43.18 40.11 -1.32
CA LEU E 387 43.06 40.73 -2.63
C LEU E 387 42.21 42.00 -2.56
N ASN E 388 42.53 42.95 -3.42
CA ASN E 388 41.81 44.21 -3.56
C ASN E 388 41.92 44.65 -5.01
N PRO E 389 41.11 45.66 -5.43
CA PRO E 389 41.10 46.02 -6.86
C PRO E 389 42.47 46.31 -7.45
N LEU E 390 43.43 46.73 -6.61
CA LEU E 390 44.75 47.11 -7.09
C LEU E 390 45.60 45.92 -7.51
N LEU E 391 45.27 44.71 -7.06
CA LEU E 391 46.11 43.54 -7.27
C LEU E 391 45.62 42.60 -8.37
N ILE E 392 44.40 42.81 -8.89
CA ILE E 392 43.85 41.89 -9.88
C ILE E 392 44.71 41.83 -11.13
N GLY E 393 45.13 43.00 -11.63
CA GLY E 393 45.94 43.04 -12.84
C GLY E 393 47.25 42.31 -12.69
N LYS E 394 47.96 42.57 -11.59
CA LYS E 394 49.21 41.86 -11.32
C LYS E 394 49.00 40.35 -11.27
N PHE E 395 47.91 39.89 -10.64
CA PHE E 395 47.67 38.45 -10.59
C PHE E 395 47.42 37.86 -11.97
N ILE E 396 46.51 38.48 -12.73
CA ILE E 396 46.23 37.98 -14.08
C ILE E 396 47.51 37.92 -14.89
N ASP E 397 48.35 38.95 -14.78
CA ASP E 397 49.63 38.96 -15.49
C ASP E 397 50.51 37.80 -15.03
N THR E 398 50.49 37.48 -13.73
CA THR E 398 51.35 36.41 -13.22
C THR E 398 50.86 35.01 -13.63
N VAL E 399 49.55 34.78 -13.62
CA VAL E 399 49.04 33.43 -13.85
C VAL E 399 48.98 33.12 -15.34
N GLY E 400 48.79 34.13 -16.18
CA GLY E 400 48.73 33.92 -17.61
C GLY E 400 47.41 33.40 -18.12
N THR E 401 46.32 33.67 -17.41
CA THR E 401 45.00 33.25 -17.86
C THR E 401 43.95 34.12 -17.18
N GLN E 402 42.70 33.95 -17.62
CA GLN E 402 41.55 34.62 -17.02
C GLN E 402 40.50 33.59 -16.60
N ASP E 403 40.80 32.30 -16.73
CA ASP E 403 39.89 31.23 -16.30
C ASP E 403 40.02 31.05 -14.79
N PHE E 404 39.39 31.96 -14.04
CA PHE E 404 39.40 31.77 -12.60
C PHE E 404 38.29 32.60 -11.94
N ILE E 405 38.01 32.24 -10.69
CA ILE E 405 37.12 32.99 -9.81
C ILE E 405 38.00 33.69 -8.79
N THR E 406 37.89 35.01 -8.72
CA THR E 406 38.51 35.75 -7.62
C THR E 406 37.46 36.07 -6.57
N THR E 407 37.84 35.97 -5.30
CA THR E 407 36.95 36.33 -4.20
C THR E 407 37.65 37.29 -3.26
N MET E 408 36.98 38.39 -2.95
CA MET E 408 37.55 39.47 -2.14
C MET E 408 36.64 39.75 -0.96
N GLY E 409 37.23 39.79 0.23
CA GLY E 409 36.46 40.10 1.41
C GLY E 409 36.60 41.55 1.81
N ALA E 410 37.70 41.86 2.50
CA ALA E 410 37.98 43.24 2.88
C ALA E 410 38.33 44.07 1.66
N GLY E 411 38.81 43.44 0.60
CA GLY E 411 39.02 44.13 -0.66
C GLY E 411 37.76 44.70 -1.27
N VAL E 412 36.58 44.34 -0.74
CA VAL E 412 35.30 44.85 -1.19
C VAL E 412 34.56 45.59 -0.09
N HIS E 413 34.36 44.95 1.06
CA HIS E 413 33.55 45.52 2.13
C HIS E 413 34.28 46.53 3.00
N SER E 414 35.60 46.65 2.88
CA SER E 414 36.30 47.71 3.59
C SER E 414 36.51 48.93 2.71
N HIS E 415 35.98 48.91 1.50
CA HIS E 415 36.02 50.07 0.63
C HIS E 415 35.26 51.22 1.29
N PRO E 416 35.83 52.42 1.34
CA PRO E 416 35.19 53.52 2.11
C PRO E 416 33.77 53.84 1.71
N MET E 417 33.37 53.59 0.46
CA MET E 417 32.03 53.95 0.00
C MET E 417 31.04 52.79 0.04
N GLY E 418 31.42 51.67 0.63
CA GLY E 418 30.51 50.55 0.81
C GLY E 418 30.81 49.41 -0.15
N THR E 419 30.00 48.36 0.01
CA THR E 419 30.20 47.12 -0.73
C THR E 419 30.01 47.32 -2.23
N LYS E 420 28.89 47.93 -2.61
CA LYS E 420 28.62 48.22 -4.01
C LYS E 420 29.79 48.93 -4.65
N ALA E 421 30.35 49.91 -3.95
CA ALA E 421 31.50 50.64 -4.45
C ALA E 421 32.71 49.73 -4.59
N GLY E 422 32.92 48.80 -3.64
CA GLY E 422 34.04 47.88 -3.77
C GLY E 422 33.93 47.00 -4.99
N ALA E 423 32.72 46.50 -5.28
CA ALA E 423 32.53 45.69 -6.47
C ALA E 423 32.73 46.53 -7.73
N THR E 424 32.15 47.73 -7.77
CA THR E 424 32.36 48.60 -8.92
C THR E 424 33.85 48.91 -9.09
N ALA E 425 34.58 49.02 -7.99
CA ALA E 425 36.00 49.35 -8.07
C ALA E 425 36.80 48.18 -8.64
N VAL E 426 36.47 46.94 -8.25
CA VAL E 426 37.18 45.81 -8.83
C VAL E 426 36.88 45.73 -10.33
N LEU E 427 35.63 46.01 -10.71
CA LEU E 427 35.32 45.97 -12.14
C LEU E 427 36.10 47.04 -12.88
N GLN E 428 36.20 48.25 -12.31
CA GLN E 428 36.92 49.32 -12.98
C GLN E 428 38.42 49.03 -13.06
N ALA E 429 38.98 48.38 -12.04
CA ALA E 429 40.39 48.01 -12.11
C ALA E 429 40.64 46.96 -13.18
N TYR E 430 39.72 46.03 -13.34
CA TYR E 430 39.85 45.08 -14.46
C TYR E 430 39.72 45.79 -15.80
N GLU E 431 38.80 46.75 -15.88
CA GLU E 431 38.64 47.54 -17.09
C GLU E 431 39.95 48.25 -17.43
N ALA E 432 40.61 48.80 -16.40
CA ALA E 432 41.91 49.43 -16.59
C ALA E 432 42.94 48.42 -17.09
N TRP E 433 42.92 47.21 -16.52
CA TRP E 433 43.86 46.19 -16.97
C TRP E 433 43.63 45.83 -18.44
N LYS E 434 42.37 45.71 -18.86
CA LYS E 434 42.08 45.24 -20.21
C LYS E 434 42.42 46.27 -21.27
N GLN E 435 42.27 47.56 -20.98
CA GLN E 435 42.51 48.57 -21.99
C GLN E 435 43.93 49.13 -21.95
N LYS E 436 44.82 48.51 -21.16
CA LYS E 436 46.23 48.92 -21.02
C LYS E 436 46.39 50.32 -20.43
N ILE E 437 45.50 50.75 -19.54
CA ILE E 437 45.65 52.02 -18.84
C ILE E 437 46.07 51.75 -17.40
N SER E 438 47.01 52.57 -16.90
CA SER E 438 47.47 52.44 -15.53
C SER E 438 46.35 52.71 -14.54
N LEU E 439 46.50 52.12 -13.35
CA LEU E 439 45.48 52.31 -12.32
C LEU E 439 45.32 53.78 -11.98
N GLU E 440 46.43 54.50 -11.96
CA GLU E 440 46.39 55.94 -11.67
C GLU E 440 45.64 56.67 -12.77
N ASP E 441 46.06 56.43 -14.02
CA ASP E 441 45.48 57.12 -15.16
C ASP E 441 44.00 56.78 -15.30
N TYR E 442 43.65 55.50 -15.18
CA TYR E 442 42.25 55.09 -15.28
C TYR E 442 41.41 55.65 -14.15
N ALA E 443 41.98 55.75 -12.96
CA ALA E 443 41.25 56.27 -11.81
C ALA E 443 41.14 57.79 -11.83
N LYS E 444 41.84 58.45 -12.75
CA LYS E 444 41.68 59.90 -12.86
C LYS E 444 40.21 60.30 -12.93
N ASP E 445 39.37 59.47 -13.56
CA ASP E 445 37.94 59.75 -13.60
C ASP E 445 37.10 58.58 -13.08
N LYS E 446 37.65 57.76 -12.19
CA LYS E 446 36.90 56.64 -11.61
C LYS E 446 36.88 56.84 -10.10
N GLU E 447 35.70 57.23 -9.56
CA GLU E 447 35.63 57.57 -8.14
C GLU E 447 35.88 56.36 -7.25
N GLU E 448 35.20 55.25 -7.54
CA GLU E 448 35.33 54.05 -6.73
C GLU E 448 36.76 53.53 -6.78
N LEU E 449 37.32 53.41 -7.98
CA LEU E 449 38.69 52.97 -8.13
C LEU E 449 39.67 53.91 -7.42
N ARG E 450 39.45 55.23 -7.53
CA ARG E 450 40.32 56.19 -6.86
C ARG E 450 40.30 56.01 -5.34
N ALA E 451 39.11 55.81 -4.76
CA ALA E 451 39.08 55.60 -3.32
C ALA E 451 39.73 54.29 -2.93
N ALA E 452 39.61 53.26 -3.77
CA ALA E 452 40.32 52.02 -3.48
C ALA E 452 41.83 52.23 -3.47
N ILE E 453 42.32 53.05 -4.39
CA ILE E 453 43.74 53.40 -4.41
C ILE E 453 44.12 54.10 -3.13
N GLN E 454 43.32 55.09 -2.73
CA GLN E 454 43.67 55.85 -1.54
C GLN E 454 43.66 54.95 -0.30
N PHE E 455 42.69 54.05 -0.21
CA PHE E 455 42.53 53.24 0.99
C PHE E 455 43.55 52.11 1.11
N TYR E 456 43.81 51.38 0.02
CA TYR E 456 44.61 50.19 0.16
C TYR E 456 46.10 50.44 0.05
N ASP E 457 46.51 51.67 -0.27
CA ASP E 457 47.94 51.98 -0.33
C ASP E 457 48.55 52.11 1.05
N MET F 1 -15.26 -46.02 -49.20
CA MET F 1 -14.34 -46.64 -48.26
C MET F 1 -13.09 -45.79 -48.07
N GLN F 2 -12.72 -45.56 -46.81
CA GLN F 2 -11.47 -44.88 -46.49
C GLN F 2 -10.53 -45.96 -45.94
N LYS F 3 -9.74 -46.55 -46.84
CA LYS F 3 -8.90 -47.69 -46.50
C LYS F 3 -7.73 -47.33 -45.61
N GLU F 4 -7.34 -46.05 -45.57
CA GLU F 4 -6.18 -45.67 -44.77
C GLU F 4 -6.41 -45.88 -43.28
N TYR F 5 -7.64 -46.17 -42.86
CA TYR F 5 -7.95 -46.39 -41.46
C TYR F 5 -8.18 -47.86 -41.13
N ILE F 6 -7.90 -48.77 -42.06
CA ILE F 6 -8.06 -50.21 -41.88
C ILE F 6 -6.68 -50.84 -41.83
N GLN F 7 -6.32 -51.38 -40.66
CA GLN F 7 -5.09 -52.14 -40.47
C GLN F 7 -5.41 -53.33 -39.55
N ILE F 8 -6.17 -54.29 -40.08
CA ILE F 8 -6.62 -55.42 -39.31
C ILE F 8 -5.42 -56.20 -38.79
N GLY F 9 -5.45 -56.60 -37.52
CA GLY F 9 -4.41 -57.42 -36.96
C GLY F 9 -3.12 -56.70 -36.65
N ASN F 10 -3.11 -55.38 -36.67
CA ASN F 10 -1.90 -54.62 -36.38
C ASN F 10 -1.42 -54.93 -34.96
N PRO F 11 -0.23 -55.50 -34.79
CA PRO F 11 0.25 -55.85 -33.44
C PRO F 11 0.80 -54.67 -32.64
N ASN F 12 0.92 -53.50 -33.24
CA ASN F 12 1.44 -52.34 -32.54
C ASN F 12 0.38 -51.64 -31.70
N VAL F 13 -0.85 -52.13 -31.74
CA VAL F 13 -1.92 -51.54 -30.97
C VAL F 13 -1.77 -51.85 -29.49
N PHE F 14 -0.89 -52.82 -29.17
CA PHE F 14 -0.67 -53.29 -27.81
C PHE F 14 0.57 -52.68 -27.17
N ASN F 15 1.09 -51.58 -27.71
CA ASN F 15 2.34 -51.01 -27.23
C ASN F 15 2.14 -49.85 -26.26
N GLY F 16 0.91 -49.59 -25.82
CA GLY F 16 0.66 -48.59 -24.81
C GLY F 16 0.45 -47.18 -25.32
N GLN F 17 0.66 -46.92 -26.60
CA GLN F 17 0.45 -45.60 -27.16
C GLN F 17 -0.99 -45.34 -27.57
N TYR F 18 -1.87 -46.35 -27.48
CA TYR F 18 -3.23 -46.27 -27.98
C TYR F 18 -4.22 -46.59 -26.88
N MET F 19 -5.29 -45.81 -26.82
CA MET F 19 -6.52 -46.17 -26.14
C MET F 19 -7.40 -46.98 -27.08
N LEU F 20 -7.93 -48.10 -26.60
CA LEU F 20 -8.69 -49.01 -27.45
C LEU F 20 -10.18 -48.85 -27.21
N ALA F 21 -10.98 -49.12 -28.24
CA ALA F 21 -12.42 -48.98 -28.10
C ALA F 21 -13.13 -49.99 -28.98
N VAL F 22 -14.32 -50.42 -28.54
CA VAL F 22 -15.19 -51.28 -29.32
C VAL F 22 -16.48 -50.53 -29.62
N PHE F 23 -16.87 -50.52 -30.88
CA PHE F 23 -18.15 -49.99 -31.33
C PHE F 23 -19.02 -51.12 -31.84
N ARG F 24 -20.32 -50.97 -31.65
CA ARG F 24 -21.33 -51.68 -32.42
C ARG F 24 -21.78 -50.73 -33.51
N LEU F 25 -21.47 -51.09 -34.76
CA LEU F 25 -21.68 -50.23 -35.92
C LEU F 25 -22.61 -50.92 -36.91
N GLN F 26 -23.48 -50.12 -37.52
CA GLN F 26 -24.33 -50.57 -38.61
C GLN F 26 -24.51 -49.36 -39.52
N GLY F 27 -23.97 -49.47 -40.74
CA GLY F 27 -24.13 -48.40 -41.71
C GLY F 27 -25.39 -48.56 -42.53
N GLU F 28 -25.68 -47.53 -43.31
CA GLU F 28 -26.87 -47.61 -44.15
C GLU F 28 -26.72 -48.71 -45.20
N GLU F 29 -27.84 -49.01 -45.87
CA GLU F 29 -27.88 -50.09 -46.84
C GLU F 29 -26.84 -49.90 -47.94
N GLY F 30 -26.00 -50.91 -48.10
CA GLY F 30 -24.93 -50.94 -49.08
C GLY F 30 -23.54 -50.82 -48.51
N MET F 31 -23.40 -50.32 -47.28
CA MET F 31 -22.09 -50.20 -46.65
C MET F 31 -21.84 -51.40 -45.77
N THR F 32 -20.71 -52.06 -45.97
CA THR F 32 -20.30 -53.17 -45.14
C THR F 32 -19.89 -52.68 -43.75
N LEU F 33 -19.71 -53.65 -42.83
CA LEU F 33 -19.31 -53.29 -41.48
C LEU F 33 -17.93 -52.64 -41.48
N VAL F 34 -17.01 -53.15 -42.28
CA VAL F 34 -15.69 -52.54 -42.36
C VAL F 34 -15.79 -51.17 -43.02
N ASP F 35 -16.78 -50.97 -43.89
CA ASP F 35 -17.04 -49.65 -44.47
C ASP F 35 -17.46 -48.66 -43.39
N THR F 36 -18.47 -49.03 -42.62
CA THR F 36 -18.91 -48.15 -41.54
C THR F 36 -17.76 -47.89 -40.58
N ALA F 37 -16.92 -48.91 -40.36
CA ALA F 37 -15.79 -48.77 -39.46
C ALA F 37 -14.75 -47.80 -40.01
N SER F 38 -14.52 -47.84 -41.32
CA SER F 38 -13.58 -46.91 -41.94
C SER F 38 -14.05 -45.49 -41.76
N GLU F 39 -15.34 -45.25 -42.04
CA GLU F 39 -15.86 -43.89 -41.93
C GLU F 39 -15.87 -43.41 -40.48
N VAL F 40 -16.20 -44.30 -39.55
CA VAL F 40 -16.24 -43.90 -38.14
C VAL F 40 -14.83 -43.63 -37.62
N ALA F 41 -13.87 -44.50 -37.94
CA ALA F 41 -12.49 -44.26 -37.53
C ALA F 41 -11.97 -42.96 -38.13
N ALA F 42 -12.38 -42.64 -39.36
CA ALA F 42 -11.94 -41.39 -39.96
C ALA F 42 -12.54 -40.21 -39.22
N GLU F 43 -13.85 -40.23 -38.98
CA GLU F 43 -14.50 -39.10 -38.35
C GLU F 43 -14.24 -39.00 -36.85
N SER F 44 -13.63 -40.02 -36.23
CA SER F 44 -13.31 -39.93 -34.81
C SER F 44 -11.81 -39.77 -34.56
N SER F 45 -11.05 -39.42 -35.59
CA SER F 45 -9.63 -39.10 -35.41
C SER F 45 -9.14 -38.00 -36.35
N THR F 46 -8.70 -38.39 -37.55
CA THR F 46 -7.95 -37.48 -38.39
C THR F 46 -8.64 -37.12 -39.70
N GLY F 47 -9.74 -37.79 -40.06
CA GLY F 47 -10.27 -37.65 -41.38
C GLY F 47 -11.64 -37.01 -41.46
N SER F 48 -12.29 -37.20 -42.60
CA SER F 48 -13.63 -36.66 -42.85
C SER F 48 -14.34 -37.63 -43.79
N PHE F 49 -15.33 -37.13 -44.53
CA PHE F 49 -16.12 -38.00 -45.42
C PHE F 49 -15.36 -38.43 -46.67
N VAL F 50 -14.23 -37.81 -46.97
CA VAL F 50 -13.36 -38.22 -48.06
C VAL F 50 -11.93 -38.04 -47.58
N LYS F 51 -11.00 -38.71 -48.26
CA LYS F 51 -9.59 -38.58 -47.96
C LYS F 51 -9.18 -37.11 -47.85
N ILE F 52 -8.36 -36.80 -46.86
CA ILE F 52 -7.94 -35.43 -46.59
C ILE F 52 -6.70 -35.17 -47.44
N GLY F 53 -6.82 -34.27 -48.41
CA GLY F 53 -5.71 -34.01 -49.30
C GLY F 53 -4.57 -33.25 -48.65
N THR F 54 -4.83 -32.55 -47.56
CA THR F 54 -3.80 -31.75 -46.90
C THR F 54 -3.08 -32.52 -45.81
N ALA F 55 -3.35 -33.82 -45.68
CA ALA F 55 -2.74 -34.63 -44.65
C ALA F 55 -1.23 -34.74 -44.86
N THR F 56 -0.50 -34.83 -43.75
CA THR F 56 0.93 -35.04 -43.76
C THR F 56 1.23 -36.44 -43.26
N ALA F 57 2.44 -36.92 -43.56
CA ALA F 57 2.88 -38.21 -43.03
C ALA F 57 2.79 -38.21 -41.51
N PHE F 58 3.21 -37.11 -40.87
CA PHE F 58 3.07 -36.96 -39.43
C PHE F 58 1.61 -37.16 -39.00
N SER F 59 0.69 -36.43 -39.63
CA SER F 59 -0.70 -36.52 -39.23
C SER F 59 -1.27 -37.91 -39.46
N GLU F 60 -0.86 -38.56 -40.57
CA GLU F 60 -1.31 -39.93 -40.83
C GLU F 60 -0.72 -40.93 -39.84
N SER F 61 0.42 -40.63 -39.23
CA SER F 61 0.92 -41.51 -38.19
C SER F 61 0.06 -41.43 -36.94
N LEU F 62 -0.81 -40.41 -36.84
CA LEU F 62 -1.75 -40.28 -35.74
C LEU F 62 -3.17 -40.68 -36.13
N ASP F 63 -3.33 -41.43 -37.22
CA ASP F 63 -4.63 -41.92 -37.61
C ASP F 63 -5.14 -42.95 -36.60
N ALA F 64 -6.45 -42.99 -36.42
CA ALA F 64 -7.06 -44.11 -35.71
C ALA F 64 -7.08 -45.36 -36.59
N LEU F 65 -6.97 -46.51 -35.96
CA LEU F 65 -6.84 -47.78 -36.65
C LEU F 65 -8.03 -48.66 -36.26
N VAL F 66 -8.81 -49.07 -37.24
CA VAL F 66 -9.71 -50.20 -37.00
C VAL F 66 -8.84 -51.44 -37.17
N TYR F 67 -8.60 -52.12 -36.05
CA TYR F 67 -7.69 -53.26 -36.03
C TYR F 67 -8.41 -54.57 -35.83
N ARG F 68 -9.73 -54.55 -35.59
CA ARG F 68 -10.45 -55.81 -35.43
C ARG F 68 -11.92 -55.67 -35.86
N ILE F 69 -12.46 -56.73 -36.45
CA ILE F 69 -13.86 -56.78 -36.91
C ILE F 69 -14.49 -58.10 -36.49
N ASP F 70 -15.76 -58.02 -36.06
CA ASP F 70 -16.63 -59.15 -35.77
C ASP F 70 -17.89 -58.95 -36.59
N GLU F 71 -17.99 -59.63 -37.74
CA GLU F 71 -19.11 -59.41 -38.66
C GLU F 71 -20.42 -59.87 -38.05
N LYS F 72 -20.38 -60.99 -37.32
CA LYS F 72 -21.59 -61.63 -36.84
C LYS F 72 -22.31 -60.77 -35.82
N ASN F 73 -21.54 -60.09 -34.98
CA ASN F 73 -22.05 -59.26 -33.89
C ASN F 73 -21.98 -57.77 -34.18
N ASN F 74 -21.63 -57.40 -35.41
CA ASN F 74 -21.53 -56.00 -35.82
C ASN F 74 -20.60 -55.22 -34.89
N LEU F 75 -19.45 -55.81 -34.58
CA LEU F 75 -18.52 -55.21 -33.65
C LEU F 75 -17.22 -54.80 -34.36
N VAL F 76 -16.65 -53.69 -33.91
CA VAL F 76 -15.42 -53.15 -34.50
C VAL F 76 -14.53 -52.64 -33.38
N TRP F 77 -13.26 -53.02 -33.43
CA TRP F 77 -12.24 -52.59 -32.49
C TRP F 77 -11.36 -51.56 -33.19
N ILE F 78 -11.33 -50.35 -32.63
CA ILE F 78 -10.57 -49.21 -33.15
C ILE F 78 -9.57 -48.76 -32.10
N ALA F 79 -8.39 -48.34 -32.56
CA ALA F 79 -7.33 -47.86 -31.69
C ALA F 79 -7.10 -46.37 -31.94
N TYR F 80 -7.01 -45.60 -30.86
CA TYR F 80 -6.83 -44.16 -30.93
C TYR F 80 -5.51 -43.79 -30.28
N PRO F 81 -4.54 -43.25 -31.00
CA PRO F 81 -3.33 -42.75 -30.34
C PRO F 81 -3.66 -41.64 -29.35
N TRP F 82 -3.54 -41.91 -28.04
CA TRP F 82 -3.98 -40.93 -27.07
C TRP F 82 -3.13 -39.65 -27.10
N ARG F 83 -2.09 -39.61 -27.91
CA ARG F 83 -1.38 -38.35 -28.12
C ARG F 83 -2.24 -37.31 -28.82
N ILE F 84 -3.29 -37.72 -29.53
CA ILE F 84 -4.15 -36.75 -30.22
C ILE F 84 -5.13 -36.07 -29.26
N PHE F 85 -5.32 -36.61 -28.05
CA PHE F 85 -6.24 -36.00 -27.09
C PHE F 85 -5.63 -34.75 -26.47
N ASP F 86 -6.49 -33.76 -26.20
CA ASP F 86 -6.05 -32.52 -25.59
C ASP F 86 -5.34 -32.80 -24.27
N ARG F 87 -4.22 -32.11 -24.04
CA ARG F 87 -3.42 -32.34 -22.86
C ARG F 87 -4.07 -31.68 -21.64
N GLY F 88 -3.44 -31.84 -20.48
CA GLY F 88 -4.09 -31.43 -19.26
C GLY F 88 -5.19 -32.36 -18.82
N GLY F 89 -5.10 -33.63 -19.19
CA GLY F 89 -6.09 -34.62 -18.80
C GLY F 89 -7.50 -34.29 -19.22
N ASN F 90 -7.68 -33.82 -20.44
CA ASN F 90 -8.99 -33.38 -20.93
C ASN F 90 -9.82 -34.59 -21.34
N VAL F 91 -10.90 -34.86 -20.60
CA VAL F 91 -11.76 -36.01 -20.86
C VAL F 91 -12.85 -35.66 -21.86
N GLN F 92 -13.43 -34.45 -21.77
CA GLN F 92 -14.42 -34.03 -22.75
C GLN F 92 -13.86 -34.06 -24.16
N ASN F 93 -12.55 -33.87 -24.31
CA ASN F 93 -11.95 -33.93 -25.64
C ASN F 93 -11.93 -35.37 -26.17
N ILE F 94 -11.62 -36.34 -25.30
CA ILE F 94 -11.74 -37.74 -25.70
C ILE F 94 -13.17 -38.02 -26.15
N MET F 95 -14.15 -37.61 -25.35
CA MET F 95 -15.55 -37.85 -25.71
C MET F 95 -15.93 -37.11 -26.99
N THR F 96 -15.28 -35.99 -27.28
CA THR F 96 -15.51 -35.27 -28.53
C THR F 96 -15.00 -36.06 -29.72
N PHE F 97 -13.81 -36.64 -29.59
CA PHE F 97 -13.27 -37.53 -30.62
C PHE F 97 -14.18 -38.73 -30.85
N ILE F 98 -14.37 -39.55 -29.81
CA ILE F 98 -14.97 -40.87 -29.98
C ILE F 98 -16.49 -40.89 -29.83
N ALA F 99 -17.08 -39.87 -29.19
CA ALA F 99 -18.52 -39.84 -28.99
C ALA F 99 -19.12 -38.52 -29.48
N GLY F 100 -18.54 -37.95 -30.53
CA GLY F 100 -18.97 -36.66 -31.04
C GLY F 100 -19.69 -36.73 -32.36
N ASN F 101 -19.00 -36.31 -33.43
CA ASN F 101 -19.62 -36.25 -34.75
C ASN F 101 -20.07 -37.63 -35.24
N VAL F 102 -19.43 -38.70 -34.75
CA VAL F 102 -19.78 -40.03 -35.22
C VAL F 102 -21.23 -40.38 -34.91
N PHE F 103 -21.82 -39.72 -33.92
CA PHE F 103 -23.21 -39.94 -33.56
C PHE F 103 -24.19 -39.24 -34.48
N GLY F 104 -23.72 -38.36 -35.36
CA GLY F 104 -24.61 -37.61 -36.23
C GLY F 104 -24.51 -37.96 -37.71
N MET F 105 -23.62 -38.90 -38.05
CA MET F 105 -23.45 -39.32 -39.42
C MET F 105 -24.71 -39.98 -39.94
N ALA F 106 -25.26 -39.45 -41.03
CA ALA F 106 -26.49 -40.03 -41.57
C ALA F 106 -26.29 -41.47 -42.01
N SER F 107 -25.10 -41.82 -42.46
CA SER F 107 -24.82 -43.15 -42.99
C SER F 107 -24.60 -44.22 -41.93
N VAL F 108 -24.64 -43.87 -40.63
CA VAL F 108 -24.43 -44.85 -39.57
C VAL F 108 -25.77 -45.06 -38.88
N LYS F 109 -26.27 -46.29 -38.94
CA LYS F 109 -27.56 -46.63 -38.35
C LYS F 109 -27.44 -47.09 -36.91
N VAL F 110 -26.32 -47.70 -36.53
CA VAL F 110 -26.05 -48.08 -35.14
C VAL F 110 -24.61 -47.69 -34.83
N CYS F 111 -24.41 -46.98 -33.71
CA CYS F 111 -23.06 -46.54 -33.33
C CYS F 111 -23.02 -46.46 -31.81
N LYS F 112 -22.65 -47.58 -31.18
CA LYS F 112 -22.69 -47.71 -29.72
C LYS F 112 -21.31 -48.09 -29.20
N ILE F 113 -20.71 -47.24 -28.38
CA ILE F 113 -19.43 -47.56 -27.73
C ILE F 113 -19.70 -48.51 -26.58
N LEU F 114 -19.06 -49.68 -26.61
CA LEU F 114 -19.37 -50.72 -25.65
C LEU F 114 -18.30 -50.93 -24.58
N ASP F 115 -17.05 -50.59 -24.85
CA ASP F 115 -15.96 -50.77 -23.90
C ASP F 115 -14.75 -50.00 -24.41
N VAL F 116 -13.86 -49.64 -23.48
CA VAL F 116 -12.69 -48.84 -23.81
C VAL F 116 -11.55 -49.32 -22.92
N TYR F 117 -10.32 -49.18 -23.40
CA TYR F 117 -9.14 -49.62 -22.66
C TYR F 117 -8.20 -48.45 -22.43
N PHE F 118 -7.76 -48.29 -21.19
CA PHE F 118 -6.78 -47.26 -20.86
C PHE F 118 -5.45 -47.91 -20.53
N PRO F 119 -4.42 -47.75 -21.35
CA PRO F 119 -3.09 -48.28 -21.01
C PRO F 119 -2.49 -47.47 -19.87
N PRO F 120 -1.51 -48.03 -19.15
CA PRO F 120 -0.93 -47.28 -18.01
C PRO F 120 -0.32 -45.95 -18.40
N GLN F 121 0.40 -45.92 -19.52
CA GLN F 121 1.01 -44.68 -19.97
C GLN F 121 -0.04 -43.60 -20.26
N MET F 122 -1.26 -44.01 -20.60
CA MET F 122 -2.34 -43.04 -20.73
C MET F 122 -2.92 -42.65 -19.38
N LEU F 123 -3.13 -43.62 -18.50
CA LEU F 123 -3.67 -43.32 -17.17
C LEU F 123 -2.82 -42.27 -16.46
N VAL F 124 -1.50 -42.26 -16.71
CA VAL F 124 -0.63 -41.29 -16.06
C VAL F 124 -1.09 -39.85 -16.30
N GLN F 125 -1.71 -39.57 -17.45
CA GLN F 125 -2.02 -38.21 -17.87
C GLN F 125 -3.29 -37.64 -17.24
N TYR F 126 -4.05 -38.41 -16.46
CA TYR F 126 -5.34 -37.95 -15.98
C TYR F 126 -5.40 -38.04 -14.46
N ASP F 127 -6.34 -37.30 -13.90
CA ASP F 127 -6.40 -37.11 -12.45
C ASP F 127 -6.78 -38.41 -11.74
N GLY F 128 -7.91 -38.98 -12.12
CA GLY F 128 -8.50 -40.03 -11.33
C GLY F 128 -9.03 -39.46 -10.04
N PRO F 129 -9.78 -40.25 -9.29
CA PRO F 129 -10.35 -39.75 -8.03
C PRO F 129 -9.26 -39.35 -7.05
N GLU F 130 -9.63 -38.52 -6.09
CA GLU F 130 -8.77 -38.12 -4.99
C GLU F 130 -9.42 -38.35 -3.63
N TYR F 131 -10.70 -38.04 -3.50
CA TYR F 131 -11.48 -38.32 -2.31
C TYR F 131 -12.34 -39.55 -2.59
N THR F 132 -12.20 -40.59 -1.76
CA THR F 132 -12.86 -41.86 -2.05
C THR F 132 -13.90 -42.19 -0.98
N ILE F 133 -14.60 -43.30 -1.21
CA ILE F 133 -15.57 -43.78 -0.24
C ILE F 133 -14.91 -44.03 1.11
N ASP F 134 -13.65 -44.47 1.10
CA ASP F 134 -12.96 -44.78 2.35
C ASP F 134 -12.80 -43.54 3.21
N ASP F 135 -12.47 -42.40 2.60
CA ASP F 135 -12.37 -41.14 3.32
C ASP F 135 -13.70 -40.79 3.99
N MET F 136 -14.81 -40.98 3.26
CA MET F 136 -16.12 -40.68 3.83
C MET F 136 -16.47 -41.66 4.96
N ARG F 137 -16.13 -42.94 4.79
CA ARG F 137 -16.32 -43.92 5.87
C ARG F 137 -15.59 -43.46 7.13
N LYS F 138 -14.33 -43.06 6.97
CA LYS F 138 -13.55 -42.52 8.06
C LYS F 138 -14.29 -41.38 8.73
N TYR F 139 -14.80 -40.45 7.93
CA TYR F 139 -15.49 -39.31 8.51
C TYR F 139 -16.71 -39.77 9.29
N LEU F 140 -17.48 -40.69 8.72
CA LEU F 140 -18.69 -41.21 9.35
C LEU F 140 -18.38 -42.20 10.46
N ASN F 141 -17.15 -42.72 10.50
CA ASN F 141 -16.77 -43.75 11.46
C ASN F 141 -17.66 -44.98 11.32
N ILE F 142 -17.92 -45.38 10.07
CA ILE F 142 -18.63 -46.60 9.76
C ILE F 142 -17.75 -47.43 8.83
N GLN F 143 -17.57 -48.70 9.18
CA GLN F 143 -16.75 -49.62 8.40
C GLN F 143 -17.64 -50.75 7.90
N GLU F 144 -17.25 -51.34 6.76
CA GLU F 144 -17.83 -52.56 6.22
C GLU F 144 -19.20 -52.40 5.58
N ARG F 145 -20.19 -51.92 6.35
CA ARG F 145 -21.54 -51.93 5.84
C ARG F 145 -21.73 -50.85 4.76
N PRO F 146 -22.75 -51.00 3.92
CA PRO F 146 -23.03 -49.94 2.94
C PRO F 146 -23.44 -48.66 3.64
N ILE F 147 -23.19 -47.55 2.97
CA ILE F 147 -23.60 -46.23 3.45
C ILE F 147 -25.02 -46.01 2.96
N PHE F 148 -25.94 -45.84 3.90
CA PHE F 148 -27.36 -45.72 3.61
C PHE F 148 -27.71 -44.25 3.53
N GLY F 149 -28.27 -43.82 2.40
CA GLY F 149 -28.59 -42.43 2.19
C GLY F 149 -29.98 -42.27 1.61
N SER F 150 -30.42 -41.01 1.55
CA SER F 150 -31.74 -40.69 1.02
C SER F 150 -31.63 -39.46 0.14
N ILE F 151 -32.59 -39.35 -0.78
CA ILE F 151 -32.80 -38.16 -1.60
C ILE F 151 -34.01 -37.45 -1.02
N ILE F 152 -33.85 -36.17 -0.70
CA ILE F 152 -34.97 -35.42 -0.16
C ILE F 152 -36.01 -35.26 -1.25
N LYS F 153 -37.22 -35.76 -1.01
CA LYS F 153 -38.34 -35.60 -1.92
C LYS F 153 -39.46 -34.84 -1.24
N PRO F 154 -40.30 -34.13 -1.99
CA PRO F 154 -40.39 -34.01 -3.47
C PRO F 154 -39.17 -33.39 -4.14
N LYS F 155 -39.01 -33.76 -5.42
CA LYS F 155 -37.86 -33.33 -6.21
C LYS F 155 -37.70 -31.82 -6.19
N ILE F 156 -38.80 -31.08 -6.10
CA ILE F 156 -38.74 -29.62 -5.96
C ILE F 156 -40.03 -29.17 -5.27
N GLY F 157 -39.95 -28.04 -4.56
CA GLY F 157 -41.13 -27.42 -4.00
C GLY F 157 -41.14 -27.14 -2.50
N LEU F 158 -40.16 -27.66 -1.76
CA LEU F 158 -40.08 -27.39 -0.33
C LEU F 158 -39.23 -26.16 -0.05
N THR F 159 -39.52 -25.50 1.07
CA THR F 159 -38.69 -24.41 1.55
C THR F 159 -37.42 -24.95 2.19
N SER F 160 -36.47 -24.04 2.43
CA SER F 160 -35.21 -24.43 3.06
C SER F 160 -35.43 -25.07 4.43
N SER F 161 -36.35 -24.51 5.23
CA SER F 161 -36.63 -25.05 6.55
C SER F 161 -37.21 -26.46 6.47
N GLU F 162 -38.23 -26.65 5.64
CA GLU F 162 -38.82 -27.96 5.45
C GLU F 162 -37.78 -28.96 4.94
N TYR F 163 -36.93 -28.56 4.00
CA TYR F 163 -35.88 -29.43 3.49
C TYR F 163 -34.95 -29.87 4.62
N ALA F 164 -34.51 -28.94 5.47
CA ALA F 164 -33.64 -29.31 6.58
C ALA F 164 -34.35 -30.20 7.58
N GLU F 165 -35.64 -29.98 7.80
CA GLU F 165 -36.41 -30.89 8.64
C GLU F 165 -36.35 -32.30 8.09
N LEU F 166 -36.53 -32.44 6.79
CA LEU F 166 -36.48 -33.78 6.19
C LEU F 166 -35.11 -34.41 6.37
N CYS F 167 -34.05 -33.60 6.20
CA CYS F 167 -32.69 -34.08 6.45
C CYS F 167 -32.54 -34.58 7.88
N TYR F 168 -32.97 -33.76 8.84
CA TYR F 168 -32.85 -34.12 10.25
C TYR F 168 -33.54 -35.44 10.50
N ASP F 169 -34.78 -35.56 10.03
CA ASP F 169 -35.55 -36.76 10.30
C ASP F 169 -34.89 -37.99 9.70
N PHE F 170 -34.28 -37.86 8.52
CA PHE F 170 -33.62 -39.05 7.98
C PHE F 170 -32.38 -39.42 8.79
N TRP F 171 -31.53 -38.43 9.11
CA TRP F 171 -30.33 -38.72 9.90
C TRP F 171 -30.68 -39.26 11.28
N SER F 172 -31.63 -38.59 11.95
CA SER F 172 -32.06 -38.98 13.30
C SER F 172 -32.64 -40.38 13.31
N GLY F 173 -33.17 -40.85 12.18
CA GLY F 173 -33.60 -42.22 12.16
C GLY F 173 -32.48 -43.19 11.87
N GLY F 174 -31.24 -42.70 11.90
CA GLY F 174 -30.08 -43.54 11.65
C GLY F 174 -29.47 -43.39 10.28
N GLY F 175 -30.03 -42.55 9.42
CA GLY F 175 -29.45 -42.35 8.11
C GLY F 175 -28.11 -41.63 8.19
N ASP F 176 -27.21 -42.00 7.28
CA ASP F 176 -25.85 -41.45 7.27
C ASP F 176 -25.70 -40.31 6.29
N PHE F 177 -26.47 -40.33 5.20
CA PHE F 177 -26.18 -39.53 4.02
C PHE F 177 -27.46 -38.97 3.43
N VAL F 178 -27.46 -37.67 3.17
CA VAL F 178 -28.57 -37.04 2.49
C VAL F 178 -28.05 -36.27 1.29
N KCX F 179 -28.71 -36.44 0.14
CA KCX F 179 -28.34 -35.69 -1.05
CB KCX F 179 -27.92 -36.61 -2.19
CG KCX F 179 -29.06 -37.52 -2.61
CD KCX F 179 -28.51 -38.31 -3.79
CE KCX F 179 -28.41 -37.36 -4.97
NZ KCX F 179 -29.70 -36.96 -5.48
C KCX F 179 -29.50 -34.83 -1.53
O KCX F 179 -30.70 -35.18 -1.36
CX KCX F 179 -30.29 -37.82 -6.48
OQ1 KCX F 179 -29.63 -38.80 -6.92
OQ2 KCX F 179 -31.47 -37.64 -6.89
N ASN F 180 -29.16 -33.71 -2.15
CA ASN F 180 -30.14 -32.95 -2.92
C ASN F 180 -30.62 -33.82 -4.06
N ASP F 181 -31.89 -33.68 -4.42
CA ASP F 181 -32.27 -34.16 -5.74
C ASP F 181 -31.57 -33.30 -6.77
N GLU F 182 -31.31 -33.89 -7.93
CA GLU F 182 -30.43 -33.25 -8.90
C GLU F 182 -30.85 -31.84 -9.34
N PRO F 183 -32.13 -31.46 -9.41
CA PRO F 183 -32.47 -30.11 -9.85
C PRO F 183 -32.61 -29.07 -8.74
N GLN F 184 -32.48 -29.45 -7.49
CA GLN F 184 -32.60 -28.50 -6.40
C GLN F 184 -31.46 -27.49 -6.45
N ALA F 185 -31.80 -26.20 -6.36
CA ALA F 185 -30.80 -25.15 -6.43
C ALA F 185 -31.26 -23.91 -5.68
N ASP F 186 -31.23 -22.76 -6.33
CA ASP F 186 -31.58 -21.51 -5.65
C ASP F 186 -32.95 -20.97 -6.09
N GLN F 187 -33.98 -21.81 -6.07
CA GLN F 187 -35.32 -21.33 -6.37
C GLN F 187 -35.74 -20.31 -5.32
N ASP F 188 -36.56 -19.34 -5.73
CA ASP F 188 -36.91 -18.23 -4.84
C ASP F 188 -37.60 -18.75 -3.58
N PHE F 189 -38.41 -19.80 -3.70
CA PHE F 189 -39.10 -20.30 -2.52
C PHE F 189 -38.20 -21.17 -1.63
N CYS F 190 -37.04 -21.57 -2.13
CA CYS F 190 -36.09 -22.41 -1.39
C CYS F 190 -34.68 -21.84 -1.51
N PRO F 191 -34.41 -20.71 -0.84
CA PRO F 191 -33.09 -20.08 -0.97
C PRO F 191 -31.96 -21.05 -0.68
N TYR F 192 -30.95 -21.04 -1.55
CA TYR F 192 -29.86 -22.00 -1.41
C TYR F 192 -29.07 -21.75 -0.14
N ASP F 193 -28.72 -20.49 0.13
CA ASP F 193 -27.95 -20.17 1.33
C ASP F 193 -28.69 -20.58 2.59
N LYS F 194 -29.97 -20.24 2.68
CA LYS F 194 -30.76 -20.63 3.85
C LYS F 194 -30.87 -22.14 3.95
N MET F 195 -30.98 -22.82 2.80
CA MET F 195 -30.98 -24.27 2.78
C MET F 195 -29.71 -24.83 3.41
N VAL F 196 -28.55 -24.27 3.03
CA VAL F 196 -27.28 -24.72 3.58
C VAL F 196 -27.22 -24.50 5.09
N GLN F 197 -27.63 -23.31 5.53
CA GLN F 197 -27.57 -22.98 6.96
C GLN F 197 -28.46 -23.91 7.78
N ASP F 198 -29.68 -24.15 7.29
CA ASP F 198 -30.61 -25.01 8.01
C ASP F 198 -30.13 -26.45 8.00
N VAL F 199 -29.49 -26.89 6.91
CA VAL F 199 -28.89 -28.22 6.88
C VAL F 199 -27.80 -28.33 7.93
N ARG F 200 -26.97 -27.29 8.06
CA ARG F 200 -25.93 -27.31 9.09
C ARG F 200 -26.53 -27.43 10.50
N HIS F 201 -27.56 -26.63 10.80
CA HIS F 201 -28.19 -26.73 12.12
C HIS F 201 -28.80 -28.11 12.37
N ALA F 202 -29.52 -28.65 11.38
CA ALA F 202 -30.08 -29.99 11.55
C ALA F 202 -28.99 -31.02 11.79
N MET F 203 -27.88 -30.92 11.05
CA MET F 203 -26.78 -31.86 11.25
C MET F 203 -26.21 -31.74 12.66
N ASP F 204 -26.03 -30.51 13.14
CA ASP F 204 -25.53 -30.29 14.49
C ASP F 204 -26.42 -30.95 15.52
N ARG F 205 -27.73 -30.81 15.35
CA ARG F 205 -28.65 -31.40 16.31
C ARG F 205 -28.56 -32.92 16.30
N VAL F 206 -28.50 -33.53 15.10
CA VAL F 206 -28.36 -34.98 15.04
C VAL F 206 -27.07 -35.42 15.72
N GLU F 207 -25.97 -34.69 15.45
CA GLU F 207 -24.69 -35.00 16.07
C GLU F 207 -24.77 -34.89 17.59
N GLN F 208 -25.53 -33.89 18.08
CA GLN F 208 -25.72 -33.74 19.51
C GLN F 208 -26.48 -34.93 20.09
N GLU F 209 -27.57 -35.35 19.42
CA GLU F 209 -28.44 -36.36 19.98
C GLU F 209 -27.83 -37.77 19.92
N THR F 210 -27.11 -38.08 18.84
CA THR F 210 -26.57 -39.42 18.61
C THR F 210 -25.08 -39.54 18.80
N GLY F 211 -24.33 -38.44 18.77
CA GLY F 211 -22.89 -38.54 18.79
C GLY F 211 -22.26 -39.04 17.51
N LYS F 212 -23.04 -39.19 16.43
CA LYS F 212 -22.51 -39.63 15.15
C LYS F 212 -22.54 -38.50 14.13
N THR F 213 -21.51 -38.48 13.28
CA THR F 213 -21.42 -37.55 12.17
C THR F 213 -22.31 -38.03 11.02
N LYS F 214 -22.60 -37.10 10.11
CA LYS F 214 -23.43 -37.35 8.93
C LYS F 214 -22.77 -36.66 7.73
N VAL F 215 -23.30 -36.91 6.54
CA VAL F 215 -22.77 -36.32 5.32
C VAL F 215 -23.94 -35.86 4.44
N HIS F 216 -23.79 -34.68 3.84
CA HIS F 216 -24.78 -34.16 2.90
C HIS F 216 -24.13 -33.80 1.58
N SER F 217 -24.67 -34.34 0.49
CA SER F 217 -24.23 -34.01 -0.86
C SER F 217 -25.08 -32.86 -1.38
N PHE F 218 -24.45 -31.70 -1.58
CA PHE F 218 -25.14 -30.51 -2.06
C PHE F 218 -25.06 -30.42 -3.57
N ASN F 219 -26.17 -30.04 -4.19
CA ASN F 219 -26.16 -29.70 -5.62
C ASN F 219 -25.51 -28.35 -5.82
N ILE F 220 -24.39 -28.30 -6.53
CA ILE F 220 -23.77 -27.04 -6.91
C ILE F 220 -23.94 -26.73 -8.40
N SER F 221 -24.61 -27.60 -9.15
CA SER F 221 -24.95 -27.31 -10.53
C SER F 221 -25.63 -25.94 -10.61
N SER F 222 -25.16 -25.12 -11.54
CA SER F 222 -25.58 -23.72 -11.64
C SER F 222 -25.70 -23.31 -13.09
N SER F 223 -25.99 -22.02 -13.30
CA SER F 223 -26.02 -21.47 -14.64
C SER F 223 -24.61 -21.32 -15.22
N ASP F 224 -23.65 -20.82 -14.43
CA ASP F 224 -22.30 -20.58 -14.90
C ASP F 224 -21.30 -21.05 -13.85
N TYR F 225 -20.01 -21.00 -14.21
CA TYR F 225 -18.97 -21.54 -13.34
C TYR F 225 -18.76 -20.66 -12.11
N ASP F 226 -18.88 -19.33 -12.26
CA ASP F 226 -18.71 -18.46 -11.11
C ASP F 226 -19.73 -18.77 -10.02
N THR F 227 -20.98 -19.02 -10.39
CA THR F 227 -22.00 -19.32 -9.39
C THR F 227 -21.77 -20.68 -8.72
N MET F 228 -21.34 -21.68 -9.50
CA MET F 228 -21.03 -22.98 -8.90
C MET F 228 -19.92 -22.84 -7.87
N ILE F 229 -18.88 -22.07 -8.20
CA ILE F 229 -17.81 -21.84 -7.25
C ILE F 229 -18.32 -21.06 -6.04
N LYS F 230 -19.19 -20.09 -6.27
CA LYS F 230 -19.78 -19.34 -5.16
C LYS F 230 -20.45 -20.30 -4.18
N LYS F 231 -21.29 -21.19 -4.71
CA LYS F 231 -21.99 -22.15 -3.87
C LYS F 231 -21.00 -23.04 -3.13
N ALA F 232 -20.02 -23.59 -3.84
CA ALA F 232 -19.06 -24.50 -3.23
C ALA F 232 -18.31 -23.81 -2.09
N ASP F 233 -17.85 -22.58 -2.33
CA ASP F 233 -17.13 -21.85 -1.30
C ASP F 233 -18.04 -21.54 -0.12
N TYR F 234 -19.31 -21.21 -0.38
CA TYR F 234 -20.24 -20.96 0.70
C TYR F 234 -20.44 -22.21 1.55
N ILE F 235 -20.63 -23.36 0.90
CA ILE F 235 -20.78 -24.62 1.62
C ILE F 235 -19.55 -24.91 2.47
N GLN F 236 -18.36 -24.72 1.89
CA GLN F 236 -17.14 -24.91 2.67
C GLN F 236 -17.13 -24.00 3.89
N SER F 237 -17.62 -22.78 3.73
CA SER F 237 -17.65 -21.82 4.83
C SER F 237 -18.70 -22.15 5.88
N MET F 238 -19.69 -22.99 5.54
CA MET F 238 -20.80 -23.26 6.45
C MET F 238 -20.78 -24.64 7.10
N MET F 239 -20.11 -25.62 6.50
CA MET F 239 -20.15 -27.01 6.96
C MET F 239 -18.80 -27.49 7.49
N LYS F 240 -18.82 -28.47 8.39
CA LYS F 240 -17.59 -29.07 8.88
C LYS F 240 -16.90 -29.83 7.75
N PRO F 241 -15.57 -29.81 7.70
CA PRO F 241 -14.86 -30.60 6.68
C PRO F 241 -15.28 -32.05 6.75
N GLY F 242 -15.51 -32.64 5.57
CA GLY F 242 -15.96 -34.00 5.46
C GLY F 242 -17.46 -34.18 5.59
N SER F 243 -18.16 -33.22 6.18
CA SER F 243 -19.59 -33.35 6.40
C SER F 243 -20.40 -32.99 5.16
N TYR F 244 -19.74 -32.57 4.10
CA TYR F 244 -20.38 -32.17 2.86
C TYR F 244 -19.67 -32.81 1.68
N ALA F 245 -20.44 -33.11 0.65
CA ALA F 245 -19.97 -33.55 -0.65
C ALA F 245 -20.56 -32.63 -1.72
N PHE F 246 -19.95 -32.66 -2.90
CA PHE F 246 -20.38 -31.82 -4.02
C PHE F 246 -20.96 -32.68 -5.14
N LEU F 247 -22.24 -32.44 -5.44
CA LEU F 247 -22.95 -33.11 -6.52
C LEU F 247 -23.00 -32.21 -7.74
N VAL F 248 -22.73 -32.78 -8.90
CA VAL F 248 -22.76 -32.07 -10.18
C VAL F 248 -23.55 -32.91 -11.17
N ASP F 249 -24.55 -32.31 -11.82
CA ASP F 249 -25.29 -32.99 -12.88
C ASP F 249 -24.35 -33.15 -14.06
N GLY F 250 -23.55 -34.21 -14.01
CA GLY F 250 -22.41 -34.33 -14.92
C GLY F 250 -22.78 -34.24 -16.38
N ILE F 251 -23.81 -34.97 -16.80
CA ILE F 251 -24.13 -35.02 -18.22
C ILE F 251 -24.64 -33.67 -18.71
N THR F 252 -25.59 -33.09 -17.99
CA THR F 252 -26.16 -31.82 -18.41
C THR F 252 -25.27 -30.63 -18.07
N ALA F 253 -24.51 -30.69 -16.97
CA ALA F 253 -23.59 -29.60 -16.68
C ALA F 253 -22.28 -29.75 -17.45
N GLY F 254 -21.84 -30.97 -17.68
CA GLY F 254 -20.70 -31.18 -18.56
C GLY F 254 -19.50 -31.74 -17.83
N TRP F 255 -18.66 -32.46 -18.57
CA TRP F 255 -17.45 -33.04 -18.00
C TRP F 255 -16.52 -31.96 -17.42
N MET F 256 -16.54 -30.75 -17.98
CA MET F 256 -15.65 -29.71 -17.45
C MET F 256 -16.02 -29.35 -16.02
N ALA F 257 -17.31 -29.37 -15.70
CA ALA F 257 -17.72 -29.19 -14.31
C ALA F 257 -17.18 -30.30 -13.41
N ILE F 258 -17.24 -31.55 -13.89
CA ILE F 258 -16.68 -32.67 -13.14
C ILE F 258 -15.22 -32.38 -12.81
N GLN F 259 -14.42 -32.15 -13.85
CA GLN F 259 -12.99 -31.97 -13.67
C GLN F 259 -12.69 -30.73 -12.85
N THR F 260 -13.52 -29.68 -12.98
CA THR F 260 -13.29 -28.44 -12.26
C THR F 260 -13.49 -28.63 -10.76
N ILE F 261 -14.57 -29.32 -10.37
CA ILE F 261 -14.78 -29.57 -8.95
C ILE F 261 -13.72 -30.53 -8.42
N ARG F 262 -13.38 -31.57 -9.18
CA ARG F 262 -12.30 -32.48 -8.81
C ARG F 262 -10.99 -31.75 -8.52
N ARG F 263 -10.58 -30.83 -9.40
CA ARG F 263 -9.27 -30.21 -9.28
C ARG F 263 -9.27 -29.03 -8.31
N LYS F 264 -10.40 -28.33 -8.18
CA LYS F 264 -10.49 -27.18 -7.30
C LYS F 264 -10.83 -27.58 -5.87
N TYR F 265 -11.51 -28.70 -5.67
CA TYR F 265 -11.85 -29.20 -4.33
C TYR F 265 -11.50 -30.67 -4.24
N PRO F 266 -10.20 -31.01 -4.31
CA PRO F 266 -9.81 -32.42 -4.33
C PRO F 266 -10.08 -33.14 -3.03
N ASN F 267 -10.20 -32.42 -1.91
CA ASN F 267 -10.46 -33.02 -0.61
C ASN F 267 -11.94 -33.07 -0.28
N VAL F 268 -12.81 -32.90 -1.26
CA VAL F 268 -14.25 -33.02 -1.07
C VAL F 268 -14.77 -34.09 -2.01
N PHE F 269 -15.65 -34.94 -1.49
CA PHE F 269 -16.26 -36.00 -2.29
C PHE F 269 -17.04 -35.41 -3.44
N LEU F 270 -16.65 -35.78 -4.67
CA LEU F 270 -17.31 -35.34 -5.89
C LEU F 270 -18.38 -36.35 -6.28
N HIS F 271 -19.63 -35.91 -6.31
CA HIS F 271 -20.78 -36.78 -6.55
C HIS F 271 -21.27 -36.56 -7.98
N PHE F 272 -20.93 -37.50 -8.87
CA PHE F 272 -21.30 -37.42 -10.28
C PHE F 272 -22.74 -37.91 -10.42
N HIS F 273 -23.68 -36.98 -10.52
CA HIS F 273 -25.03 -37.34 -10.90
C HIS F 273 -25.12 -37.35 -12.42
N ARG F 274 -25.71 -38.42 -12.97
CA ARG F 274 -25.72 -38.67 -14.41
C ARG F 274 -27.08 -38.38 -15.03
N ALA F 275 -27.79 -37.38 -14.52
CA ALA F 275 -29.09 -37.01 -15.05
C ALA F 275 -29.01 -36.70 -16.54
N GLY F 276 -29.70 -37.51 -17.34
CA GLY F 276 -29.74 -37.36 -18.78
C GLY F 276 -28.91 -38.39 -19.52
N HIS F 277 -28.05 -39.11 -18.81
CA HIS F 277 -27.15 -40.08 -19.44
C HIS F 277 -27.91 -41.12 -20.24
N GLY F 278 -29.19 -41.33 -19.96
CA GLY F 278 -29.94 -42.37 -20.65
C GLY F 278 -29.85 -42.27 -22.16
N ALA F 279 -29.91 -41.03 -22.69
CA ALA F 279 -29.85 -40.82 -24.13
C ALA F 279 -28.59 -41.43 -24.73
N PHE F 280 -27.51 -41.50 -23.95
CA PHE F 280 -26.30 -42.17 -24.41
C PHE F 280 -26.34 -43.68 -24.16
N THR F 281 -26.88 -44.09 -23.00
CA THR F 281 -26.58 -45.41 -22.45
C THR F 281 -27.69 -46.44 -22.64
N ARG F 282 -28.94 -46.02 -22.80
CA ARG F 282 -30.06 -46.96 -22.85
C ARG F 282 -29.86 -47.99 -23.96
N ASP F 283 -30.21 -49.24 -23.65
CA ASP F 283 -30.12 -50.31 -24.64
C ASP F 283 -30.94 -49.98 -25.88
N GLU F 284 -32.05 -49.26 -25.70
CA GLU F 284 -32.98 -48.97 -26.78
C GLU F 284 -32.41 -47.98 -27.79
N ASN F 285 -31.46 -47.14 -27.38
CA ASN F 285 -30.84 -46.17 -28.29
C ASN F 285 -29.67 -46.80 -29.02
N PRO F 286 -29.76 -46.97 -30.34
CA PRO F 286 -28.60 -47.49 -31.09
C PRO F 286 -27.43 -46.51 -31.11
N ILE F 287 -27.63 -45.25 -30.68
CA ILE F 287 -26.60 -44.23 -30.71
C ILE F 287 -26.20 -43.88 -29.28
N GLY F 288 -24.90 -43.92 -28.98
CA GLY F 288 -24.42 -43.53 -27.68
C GLY F 288 -23.28 -44.42 -27.21
N TYR F 289 -23.13 -44.49 -25.90
CA TYR F 289 -22.14 -45.35 -25.26
C TYR F 289 -22.77 -45.96 -24.01
N THR F 290 -22.30 -47.15 -23.62
CA THR F 290 -22.95 -47.85 -22.52
C THR F 290 -22.56 -47.25 -21.17
N VAL F 291 -23.21 -47.73 -20.12
CA VAL F 291 -22.99 -47.26 -18.75
C VAL F 291 -21.60 -47.63 -18.26
N PRO F 292 -21.09 -48.84 -18.54
CA PRO F 292 -19.68 -49.10 -18.18
C PRO F 292 -18.71 -48.09 -18.76
N VAL F 293 -18.94 -47.63 -19.99
CA VAL F 293 -18.07 -46.62 -20.61
C VAL F 293 -18.19 -45.29 -19.89
N LEU F 294 -19.42 -44.86 -19.63
CA LEU F 294 -19.65 -43.63 -18.87
C LEU F 294 -18.93 -43.67 -17.53
N THR F 295 -19.04 -44.79 -16.82
CA THR F 295 -18.43 -44.92 -15.50
C THR F 295 -16.90 -44.94 -15.59
N LYS F 296 -16.33 -45.68 -16.54
CA LYS F 296 -14.88 -45.67 -16.66
C LYS F 296 -14.37 -44.26 -16.95
N PHE F 297 -15.08 -43.51 -17.80
CA PHE F 297 -14.64 -42.13 -18.06
C PHE F 297 -14.88 -41.23 -16.85
N ALA F 298 -15.90 -41.52 -16.05
CA ALA F 298 -16.10 -40.80 -14.79
C ALA F 298 -14.95 -41.05 -13.83
N ARG F 299 -14.41 -42.27 -13.84
CA ARG F 299 -13.24 -42.55 -13.02
C ARG F 299 -12.02 -41.84 -13.54
N LEU F 300 -11.84 -41.83 -14.87
CA LEU F 300 -10.72 -41.11 -15.47
C LEU F 300 -10.79 -39.63 -15.10
N ALA F 301 -12.00 -39.06 -15.11
CA ALA F 301 -12.17 -37.65 -14.79
C ALA F 301 -11.94 -37.35 -13.32
N GLY F 302 -12.10 -38.31 -12.43
CA GLY F 302 -11.86 -38.10 -11.03
C GLY F 302 -13.09 -38.00 -10.14
N ALA F 303 -14.24 -38.47 -10.58
CA ALA F 303 -15.42 -38.43 -9.72
C ALA F 303 -15.21 -39.29 -8.49
N SER F 304 -15.57 -38.76 -7.32
CA SER F 304 -15.50 -39.57 -6.12
C SER F 304 -16.54 -40.65 -6.13
N GLY F 305 -17.67 -40.40 -6.78
CA GLY F 305 -18.71 -41.40 -6.90
C GLY F 305 -19.63 -41.09 -8.05
N ILE F 306 -20.22 -42.13 -8.62
CA ILE F 306 -21.19 -42.00 -9.70
C ILE F 306 -22.22 -43.10 -9.54
N HIS F 307 -23.44 -42.81 -9.97
CA HIS F 307 -24.47 -43.84 -10.04
C HIS F 307 -24.09 -44.91 -11.04
N THR F 308 -24.21 -46.16 -10.62
CA THR F 308 -23.83 -47.31 -11.42
C THR F 308 -25.02 -48.22 -11.73
N GLY F 309 -26.20 -47.88 -11.25
CA GLY F 309 -27.38 -48.65 -11.58
C GLY F 309 -27.78 -49.58 -10.44
N THR F 310 -29.04 -50.02 -10.51
CA THR F 310 -29.63 -50.87 -9.48
C THR F 310 -29.72 -52.34 -9.91
N ALA F 311 -29.01 -52.73 -10.97
CA ALA F 311 -28.97 -54.11 -11.45
C ALA F 311 -30.36 -54.65 -11.78
N GLY F 312 -31.27 -53.77 -12.20
CA GLY F 312 -32.62 -54.18 -12.53
C GLY F 312 -33.58 -54.30 -11.37
N ILE F 313 -33.09 -54.20 -10.14
CA ILE F 313 -33.96 -54.33 -8.98
C ILE F 313 -34.85 -53.10 -8.82
N GLY F 314 -34.31 -51.91 -9.05
CA GLY F 314 -35.09 -50.70 -8.92
C GLY F 314 -35.85 -50.31 -10.17
N LYS F 315 -35.99 -49.01 -10.43
CA LYS F 315 -36.83 -48.52 -11.51
C LYS F 315 -36.07 -48.06 -12.74
N MET F 316 -34.75 -47.89 -12.65
CA MET F 316 -33.96 -47.42 -13.78
C MET F 316 -33.45 -48.60 -14.60
N ALA F 317 -33.39 -48.40 -15.91
CA ALA F 317 -33.04 -49.47 -16.84
C ALA F 317 -31.64 -50.02 -16.55
N GLY F 318 -31.53 -51.34 -16.63
CA GLY F 318 -30.27 -52.00 -16.43
C GLY F 318 -30.46 -53.43 -15.98
N SER F 319 -29.42 -54.23 -16.18
CA SER F 319 -29.43 -55.63 -15.75
C SER F 319 -28.28 -55.87 -14.79
N PRO F 320 -28.31 -56.98 -14.04
CA PRO F 320 -27.16 -57.32 -13.19
C PRO F 320 -25.84 -57.30 -13.93
N LYS F 321 -25.81 -57.78 -15.17
CA LYS F 321 -24.55 -57.85 -15.90
C LYS F 321 -23.91 -56.47 -15.99
N GLU F 322 -24.60 -55.54 -16.65
CA GLU F 322 -24.00 -54.23 -16.92
C GLU F 322 -23.80 -53.42 -15.64
N ASP F 323 -24.80 -53.39 -14.76
CA ASP F 323 -24.69 -52.55 -13.57
C ASP F 323 -23.62 -53.10 -12.62
N VAL F 324 -23.52 -54.42 -12.50
CA VAL F 324 -22.46 -54.97 -11.65
C VAL F 324 -21.11 -54.71 -12.31
N MET F 325 -21.03 -54.79 -13.64
CA MET F 325 -19.80 -54.42 -14.33
C MET F 325 -19.40 -52.98 -14.03
N ALA F 326 -20.38 -52.08 -13.99
CA ALA F 326 -20.08 -50.68 -13.70
C ALA F 326 -19.56 -50.51 -12.28
N ALA F 327 -20.20 -51.18 -11.31
CA ALA F 327 -19.70 -51.13 -9.94
C ALA F 327 -18.27 -51.68 -9.86
N ARG F 328 -17.98 -52.73 -10.63
CA ARG F 328 -16.63 -53.31 -10.61
C ARG F 328 -15.61 -52.35 -11.22
N HIS F 329 -15.98 -51.68 -12.31
CA HIS F 329 -15.14 -50.63 -12.89
C HIS F 329 -14.87 -49.52 -11.90
N ALA F 330 -15.85 -49.18 -11.08
CA ALA F 330 -15.68 -48.08 -10.14
C ALA F 330 -14.78 -48.46 -8.97
N LEU F 331 -14.91 -49.69 -8.46
CA LEU F 331 -14.24 -50.07 -7.23
C LEU F 331 -12.92 -50.80 -7.44
N LYS F 332 -12.90 -51.80 -8.33
CA LYS F 332 -11.82 -52.77 -8.31
C LYS F 332 -10.55 -52.22 -8.96
N LEU F 333 -9.41 -52.76 -8.50
CA LEU F 333 -8.14 -52.47 -9.17
C LEU F 333 -8.07 -53.16 -10.52
N TYR F 334 -8.63 -54.36 -10.63
CA TYR F 334 -8.70 -55.10 -11.88
C TYR F 334 -10.17 -55.31 -12.21
N SER F 335 -10.64 -54.70 -13.28
CA SER F 335 -12.02 -54.82 -13.69
C SER F 335 -12.08 -55.45 -15.07
N GLU F 336 -13.09 -56.27 -15.29
CA GLU F 336 -13.28 -57.01 -16.53
C GLU F 336 -14.37 -56.29 -17.32
N GLY F 337 -14.01 -55.85 -18.52
CA GLY F 337 -15.00 -55.33 -19.45
C GLY F 337 -15.55 -56.42 -20.34
N ASP F 338 -16.48 -56.01 -21.20
CA ASP F 338 -17.01 -56.97 -22.18
C ASP F 338 -15.96 -57.38 -23.20
N TYR F 339 -14.92 -56.57 -23.40
CA TYR F 339 -13.90 -56.81 -24.42
C TYR F 339 -12.49 -56.49 -23.95
N PHE F 340 -12.30 -55.69 -22.90
CA PHE F 340 -10.98 -55.31 -22.40
C PHE F 340 -10.86 -55.56 -20.89
N LYS F 341 -9.68 -56.03 -20.50
CA LYS F 341 -9.26 -56.13 -19.11
C LYS F 341 -8.64 -54.81 -18.70
N GLN F 342 -9.19 -54.15 -17.69
CA GLN F 342 -8.63 -52.86 -17.30
C GLN F 342 -7.94 -53.03 -15.97
N ILE F 343 -6.66 -52.66 -15.90
CA ILE F 343 -5.93 -52.56 -14.64
C ILE F 343 -5.71 -51.08 -14.38
N TRP F 344 -6.27 -50.59 -13.28
CA TRP F 344 -6.19 -49.17 -12.94
C TRP F 344 -4.87 -48.86 -12.24
N SER F 345 -3.78 -49.08 -12.97
CA SER F 345 -2.44 -48.85 -12.47
C SER F 345 -1.58 -48.24 -13.56
N GLU F 346 -0.80 -47.24 -13.17
CA GLU F 346 0.15 -46.55 -14.04
C GLU F 346 1.48 -47.27 -14.12
N ILE F 347 1.54 -48.49 -13.59
CA ILE F 347 2.77 -49.27 -13.42
C ILE F 347 2.70 -50.41 -14.44
N PRO F 348 3.83 -50.94 -14.94
CA PRO F 348 3.75 -52.09 -15.84
C PRO F 348 3.11 -53.29 -15.14
N GLU F 349 2.29 -54.03 -15.89
CA GLU F 349 1.60 -55.20 -15.33
C GLU F 349 2.58 -56.23 -14.78
N LYS F 350 3.81 -56.27 -15.32
CA LYS F 350 4.81 -57.24 -14.90
C LYS F 350 5.29 -57.02 -13.47
N ASP F 351 5.04 -55.84 -12.90
CA ASP F 351 5.55 -55.52 -11.57
C ASP F 351 5.02 -56.52 -10.54
N ALA F 352 5.94 -56.98 -9.68
CA ALA F 352 5.58 -57.98 -8.67
C ALA F 352 4.61 -57.41 -7.65
N ASP F 353 4.85 -56.19 -7.16
CA ASP F 353 3.93 -55.59 -6.19
C ASP F 353 2.54 -55.42 -6.78
N LEU F 354 2.48 -55.08 -8.07
CA LEU F 354 1.20 -54.90 -8.74
C LEU F 354 0.42 -56.22 -8.84
N GLN F 355 1.08 -57.27 -9.31
CA GLN F 355 0.43 -58.58 -9.42
C GLN F 355 -0.03 -59.08 -8.06
N LEU F 356 0.81 -58.87 -7.04
CA LEU F 356 0.45 -59.24 -5.67
C LEU F 356 -0.81 -58.51 -5.23
N ALA F 357 -0.88 -57.21 -5.50
CA ALA F 357 -2.07 -56.45 -5.12
C ALA F 357 -3.31 -56.99 -5.80
N ILE F 358 -3.19 -57.37 -7.08
CA ILE F 358 -4.33 -57.91 -7.81
C ILE F 358 -4.83 -59.20 -7.18
N GLN F 359 -3.90 -60.10 -6.85
CA GLN F 359 -4.29 -61.36 -6.21
C GLN F 359 -4.91 -61.12 -4.83
N LYS F 360 -4.29 -60.25 -4.04
CA LYS F 360 -4.85 -59.93 -2.72
C LYS F 360 -6.24 -59.31 -2.86
N GLU F 361 -6.48 -58.54 -3.93
CA GLU F 361 -7.81 -58.03 -4.19
C GLU F 361 -8.77 -59.16 -4.53
N ALA F 362 -8.32 -60.14 -5.31
CA ALA F 362 -9.13 -61.31 -5.57
C ALA F 362 -9.48 -62.05 -4.28
N GLU F 363 -8.73 -61.81 -3.21
CA GLU F 363 -9.02 -62.43 -1.91
C GLU F 363 -9.79 -61.53 -0.94
N GLY F 364 -10.17 -60.32 -1.34
CA GLY F 364 -10.99 -59.45 -0.51
C GLY F 364 -10.29 -58.34 0.25
N GLU F 365 -9.00 -58.11 -0.02
CA GLU F 365 -8.19 -57.10 0.65
C GLU F 365 -8.18 -55.80 -0.11
N ASP F 366 -8.05 -54.71 0.64
CA ASP F 366 -8.06 -53.37 0.09
C ASP F 366 -6.73 -53.05 -0.58
N TYR F 367 -6.78 -52.38 -1.73
CA TYR F 367 -5.57 -51.98 -2.44
C TYR F 367 -5.25 -50.50 -2.28
N SER F 368 -6.06 -49.77 -1.51
CA SER F 368 -5.91 -48.31 -1.42
C SER F 368 -4.56 -47.90 -0.86
N ASN F 369 -3.91 -48.73 -0.07
CA ASN F 369 -2.63 -48.39 0.53
C ASN F 369 -1.44 -48.77 -0.34
N LEU F 370 -1.68 -49.25 -1.57
CA LEU F 370 -0.58 -49.74 -2.39
C LEU F 370 0.42 -48.64 -2.73
N GLY F 371 0.03 -47.37 -2.63
CA GLY F 371 0.89 -46.25 -2.99
C GLY F 371 0.18 -45.26 -3.88
N TYR F 372 -0.07 -44.05 -3.37
CA TYR F 372 -0.86 -43.05 -4.10
C TYR F 372 -0.29 -42.76 -5.48
N TRP F 373 0.98 -43.09 -5.70
CA TRP F 373 1.70 -42.87 -6.94
C TRP F 373 1.62 -44.01 -7.94
N ARG F 374 0.87 -45.07 -7.67
CA ARG F 374 0.88 -46.22 -8.58
C ARG F 374 -0.50 -46.79 -8.88
N ILE F 375 -1.57 -46.22 -8.35
CA ILE F 375 -2.91 -46.71 -8.62
C ILE F 375 -3.82 -45.54 -8.96
N THR F 376 -4.83 -45.82 -9.78
CA THR F 376 -5.96 -44.92 -9.90
C THR F 376 -6.93 -45.22 -8.75
N LYS F 377 -7.24 -44.20 -7.97
CA LYS F 377 -8.03 -44.37 -6.77
C LYS F 377 -9.40 -44.95 -7.10
N LYS F 378 -10.00 -45.61 -6.11
CA LYS F 378 -11.31 -46.24 -6.32
C LYS F 378 -12.40 -45.18 -6.38
N MET F 379 -13.42 -45.47 -7.17
CA MET F 379 -14.59 -44.61 -7.26
C MET F 379 -15.77 -45.32 -6.64
N CYS F 380 -16.63 -44.56 -6.04
CA CYS F 380 -17.68 -45.25 -5.30
C CYS F 380 -18.94 -45.37 -6.15
N PRO F 381 -19.53 -46.55 -6.24
CA PRO F 381 -20.84 -46.68 -6.90
C PRO F 381 -21.96 -46.14 -5.99
N ILE F 382 -22.85 -45.35 -6.58
CA ILE F 382 -23.99 -44.77 -5.87
C ILE F 382 -25.26 -45.39 -6.43
N ILE F 383 -26.10 -45.90 -5.54
CA ILE F 383 -27.23 -46.75 -5.91
C ILE F 383 -28.54 -46.04 -5.62
N SER F 384 -29.30 -45.75 -6.67
CA SER F 384 -30.52 -44.97 -6.53
C SER F 384 -31.51 -45.39 -7.61
N GLY F 385 -32.78 -45.11 -7.34
CA GLY F 385 -33.82 -45.33 -8.32
C GLY F 385 -34.76 -46.45 -7.95
N GLY F 386 -35.89 -46.09 -7.33
CA GLY F 386 -36.88 -47.09 -7.00
C GLY F 386 -36.54 -48.02 -5.86
N LEU F 387 -35.59 -47.67 -5.00
CA LEU F 387 -35.21 -48.53 -3.89
C LEU F 387 -36.05 -48.24 -2.65
N ASN F 388 -36.28 -49.29 -1.87
CA ASN F 388 -36.97 -49.19 -0.59
C ASN F 388 -36.42 -50.33 0.28
N PRO F 389 -36.73 -50.33 1.61
CA PRO F 389 -36.08 -51.31 2.50
C PRO F 389 -36.11 -52.77 2.05
N LEU F 390 -37.08 -53.14 1.20
CA LEU F 390 -37.21 -54.53 0.80
C LEU F 390 -36.12 -54.97 -0.17
N LEU F 391 -35.49 -54.03 -0.87
CA LEU F 391 -34.64 -54.39 -1.99
C LEU F 391 -33.14 -54.34 -1.68
N ILE F 392 -32.73 -53.77 -0.53
CA ILE F 392 -31.29 -53.60 -0.29
C ILE F 392 -30.58 -54.94 -0.21
N GLY F 393 -31.16 -55.90 0.52
CA GLY F 393 -30.53 -57.22 0.64
C GLY F 393 -30.35 -57.92 -0.70
N LYS F 394 -31.40 -57.91 -1.53
CA LYS F 394 -31.30 -58.49 -2.87
C LYS F 394 -30.18 -57.85 -3.67
N PHE F 395 -30.04 -56.53 -3.55
CA PHE F 395 -28.99 -55.84 -4.31
C PHE F 395 -27.60 -56.23 -3.83
N ILE F 396 -27.38 -56.18 -2.51
CA ILE F 396 -26.09 -56.58 -1.96
C ILE F 396 -25.73 -57.97 -2.43
N ASP F 397 -26.73 -58.87 -2.43
CA ASP F 397 -26.50 -60.22 -2.93
C ASP F 397 -26.09 -60.21 -4.40
N THR F 398 -26.69 -59.32 -5.20
CA THR F 398 -26.37 -59.28 -6.63
C THR F 398 -24.97 -58.72 -6.89
N VAL F 399 -24.56 -57.69 -6.13
CA VAL F 399 -23.27 -57.05 -6.44
C VAL F 399 -22.11 -57.80 -5.81
N GLY F 400 -22.32 -58.46 -4.68
CA GLY F 400 -21.24 -59.19 -4.05
C GLY F 400 -20.28 -58.31 -3.29
N THR F 401 -20.72 -57.14 -2.83
CA THR F 401 -19.90 -56.26 -2.02
C THR F 401 -20.80 -55.31 -1.25
N GLN F 402 -20.18 -54.57 -0.32
CA GLN F 402 -20.89 -53.57 0.48
C GLN F 402 -20.26 -52.19 0.40
N ASP F 403 -19.23 -51.98 -0.41
CA ASP F 403 -18.65 -50.66 -0.63
C ASP F 403 -19.50 -49.93 -1.66
N PHE F 404 -20.61 -49.36 -1.20
CA PHE F 404 -21.44 -48.52 -2.06
C PHE F 404 -22.34 -47.67 -1.19
N ILE F 405 -22.89 -46.62 -1.79
CA ILE F 405 -23.93 -45.80 -1.17
C ILE F 405 -25.27 -46.12 -1.83
N THR F 406 -26.25 -46.49 -1.02
CA THR F 406 -27.63 -46.54 -1.46
C THR F 406 -28.31 -45.26 -1.01
N THR F 407 -29.07 -44.66 -1.91
CA THR F 407 -29.85 -43.48 -1.56
C THR F 407 -31.27 -43.75 -2.03
N MET F 408 -32.23 -43.50 -1.15
CA MET F 408 -33.63 -43.86 -1.39
C MET F 408 -34.48 -42.62 -1.21
N GLY F 409 -35.31 -42.35 -2.21
CA GLY F 409 -36.19 -41.19 -2.15
C GLY F 409 -37.56 -41.55 -1.62
N ALA F 410 -38.39 -42.13 -2.49
CA ALA F 410 -39.72 -42.56 -2.04
C ALA F 410 -39.63 -43.76 -1.11
N GLY F 411 -38.56 -44.56 -1.21
CA GLY F 411 -38.31 -45.66 -0.30
C GLY F 411 -38.15 -45.26 1.16
N VAL F 412 -38.01 -43.97 1.46
CA VAL F 412 -37.90 -43.46 2.82
C VAL F 412 -39.01 -42.47 3.15
N HIS F 413 -39.17 -41.42 2.33
CA HIS F 413 -40.09 -40.34 2.65
C HIS F 413 -41.54 -40.66 2.35
N SER F 414 -41.83 -41.77 1.66
CA SER F 414 -43.21 -42.22 1.50
C SER F 414 -43.58 -43.31 2.48
N HIS F 415 -42.68 -43.69 3.38
CA HIS F 415 -43.00 -44.68 4.39
C HIS F 415 -44.16 -44.19 5.24
N PRO F 416 -45.16 -45.02 5.50
CA PRO F 416 -46.39 -44.54 6.17
C PRO F 416 -46.16 -43.80 7.48
N MET F 417 -45.08 -44.08 8.20
CA MET F 417 -44.85 -43.41 9.48
C MET F 417 -43.90 -42.24 9.38
N GLY F 418 -43.45 -41.87 8.20
CA GLY F 418 -42.60 -40.72 8.03
C GLY F 418 -41.16 -41.11 7.74
N THR F 419 -40.35 -40.07 7.56
CA THR F 419 -38.96 -40.25 7.15
C THR F 419 -38.14 -40.98 8.21
N LYS F 420 -38.22 -40.50 9.45
CA LYS F 420 -37.46 -41.10 10.54
C LYS F 420 -37.73 -42.61 10.60
N ALA F 421 -39.00 -42.98 10.45
CA ALA F 421 -39.36 -44.39 10.39
C ALA F 421 -38.78 -45.05 9.14
N GLY F 422 -38.76 -44.33 8.01
CA GLY F 422 -38.19 -44.91 6.80
C GLY F 422 -36.72 -45.26 6.95
N ALA F 423 -35.97 -44.40 7.62
CA ALA F 423 -34.55 -44.67 7.89
C ALA F 423 -34.39 -45.85 8.84
N THR F 424 -35.17 -45.88 9.93
CA THR F 424 -35.10 -47.03 10.80
C THR F 424 -35.46 -48.31 10.05
N ALA F 425 -36.37 -48.22 9.08
CA ALA F 425 -36.80 -49.40 8.32
C ALA F 425 -35.69 -49.91 7.40
N VAL F 426 -34.96 -49.00 6.74
CA VAL F 426 -33.86 -49.48 5.90
C VAL F 426 -32.76 -50.08 6.78
N LEU F 427 -32.50 -49.49 7.94
CA LEU F 427 -31.52 -50.09 8.84
C LEU F 427 -31.95 -51.47 9.31
N GLN F 428 -33.25 -51.64 9.60
CA GLN F 428 -33.74 -52.95 10.04
C GLN F 428 -33.67 -53.98 8.92
N ALA F 429 -33.97 -53.57 7.69
CA ALA F 429 -33.88 -54.51 6.58
C ALA F 429 -32.44 -54.93 6.33
N TYR F 430 -31.48 -54.00 6.49
CA TYR F 430 -30.09 -54.38 6.38
C TYR F 430 -29.67 -55.33 7.50
N GLU F 431 -30.10 -55.04 8.73
CA GLU F 431 -29.80 -55.95 9.83
C GLU F 431 -30.35 -57.34 9.56
N ALA F 432 -31.54 -57.42 8.98
CA ALA F 432 -32.11 -58.70 8.58
C ALA F 432 -31.24 -59.41 7.56
N TRP F 433 -30.75 -58.66 6.56
CA TRP F 433 -29.87 -59.27 5.57
C TRP F 433 -28.58 -59.79 6.22
N LYS F 434 -28.01 -59.01 7.14
CA LYS F 434 -26.71 -59.37 7.70
C LYS F 434 -26.79 -60.60 8.60
N GLN F 435 -27.90 -60.80 9.31
CA GLN F 435 -28.05 -61.97 10.17
C GLN F 435 -28.73 -63.13 9.46
N LYS F 436 -29.02 -62.98 8.17
CA LYS F 436 -29.60 -64.02 7.33
C LYS F 436 -30.98 -64.50 7.82
N ILE F 437 -31.77 -63.56 8.34
CA ILE F 437 -33.17 -63.80 8.69
C ILE F 437 -34.02 -63.18 7.61
N SER F 438 -35.09 -63.88 7.23
CA SER F 438 -35.99 -63.38 6.18
C SER F 438 -36.62 -62.07 6.61
N LEU F 439 -36.99 -61.27 5.61
CA LEU F 439 -37.58 -59.96 5.88
C LEU F 439 -38.88 -60.09 6.67
N GLU F 440 -39.66 -61.14 6.37
CA GLU F 440 -40.87 -61.40 7.13
C GLU F 440 -40.55 -61.81 8.56
N ASP F 441 -39.63 -62.77 8.70
CA ASP F 441 -39.27 -63.25 10.02
C ASP F 441 -38.64 -62.15 10.84
N TYR F 442 -37.74 -61.37 10.25
CA TYR F 442 -37.20 -60.25 11.02
C TYR F 442 -38.31 -59.25 11.33
N ALA F 443 -39.24 -59.02 10.38
CA ALA F 443 -40.28 -58.03 10.60
C ALA F 443 -41.32 -58.45 11.63
N LYS F 444 -41.30 -59.71 12.10
CA LYS F 444 -42.23 -60.11 13.16
C LYS F 444 -42.12 -59.20 14.38
N ASP F 445 -40.93 -58.68 14.68
CA ASP F 445 -40.71 -57.77 15.81
C ASP F 445 -40.13 -56.41 15.40
N LYS F 446 -40.35 -55.96 14.15
CA LYS F 446 -40.01 -54.60 13.69
C LYS F 446 -41.25 -53.89 13.16
N GLU F 447 -41.69 -52.87 13.88
CA GLU F 447 -42.86 -52.10 13.45
C GLU F 447 -42.55 -51.34 12.15
N GLU F 448 -41.40 -50.67 12.12
CA GLU F 448 -41.03 -49.88 10.95
C GLU F 448 -40.87 -50.76 9.71
N LEU F 449 -40.10 -51.85 9.83
CA LEU F 449 -39.93 -52.76 8.71
C LEU F 449 -41.24 -53.39 8.27
N ARG F 450 -42.11 -53.71 9.23
CA ARG F 450 -43.39 -54.29 8.88
C ARG F 450 -44.21 -53.31 8.03
N ALA F 451 -44.24 -52.04 8.43
CA ALA F 451 -45.00 -51.09 7.62
C ALA F 451 -44.37 -50.89 6.25
N ALA F 452 -43.03 -50.92 6.17
CA ALA F 452 -42.38 -50.81 4.87
C ALA F 452 -42.74 -52.01 3.99
N ILE F 453 -42.77 -53.22 4.56
CA ILE F 453 -43.20 -54.37 3.76
C ILE F 453 -44.65 -54.19 3.33
N GLN F 454 -45.51 -53.63 4.21
CA GLN F 454 -46.91 -53.46 3.81
C GLN F 454 -47.03 -52.49 2.64
N PHE F 455 -46.33 -51.34 2.72
CA PHE F 455 -46.56 -50.31 1.71
C PHE F 455 -45.89 -50.67 0.40
N TYR F 456 -44.67 -51.21 0.43
CA TYR F 456 -43.89 -51.33 -0.79
C TYR F 456 -44.18 -52.61 -1.57
N ASP F 457 -45.00 -53.51 -1.04
CA ASP F 457 -45.43 -54.67 -1.81
C ASP F 457 -46.50 -54.32 -2.82
N MET G 1 18.62 45.62 48.17
CA MET G 1 19.13 45.95 46.84
C MET G 1 19.90 44.78 46.25
N GLN G 2 19.59 44.46 44.98
CA GLN G 2 20.31 43.45 44.23
C GLN G 2 21.19 44.21 43.24
N LYS G 3 22.43 44.45 43.67
CA LYS G 3 23.39 45.30 42.97
C LYS G 3 23.89 44.68 41.69
N GLU G 4 23.86 43.35 41.57
CA GLU G 4 24.41 42.73 40.37
C GLU G 4 23.59 43.08 39.13
N TYR G 5 22.43 43.70 39.31
CA TYR G 5 21.58 44.08 38.20
C TYR G 5 21.68 45.57 37.93
N ILE G 6 22.55 46.27 38.66
CA ILE G 6 22.73 47.71 38.55
C ILE G 6 24.10 47.97 37.93
N GLN G 7 24.10 48.47 36.68
CA GLN G 7 25.30 48.88 35.97
C GLN G 7 24.93 50.13 35.18
N ILE G 8 24.62 51.22 35.90
CA ILE G 8 24.13 52.45 35.28
C ILE G 8 25.17 53.00 34.31
N GLY G 9 24.70 53.46 33.15
CA GLY G 9 25.52 54.11 32.15
C GLY G 9 26.33 53.20 31.26
N ASN G 10 26.08 51.90 31.28
CA ASN G 10 26.80 50.94 30.45
C ASN G 10 26.60 51.21 28.97
N PRO G 11 27.66 51.49 28.21
CA PRO G 11 27.54 51.64 26.76
C PRO G 11 27.38 50.32 26.02
N ASN G 12 27.40 49.19 26.73
CA ASN G 12 27.30 47.89 26.11
C ASN G 12 25.86 47.50 25.78
N VAL G 13 24.88 48.28 26.24
CA VAL G 13 23.47 47.96 26.00
C VAL G 13 22.97 48.34 24.62
N PHE G 14 23.71 49.16 23.86
CA PHE G 14 23.28 49.62 22.55
C PHE G 14 23.98 48.88 21.41
N ASN G 15 24.54 47.70 21.68
CA ASN G 15 25.31 46.96 20.70
C ASN G 15 24.51 45.91 19.95
N GLY G 16 23.18 45.92 20.09
CA GLY G 16 22.32 45.02 19.36
C GLY G 16 22.07 43.69 20.03
N GLN G 17 22.75 43.38 21.13
CA GLN G 17 22.49 42.14 21.85
C GLN G 17 21.38 42.27 22.88
N TYR G 18 20.84 43.47 23.08
CA TYR G 18 19.88 43.71 24.14
C TYR G 18 18.61 44.31 23.55
N MET G 19 17.47 43.78 23.98
CA MET G 19 16.19 44.46 23.86
C MET G 19 16.01 45.38 25.06
N LEU G 20 15.71 46.65 24.80
CA LEU G 20 15.61 47.64 25.86
C LEU G 20 14.16 48.03 26.10
N ALA G 21 13.87 48.44 27.33
CA ALA G 21 12.53 48.82 27.73
C ALA G 21 12.61 49.89 28.81
N VAL G 22 11.57 50.72 28.88
CA VAL G 22 11.41 51.74 29.91
C VAL G 22 10.25 51.34 30.80
N PHE G 23 10.48 51.35 32.10
CA PHE G 23 9.48 51.06 33.10
C PHE G 23 9.20 52.34 33.85
N ARG G 24 7.95 52.57 34.18
CA ARG G 24 7.57 53.54 35.20
C ARG G 24 7.30 52.71 36.45
N LEU G 25 8.15 52.87 37.46
CA LEU G 25 8.15 52.05 38.67
C LEU G 25 7.97 52.88 39.93
N GLN G 26 7.30 52.26 40.90
CA GLN G 26 7.19 52.80 42.25
C GLN G 26 7.17 51.61 43.20
N GLY G 27 8.20 51.49 44.05
CA GLY G 27 8.26 50.42 45.01
C GLY G 27 7.53 50.74 46.31
N GLU G 28 7.45 49.74 47.18
CA GLU G 28 6.76 49.90 48.45
C GLU G 28 7.47 50.93 49.32
N GLU G 29 6.81 51.27 50.42
CA GLU G 29 7.34 52.25 51.36
C GLU G 29 8.72 51.80 51.83
N GLY G 30 9.72 52.64 51.57
CA GLY G 30 11.09 52.37 51.96
C GLY G 30 12.02 52.06 50.81
N MET G 31 11.50 51.61 49.68
CA MET G 31 12.36 51.33 48.54
C MET G 31 12.40 52.54 47.62
N THR G 32 13.61 52.98 47.33
CA THR G 32 13.91 54.00 46.34
C THR G 32 13.70 53.43 44.94
N LEU G 33 13.77 54.32 43.95
CA LEU G 33 13.60 53.89 42.57
C LEU G 33 14.65 52.88 42.17
N VAL G 34 15.88 53.07 42.64
CA VAL G 34 16.93 52.14 42.24
C VAL G 34 16.71 50.75 42.86
N ASP G 35 16.13 50.67 44.08
CA ASP G 35 15.86 49.36 44.67
C ASP G 35 14.73 48.63 43.94
N THR G 36 13.60 49.29 43.73
CA THR G 36 12.53 48.64 42.97
C THR G 36 13.02 48.25 41.57
N ALA G 37 13.90 49.05 40.99
CA ALA G 37 14.47 48.69 39.69
C ALA G 37 15.36 47.46 39.80
N SER G 38 16.13 47.35 40.88
CA SER G 38 16.96 46.16 41.06
C SER G 38 16.10 44.92 41.12
N GLU G 39 15.04 44.96 41.93
CA GLU G 39 14.22 43.78 42.10
C GLU G 39 13.47 43.44 40.81
N VAL G 40 13.03 44.46 40.06
CA VAL G 40 12.34 44.18 38.80
C VAL G 40 13.29 43.58 37.78
N ALA G 41 14.50 44.14 37.67
CA ALA G 41 15.50 43.57 36.77
C ALA G 41 15.84 42.14 37.14
N ALA G 42 15.85 41.83 38.44
CA ALA G 42 16.12 40.46 38.86
C ALA G 42 14.98 39.54 38.45
N GLU G 43 13.74 39.94 38.70
CA GLU G 43 12.59 39.07 38.46
C GLU G 43 12.23 38.92 36.98
N SER G 44 12.79 39.71 36.08
CA SER G 44 12.52 39.59 34.65
C SER G 44 13.71 39.07 33.85
N SER G 45 14.73 38.53 34.51
CA SER G 45 15.83 37.94 33.76
C SER G 45 16.36 36.69 34.43
N THR G 46 17.30 36.84 35.36
CA THR G 46 18.02 35.69 35.88
C THR G 46 17.79 35.44 37.36
N GLY G 47 17.16 36.36 38.08
CA GLY G 47 17.13 36.27 39.52
C GLY G 47 15.78 36.08 40.16
N SER G 48 15.71 36.38 41.46
CA SER G 48 14.49 36.29 42.24
C SER G 48 14.57 37.29 43.40
N PHE G 49 13.87 37.01 44.49
CA PHE G 49 13.84 37.97 45.59
C PHE G 49 15.15 38.05 46.37
N VAL G 50 16.09 37.12 46.16
CA VAL G 50 17.41 37.19 46.77
C VAL G 50 18.42 36.74 45.73
N LYS G 51 19.67 37.15 45.93
CA LYS G 51 20.78 36.69 45.13
C LYS G 51 20.77 35.17 45.06
N ILE G 52 20.94 34.65 43.85
CA ILE G 52 20.84 33.22 43.61
C ILE G 52 22.20 32.59 43.85
N GLY G 53 22.27 31.72 44.85
CA GLY G 53 23.54 31.09 45.20
C GLY G 53 24.03 30.13 44.14
N THR G 54 23.13 29.63 43.29
CA THR G 54 23.48 28.70 42.23
C THR G 54 23.79 29.40 40.91
N ALA G 55 23.86 30.73 40.90
CA ALA G 55 24.17 31.45 39.67
C ALA G 55 25.58 31.14 39.20
N THR G 56 25.75 31.09 37.88
CA THR G 56 27.05 30.89 37.24
C THR G 56 27.46 32.19 36.55
N ALA G 57 28.77 32.31 36.29
CA ALA G 57 29.26 33.45 35.50
C ALA G 57 28.56 33.54 34.16
N PHE G 58 28.35 32.39 33.51
CA PHE G 58 27.56 32.34 32.29
C PHE G 58 26.19 32.96 32.48
N SER G 59 25.47 32.51 33.52
CA SER G 59 24.12 33.01 33.77
C SER G 59 24.12 34.48 34.18
N GLU G 60 25.12 34.91 34.96
CA GLU G 60 25.19 36.32 35.34
C GLU G 60 25.54 37.22 34.16
N SER G 61 26.22 36.67 33.14
CA SER G 61 26.48 37.43 31.93
C SER G 61 25.22 37.65 31.10
N LEU G 62 24.14 36.93 31.39
CA LEU G 62 22.86 37.10 30.72
C LEU G 62 21.87 37.88 31.56
N ASP G 63 22.34 38.62 32.57
CA ASP G 63 21.47 39.41 33.42
C ASP G 63 20.87 40.62 32.69
N ALA G 64 19.70 41.02 33.14
CA ALA G 64 19.14 42.31 32.74
C ALA G 64 19.89 43.45 33.43
N LEU G 65 20.01 44.57 32.72
CA LEU G 65 20.80 45.72 33.16
C LEU G 65 19.92 46.93 33.35
N VAL G 66 19.89 47.47 34.57
CA VAL G 66 19.41 48.83 34.72
C VAL G 66 20.59 49.76 34.43
N TYR G 67 20.49 50.47 33.31
CA TYR G 67 21.57 51.29 32.81
C TYR G 67 21.24 52.78 32.82
N ARG G 68 19.99 53.16 33.12
CA ARG G 68 19.64 54.57 33.23
C ARG G 68 18.40 54.69 34.11
N ILE G 69 18.34 55.75 34.91
CA ILE G 69 17.22 55.98 35.82
C ILE G 69 16.83 57.46 35.73
N ASP G 70 15.53 57.73 35.84
CA ASP G 70 14.99 59.08 35.92
C ASP G 70 14.13 59.14 37.18
N GLU G 71 14.69 59.66 38.29
CA GLU G 71 13.96 59.68 39.55
C GLU G 71 12.74 60.58 39.51
N LYS G 72 12.84 61.71 38.81
CA LYS G 72 11.76 62.70 38.86
C LYS G 72 10.50 62.17 38.18
N ASN G 73 10.66 61.40 37.10
CA ASN G 73 9.53 60.84 36.37
C ASN G 73 9.31 59.36 36.67
N ASN G 74 10.03 58.83 37.67
CA ASN G 74 9.89 57.44 38.12
C ASN G 74 10.11 56.45 36.97
N LEU G 75 11.17 56.67 36.20
CA LEU G 75 11.48 55.86 35.02
C LEU G 75 12.78 55.08 35.20
N VAL G 76 12.83 53.91 34.58
CA VAL G 76 13.98 53.01 34.63
C VAL G 76 14.16 52.41 33.24
N TRP G 77 15.39 52.41 32.73
CA TRP G 77 15.70 51.77 31.47
C TRP G 77 16.40 50.44 31.76
N ILE G 78 15.82 49.33 31.31
CA ILE G 78 16.40 48.01 31.51
C ILE G 78 16.65 47.35 30.17
N ALA G 79 17.80 46.67 30.06
CA ALA G 79 18.22 45.97 28.86
C ALA G 79 18.23 44.47 29.12
N TYR G 80 17.64 43.71 28.21
CA TYR G 80 17.51 42.26 28.32
C TYR G 80 18.32 41.62 27.20
N PRO G 81 19.34 40.82 27.49
CA PRO G 81 20.01 40.07 26.42
C PRO G 81 19.02 39.14 25.73
N TRP G 82 18.63 39.46 24.50
CA TRP G 82 17.58 38.65 23.87
C TRP G 82 18.00 37.21 23.60
N ARG G 83 19.24 36.83 23.91
CA ARG G 83 19.62 35.43 23.85
C ARG G 83 18.87 34.60 24.89
N ILE G 84 18.39 35.23 25.96
CA ILE G 84 17.67 34.48 27.00
C ILE G 84 16.24 34.15 26.58
N PHE G 85 15.71 34.81 25.54
CA PHE G 85 14.35 34.53 25.09
C PHE G 85 14.29 33.20 24.36
N ASP G 86 13.14 32.52 24.49
CA ASP G 86 12.93 31.26 23.80
C ASP G 86 13.09 31.42 22.30
N ARG G 87 13.76 30.45 21.68
CA ARG G 87 13.98 30.49 20.24
C ARG G 87 12.73 30.08 19.47
N GLY G 88 12.83 30.15 18.16
CA GLY G 88 11.66 29.99 17.31
C GLY G 88 10.76 31.19 17.35
N GLY G 89 11.31 32.37 17.63
CA GLY G 89 10.51 33.58 17.67
C GLY G 89 9.36 33.55 18.66
N ASN G 90 9.60 33.05 19.87
CA ASN G 90 8.54 32.93 20.87
C ASN G 90 8.30 34.29 21.51
N VAL G 91 7.12 34.86 21.27
CA VAL G 91 6.77 36.18 21.81
C VAL G 91 6.13 36.06 23.18
N GLN G 92 5.28 35.05 23.37
CA GLN G 92 4.73 34.79 24.70
C GLN G 92 5.83 34.60 25.74
N ASN G 93 6.98 34.06 25.35
CA ASN G 93 8.09 33.90 26.29
C ASN G 93 8.71 35.25 26.66
N ILE G 94 8.87 36.14 25.69
CA ILE G 94 9.31 37.50 26.00
C ILE G 94 8.35 38.14 26.99
N MET G 95 7.04 38.00 26.72
CA MET G 95 6.04 38.59 27.60
C MET G 95 6.06 37.95 28.99
N THR G 96 6.43 36.66 29.07
CA THR G 96 6.57 36.02 30.37
C THR G 96 7.74 36.61 31.13
N PHE G 97 8.86 36.85 30.44
CA PHE G 97 10.00 37.55 31.02
C PHE G 97 9.62 38.93 31.55
N ILE G 98 9.21 39.81 30.64
CA ILE G 98 9.14 41.24 30.93
C ILE G 98 7.79 41.69 31.47
N ALA G 99 6.72 40.93 31.24
CA ALA G 99 5.38 41.28 31.69
C ALA G 99 4.72 40.13 32.42
N GLY G 100 5.51 39.33 33.16
CA GLY G 100 4.98 38.17 33.86
C GLY G 100 4.92 38.34 35.36
N ASN G 101 5.80 37.64 36.07
CA ASN G 101 5.77 37.66 37.53
C ASN G 101 5.98 39.04 38.11
N VAL G 102 6.64 39.93 37.37
CA VAL G 102 6.90 41.29 37.86
C VAL G 102 5.61 42.07 38.08
N PHE G 103 4.50 41.65 37.46
CA PHE G 103 3.24 42.34 37.69
C PHE G 103 2.57 41.94 38.99
N GLY G 104 3.08 40.93 39.69
CA GLY G 104 2.46 40.48 40.92
C GLY G 104 3.30 40.75 42.14
N MET G 105 4.47 41.37 41.95
CA MET G 105 5.35 41.64 43.08
C MET G 105 4.68 42.60 44.06
N ALA G 106 4.52 42.13 45.30
CA ALA G 106 3.83 42.94 46.30
C ALA G 106 4.58 44.22 46.62
N SER G 107 5.91 44.20 46.51
CA SER G 107 6.73 45.34 46.89
C SER G 107 6.78 46.43 45.82
N VAL G 108 6.17 46.24 44.66
CA VAL G 108 6.18 47.21 43.57
C VAL G 108 4.76 47.73 43.40
N LYS G 109 4.56 49.02 43.63
CA LYS G 109 3.24 49.61 43.55
C LYS G 109 2.90 50.13 42.16
N VAL G 110 3.91 50.49 41.36
CA VAL G 110 3.71 50.87 39.97
C VAL G 110 4.74 50.14 39.13
N CYS G 111 4.29 49.50 38.06
CA CYS G 111 5.17 48.72 37.17
C CYS G 111 4.56 48.76 35.77
N LYS G 112 4.89 49.80 35.01
CA LYS G 112 4.27 50.03 33.71
C LYS G 112 5.33 50.11 32.63
N ILE G 113 5.32 49.17 31.69
CA ILE G 113 6.22 49.25 30.55
C ILE G 113 5.68 50.28 29.58
N LEU G 114 6.51 51.27 29.24
CA LEU G 114 6.08 52.39 28.43
C LEU G 114 6.63 52.36 27.00
N ASP G 115 7.73 51.65 26.77
CA ASP G 115 8.36 51.62 25.45
C ASP G 115 9.32 50.45 25.39
N VAL G 116 9.60 50.00 24.16
CA VAL G 116 10.48 48.88 23.92
C VAL G 116 11.21 49.11 22.61
N TYR G 117 12.44 48.63 22.54
CA TYR G 117 13.27 48.75 21.34
C TYR G 117 13.72 47.35 20.95
N PHE G 118 13.59 47.02 19.66
CA PHE G 118 14.05 45.76 19.12
C PHE G 118 15.27 46.02 18.23
N PRO G 119 16.45 45.53 18.58
CA PRO G 119 17.61 45.69 17.69
C PRO G 119 17.44 44.82 16.45
N PRO G 120 18.08 45.20 15.34
CA PRO G 120 17.86 44.45 14.08
C PRO G 120 18.19 42.97 14.19
N GLN G 121 19.26 42.64 14.91
CA GLN G 121 19.63 41.24 15.09
C GLN G 121 18.52 40.49 15.81
N MET G 122 17.75 41.19 16.66
CA MET G 122 16.59 40.55 17.29
C MET G 122 15.42 40.45 16.34
N LEU G 123 15.13 41.51 15.56
CA LEU G 123 14.03 41.43 14.60
C LEU G 123 14.17 40.24 13.68
N VAL G 124 15.41 39.87 13.35
CA VAL G 124 15.60 38.72 12.48
C VAL G 124 14.98 37.45 13.06
N GLN G 125 14.92 37.33 14.38
CA GLN G 125 14.55 36.06 15.00
C GLN G 125 13.04 35.81 15.02
N TYR G 126 12.24 36.74 14.52
CA TYR G 126 10.79 36.67 14.64
C TYR G 126 10.15 36.81 13.27
N ASP G 127 8.87 36.42 13.18
CA ASP G 127 8.21 36.33 11.89
C ASP G 127 8.02 37.70 11.25
N GLY G 128 7.35 38.60 11.96
CA GLY G 128 6.83 39.80 11.35
C GLY G 128 5.66 39.44 10.46
N PRO G 129 4.91 40.45 10.02
CA PRO G 129 3.75 40.18 9.16
C PRO G 129 4.19 39.57 7.83
N GLU G 130 3.23 38.89 7.19
CA GLU G 130 3.39 38.33 5.85
C GLU G 130 2.31 38.79 4.89
N TYR G 131 1.07 38.87 5.37
CA TYR G 131 -0.04 39.46 4.62
C TYR G 131 -0.30 40.85 5.17
N THR G 132 -0.26 41.85 4.29
CA THR G 132 -0.34 43.25 4.70
C THR G 132 -1.62 43.88 4.20
N ILE G 133 -1.82 45.15 4.58
CA ILE G 133 -2.96 45.93 4.08
C ILE G 133 -2.91 46.04 2.57
N ASP G 134 -1.70 46.11 1.99
CA ASP G 134 -1.59 46.26 0.54
C ASP G 134 -2.14 45.04 -0.20
N ASP G 135 -1.83 43.83 0.28
CA ASP G 135 -2.38 42.63 -0.34
C ASP G 135 -3.91 42.67 -0.34
N MET G 136 -4.48 43.08 0.79
CA MET G 136 -5.93 43.19 0.90
C MET G 136 -6.49 44.27 -0.02
N ARG G 137 -5.81 45.42 -0.10
CA ARG G 137 -6.23 46.45 -1.04
C ARG G 137 -6.29 45.89 -2.45
N LYS G 138 -5.22 45.20 -2.87
CA LYS G 138 -5.17 44.62 -4.21
C LYS G 138 -6.35 43.68 -4.43
N TYR G 139 -6.66 42.83 -3.44
CA TYR G 139 -7.82 41.95 -3.62
C TYR G 139 -9.11 42.76 -3.75
N LEU G 140 -9.27 43.79 -2.94
CA LEU G 140 -10.48 44.62 -2.94
C LEU G 140 -10.59 45.57 -4.13
N ASN G 141 -9.51 45.80 -4.87
CA ASN G 141 -9.50 46.78 -5.95
C ASN G 141 -9.85 48.17 -5.43
N ILE G 142 -9.31 48.53 -4.26
CA ILE G 142 -9.44 49.87 -3.72
C ILE G 142 -8.07 50.40 -3.30
N GLN G 143 -7.71 51.59 -3.83
CA GLN G 143 -6.42 52.23 -3.61
C GLN G 143 -6.64 53.56 -2.90
N GLU G 144 -5.61 54.03 -2.19
CA GLU G 144 -5.58 55.39 -1.64
C GLU G 144 -6.44 55.57 -0.40
N ARG G 145 -7.73 55.23 -0.50
CA ARG G 145 -8.69 55.48 0.56
C ARG G 145 -8.57 54.46 1.70
N PRO G 146 -9.08 54.81 2.89
CA PRO G 146 -9.13 53.82 3.97
C PRO G 146 -10.08 52.68 3.64
N ILE G 147 -9.84 51.54 4.26
CA ILE G 147 -10.71 50.38 4.05
C ILE G 147 -11.89 50.49 5.00
N PHE G 148 -13.11 50.56 4.45
CA PHE G 148 -14.31 50.80 5.22
C PHE G 148 -15.00 49.47 5.55
N GLY G 149 -15.13 49.18 6.86
CA GLY G 149 -15.72 47.95 7.32
C GLY G 149 -16.62 48.16 8.53
N SER G 150 -17.33 47.10 8.86
CA SER G 150 -18.31 47.12 9.93
C SER G 150 -18.19 45.85 10.76
N ILE G 151 -18.63 45.96 12.01
CA ILE G 151 -18.81 44.82 12.91
C ILE G 151 -20.29 44.52 12.99
N ILE G 152 -20.67 43.27 12.68
CA ILE G 152 -22.09 42.94 12.75
C ILE G 152 -22.58 43.04 14.18
N LYS G 153 -23.61 43.86 14.38
CA LYS G 153 -24.33 44.05 15.61
C LYS G 153 -25.76 43.50 15.43
N PRO G 154 -26.37 42.97 16.50
CA PRO G 154 -25.90 42.84 17.90
C PRO G 154 -24.67 41.96 18.03
N LYS G 155 -23.85 42.18 19.06
CA LYS G 155 -22.61 41.43 19.23
C LYS G 155 -22.83 39.92 19.23
N ILE G 156 -23.97 39.47 19.77
CA ILE G 156 -24.33 38.06 19.79
C ILE G 156 -25.84 37.94 19.79
N GLY G 157 -26.33 36.83 19.26
CA GLY G 157 -27.74 36.50 19.32
C GLY G 157 -28.43 36.34 17.98
N LEU G 158 -27.79 36.71 16.88
CA LEU G 158 -28.40 36.55 15.57
C LEU G 158 -28.17 35.14 15.06
N THR G 159 -29.09 34.67 14.22
CA THR G 159 -28.84 33.41 13.53
C THR G 159 -27.87 33.65 12.39
N SER G 160 -27.37 32.56 11.81
CA SER G 160 -26.39 32.66 10.73
C SER G 160 -26.93 33.43 9.54
N SER G 161 -28.20 33.19 9.17
CA SER G 161 -28.78 33.87 8.01
C SER G 161 -28.86 35.37 8.22
N GLU G 162 -29.41 35.80 9.35
CA GLU G 162 -29.48 37.23 9.68
C GLU G 162 -28.12 37.89 9.66
N TYR G 163 -27.12 37.19 10.21
CA TYR G 163 -25.76 37.69 10.21
C TYR G 163 -25.27 37.95 8.78
N ALA G 164 -25.44 36.95 7.91
CA ALA G 164 -25.00 37.11 6.54
C ALA G 164 -25.83 38.18 5.82
N GLU G 165 -27.12 38.33 6.18
CA GLU G 165 -27.89 39.43 5.60
C GLU G 165 -27.32 40.78 5.97
N LEU G 166 -26.96 40.98 7.24
CA LEU G 166 -26.38 42.27 7.60
C LEU G 166 -25.06 42.50 6.85
N CYS G 167 -24.29 41.42 6.64
CA CYS G 167 -23.10 41.52 5.79
C CYS G 167 -23.46 42.01 4.38
N TYR G 168 -24.48 41.38 3.78
CA TYR G 168 -24.91 41.79 2.44
C TYR G 168 -25.32 43.25 2.40
N ASP G 169 -26.15 43.67 3.34
CA ASP G 169 -26.61 45.06 3.35
C ASP G 169 -25.45 46.02 3.48
N PHE G 170 -24.44 45.66 4.27
CA PHE G 170 -23.29 46.54 4.41
C PHE G 170 -22.48 46.61 3.11
N TRP G 171 -22.15 45.46 2.53
CA TRP G 171 -21.35 45.43 1.30
C TRP G 171 -22.09 46.10 0.14
N SER G 172 -23.36 45.74 -0.05
CA SER G 172 -24.17 46.30 -1.14
C SER G 172 -24.31 47.80 -1.02
N GLY G 173 -24.22 48.34 0.19
CA GLY G 173 -24.24 49.77 0.41
C GLY G 173 -22.91 50.45 0.23
N GLY G 174 -21.91 49.71 -0.29
CA GLY G 174 -20.60 50.24 -0.53
C GLY G 174 -19.55 49.85 0.48
N GLY G 175 -19.91 49.09 1.52
CA GLY G 175 -18.92 48.68 2.49
C GLY G 175 -17.95 47.66 1.91
N ASP G 176 -16.70 47.74 2.37
CA ASP G 176 -15.62 46.92 1.85
C ASP G 176 -15.30 45.74 2.74
N PHE G 177 -15.49 45.87 4.05
CA PHE G 177 -14.87 45.00 5.03
C PHE G 177 -15.90 44.65 6.08
N VAL G 178 -16.05 43.38 6.37
CA VAL G 178 -16.93 43.00 7.47
C VAL G 178 -16.13 42.16 8.44
N KCX G 179 -16.35 42.33 9.74
CA KCX G 179 -15.70 41.49 10.73
CB KCX G 179 -14.53 42.18 11.42
CG KCX G 179 -14.98 43.40 12.23
CD KCX G 179 -13.79 43.98 12.97
CE KCX G 179 -13.39 43.03 14.09
NZ KCX G 179 -14.44 42.97 15.08
C KCX G 179 -16.73 41.04 11.76
O KCX G 179 -17.66 41.80 12.13
CX KCX G 179 -14.45 43.91 16.17
OQ1 KCX G 179 -13.49 44.72 16.33
OQ2 KCX G 179 -15.44 43.96 16.95
N ASN G 180 -16.59 39.79 12.19
CA ASN G 180 -17.31 39.30 13.34
C ASN G 180 -17.07 40.19 14.54
N ASP G 181 -18.09 40.35 15.38
CA ASP G 181 -17.80 40.84 16.72
C ASP G 181 -17.03 39.75 17.44
N GLU G 182 -16.16 40.16 18.35
CA GLU G 182 -15.16 39.23 18.88
C GLU G 182 -15.69 37.96 19.55
N PRO G 183 -16.88 37.90 20.16
CA PRO G 183 -17.29 36.63 20.78
C PRO G 183 -18.12 35.71 19.89
N GLN G 184 -18.45 36.13 18.67
CA GLN G 184 -19.22 35.29 17.76
C GLN G 184 -18.41 34.06 17.36
N ALA G 185 -19.02 32.88 17.48
CA ALA G 185 -18.33 31.63 17.15
C ALA G 185 -19.33 30.56 16.76
N ASP G 186 -19.31 29.41 17.44
CA ASP G 186 -20.19 28.31 17.08
C ASP G 186 -21.32 28.15 18.08
N GLN G 187 -22.02 29.23 18.39
CA GLN G 187 -23.18 29.14 19.26
C GLN G 187 -24.26 28.29 18.60
N ASP G 188 -25.03 27.61 19.45
CA ASP G 188 -26.01 26.63 18.98
C ASP G 188 -27.05 27.25 18.04
N PHE G 189 -27.47 28.49 18.32
CA PHE G 189 -28.47 29.16 17.49
C PHE G 189 -27.87 29.75 16.21
N CYS G 190 -26.55 29.81 16.11
CA CYS G 190 -25.85 30.38 14.95
C CYS G 190 -24.77 29.41 14.51
N PRO G 191 -25.14 28.31 13.86
CA PRO G 191 -24.15 27.30 13.46
C PRO G 191 -23.00 27.93 12.69
N TYR G 192 -21.77 27.57 13.07
CA TYR G 192 -20.60 28.21 12.48
C TYR G 192 -20.48 27.84 11.00
N ASP G 193 -20.67 26.57 10.67
CA ASP G 193 -20.61 26.16 9.25
C ASP G 193 -21.66 26.89 8.44
N LYS G 194 -22.90 26.96 8.93
CA LYS G 194 -23.96 27.64 8.22
C LYS G 194 -23.67 29.13 8.07
N MET G 195 -23.09 29.73 9.11
CA MET G 195 -22.65 31.12 9.03
C MET G 195 -21.68 31.32 7.88
N VAL G 196 -20.71 30.41 7.75
CA VAL G 196 -19.73 30.51 6.66
C VAL G 196 -20.42 30.39 5.31
N GLN G 197 -21.32 29.41 5.18
CA GLN G 197 -22.00 29.16 3.91
C GLN G 197 -22.81 30.37 3.47
N ASP G 198 -23.55 30.95 4.41
CA ASP G 198 -24.40 32.09 4.12
C ASP G 198 -23.55 33.32 3.81
N VAL G 199 -22.41 33.46 4.49
CA VAL G 199 -21.49 34.55 4.17
C VAL G 199 -21.00 34.42 2.73
N ARG G 200 -20.64 33.20 2.31
CA ARG G 200 -20.18 33.01 0.93
C ARG G 200 -21.26 33.39 -0.08
N HIS G 201 -22.49 32.92 0.13
CA HIS G 201 -23.57 33.25 -0.82
C HIS G 201 -23.85 34.75 -0.87
N ALA G 202 -23.93 35.40 0.29
CA ALA G 202 -24.15 36.85 0.30
C ALA G 202 -23.05 37.57 -0.45
N MET G 203 -21.80 37.12 -0.26
CA MET G 203 -20.68 37.70 -0.97
C MET G 203 -20.82 37.52 -2.48
N ASP G 204 -21.24 36.32 -2.91
CA ASP G 204 -21.47 36.08 -4.34
C ASP G 204 -22.51 37.04 -4.91
N ARG G 205 -23.59 37.28 -4.16
CA ARG G 205 -24.62 38.18 -4.65
C ARG G 205 -24.10 39.62 -4.74
N VAL G 206 -23.31 40.06 -3.75
CA VAL G 206 -22.71 41.39 -3.83
C VAL G 206 -21.76 41.49 -5.03
N GLU G 207 -20.94 40.46 -5.25
CA GLU G 207 -20.01 40.46 -6.38
C GLU G 207 -20.76 40.48 -7.72
N GLN G 208 -21.91 39.80 -7.80
CA GLN G 208 -22.72 39.87 -9.01
C GLN G 208 -23.29 41.26 -9.23
N GLU G 209 -23.87 41.85 -8.19
CA GLU G 209 -24.58 43.12 -8.34
C GLU G 209 -23.62 44.28 -8.56
N THR G 210 -22.45 44.24 -7.93
CA THR G 210 -21.51 45.35 -8.00
C THR G 210 -20.29 45.08 -8.87
N GLY G 211 -19.96 43.81 -9.12
CA GLY G 211 -18.73 43.49 -9.79
C GLY G 211 -17.47 43.71 -8.98
N LYS G 212 -17.61 44.05 -7.69
CA LYS G 212 -16.47 44.33 -6.82
C LYS G 212 -16.33 43.24 -5.78
N THR G 213 -15.10 42.92 -5.41
CA THR G 213 -14.85 41.93 -4.37
C THR G 213 -15.06 42.52 -2.98
N LYS G 214 -15.27 41.63 -2.01
CA LYS G 214 -15.46 41.99 -0.62
C LYS G 214 -14.63 41.05 0.25
N VAL G 215 -14.54 41.37 1.54
CA VAL G 215 -13.78 40.57 2.50
C VAL G 215 -14.54 40.47 3.82
N HIS G 216 -14.52 39.28 4.41
CA HIS G 216 -15.07 39.02 5.73
C HIS G 216 -14.01 38.41 6.63
N SER G 217 -13.78 39.03 7.78
CA SER G 217 -12.86 38.55 8.80
C SER G 217 -13.63 37.63 9.74
N PHE G 218 -13.27 36.35 9.73
CA PHE G 218 -13.91 35.38 10.60
C PHE G 218 -13.16 35.28 11.91
N ASN G 219 -13.92 35.27 13.00
CA ASN G 219 -13.38 34.94 14.30
C ASN G 219 -13.20 33.42 14.36
N ILE G 220 -11.95 32.99 14.49
CA ILE G 220 -11.65 31.56 14.62
C ILE G 220 -11.30 31.19 16.06
N SER G 221 -11.33 32.15 16.98
CA SER G 221 -11.15 31.84 18.40
C SER G 221 -12.09 30.73 18.82
N SER G 222 -11.53 29.71 19.44
CA SER G 222 -12.27 28.49 19.77
C SER G 222 -11.79 28.01 21.14
N SER G 223 -12.33 26.88 21.57
CA SER G 223 -11.95 26.33 22.87
C SER G 223 -10.51 25.81 22.85
N ASP G 224 -10.13 25.14 21.77
CA ASP G 224 -8.80 24.57 21.68
C ASP G 224 -8.21 24.81 20.30
N TYR G 225 -6.96 24.38 20.12
CA TYR G 225 -6.25 24.63 18.86
C TYR G 225 -6.84 23.81 17.73
N ASP G 226 -7.26 22.57 18.02
CA ASP G 226 -7.83 21.71 16.98
C ASP G 226 -9.06 22.34 16.35
N THR G 227 -9.93 22.95 17.17
CA THR G 227 -11.12 23.60 16.62
C THR G 227 -10.76 24.83 15.80
N MET G 228 -9.76 25.59 16.24
CA MET G 228 -9.32 26.75 15.47
C MET G 228 -8.83 26.32 14.09
N ILE G 229 -8.04 25.23 14.04
CA ILE G 229 -7.58 24.72 12.75
C ILE G 229 -8.75 24.22 11.92
N LYS G 230 -9.73 23.58 12.55
CA LYS G 230 -10.93 23.13 11.86
C LYS G 230 -11.65 24.29 11.18
N LYS G 231 -11.89 25.36 11.93
CA LYS G 231 -12.56 26.54 11.37
C LYS G 231 -11.76 27.14 10.23
N ALA G 232 -10.45 27.30 10.42
CA ALA G 232 -9.62 27.91 9.38
C ALA G 232 -9.64 27.09 8.11
N ASP G 233 -9.47 25.77 8.22
CA ASP G 233 -9.48 24.91 7.04
C ASP G 233 -10.85 24.90 6.36
N TYR G 234 -11.93 24.96 7.13
CA TYR G 234 -13.25 25.04 6.51
C TYR G 234 -13.41 26.35 5.74
N ILE G 235 -12.99 27.47 6.33
CA ILE G 235 -13.04 28.75 5.64
C ILE G 235 -12.25 28.68 4.35
N GLN G 236 -11.04 28.11 4.43
CA GLN G 236 -10.22 27.93 3.23
C GLN G 236 -10.93 27.07 2.19
N SER G 237 -11.67 26.04 2.64
CA SER G 237 -12.37 25.17 1.72
C SER G 237 -13.59 25.81 1.09
N MET G 238 -14.15 26.85 1.70
CA MET G 238 -15.38 27.44 1.17
C MET G 238 -15.24 28.81 0.53
N MET G 239 -14.21 29.58 0.85
CA MET G 239 -14.14 30.94 0.35
C MET G 239 -13.08 31.10 -0.72
N LYS G 240 -13.32 32.02 -1.65
CA LYS G 240 -12.30 32.30 -2.63
C LYS G 240 -11.10 32.95 -1.94
N PRO G 241 -9.89 32.63 -2.38
CA PRO G 241 -8.69 33.21 -1.78
C PRO G 241 -8.76 34.73 -1.77
N GLY G 242 -8.34 35.32 -0.66
CA GLY G 242 -8.38 36.75 -0.47
C GLY G 242 -9.68 37.30 0.08
N SER G 243 -10.78 36.54 0.00
CA SER G 243 -12.08 37.01 0.45
C SER G 243 -12.30 36.81 1.95
N TYR G 244 -11.33 36.25 2.67
CA TYR G 244 -11.49 36.01 4.10
C TYR G 244 -10.24 36.44 4.86
N ALA G 245 -10.45 36.85 6.10
CA ALA G 245 -9.37 37.09 7.04
C ALA G 245 -9.62 36.25 8.29
N PHE G 246 -8.56 36.02 9.06
CA PHE G 246 -8.65 35.22 10.27
C PHE G 246 -8.45 36.15 11.46
N LEU G 247 -9.48 36.30 12.28
CA LEU G 247 -9.40 37.15 13.46
C LEU G 247 -9.19 36.30 14.71
N VAL G 248 -8.28 36.74 15.57
CA VAL G 248 -7.98 36.04 16.82
C VAL G 248 -8.01 37.02 17.97
N ASP G 249 -8.74 36.67 19.04
CA ASP G 249 -8.75 37.42 20.29
C ASP G 249 -7.39 37.26 20.96
N GLY G 250 -6.42 38.06 20.48
CA GLY G 250 -5.03 37.80 20.83
C GLY G 250 -4.79 37.73 22.34
N ILE G 251 -5.38 38.65 23.10
CA ILE G 251 -5.09 38.75 24.53
C ILE G 251 -5.63 37.55 25.28
N THR G 252 -6.93 37.26 25.11
CA THR G 252 -7.54 36.16 25.83
C THR G 252 -7.18 34.81 25.22
N ALA G 253 -6.96 34.78 23.90
CA ALA G 253 -6.58 33.52 23.25
C ALA G 253 -5.11 33.19 23.43
N GLY G 254 -4.24 34.19 23.44
CA GLY G 254 -2.84 34.01 23.74
C GLY G 254 -1.97 34.27 22.52
N TRP G 255 -0.72 34.69 22.78
CA TRP G 255 0.21 34.93 21.69
C TRP G 255 0.49 33.68 20.87
N MET G 256 0.40 32.50 21.48
CA MET G 256 0.66 31.28 20.70
C MET G 256 -0.41 31.06 19.63
N ALA G 257 -1.66 31.43 19.91
CA ALA G 257 -2.68 31.36 18.86
C ALA G 257 -2.33 32.27 17.69
N ILE G 258 -1.92 33.50 18.00
CA ILE G 258 -1.50 34.45 16.97
C ILE G 258 -0.40 33.84 16.11
N GLN G 259 0.69 33.41 16.75
CA GLN G 259 1.82 32.87 15.98
C GLN G 259 1.42 31.61 15.23
N THR G 260 0.49 30.81 15.77
CA THR G 260 0.07 29.59 15.09
C THR G 260 -0.67 29.90 13.80
N ILE G 261 -1.60 30.84 13.84
CA ILE G 261 -2.30 31.22 12.61
C ILE G 261 -1.35 31.91 11.64
N ARG G 262 -0.49 32.81 12.14
CA ARG G 262 0.51 33.46 11.30
C ARG G 262 1.34 32.43 10.54
N ARG G 263 1.79 31.38 11.22
CA ARG G 263 2.69 30.42 10.59
C ARG G 263 1.96 29.39 9.75
N LYS G 264 0.73 29.02 10.12
CA LYS G 264 0.01 28.00 9.37
C LYS G 264 -0.71 28.55 8.14
N TYR G 265 -1.11 29.81 8.16
CA TYR G 265 -1.83 30.44 7.04
C TYR G 265 -1.18 31.78 6.72
N PRO G 266 0.06 31.78 6.20
CA PRO G 266 0.77 33.04 6.00
C PRO G 266 0.13 33.92 4.95
N ASN G 267 -0.66 33.35 4.04
CA ASN G 267 -1.28 34.09 2.96
C ASN G 267 -2.68 34.60 3.32
N VAL G 268 -3.03 34.62 4.60
CA VAL G 268 -4.31 35.13 5.06
C VAL G 268 -4.07 36.29 6.02
N PHE G 269 -4.86 37.35 5.86
CA PHE G 269 -4.76 38.49 6.76
C PHE G 269 -5.11 38.10 8.18
N LEU G 270 -4.15 38.28 9.10
CA LEU G 270 -4.34 37.99 10.51
C LEU G 270 -4.79 39.25 11.24
N HIS G 271 -6.00 39.21 11.78
CA HIS G 271 -6.62 40.35 12.43
C HIS G 271 -6.54 40.13 13.95
N PHE G 272 -5.63 40.85 14.59
CA PHE G 272 -5.39 40.78 16.03
C PHE G 272 -6.46 41.62 16.74
N HIS G 273 -7.47 40.95 17.30
CA HIS G 273 -8.39 41.59 18.22
C HIS G 273 -7.83 41.53 19.64
N ARG G 274 -7.87 42.67 20.33
CA ARG G 274 -7.25 42.84 21.64
C ARG G 274 -8.28 42.91 22.77
N ALA G 275 -9.34 42.11 22.70
CA ALA G 275 -10.33 42.09 23.76
C ALA G 275 -9.66 41.77 25.09
N GLY G 276 -9.72 42.72 26.04
CA GLY G 276 -9.11 42.56 27.33
C GLY G 276 -7.85 43.36 27.52
N HIS G 277 -7.30 43.94 26.46
CA HIS G 277 -6.04 44.67 26.53
C HIS G 277 -6.09 45.81 27.53
N GLY G 278 -7.28 46.34 27.83
CA GLY G 278 -7.38 47.47 28.74
C GLY G 278 -6.72 47.20 30.07
N ALA G 279 -6.91 45.98 30.59
CA ALA G 279 -6.31 45.62 31.87
C ALA G 279 -4.80 45.81 31.86
N PHE G 280 -4.16 45.67 30.70
CA PHE G 280 -2.75 45.97 30.56
C PHE G 280 -2.50 47.43 30.26
N THR G 281 -3.34 48.03 29.40
CA THR G 281 -2.98 49.26 28.71
C THR G 281 -3.62 50.51 29.30
N ARG G 282 -4.74 50.39 30.01
CA ARG G 282 -5.42 51.57 30.52
C ARG G 282 -4.50 52.39 31.42
N ASP G 283 -4.58 53.71 31.26
CA ASP G 283 -3.77 54.63 32.07
C ASP G 283 -4.03 54.44 33.56
N GLU G 284 -5.25 54.04 33.91
CA GLU G 284 -5.66 53.93 35.31
C GLU G 284 -4.98 52.77 36.03
N ASN G 285 -4.55 51.75 35.30
CA ASN G 285 -3.91 50.59 35.90
C ASN G 285 -2.44 50.88 36.06
N PRO G 286 -1.92 51.04 37.28
CA PRO G 286 -0.48 51.30 37.46
C PRO G 286 0.40 50.13 37.05
N ILE G 287 -0.19 48.94 36.86
CA ILE G 287 0.56 47.74 36.50
C ILE G 287 0.13 47.32 35.10
N GLY G 288 1.09 47.12 34.21
CA GLY G 288 0.80 46.66 32.87
C GLY G 288 1.76 47.27 31.86
N TYR G 289 1.30 47.32 30.60
CA TYR G 289 2.06 47.93 29.53
C TYR G 289 1.13 48.70 28.62
N THR G 290 1.67 49.73 27.97
CA THR G 290 0.86 50.63 27.17
C THR G 290 0.51 50.02 25.82
N VAL G 291 -0.33 50.72 25.07
CA VAL G 291 -0.85 50.29 23.78
C VAL G 291 0.22 50.21 22.70
N PRO G 292 1.13 51.20 22.56
CA PRO G 292 2.25 51.03 21.62
C PRO G 292 3.11 49.82 21.90
N VAL G 293 3.34 49.48 23.17
CA VAL G 293 4.14 48.31 23.47
C VAL G 293 3.44 47.05 22.99
N LEU G 294 2.15 46.93 23.33
CA LEU G 294 1.33 45.82 22.84
C LEU G 294 1.36 45.76 21.31
N THR G 295 1.25 46.92 20.65
CA THR G 295 1.23 46.99 19.19
C THR G 295 2.55 46.53 18.59
N LYS G 296 3.67 47.01 19.16
CA LYS G 296 4.99 46.62 18.68
C LYS G 296 5.18 45.12 18.83
N PHE G 297 4.69 44.54 19.92
CA PHE G 297 4.79 43.09 20.08
C PHE G 297 3.85 42.36 19.12
N ALA G 298 2.70 42.95 18.82
CA ALA G 298 1.79 42.35 17.84
C ALA G 298 2.43 42.32 16.46
N ARG G 299 3.22 43.34 16.13
CA ARG G 299 3.96 43.33 14.88
C ARG G 299 5.06 42.27 14.92
N LEU G 300 5.75 42.14 16.06
CA LEU G 300 6.77 41.11 16.19
C LEU G 300 6.17 39.71 15.99
N ALA G 301 4.96 39.49 16.51
CA ALA G 301 4.32 38.19 16.38
C ALA G 301 3.88 37.88 14.96
N GLY G 302 3.66 38.90 14.13
CA GLY G 302 3.29 38.71 12.75
C GLY G 302 1.85 39.03 12.42
N ALA G 303 1.15 39.78 13.28
CA ALA G 303 -0.23 40.16 12.98
C ALA G 303 -0.29 41.03 11.73
N SER G 304 -1.25 40.73 10.85
CA SER G 304 -1.48 41.57 9.69
C SER G 304 -2.09 42.91 10.07
N GLY G 305 -2.85 42.94 11.15
CA GLY G 305 -3.43 44.18 11.64
C GLY G 305 -3.81 44.05 13.09
N ILE G 306 -3.83 45.18 13.78
CA ILE G 306 -4.25 45.24 15.18
C ILE G 306 -4.99 46.55 15.42
N HIS G 307 -5.93 46.52 16.35
CA HIS G 307 -6.60 47.73 16.78
C HIS G 307 -5.59 48.66 17.46
N THR G 308 -5.59 49.94 17.06
CA THR G 308 -4.63 50.90 17.58
C THR G 308 -5.31 52.01 18.35
N GLY G 309 -6.63 52.01 18.42
CA GLY G 309 -7.36 52.99 19.19
C GLY G 309 -7.92 54.11 18.31
N THR G 310 -8.88 54.83 18.86
CA THR G 310 -9.51 55.94 18.14
C THR G 310 -8.98 57.30 18.61
N ALA G 311 -7.86 57.33 19.32
CA ALA G 311 -7.22 58.57 19.76
C ALA G 311 -8.16 59.44 20.59
N GLY G 312 -9.08 58.79 21.31
CA GLY G 312 -10.07 59.50 22.10
C GLY G 312 -11.25 59.99 21.30
N ILE G 313 -11.19 59.88 19.98
CA ILE G 313 -12.28 60.36 19.12
C ILE G 313 -13.50 59.48 19.28
N GLY G 314 -13.32 58.17 19.39
CA GLY G 314 -14.43 57.27 19.59
C GLY G 314 -14.75 57.10 21.05
N LYS G 315 -15.12 55.89 21.46
CA LYS G 315 -15.56 55.61 22.81
C LYS G 315 -14.51 54.90 23.66
N MET G 316 -13.44 54.40 23.05
CA MET G 316 -12.41 53.68 23.78
C MET G 316 -11.33 54.62 24.26
N ALA G 317 -10.79 54.32 25.44
CA ALA G 317 -9.79 55.17 26.07
C ALA G 317 -8.56 55.32 25.17
N GLY G 318 -8.04 56.53 25.13
CA GLY G 318 -6.86 56.82 24.34
C GLY G 318 -6.77 58.29 24.04
N SER G 319 -5.57 58.72 23.69
CA SER G 319 -5.28 60.08 23.31
C SER G 319 -4.67 60.08 21.91
N PRO G 320 -4.65 61.23 21.22
CA PRO G 320 -3.94 61.26 19.93
C PRO G 320 -2.52 60.75 20.00
N LYS G 321 -1.80 61.06 21.08
CA LYS G 321 -0.39 60.68 21.21
C LYS G 321 -0.22 59.16 21.12
N GLU G 322 -0.83 58.42 22.05
CA GLU G 322 -0.58 56.98 22.11
C GLU G 322 -1.20 56.24 20.93
N ASP G 323 -2.43 56.59 20.53
CA ASP G 323 -3.07 55.84 19.45
C ASP G 323 -2.43 56.12 18.09
N VAL G 324 -2.01 57.37 17.83
CA VAL G 324 -1.31 57.65 16.58
C VAL G 324 0.09 57.02 16.61
N MET G 325 0.73 56.99 17.79
CA MET G 325 1.99 56.27 17.96
C MET G 325 1.81 54.78 17.64
N ALA G 326 0.68 54.19 18.06
CA ALA G 326 0.41 52.79 17.76
C ALA G 326 0.21 52.56 16.26
N ALA G 327 -0.54 53.46 15.62
CA ALA G 327 -0.72 53.35 14.16
C ALA G 327 0.62 53.48 13.44
N ARG G 328 1.49 54.37 13.93
CA ARG G 328 2.80 54.55 13.32
C ARG G 328 3.72 53.35 13.58
N HIS G 329 3.69 52.80 14.79
CA HIS G 329 4.39 51.56 15.12
C HIS G 329 3.94 50.42 14.23
N ALA G 330 2.66 50.39 13.88
CA ALA G 330 2.13 49.32 13.03
C ALA G 330 2.52 49.52 11.57
N LEU G 331 2.52 50.77 11.09
CA LEU G 331 2.68 51.06 9.68
C LEU G 331 4.11 51.40 9.27
N LYS G 332 4.78 52.28 10.00
CA LYS G 332 5.95 52.93 9.45
C LYS G 332 7.20 52.06 9.53
N LEU G 333 8.13 52.33 8.61
CA LEU G 333 9.46 51.72 8.66
C LEU G 333 10.30 52.29 9.80
N TYR G 334 10.17 53.59 10.06
CA TYR G 334 10.80 54.27 11.19
C TYR G 334 9.69 54.83 12.06
N SER G 335 9.55 54.28 13.26
CA SER G 335 8.52 54.68 14.20
C SER G 335 9.18 55.19 15.47
N GLU G 336 8.59 56.22 16.06
CA GLU G 336 9.16 56.83 17.25
C GLU G 336 8.33 56.39 18.46
N GLY G 337 9.02 55.81 19.44
CA GLY G 337 8.40 55.57 20.72
C GLY G 337 8.56 56.78 21.61
N ASP G 338 8.03 56.66 22.83
CA ASP G 338 8.21 57.72 23.81
C ASP G 338 9.67 57.84 24.24
N TYR G 339 10.46 56.78 24.07
CA TYR G 339 11.81 56.71 24.60
C TYR G 339 12.82 56.09 23.65
N PHE G 340 12.39 55.32 22.65
CA PHE G 340 13.28 54.70 21.68
C PHE G 340 12.83 55.00 20.26
N LYS G 341 13.81 55.22 19.40
CA LYS G 341 13.59 55.30 17.96
C LYS G 341 13.72 53.90 17.40
N GLN G 342 12.68 53.40 16.73
CA GLN G 342 12.64 52.04 16.19
C GLN G 342 12.69 52.08 14.67
N ILE G 343 13.62 51.34 14.10
CA ILE G 343 13.64 51.10 12.67
C ILE G 343 13.28 49.63 12.47
N TRP G 344 12.15 49.40 11.80
CA TRP G 344 11.64 48.03 11.63
C TRP G 344 12.38 47.39 10.46
N SER G 345 13.70 47.34 10.59
CA SER G 345 14.55 46.79 9.55
C SER G 345 15.65 45.98 10.19
N GLU G 346 15.91 44.82 9.62
CA GLU G 346 16.95 43.92 10.05
C GLU G 346 18.31 44.27 9.49
N ILE G 347 18.45 45.45 8.90
CA ILE G 347 19.65 45.85 8.16
C ILE G 347 20.37 46.86 9.05
N PRO G 348 21.71 46.94 9.04
CA PRO G 348 22.37 47.98 9.84
C PRO G 348 21.87 49.35 9.40
N GLU G 349 21.64 50.23 10.39
CA GLU G 349 21.10 51.56 10.08
C GLU G 349 21.99 52.34 9.11
N LYS G 350 23.29 52.06 9.08
CA LYS G 350 24.19 52.78 8.20
C LYS G 350 23.95 52.50 6.73
N ASP G 351 23.21 51.42 6.40
CA ASP G 351 23.01 51.05 5.00
C ASP G 351 22.39 52.19 4.21
N ALA G 352 22.96 52.45 3.03
CA ALA G 352 22.50 53.55 2.19
C ALA G 352 21.06 53.32 1.71
N ASP G 353 20.75 52.10 1.28
CA ASP G 353 19.40 51.81 0.81
C ASP G 353 18.38 52.02 1.92
N LEU G 354 18.73 51.63 3.15
CA LEU G 354 17.85 51.83 4.29
C LEU G 354 17.66 53.31 4.59
N GLN G 355 18.75 54.07 4.60
CA GLN G 355 18.67 55.51 4.85
C GLN G 355 17.81 56.19 3.79
N LEU G 356 17.99 55.79 2.53
CA LEU G 356 17.17 56.31 1.43
C LEU G 356 15.70 55.97 1.63
N ALA G 357 15.40 54.73 2.05
CA ALA G 357 14.02 54.36 2.32
C ALA G 357 13.43 55.21 3.44
N ILE G 358 14.22 55.50 4.48
CA ILE G 358 13.74 56.33 5.58
C ILE G 358 13.37 57.71 5.05
N GLN G 359 14.22 58.26 4.19
CA GLN G 359 13.96 59.53 3.53
C GLN G 359 12.64 59.50 2.76
N LYS G 360 12.53 58.52 1.87
CA LYS G 360 11.37 58.44 0.99
C LYS G 360 10.08 58.20 1.76
N GLU G 361 10.12 57.43 2.86
CA GLU G 361 8.92 57.29 3.67
C GLU G 361 8.58 58.61 4.35
N ALA G 362 9.60 59.37 4.79
CA ALA G 362 9.32 60.68 5.32
C ALA G 362 8.64 61.57 4.27
N GLU G 363 8.76 61.21 3.00
CA GLU G 363 8.06 61.97 1.97
C GLU G 363 6.73 61.33 1.54
N GLY G 364 6.34 60.21 2.14
CA GLY G 364 5.05 59.59 1.86
C GLY G 364 5.06 58.45 0.86
N GLU G 365 6.23 57.97 0.44
CA GLU G 365 6.34 56.88 -0.52
C GLU G 365 6.47 55.54 0.20
N ASP G 366 5.94 54.50 -0.46
CA ASP G 366 5.84 53.18 0.14
C ASP G 366 7.19 52.48 0.14
N TYR G 367 7.47 51.78 1.24
CA TYR G 367 8.68 50.99 1.44
C TYR G 367 8.46 49.49 1.31
N SER G 368 7.24 49.06 0.99
CA SER G 368 6.93 47.63 1.00
C SER G 368 7.77 46.86 -0.01
N ASN G 369 8.24 47.52 -1.06
CA ASN G 369 9.03 46.87 -2.09
C ASN G 369 10.51 46.90 -1.78
N LEU G 370 10.89 47.40 -0.59
CA LEU G 370 12.29 47.55 -0.26
C LEU G 370 13.00 46.20 -0.21
N GLY G 371 12.25 45.11 -0.06
CA GLY G 371 12.82 43.78 0.05
C GLY G 371 12.26 42.99 1.19
N TYR G 372 11.50 41.93 0.87
CA TYR G 372 10.83 41.13 1.90
C TYR G 372 11.82 40.57 2.91
N TRP G 373 13.08 40.47 2.50
CA TRP G 373 14.17 39.97 3.33
C TRP G 373 14.89 41.06 4.11
N ARG G 374 14.47 42.32 4.00
CA ARG G 374 15.19 43.39 4.70
C ARG G 374 14.29 44.34 5.47
N ILE G 375 12.98 44.11 5.51
CA ILE G 375 12.05 44.93 6.29
C ILE G 375 11.15 43.99 7.09
N THR G 376 10.73 44.47 8.26
CA THR G 376 9.60 43.86 8.95
C THR G 376 8.35 44.42 8.30
N LYS G 377 7.51 43.53 7.75
CA LYS G 377 6.39 43.98 6.95
C LYS G 377 5.47 44.90 7.76
N LYS G 378 4.77 45.76 7.05
CA LYS G 378 3.89 46.71 7.72
C LYS G 378 2.67 46.00 8.27
N MET G 379 2.21 46.46 9.43
CA MET G 379 1.01 45.92 10.05
C MET G 379 -0.09 46.97 9.99
N CYS G 380 -1.28 46.54 9.87
CA CYS G 380 -2.23 47.62 9.64
C CYS G 380 -2.95 48.03 10.92
N PRO G 381 -3.08 49.32 11.19
CA PRO G 381 -3.95 49.77 12.29
C PRO G 381 -5.43 49.67 11.93
N ILE G 382 -6.22 49.10 12.83
CA ILE G 382 -7.68 48.96 12.69
C ILE G 382 -8.34 49.84 13.73
N ILE G 383 -9.29 50.66 13.29
CA ILE G 383 -9.84 51.74 14.09
C ILE G 383 -11.28 51.42 14.42
N SER G 384 -11.56 51.21 15.71
CA SER G 384 -12.88 50.77 16.13
C SER G 384 -13.16 51.32 17.53
N GLY G 385 -14.45 51.47 17.83
CA GLY G 385 -14.84 51.91 19.15
C GLY G 385 -15.45 53.30 19.16
N GLY G 386 -16.78 53.37 19.17
CA GLY G 386 -17.47 54.65 19.28
C GLY G 386 -17.47 55.52 18.04
N LEU G 387 -17.23 54.94 16.87
CA LEU G 387 -17.21 55.69 15.61
C LEU G 387 -18.60 55.76 14.98
N ASN G 388 -18.80 56.83 14.23
CA ASN G 388 -20.02 57.04 13.46
C ASN G 388 -19.65 57.85 12.22
N PRO G 389 -20.56 57.90 11.22
CA PRO G 389 -20.19 58.57 9.95
C PRO G 389 -19.61 59.98 10.13
N LEU G 390 -19.94 60.66 11.21
CA LEU G 390 -19.47 62.02 11.44
C LEU G 390 -18.00 62.08 11.88
N LEU G 391 -17.43 60.96 12.33
CA LEU G 391 -16.15 60.96 13.04
C LEU G 391 -14.94 60.52 12.22
N ILE G 392 -15.11 59.94 11.03
CA ILE G 392 -13.95 59.42 10.30
C ILE G 392 -12.99 60.54 9.94
N GLY G 393 -13.52 61.67 9.44
CA GLY G 393 -12.67 62.76 8.99
C GLY G 393 -11.78 63.32 10.08
N LYS G 394 -12.34 63.57 11.26
CA LYS G 394 -11.55 64.04 12.39
C LYS G 394 -10.41 63.07 12.67
N PHE G 395 -10.69 61.77 12.60
CA PHE G 395 -9.66 60.78 12.82
C PHE G 395 -8.57 60.85 11.76
N ILE G 396 -8.97 60.89 10.49
CA ILE G 396 -8.01 60.97 9.39
C ILE G 396 -7.10 62.17 9.59
N ASP G 397 -7.66 63.33 9.98
CA ASP G 397 -6.80 64.48 10.26
C ASP G 397 -5.85 64.22 11.42
N THR G 398 -6.31 63.57 12.49
CA THR G 398 -5.43 63.39 13.63
C THR G 398 -4.31 62.40 13.34
N VAL G 399 -4.60 61.32 12.62
CA VAL G 399 -3.59 60.29 12.43
C VAL G 399 -2.63 60.67 11.31
N GLY G 400 -3.10 61.41 10.31
CA GLY G 400 -2.24 61.83 9.23
C GLY G 400 -1.97 60.77 8.19
N THR G 401 -2.89 59.81 8.03
CA THR G 401 -2.72 58.80 6.99
C THR G 401 -4.08 58.20 6.66
N GLN G 402 -4.08 57.36 5.63
CA GLN G 402 -5.25 56.63 5.19
C GLN G 402 -5.03 55.13 5.07
N ASP G 403 -3.86 54.62 5.45
CA ASP G 403 -3.57 53.18 5.47
C ASP G 403 -4.11 52.58 6.76
N PHE G 404 -5.42 52.34 6.77
CA PHE G 404 -6.05 51.71 7.92
C PHE G 404 -7.40 51.14 7.52
N ILE G 405 -7.90 50.22 8.35
CA ILE G 405 -9.28 49.73 8.23
C ILE G 405 -10.05 50.38 9.36
N THR G 406 -11.12 51.09 9.04
CA THR G 406 -12.05 51.53 10.06
C THR G 406 -13.16 50.51 10.08
N THR G 407 -13.54 50.06 11.27
CA THR G 407 -14.63 49.10 11.42
C THR G 407 -15.59 49.66 12.44
N MET G 408 -16.86 49.66 12.09
CA MET G 408 -17.87 50.36 12.87
C MET G 408 -19.03 49.43 13.15
N GLY G 409 -19.48 49.40 14.41
CA GLY G 409 -20.64 48.62 14.76
C GLY G 409 -21.94 49.40 14.84
N ALA G 410 -22.18 50.10 15.96
CA ALA G 410 -23.41 50.85 16.10
C ALA G 410 -23.49 52.05 15.14
N GLY G 411 -22.34 52.59 14.73
CA GLY G 411 -22.31 53.63 13.72
C GLY G 411 -22.88 53.25 12.37
N VAL G 412 -23.18 51.97 12.13
CA VAL G 412 -23.72 51.50 10.86
C VAL G 412 -25.11 50.89 11.02
N HIS G 413 -25.26 49.92 11.92
CA HIS G 413 -26.49 49.13 12.01
C HIS G 413 -27.59 49.83 12.81
N SER G 414 -27.27 50.91 13.50
CA SER G 414 -28.29 51.70 14.18
C SER G 414 -28.74 52.91 13.36
N HIS G 415 -28.23 53.05 12.14
CA HIS G 415 -28.68 54.14 11.27
C HIS G 415 -30.18 54.01 11.03
N PRO G 416 -30.95 55.09 11.19
CA PRO G 416 -32.42 54.97 11.11
C PRO G 416 -32.93 54.35 9.82
N MET G 417 -32.19 54.47 8.72
CA MET G 417 -32.63 53.98 7.42
C MET G 417 -32.07 52.59 7.09
N GLY G 418 -31.39 51.96 8.04
CA GLY G 418 -30.92 50.60 7.86
C GLY G 418 -29.43 50.52 7.61
N THR G 419 -28.96 49.28 7.51
CA THR G 419 -27.53 49.02 7.37
C THR G 419 -26.99 49.57 6.05
N LYS G 420 -27.70 49.30 4.94
CA LYS G 420 -27.26 49.82 3.64
C LYS G 420 -27.08 51.33 3.68
N ALA G 421 -28.03 52.04 4.28
CA ALA G 421 -27.91 53.49 4.42
C ALA G 421 -26.76 53.87 5.36
N GLY G 422 -26.55 53.10 6.43
CA GLY G 422 -25.43 53.38 7.32
C GLY G 422 -24.09 53.26 6.63
N ALA G 423 -23.97 52.25 5.76
CA ALA G 423 -22.76 52.09 4.94
C ALA G 423 -22.62 53.22 3.92
N THR G 424 -23.72 53.57 3.24
CA THR G 424 -23.67 54.68 2.29
C THR G 424 -23.29 55.99 2.98
N ALA G 425 -23.69 56.17 4.24
CA ALA G 425 -23.44 57.43 4.94
C ALA G 425 -21.97 57.66 5.20
N VAL G 426 -21.21 56.61 5.58
CA VAL G 426 -19.79 56.79 5.79
C VAL G 426 -19.08 57.10 4.47
N LEU G 427 -19.52 56.48 3.38
CA LEU G 427 -18.93 56.80 2.07
C LEU G 427 -19.18 58.26 1.73
N GLN G 428 -20.38 58.75 2.03
CA GLN G 428 -20.70 60.15 1.76
C GLN G 428 -19.89 61.08 2.65
N ALA G 429 -19.69 60.71 3.91
CA ALA G 429 -18.88 61.53 4.81
C ALA G 429 -17.41 61.54 4.40
N TYR G 430 -16.90 60.41 3.93
CA TYR G 430 -15.52 60.38 3.44
C TYR G 430 -15.37 61.21 2.18
N GLU G 431 -16.33 61.13 1.26
CA GLU G 431 -16.32 62.02 0.11
C GLU G 431 -16.35 63.48 0.54
N ALA G 432 -17.12 63.79 1.59
CA ALA G 432 -17.12 65.13 2.16
C ALA G 432 -15.74 65.52 2.67
N TRP G 433 -15.07 64.61 3.37
CA TRP G 433 -13.72 64.89 3.86
C TRP G 433 -12.74 65.09 2.71
N LYS G 434 -12.84 64.26 1.66
CA LYS G 434 -11.89 64.30 0.56
C LYS G 434 -12.04 65.56 -0.29
N GLN G 435 -13.26 66.06 -0.44
CA GLN G 435 -13.53 67.23 -1.25
C GLN G 435 -13.49 68.52 -0.45
N LYS G 436 -13.14 68.44 0.84
CA LYS G 436 -13.05 69.61 1.72
C LYS G 436 -14.39 70.34 1.84
N ILE G 437 -15.48 69.60 1.79
CA ILE G 437 -16.81 70.13 2.03
C ILE G 437 -17.27 69.67 3.41
N SER G 438 -17.89 70.60 4.14
CA SER G 438 -18.40 70.30 5.47
C SER G 438 -19.49 69.24 5.43
N LEU G 439 -19.61 68.50 6.54
CA LEU G 439 -20.63 67.45 6.63
C LEU G 439 -22.04 68.02 6.51
N GLU G 440 -22.25 69.25 7.00
CA GLU G 440 -23.56 69.90 6.90
C GLU G 440 -23.91 70.20 5.44
N ASP G 441 -23.00 70.90 4.75
CA ASP G 441 -23.24 71.28 3.36
C ASP G 441 -23.30 70.06 2.46
N TYR G 442 -22.38 69.12 2.68
CA TYR G 442 -22.39 67.91 1.87
C TYR G 442 -23.67 67.11 2.06
N ALA G 443 -24.18 67.08 3.30
CA ALA G 443 -25.41 66.37 3.61
C ALA G 443 -26.67 67.10 3.18
N LYS G 444 -26.58 68.37 2.75
CA LYS G 444 -27.78 69.07 2.32
C LYS G 444 -28.54 68.26 1.26
N ASP G 445 -27.81 67.56 0.39
CA ASP G 445 -28.39 66.73 -0.67
C ASP G 445 -27.96 65.27 -0.57
N LYS G 446 -27.57 64.83 0.62
CA LYS G 446 -27.27 63.43 0.88
C LYS G 446 -28.22 62.97 1.98
N GLU G 447 -29.19 62.13 1.60
CA GLU G 447 -30.24 61.73 2.53
C GLU G 447 -29.69 60.86 3.67
N GLU G 448 -28.87 59.87 3.32
CA GLU G 448 -28.31 58.98 4.33
C GLU G 448 -27.42 59.76 5.31
N LEU G 449 -26.52 60.58 4.77
CA LEU G 449 -25.64 61.39 5.62
C LEU G 449 -26.44 62.36 6.49
N ARG G 450 -27.49 62.97 5.92
CA ARG G 450 -28.33 63.87 6.70
C ARG G 450 -29.00 63.14 7.87
N ALA G 451 -29.52 61.94 7.61
CA ALA G 451 -30.13 61.18 8.70
C ALA G 451 -29.09 60.74 9.74
N ALA G 452 -27.86 60.43 9.29
CA ALA G 452 -26.78 60.14 10.23
C ALA G 452 -26.46 61.35 11.11
N ILE G 453 -26.48 62.54 10.52
CA ILE G 453 -26.25 63.76 11.29
C ILE G 453 -27.34 63.91 12.34
N GLN G 454 -28.60 63.64 11.95
CA GLN G 454 -29.71 63.75 12.88
C GLN G 454 -29.57 62.76 14.04
N PHE G 455 -29.13 61.54 13.75
CA PHE G 455 -29.07 60.50 14.76
C PHE G 455 -27.88 60.69 15.70
N TYR G 456 -26.69 60.93 15.14
CA TYR G 456 -25.45 60.84 15.87
C TYR G 456 -25.05 62.10 16.61
N ASP G 457 -25.78 63.19 16.42
CA ASP G 457 -25.52 64.40 17.19
C ASP G 457 -26.11 64.24 18.60
N MET H 1 -67.76 -0.75 -9.28
CA MET H 1 -67.28 -2.03 -8.77
C MET H 1 -66.20 -2.64 -9.65
N GLN H 2 -65.12 -3.09 -9.02
CA GLN H 2 -64.04 -3.79 -9.71
C GLN H 2 -64.20 -5.26 -9.33
N LYS H 3 -64.89 -6.01 -10.19
CA LYS H 3 -65.22 -7.39 -9.85
C LYS H 3 -63.99 -8.31 -9.86
N GLU H 4 -62.93 -7.92 -10.56
CA GLU H 4 -61.77 -8.80 -10.70
C GLU H 4 -61.07 -9.06 -9.38
N TYR H 5 -61.39 -8.29 -8.34
CA TYR H 5 -60.83 -8.47 -7.01
C TYR H 5 -61.82 -9.10 -6.06
N ILE H 6 -62.98 -9.54 -6.54
CA ILE H 6 -63.99 -10.14 -5.69
C ILE H 6 -64.00 -11.62 -6.01
N GLN H 7 -63.51 -12.43 -5.08
CA GLN H 7 -63.54 -13.88 -5.24
C GLN H 7 -63.89 -14.50 -3.90
N ILE H 8 -65.10 -14.23 -3.44
CA ILE H 8 -65.54 -14.73 -2.13
C ILE H 8 -65.56 -16.25 -2.16
N GLY H 9 -65.09 -16.86 -1.06
CA GLY H 9 -65.08 -18.30 -0.95
C GLY H 9 -63.94 -19.02 -1.64
N ASN H 10 -62.88 -18.30 -2.03
CA ASN H 10 -61.72 -18.91 -2.67
C ASN H 10 -61.06 -19.93 -1.74
N PRO H 11 -60.98 -21.20 -2.12
CA PRO H 11 -60.35 -22.20 -1.23
C PRO H 11 -58.82 -22.20 -1.24
N ASN H 12 -58.18 -21.49 -2.14
CA ASN H 12 -56.71 -21.46 -2.22
C ASN H 12 -56.03 -20.38 -1.38
N VAL H 13 -56.78 -19.49 -0.70
CA VAL H 13 -56.12 -18.42 0.04
C VAL H 13 -55.39 -18.93 1.27
N PHE H 14 -55.63 -20.18 1.65
CA PHE H 14 -55.00 -20.85 2.77
C PHE H 14 -53.88 -21.79 2.32
N ASN H 15 -53.35 -21.60 1.12
CA ASN H 15 -52.36 -22.51 0.56
C ASN H 15 -50.93 -22.07 0.79
N GLY H 16 -50.71 -21.05 1.63
CA GLY H 16 -49.37 -20.59 1.93
C GLY H 16 -48.85 -19.54 0.98
N GLN H 17 -49.58 -19.27 -0.10
CA GLN H 17 -49.21 -18.25 -1.07
C GLN H 17 -49.73 -16.87 -0.68
N TYR H 18 -50.57 -16.76 0.36
CA TYR H 18 -51.22 -15.49 0.67
C TYR H 18 -51.04 -15.12 2.13
N MET H 19 -50.73 -13.85 2.36
CA MET H 19 -50.93 -13.21 3.64
C MET H 19 -52.38 -12.71 3.73
N LEU H 20 -53.06 -13.03 4.84
CA LEU H 20 -54.47 -12.69 4.99
C LEU H 20 -54.64 -11.51 5.94
N ALA H 21 -55.72 -10.75 5.74
CA ALA H 21 -55.98 -9.56 6.54
C ALA H 21 -57.48 -9.34 6.73
N VAL H 22 -57.83 -8.72 7.84
CA VAL H 22 -59.20 -8.32 8.15
C VAL H 22 -59.26 -6.80 8.20
N PHE H 23 -60.20 -6.23 7.45
CA PHE H 23 -60.51 -4.81 7.49
C PHE H 23 -61.91 -4.58 8.04
N ARG H 24 -62.06 -3.46 8.73
CA ARG H 24 -63.34 -2.80 8.96
C ARG H 24 -63.46 -1.74 7.88
N LEU H 25 -64.40 -1.92 6.96
CA LEU H 25 -64.52 -1.06 5.79
C LEU H 25 -65.87 -0.36 5.81
N GLN H 26 -65.84 0.91 5.44
CA GLN H 26 -67.05 1.71 5.26
C GLN H 26 -66.76 2.69 4.13
N GLY H 27 -67.47 2.50 3.02
CA GLY H 27 -67.35 3.35 1.86
C GLY H 27 -68.31 4.51 1.88
N GLU H 28 -68.16 5.39 0.89
CA GLU H 28 -69.04 6.55 0.78
C GLU H 28 -70.47 6.09 0.51
N GLU H 29 -71.38 7.05 0.65
CA GLU H 29 -72.80 6.80 0.46
C GLU H 29 -73.06 6.25 -0.94
N GLY H 30 -73.69 5.07 -1.01
CA GLY H 30 -74.02 4.42 -2.27
C GLY H 30 -73.18 3.19 -2.56
N MET H 31 -72.03 3.04 -1.91
CA MET H 31 -71.16 1.90 -2.15
C MET H 31 -71.52 0.79 -1.17
N THR H 32 -71.76 -0.41 -1.69
CA THR H 32 -71.95 -1.55 -0.80
C THR H 32 -70.61 -1.94 -0.19
N LEU H 33 -70.65 -2.79 0.84
CA LEU H 33 -69.40 -3.16 1.50
C LEU H 33 -68.49 -3.94 0.55
N VAL H 34 -69.08 -4.79 -0.29
CA VAL H 34 -68.30 -5.55 -1.27
C VAL H 34 -67.71 -4.62 -2.31
N ASP H 35 -68.40 -3.51 -2.59
CA ASP H 35 -67.89 -2.55 -3.56
C ASP H 35 -66.62 -1.85 -3.06
N THR H 36 -66.68 -1.26 -1.86
CA THR H 36 -65.48 -0.68 -1.25
C THR H 36 -64.41 -1.74 -1.02
N ALA H 37 -64.82 -2.99 -0.73
CA ALA H 37 -63.85 -4.05 -0.52
C ALA H 37 -63.07 -4.34 -1.81
N SER H 38 -63.76 -4.35 -2.95
CA SER H 38 -63.09 -4.53 -4.24
C SER H 38 -62.16 -3.36 -4.55
N GLU H 39 -62.59 -2.12 -4.27
CA GLU H 39 -61.75 -0.96 -4.57
C GLU H 39 -60.49 -0.94 -3.70
N VAL H 40 -60.63 -1.34 -2.43
CA VAL H 40 -59.49 -1.41 -1.51
C VAL H 40 -58.55 -2.53 -1.91
N ALA H 41 -59.11 -3.69 -2.26
CA ALA H 41 -58.28 -4.78 -2.78
C ALA H 41 -57.54 -4.36 -4.03
N ALA H 42 -58.17 -3.51 -4.85
CA ALA H 42 -57.53 -3.01 -6.06
C ALA H 42 -56.35 -2.11 -5.72
N GLU H 43 -56.58 -1.12 -4.87
CA GLU H 43 -55.49 -0.17 -4.61
C GLU H 43 -54.40 -0.73 -3.69
N SER H 44 -54.61 -1.86 -3.00
CA SER H 44 -53.58 -2.41 -2.12
C SER H 44 -52.90 -3.63 -2.71
N SER H 45 -53.04 -3.86 -4.01
CA SER H 45 -52.30 -4.91 -4.69
C SER H 45 -51.98 -4.51 -6.13
N THR H 46 -52.92 -4.74 -7.04
CA THR H 46 -52.68 -4.69 -8.47
C THR H 46 -53.48 -3.60 -9.19
N GLY H 47 -54.41 -2.92 -8.53
CA GLY H 47 -55.37 -2.12 -9.22
C GLY H 47 -55.28 -0.63 -8.97
N SER H 48 -56.35 0.06 -9.32
CA SER H 48 -56.49 1.51 -9.19
C SER H 48 -57.97 1.81 -9.01
N PHE H 49 -58.40 3.03 -9.35
CA PHE H 49 -59.80 3.42 -9.19
C PHE H 49 -60.72 2.84 -10.26
N VAL H 50 -60.17 2.28 -11.35
CA VAL H 50 -60.94 1.60 -12.39
C VAL H 50 -60.14 0.39 -12.85
N LYS H 51 -60.82 -0.52 -13.57
CA LYS H 51 -60.12 -1.66 -14.16
C LYS H 51 -58.91 -1.22 -14.97
N ILE H 52 -57.82 -1.96 -14.80
CA ILE H 52 -56.52 -1.59 -15.37
C ILE H 52 -56.41 -2.20 -16.77
N GLY H 53 -56.37 -1.35 -17.78
CA GLY H 53 -56.32 -1.82 -19.16
C GLY H 53 -55.02 -2.43 -19.60
N THR H 54 -53.91 -2.09 -18.93
CA THR H 54 -52.58 -2.61 -19.26
C THR H 54 -52.22 -3.86 -18.48
N ALA H 55 -53.16 -4.44 -17.74
CA ALA H 55 -52.89 -5.63 -16.95
C ALA H 55 -52.53 -6.81 -17.84
N THR H 56 -51.66 -7.68 -17.33
CA THR H 56 -51.29 -8.92 -17.99
C THR H 56 -51.91 -10.09 -17.23
N ALA H 57 -52.07 -11.22 -17.92
CA ALA H 57 -52.55 -12.42 -17.25
C ALA H 57 -51.67 -12.76 -16.06
N PHE H 58 -50.35 -12.60 -16.23
CA PHE H 58 -49.42 -12.75 -15.11
C PHE H 58 -49.79 -11.83 -13.95
N SER H 59 -49.95 -10.54 -14.23
CA SER H 59 -50.30 -9.58 -13.19
C SER H 59 -51.68 -9.87 -12.60
N GLU H 60 -52.61 -10.33 -13.44
CA GLU H 60 -53.95 -10.68 -12.98
C GLU H 60 -53.95 -11.88 -12.04
N SER H 61 -52.98 -12.78 -12.16
CA SER H 61 -52.90 -13.89 -11.21
C SER H 61 -52.43 -13.45 -9.83
N LEU H 62 -51.87 -12.24 -9.70
CA LEU H 62 -51.39 -11.72 -8.42
C LEU H 62 -52.38 -10.73 -7.78
N ASP H 63 -53.64 -10.77 -8.17
CA ASP H 63 -54.62 -9.85 -7.58
C ASP H 63 -54.87 -10.18 -6.11
N ALA H 64 -55.15 -9.14 -5.33
CA ALA H 64 -55.67 -9.36 -3.97
C ALA H 64 -57.11 -9.82 -4.05
N LEU H 65 -57.49 -10.71 -3.13
CA LEU H 65 -58.75 -11.41 -3.24
C LEU H 65 -59.58 -11.13 -2.00
N VAL H 66 -60.74 -10.51 -2.18
CA VAL H 66 -61.73 -10.47 -1.10
C VAL H 66 -62.49 -11.79 -1.13
N TYR H 67 -62.24 -12.62 -0.12
CA TYR H 67 -62.75 -13.98 -0.07
C TYR H 67 -63.78 -14.22 1.02
N ARG H 68 -64.03 -13.24 1.89
CA ARG H 68 -65.06 -13.42 2.90
C ARG H 68 -65.57 -12.05 3.32
N ILE H 69 -66.86 -11.97 3.63
CA ILE H 69 -67.49 -10.73 4.06
C ILE H 69 -68.41 -11.00 5.24
N ASP H 70 -68.44 -10.08 6.18
CA ASP H 70 -69.41 -10.08 7.28
C ASP H 70 -70.10 -8.72 7.22
N GLU H 71 -71.30 -8.74 6.65
CA GLU H 71 -72.07 -7.52 6.46
C GLU H 71 -72.49 -6.92 7.80
N LYS H 72 -72.74 -7.78 8.80
CA LYS H 72 -73.30 -7.32 10.07
C LYS H 72 -72.36 -6.41 10.84
N ASN H 73 -71.06 -6.72 10.84
CA ASN H 73 -70.05 -5.91 11.51
C ASN H 73 -69.16 -5.13 10.55
N ASN H 74 -69.50 -5.07 9.26
CA ASN H 74 -68.70 -4.35 8.25
C ASN H 74 -67.26 -4.86 8.23
N LEU H 75 -67.11 -6.18 8.15
CA LEU H 75 -65.80 -6.82 8.14
C LEU H 75 -65.54 -7.43 6.77
N VAL H 76 -64.28 -7.38 6.37
CA VAL H 76 -63.85 -7.83 5.05
C VAL H 76 -62.54 -8.59 5.18
N TRP H 77 -62.46 -9.77 4.56
CA TRP H 77 -61.24 -10.57 4.54
C TRP H 77 -60.58 -10.44 3.18
N ILE H 78 -59.34 -9.96 3.15
CA ILE H 78 -58.58 -9.78 1.91
C ILE H 78 -57.33 -10.65 1.94
N ALA H 79 -57.00 -11.25 0.80
CA ALA H 79 -55.82 -12.10 0.65
C ALA H 79 -54.84 -11.44 -0.30
N TYR H 80 -53.58 -11.35 0.11
CA TYR H 80 -52.52 -10.72 -0.68
C TYR H 80 -51.45 -11.76 -1.01
N PRO H 81 -51.19 -12.08 -2.29
CA PRO H 81 -50.04 -12.95 -2.60
C PRO H 81 -48.73 -12.31 -2.15
N TRP H 82 -48.10 -12.89 -1.12
CA TRP H 82 -46.91 -12.29 -0.51
C TRP H 82 -45.73 -12.24 -1.47
N ARG H 83 -45.91 -12.81 -2.67
CA ARG H 83 -44.93 -12.61 -3.72
C ARG H 83 -44.88 -11.17 -4.22
N ILE H 84 -45.97 -10.41 -4.06
CA ILE H 84 -45.95 -9.03 -4.54
C ILE H 84 -45.12 -8.12 -3.62
N PHE H 85 -44.82 -8.56 -2.40
CA PHE H 85 -44.00 -7.77 -1.51
C PHE H 85 -42.55 -7.75 -1.97
N ASP H 86 -41.88 -6.63 -1.68
CA ASP H 86 -40.47 -6.50 -1.99
C ASP H 86 -39.68 -7.61 -1.31
N ARG H 87 -38.70 -8.14 -2.05
CA ARG H 87 -37.84 -9.20 -1.53
C ARG H 87 -36.85 -8.61 -0.54
N GLY H 88 -36.07 -9.48 0.09
CA GLY H 88 -35.26 -9.03 1.20
C GLY H 88 -36.07 -8.76 2.45
N GLY H 89 -37.20 -9.42 2.62
CA GLY H 89 -38.00 -9.26 3.84
C GLY H 89 -38.40 -7.84 4.14
N ASN H 90 -38.83 -7.10 3.12
CA ASN H 90 -39.16 -5.67 3.23
C ASN H 90 -40.54 -5.50 3.86
N VAL H 91 -40.59 -4.93 5.07
CA VAL H 91 -41.84 -4.70 5.80
C VAL H 91 -42.46 -3.36 5.45
N GLN H 92 -41.61 -2.37 5.25
CA GLN H 92 -42.07 -1.06 4.81
C GLN H 92 -42.91 -1.21 3.54
N ASN H 93 -42.55 -2.17 2.70
CA ASN H 93 -43.30 -2.45 1.48
C ASN H 93 -44.65 -3.08 1.79
N ILE H 94 -44.68 -4.01 2.75
CA ILE H 94 -45.96 -4.59 3.17
C ILE H 94 -46.91 -3.49 3.63
N MET H 95 -46.42 -2.63 4.53
CA MET H 95 -47.26 -1.57 5.07
C MET H 95 -47.64 -0.56 3.99
N THR H 96 -46.80 -0.39 2.97
CA THR H 96 -47.17 0.48 1.84
C THR H 96 -48.31 -0.12 1.04
N PHE H 97 -48.27 -1.43 0.81
CA PHE H 97 -49.38 -2.12 0.15
C PHE H 97 -50.68 -1.98 0.95
N ILE H 98 -50.72 -2.56 2.15
CA ILE H 98 -51.99 -2.78 2.83
C ILE H 98 -52.40 -1.63 3.74
N ALA H 99 -51.48 -0.73 4.08
CA ALA H 99 -51.79 0.38 4.98
C ALA H 99 -51.39 1.71 4.35
N GLY H 100 -51.47 1.84 3.03
CA GLY H 100 -51.03 3.05 2.39
C GLY H 100 -52.13 3.92 1.84
N ASN H 101 -52.25 3.97 0.51
CA ASN H 101 -53.21 4.86 -0.13
C ASN H 101 -54.66 4.52 0.23
N VAL H 102 -54.95 3.27 0.65
CA VAL H 102 -56.32 2.95 1.04
C VAL H 102 -56.78 3.82 2.19
N PHE H 103 -55.84 4.41 2.94
CA PHE H 103 -56.25 5.29 4.02
C PHE H 103 -56.63 6.68 3.54
N GLY H 104 -56.36 7.02 2.27
CA GLY H 104 -56.62 8.35 1.75
C GLY H 104 -57.71 8.42 0.70
N MET H 105 -58.28 7.26 0.36
CA MET H 105 -59.34 7.21 -0.64
C MET H 105 -60.56 7.97 -0.13
N ALA H 106 -61.03 8.95 -0.91
CA ALA H 106 -62.19 9.71 -0.46
C ALA H 106 -63.40 8.81 -0.31
N SER H 107 -63.48 7.73 -1.08
CA SER H 107 -64.63 6.84 -1.06
C SER H 107 -64.62 5.91 0.14
N VAL H 108 -63.60 5.96 1.00
CA VAL H 108 -63.53 5.10 2.17
C VAL H 108 -63.59 5.98 3.42
N LYS H 109 -64.66 5.82 4.20
CA LYS H 109 -64.81 6.56 5.44
C LYS H 109 -64.28 5.81 6.65
N VAL H 110 -64.26 4.48 6.61
CA VAL H 110 -63.67 3.68 7.69
C VAL H 110 -62.80 2.59 7.06
N CYS H 111 -61.57 2.46 7.55
CA CYS H 111 -60.66 1.44 7.03
C CYS H 111 -59.70 1.07 8.16
N LYS H 112 -60.09 0.05 8.94
CA LYS H 112 -59.32 -0.36 10.12
C LYS H 112 -58.86 -1.80 9.97
N ILE H 113 -57.55 -2.01 9.84
CA ILE H 113 -57.02 -3.37 9.81
C ILE H 113 -57.00 -3.92 11.24
N LEU H 114 -57.70 -5.03 11.45
CA LEU H 114 -57.90 -5.62 12.77
C LEU H 114 -57.10 -6.90 12.99
N ASP H 115 -56.71 -7.61 11.93
CA ASP H 115 -55.97 -8.84 12.13
C ASP H 115 -55.30 -9.21 10.82
N VAL H 116 -54.21 -9.97 10.93
CA VAL H 116 -53.39 -10.35 9.78
C VAL H 116 -52.77 -11.72 10.06
N TYR H 117 -52.56 -12.50 8.99
CA TYR H 117 -52.01 -13.85 9.09
C TYR H 117 -50.74 -13.96 8.25
N PHE H 118 -49.67 -14.54 8.84
CA PHE H 118 -48.43 -14.82 8.12
C PHE H 118 -48.27 -16.33 7.95
N PRO H 119 -48.33 -16.86 6.73
CA PRO H 119 -48.11 -18.30 6.52
C PRO H 119 -46.65 -18.66 6.73
N PRO H 120 -46.33 -19.92 7.01
CA PRO H 120 -44.91 -20.28 7.24
C PRO H 120 -44.00 -19.99 6.06
N GLN H 121 -44.46 -20.28 4.82
CA GLN H 121 -43.63 -20.01 3.64
C GLN H 121 -43.33 -18.53 3.49
N MET H 122 -44.23 -17.67 3.96
CA MET H 122 -43.95 -16.24 3.97
C MET H 122 -43.01 -15.87 5.12
N LEU H 123 -43.25 -16.43 6.31
CA LEU H 123 -42.39 -16.18 7.47
C LEU H 123 -40.93 -16.49 7.16
N VAL H 124 -40.67 -17.47 6.29
CA VAL H 124 -39.29 -17.80 5.93
C VAL H 124 -38.53 -16.58 5.44
N GLN H 125 -39.23 -15.64 4.78
CA GLN H 125 -38.58 -14.55 4.07
C GLN H 125 -38.16 -13.40 4.99
N TYR H 126 -38.46 -13.45 6.28
CA TYR H 126 -38.29 -12.30 7.16
C TYR H 126 -37.41 -12.66 8.35
N ASP H 127 -36.90 -11.61 8.98
CA ASP H 127 -35.87 -11.76 10.02
C ASP H 127 -36.44 -12.37 11.29
N GLY H 128 -37.47 -11.73 11.87
CA GLY H 128 -37.84 -12.02 13.23
C GLY H 128 -36.78 -11.47 14.17
N PRO H 129 -37.08 -11.45 15.47
CA PRO H 129 -36.12 -10.89 16.44
C PRO H 129 -34.80 -11.65 16.43
N GLU H 130 -33.78 -11.00 16.99
CA GLU H 130 -32.52 -11.72 17.09
C GLU H 130 -32.06 -11.75 18.55
N TYR H 131 -32.25 -10.65 19.28
CA TYR H 131 -32.01 -10.58 20.72
C TYR H 131 -33.36 -10.59 21.46
N THR H 132 -33.52 -11.53 22.37
CA THR H 132 -34.81 -11.76 23.02
C THR H 132 -34.74 -11.40 24.49
N ILE H 133 -35.90 -11.53 25.16
CA ILE H 133 -36.00 -11.31 26.60
C ILE H 133 -35.04 -12.24 27.33
N ASP H 134 -34.83 -13.44 26.78
CA ASP H 134 -33.95 -14.42 27.40
C ASP H 134 -32.52 -13.92 27.48
N ASP H 135 -32.02 -13.33 26.39
CA ASP H 135 -30.67 -12.80 26.39
C ASP H 135 -30.49 -11.73 27.45
N MET H 136 -31.48 -10.84 27.59
CA MET H 136 -31.43 -9.79 28.59
C MET H 136 -31.48 -10.38 29.99
N ARG H 137 -32.33 -11.40 30.20
CA ARG H 137 -32.37 -12.10 31.49
C ARG H 137 -31.01 -12.67 31.85
N LYS H 138 -30.38 -13.39 30.91
CA LYS H 138 -29.06 -13.95 31.18
C LYS H 138 -28.07 -12.87 31.57
N TYR H 139 -28.03 -11.76 30.83
CA TYR H 139 -27.08 -10.70 31.19
C TYR H 139 -27.38 -10.11 32.57
N LEU H 140 -28.65 -9.80 32.83
CA LEU H 140 -29.03 -9.18 34.10
C LEU H 140 -29.05 -10.15 35.25
N ASN H 141 -29.03 -11.46 34.96
CA ASN H 141 -29.12 -12.50 35.98
C ASN H 141 -30.39 -12.36 36.81
N ILE H 142 -31.51 -12.07 36.15
CA ILE H 142 -32.81 -12.12 36.79
C ILE H 142 -33.68 -13.07 35.99
N GLN H 143 -34.26 -14.05 36.68
CA GLN H 143 -35.10 -15.04 36.06
C GLN H 143 -36.49 -15.00 36.70
N GLU H 144 -37.50 -15.38 35.92
CA GLU H 144 -38.88 -15.51 36.41
C GLU H 144 -39.54 -14.16 36.61
N ARG H 145 -38.90 -13.26 37.37
CA ARG H 145 -39.53 -11.99 37.72
C ARG H 145 -39.53 -11.02 36.52
N PRO H 146 -40.46 -10.05 36.51
CA PRO H 146 -40.46 -9.02 35.45
C PRO H 146 -39.24 -8.12 35.53
N ILE H 147 -38.89 -7.54 34.38
CA ILE H 147 -37.81 -6.56 34.33
C ILE H 147 -38.35 -5.17 34.63
N PHE H 148 -37.87 -4.58 35.72
CA PHE H 148 -38.31 -3.27 36.19
C PHE H 148 -37.33 -2.20 35.71
N GLY H 149 -37.87 -1.23 34.98
CA GLY H 149 -37.10 -0.13 34.48
C GLY H 149 -37.87 1.17 34.62
N SER H 150 -37.16 2.25 34.33
CA SER H 150 -37.69 3.59 34.47
C SER H 150 -37.28 4.39 33.24
N ILE H 151 -38.09 5.37 32.92
CA ILE H 151 -37.73 6.38 31.92
C ILE H 151 -37.38 7.66 32.64
N ILE H 152 -36.21 8.22 32.34
CA ILE H 152 -35.75 9.41 33.05
C ILE H 152 -36.66 10.60 32.75
N LYS H 153 -37.23 11.21 33.80
CA LYS H 153 -38.03 12.42 33.70
C LYS H 153 -37.43 13.60 34.44
N PRO H 154 -37.70 14.83 33.99
CA PRO H 154 -38.60 15.24 32.88
C PRO H 154 -38.24 14.73 31.47
N LYS H 155 -39.24 14.63 30.58
CA LYS H 155 -39.04 14.10 29.22
C LYS H 155 -37.91 14.81 28.48
N ILE H 156 -37.68 16.07 28.80
CA ILE H 156 -36.53 16.82 28.28
C ILE H 156 -36.19 17.87 29.32
N GLY H 157 -34.92 18.28 29.34
CA GLY H 157 -34.52 19.36 30.22
C GLY H 157 -33.40 19.05 31.18
N LEU H 158 -33.00 17.79 31.33
CA LEU H 158 -31.85 17.49 32.15
C LEU H 158 -30.57 17.53 31.32
N THR H 159 -29.49 17.87 31.98
CA THR H 159 -28.19 17.71 31.38
C THR H 159 -27.79 16.23 31.46
N SER H 160 -26.71 15.89 30.76
CA SER H 160 -26.23 14.51 30.77
C SER H 160 -25.91 14.05 32.19
N SER H 161 -25.31 14.92 32.99
CA SER H 161 -24.95 14.57 34.36
C SER H 161 -26.18 14.30 35.22
N GLU H 162 -27.14 15.24 35.23
CA GLU H 162 -28.39 15.05 35.98
C GLU H 162 -29.12 13.80 35.53
N TYR H 163 -29.15 13.57 34.21
CA TYR H 163 -29.76 12.36 33.66
C TYR H 163 -29.10 11.11 34.22
N ALA H 164 -27.76 11.07 34.23
CA ALA H 164 -27.07 9.92 34.80
C ALA H 164 -27.33 9.80 36.29
N GLU H 165 -27.51 10.95 36.97
CA GLU H 165 -27.84 10.93 38.38
C GLU H 165 -29.13 10.14 38.63
N LEU H 166 -30.18 10.47 37.87
CA LEU H 166 -31.44 9.75 38.02
C LEU H 166 -31.30 8.28 37.63
N CYS H 167 -30.51 7.99 36.60
CA CYS H 167 -30.23 6.59 36.26
C CYS H 167 -29.63 5.85 37.46
N TYR H 168 -28.61 6.44 38.08
CA TYR H 168 -27.96 5.85 39.25
C TYR H 168 -28.96 5.61 40.38
N ASP H 169 -29.75 6.64 40.71
CA ASP H 169 -30.69 6.50 41.82
C ASP H 169 -31.70 5.39 41.55
N PHE H 170 -32.14 5.24 40.30
CA PHE H 170 -33.09 4.17 40.01
C PHE H 170 -32.43 2.80 40.14
N TRP H 171 -31.25 2.62 39.54
CA TRP H 171 -30.58 1.31 39.59
C TRP H 171 -30.21 0.93 41.02
N SER H 172 -29.61 1.86 41.77
CA SER H 172 -29.17 1.58 43.13
C SER H 172 -30.34 1.19 44.04
N GLY H 173 -31.55 1.62 43.71
CA GLY H 173 -32.74 1.26 44.43
C GLY H 173 -33.33 -0.07 44.03
N GLY H 174 -32.59 -0.86 43.24
CA GLY H 174 -33.03 -2.18 42.82
C GLY H 174 -33.59 -2.26 41.43
N GLY H 175 -33.69 -1.15 40.71
CA GLY H 175 -34.18 -1.20 39.35
C GLY H 175 -33.19 -1.86 38.40
N ASP H 176 -33.72 -2.52 37.38
CA ASP H 176 -32.90 -3.27 36.43
C ASP H 176 -32.62 -2.49 35.16
N PHE H 177 -33.54 -1.62 34.75
CA PHE H 177 -33.58 -1.13 33.38
C PHE H 177 -33.87 0.37 33.36
N VAL H 178 -33.06 1.12 32.61
CA VAL H 178 -33.36 2.54 32.41
C VAL H 178 -33.38 2.82 30.92
N KCX H 179 -34.48 3.36 30.41
CA KCX H 179 -34.52 3.74 29.01
CB KCX H 179 -35.69 3.08 28.28
CG KCX H 179 -37.00 3.59 28.86
CD KCX H 179 -38.19 3.02 28.10
CE KCX H 179 -38.22 3.62 26.70
NZ KCX H 179 -38.44 5.06 26.71
C KCX H 179 -34.62 5.26 28.85
O KCX H 179 -35.20 5.96 29.71
CX KCX H 179 -39.79 5.59 26.71
OQ1 KCX H 179 -40.78 4.81 26.66
OQ2 KCX H 179 -39.96 6.83 26.74
N ASN H 180 -34.03 5.75 27.76
CA ASN H 180 -34.27 7.12 27.34
C ASN H 180 -35.75 7.33 27.10
N ASP H 181 -36.24 8.53 27.42
CA ASP H 181 -37.52 8.94 26.87
C ASP H 181 -37.36 9.09 25.37
N GLU H 182 -38.45 8.87 24.63
CA GLU H 182 -38.31 8.75 23.18
C GLU H 182 -37.72 9.97 22.49
N PRO H 183 -37.88 11.22 22.96
CA PRO H 183 -37.31 12.34 22.21
C PRO H 183 -35.93 12.79 22.64
N GLN H 184 -35.38 12.25 23.72
CA GLN H 184 -34.05 12.63 24.16
C GLN H 184 -33.00 12.18 23.15
N ALA H 185 -32.13 13.11 22.73
CA ALA H 185 -31.12 12.80 21.73
C ALA H 185 -29.89 13.67 21.92
N ASP H 186 -29.52 14.45 20.92
CA ASP H 186 -28.30 15.26 21.02
C ASP H 186 -28.62 16.75 21.20
N GLN H 187 -29.48 17.07 22.16
CA GLN H 187 -29.73 18.47 22.50
C GLN H 187 -28.48 19.10 23.09
N ASP H 188 -28.30 20.40 22.81
CA ASP H 188 -27.08 21.09 23.21
C ASP H 188 -26.87 21.05 24.73
N PHE H 189 -27.95 21.15 25.50
CA PHE H 189 -27.87 21.12 26.95
C PHE H 189 -27.74 19.71 27.51
N CYS H 190 -27.97 18.70 26.68
CA CYS H 190 -27.86 17.29 27.08
C CYS H 190 -27.02 16.56 26.04
N PRO H 191 -25.73 16.87 25.94
CA PRO H 191 -24.89 16.25 24.91
C PRO H 191 -24.96 14.73 24.93
N TYR H 192 -25.15 14.14 23.76
CA TYR H 192 -25.37 12.70 23.65
C TYR H 192 -24.13 11.91 24.03
N ASP H 193 -22.95 12.30 23.53
CA ASP H 193 -21.73 11.61 23.93
C ASP H 193 -21.50 11.72 25.44
N LYS H 194 -21.70 12.94 25.99
CA LYS H 194 -21.55 13.14 27.42
C LYS H 194 -22.56 12.29 28.18
N MET H 195 -23.77 12.19 27.64
CA MET H 195 -24.81 11.34 28.22
C MET H 195 -24.39 9.88 28.26
N VAL H 196 -23.85 9.36 27.16
CA VAL H 196 -23.47 7.95 27.11
C VAL H 196 -22.38 7.66 28.13
N GLN H 197 -21.33 8.50 28.16
CA GLN H 197 -20.26 8.25 29.13
C GLN H 197 -20.76 8.36 30.57
N ASP H 198 -21.62 9.34 30.86
CA ASP H 198 -22.14 9.48 32.23
C ASP H 198 -23.03 8.30 32.61
N VAL H 199 -23.83 7.79 31.66
CA VAL H 199 -24.62 6.60 31.93
C VAL H 199 -23.70 5.44 32.24
N ARG H 200 -22.61 5.34 31.46
CA ARG H 200 -21.63 4.28 31.65
C ARG H 200 -21.01 4.34 33.03
N HIS H 201 -20.61 5.55 33.46
CA HIS H 201 -20.02 5.77 34.78
C HIS H 201 -20.99 5.39 35.90
N ALA H 202 -22.23 5.90 35.80
CA ALA H 202 -23.25 5.61 36.81
C ALA H 202 -23.54 4.12 36.92
N MET H 203 -23.59 3.42 35.78
CA MET H 203 -23.76 1.98 35.82
C MET H 203 -22.58 1.27 36.48
N ASP H 204 -21.35 1.70 36.16
CA ASP H 204 -20.17 1.08 36.79
C ASP H 204 -20.23 1.16 38.30
N ARG H 205 -20.61 2.32 38.84
CA ARG H 205 -20.66 2.43 40.29
C ARG H 205 -21.67 1.47 40.89
N VAL H 206 -22.86 1.38 40.28
CA VAL H 206 -23.89 0.47 40.76
C VAL H 206 -23.39 -0.97 40.68
N GLU H 207 -22.69 -1.32 39.59
CA GLU H 207 -22.16 -2.68 39.46
C GLU H 207 -21.19 -2.99 40.58
N GLN H 208 -20.37 -2.00 40.97
CA GLN H 208 -19.47 -2.20 42.10
C GLN H 208 -20.26 -2.35 43.41
N GLU H 209 -21.26 -1.49 43.62
CA GLU H 209 -21.93 -1.44 44.92
C GLU H 209 -22.80 -2.66 45.16
N THR H 210 -23.46 -3.16 44.11
CA THR H 210 -24.40 -4.26 44.24
C THR H 210 -23.86 -5.57 43.70
N GLY H 211 -22.81 -5.53 42.88
CA GLY H 211 -22.37 -6.71 42.19
C GLY H 211 -23.30 -7.15 41.09
N LYS H 212 -24.30 -6.34 40.77
CA LYS H 212 -25.33 -6.68 39.80
C LYS H 212 -25.20 -5.85 38.52
N THR H 213 -25.46 -6.49 37.39
CA THR H 213 -25.49 -5.80 36.11
C THR H 213 -26.80 -5.04 35.92
N LYS H 214 -26.77 -4.07 35.00
CA LYS H 214 -27.92 -3.24 34.68
C LYS H 214 -28.01 -3.10 33.17
N VAL H 215 -29.09 -2.47 32.70
CA VAL H 215 -29.29 -2.25 31.27
C VAL H 215 -29.85 -0.85 31.06
N HIS H 216 -29.35 -0.15 30.04
CA HIS H 216 -29.91 1.13 29.63
C HIS H 216 -30.22 1.05 28.15
N SER H 217 -31.46 1.36 27.80
CA SER H 217 -31.90 1.45 26.41
C SER H 217 -31.69 2.87 25.93
N PHE H 218 -30.78 3.04 24.98
CA PHE H 218 -30.46 4.36 24.44
C PHE H 218 -31.33 4.66 23.23
N ASN H 219 -31.83 5.89 23.17
CA ASN H 219 -32.53 6.37 21.98
C ASN H 219 -31.49 6.71 20.91
N ILE H 220 -31.51 5.97 19.81
CA ILE H 220 -30.62 6.24 18.68
C ILE H 220 -31.36 6.85 17.51
N SER H 221 -32.68 7.06 17.63
CA SER H 221 -33.41 7.81 16.62
C SER H 221 -32.72 9.14 16.36
N SER H 222 -32.50 9.44 15.10
CA SER H 222 -31.63 10.56 14.75
C SER H 222 -32.20 11.28 13.55
N SER H 223 -31.43 12.24 13.04
CA SER H 223 -31.84 13.00 11.86
C SER H 223 -31.82 12.14 10.61
N ASP H 224 -30.74 11.42 10.37
CA ASP H 224 -30.57 10.55 9.21
C ASP H 224 -29.95 9.25 9.69
N TYR H 225 -29.69 8.35 8.75
CA TYR H 225 -29.19 7.02 9.08
C TYR H 225 -27.75 7.06 9.59
N ASP H 226 -26.92 7.91 9.01
CA ASP H 226 -25.52 8.01 9.46
C ASP H 226 -25.43 8.46 10.91
N THR H 227 -26.31 9.38 11.32
CA THR H 227 -26.32 9.81 12.71
C THR H 227 -26.72 8.68 13.64
N MET H 228 -27.70 7.87 13.22
CA MET H 228 -28.12 6.73 14.01
C MET H 228 -26.98 5.72 14.17
N ILE H 229 -26.26 5.43 13.09
CA ILE H 229 -25.13 4.50 13.17
C ILE H 229 -24.01 5.09 14.04
N LYS H 230 -23.74 6.39 13.93
CA LYS H 230 -22.76 7.03 14.78
C LYS H 230 -23.09 6.81 16.24
N LYS H 231 -24.35 7.06 16.62
CA LYS H 231 -24.77 6.85 18.01
C LYS H 231 -24.63 5.38 18.42
N ALA H 232 -25.11 4.47 17.57
CA ALA H 232 -25.09 3.04 17.92
C ALA H 232 -23.66 2.54 18.12
N ASP H 233 -22.76 2.86 17.18
CA ASP H 233 -21.37 2.44 17.29
C ASP H 233 -20.69 3.09 18.49
N TYR H 234 -21.00 4.36 18.78
CA TYR H 234 -20.39 4.98 19.95
C TYR H 234 -20.82 4.27 21.22
N ILE H 235 -22.12 3.96 21.33
CA ILE H 235 -22.62 3.23 22.50
C ILE H 235 -21.94 1.87 22.62
N GLN H 236 -21.83 1.14 21.50
CA GLN H 236 -21.11 -0.14 21.54
C GLN H 236 -19.67 0.05 22.01
N SER H 237 -19.03 1.14 21.59
CA SER H 237 -17.66 1.39 22.01
C SER H 237 -17.58 1.80 23.48
N MET H 238 -18.69 2.22 24.08
CA MET H 238 -18.67 2.69 25.46
C MET H 238 -19.32 1.75 26.47
N MET H 239 -20.17 0.82 26.05
CA MET H 239 -20.94 -0.08 26.92
C MET H 239 -20.49 -1.53 26.85
N LYS H 240 -20.67 -2.25 27.95
CA LYS H 240 -20.39 -3.68 27.96
C LYS H 240 -21.39 -4.41 27.05
N PRO H 241 -20.97 -5.49 26.40
CA PRO H 241 -21.94 -6.27 25.62
C PRO H 241 -23.07 -6.73 26.54
N GLY H 242 -24.30 -6.58 26.09
CA GLY H 242 -25.46 -6.92 26.88
C GLY H 242 -25.94 -5.83 27.82
N SER H 243 -25.08 -4.87 28.18
CA SER H 243 -25.43 -3.80 29.12
C SER H 243 -26.17 -2.64 28.47
N TYR H 244 -26.40 -2.69 27.17
CA TYR H 244 -27.05 -1.60 26.46
C TYR H 244 -28.12 -2.15 25.54
N ALA H 245 -29.16 -1.34 25.35
CA ALA H 245 -30.19 -1.59 24.36
C ALA H 245 -30.26 -0.39 23.42
N PHE H 246 -30.83 -0.61 22.23
CA PHE H 246 -30.96 0.42 21.21
C PHE H 246 -32.44 0.76 21.04
N LEU H 247 -32.82 2.00 21.33
CA LEU H 247 -34.20 2.44 21.17
C LEU H 247 -34.36 3.15 19.84
N VAL H 248 -35.43 2.82 19.12
CA VAL H 248 -35.78 3.46 17.87
C VAL H 248 -37.25 3.83 17.91
N ASP H 249 -37.56 5.09 17.64
CA ASP H 249 -38.94 5.55 17.50
C ASP H 249 -39.46 4.96 16.18
N GLY H 250 -39.93 3.72 16.25
CA GLY H 250 -40.22 2.98 15.03
C GLY H 250 -41.18 3.69 14.10
N ILE H 251 -42.25 4.26 14.66
CA ILE H 251 -43.30 4.84 13.82
C ILE H 251 -42.80 6.10 13.12
N THR H 252 -42.22 7.03 13.88
CA THR H 252 -41.75 8.30 13.33
C THR H 252 -40.41 8.20 12.60
N ALA H 253 -39.54 7.26 13.00
CA ALA H 253 -38.30 7.07 12.26
C ALA H 253 -38.50 6.17 11.05
N GLY H 254 -39.41 5.22 11.12
CA GLY H 254 -39.77 4.43 9.96
C GLY H 254 -39.38 2.97 10.12
N TRP H 255 -40.10 2.09 9.43
CA TRP H 255 -39.82 0.67 9.50
C TRP H 255 -38.41 0.32 9.02
N MET H 256 -37.87 1.10 8.08
CA MET H 256 -36.52 0.79 7.61
C MET H 256 -35.49 0.98 8.71
N ALA H 257 -35.69 1.96 9.60
CA ALA H 257 -34.78 2.12 10.74
C ALA H 257 -34.78 0.88 11.62
N ILE H 258 -35.98 0.35 11.90
CA ILE H 258 -36.10 -0.88 12.69
C ILE H 258 -35.34 -2.02 12.03
N GLN H 259 -35.64 -2.29 10.75
CA GLN H 259 -34.96 -3.40 10.08
C GLN H 259 -33.46 -3.18 9.99
N THR H 260 -33.03 -1.92 9.88
CA THR H 260 -31.61 -1.62 9.82
C THR H 260 -30.91 -1.94 11.12
N ILE H 261 -31.50 -1.54 12.25
CA ILE H 261 -30.89 -1.87 13.54
C ILE H 261 -30.91 -3.38 13.75
N ARG H 262 -32.01 -4.03 13.36
CA ARG H 262 -32.08 -5.49 13.41
C ARG H 262 -30.93 -6.15 12.65
N ARG H 263 -30.66 -5.70 11.42
CA ARG H 263 -29.70 -6.41 10.60
C ARG H 263 -28.25 -6.02 10.86
N LYS H 264 -27.99 -4.75 11.19
CA LYS H 264 -26.61 -4.29 11.41
C LYS H 264 -26.11 -4.56 12.82
N TYR H 265 -27.02 -4.63 13.80
CA TYR H 265 -26.66 -4.91 15.19
C TYR H 265 -27.57 -6.01 15.72
N PRO H 266 -27.50 -7.22 15.15
CA PRO H 266 -28.45 -8.27 15.53
C PRO H 266 -28.28 -8.80 16.96
N ASN H 267 -27.11 -8.65 17.57
CA ASN H 267 -26.90 -9.15 18.93
C ASN H 267 -27.21 -8.11 19.99
N VAL H 268 -27.93 -7.05 19.65
CA VAL H 268 -28.31 -6.00 20.58
C VAL H 268 -29.83 -5.88 20.63
N PHE H 269 -30.35 -5.65 21.84
CA PHE H 269 -31.78 -5.46 22.04
C PHE H 269 -32.31 -4.28 21.22
N LEU H 270 -33.26 -4.56 20.33
CA LEU H 270 -33.94 -3.54 19.53
C LEU H 270 -35.25 -3.16 20.21
N HIS H 271 -35.32 -1.92 20.70
CA HIS H 271 -36.45 -1.41 21.49
C HIS H 271 -37.27 -0.50 20.59
N PHE H 272 -38.39 -1.02 20.11
CA PHE H 272 -39.32 -0.30 19.24
C PHE H 272 -40.25 0.55 20.10
N HIS H 273 -39.96 1.85 20.21
CA HIS H 273 -40.95 2.76 20.76
C HIS H 273 -41.87 3.22 19.64
N ARG H 274 -43.17 3.23 19.92
CA ARG H 274 -44.22 3.48 18.95
C ARG H 274 -44.81 4.89 19.08
N ALA H 275 -43.96 5.87 19.41
CA ALA H 275 -44.42 7.25 19.52
C ALA H 275 -45.07 7.67 18.22
N GLY H 276 -46.37 7.97 18.28
CA GLY H 276 -47.13 8.33 17.11
C GLY H 276 -48.05 7.25 16.60
N HIS H 277 -47.91 6.02 17.10
CA HIS H 277 -48.75 4.92 16.64
C HIS H 277 -50.23 5.20 16.87
N GLY H 278 -50.54 6.07 17.84
CA GLY H 278 -51.92 6.31 18.19
C GLY H 278 -52.78 6.70 17.01
N ALA H 279 -52.25 7.58 16.15
CA ALA H 279 -52.99 8.03 14.98
C ALA H 279 -53.48 6.88 14.11
N PHE H 280 -52.74 5.77 14.09
CA PHE H 280 -53.18 4.58 13.37
C PHE H 280 -54.10 3.69 14.20
N THR H 281 -53.83 3.56 15.51
CA THR H 281 -54.35 2.44 16.26
C THR H 281 -55.55 2.77 17.15
N ARG H 282 -55.70 4.02 17.56
CA ARG H 282 -56.74 4.39 18.52
C ARG H 282 -58.13 3.95 18.05
N ASP H 283 -58.95 3.52 19.02
CA ASP H 283 -60.32 3.13 18.71
C ASP H 283 -61.10 4.26 18.04
N GLU H 284 -60.77 5.51 18.36
CA GLU H 284 -61.49 6.67 17.83
C GLU H 284 -61.20 6.93 16.35
N ASN H 285 -60.06 6.47 15.82
CA ASN H 285 -59.73 6.71 14.42
C ASN H 285 -60.33 5.60 13.56
N PRO H 286 -61.34 5.88 12.73
CA PRO H 286 -61.90 4.85 11.87
C PRO H 286 -60.95 4.39 10.77
N ILE H 287 -59.86 5.10 10.54
CA ILE H 287 -58.89 4.78 9.51
C ILE H 287 -57.57 4.47 10.20
N GLY H 288 -57.00 3.31 9.90
CA GLY H 288 -55.73 2.90 10.45
C GLY H 288 -55.72 1.40 10.68
N TYR H 289 -54.89 0.97 11.63
CA TYR H 289 -54.84 -0.45 12.01
C TYR H 289 -54.66 -0.57 13.51
N THR H 290 -55.15 -1.69 14.06
CA THR H 290 -55.17 -1.90 15.50
C THR H 290 -53.78 -2.30 16.01
N VAL H 291 -53.67 -2.37 17.33
CA VAL H 291 -52.43 -2.67 18.04
C VAL H 291 -51.94 -4.10 17.84
N PRO H 292 -52.80 -5.14 17.86
CA PRO H 292 -52.29 -6.49 17.53
C PRO H 292 -51.60 -6.56 16.18
N VAL H 293 -52.10 -5.84 15.18
CA VAL H 293 -51.48 -5.84 13.85
C VAL H 293 -50.10 -5.17 13.91
N LEU H 294 -50.03 -4.00 14.55
CA LEU H 294 -48.76 -3.33 14.78
C LEU H 294 -47.75 -4.25 15.44
N THR H 295 -48.20 -4.98 16.47
CA THR H 295 -47.31 -5.88 17.20
C THR H 295 -46.82 -7.02 16.33
N LYS H 296 -47.72 -7.63 15.54
CA LYS H 296 -47.28 -8.71 14.65
C LYS H 296 -46.27 -8.22 13.62
N PHE H 297 -46.47 -7.02 13.07
CA PHE H 297 -45.50 -6.54 12.11
C PHE H 297 -44.18 -6.15 12.77
N ALA H 298 -44.23 -5.63 14.00
CA ALA H 298 -43.00 -5.35 14.72
C ALA H 298 -42.24 -6.64 15.03
N ARG H 299 -42.96 -7.74 15.29
CA ARG H 299 -42.27 -9.02 15.48
C ARG H 299 -41.70 -9.55 14.16
N LEU H 300 -42.46 -9.43 13.07
CA LEU H 300 -41.96 -9.91 11.78
C LEU H 300 -40.70 -9.15 11.35
N ALA H 301 -40.66 -7.84 11.60
CA ALA H 301 -39.51 -7.03 11.21
C ALA H 301 -38.26 -7.34 12.02
N GLY H 302 -38.41 -7.93 13.21
CA GLY H 302 -37.30 -8.29 14.04
C GLY H 302 -37.13 -7.48 15.31
N ALA H 303 -38.14 -6.73 15.75
CA ALA H 303 -38.02 -5.97 16.98
C ALA H 303 -37.78 -6.90 18.16
N SER H 304 -36.79 -6.56 18.98
CA SER H 304 -36.58 -7.32 20.20
C SER H 304 -37.67 -7.06 21.22
N GLY H 305 -38.25 -5.86 21.21
CA GLY H 305 -39.34 -5.53 22.10
C GLY H 305 -40.09 -4.31 21.59
N ILE H 306 -41.36 -4.22 21.96
CA ILE H 306 -42.17 -3.04 21.64
C ILE H 306 -43.12 -2.79 22.81
N HIS H 307 -43.46 -1.52 23.01
CA HIS H 307 -44.48 -1.20 23.99
C HIS H 307 -45.81 -1.79 23.54
N THR H 308 -46.49 -2.51 24.44
CA THR H 308 -47.69 -3.25 24.08
C THR H 308 -48.94 -2.76 24.82
N GLY H 309 -48.80 -1.78 25.70
CA GLY H 309 -49.95 -1.23 26.40
C GLY H 309 -50.07 -1.74 27.83
N THR H 310 -50.83 -0.98 28.62
CA THR H 310 -51.02 -1.28 30.03
C THR H 310 -52.39 -1.89 30.33
N ALA H 311 -53.10 -2.37 29.31
CA ALA H 311 -54.41 -3.02 29.48
C ALA H 311 -55.43 -2.09 30.15
N GLY H 312 -55.30 -0.78 29.92
CA GLY H 312 -56.20 0.19 30.49
C GLY H 312 -55.90 0.56 31.93
N ILE H 313 -54.97 -0.13 32.56
CA ILE H 313 -54.65 0.12 33.97
C ILE H 313 -53.94 1.46 34.13
N GLY H 314 -53.04 1.79 33.21
CA GLY H 314 -52.32 3.04 33.26
C GLY H 314 -53.06 4.17 32.58
N LYS H 315 -52.31 5.04 31.88
CA LYS H 315 -52.87 6.24 31.26
C LYS H 315 -53.03 6.10 29.75
N MET H 316 -52.51 5.03 29.16
CA MET H 316 -52.59 4.82 27.72
C MET H 316 -53.88 4.10 27.34
N ALA H 317 -54.48 4.53 26.23
CA ALA H 317 -55.74 3.94 25.78
C ALA H 317 -55.52 2.47 25.46
N GLY H 318 -56.46 1.65 25.87
CA GLY H 318 -56.39 0.23 25.63
C GLY H 318 -57.19 -0.53 26.67
N SER H 319 -57.52 -1.76 26.33
CA SER H 319 -58.21 -2.63 27.27
C SER H 319 -57.40 -3.91 27.46
N PRO H 320 -57.70 -4.70 28.50
CA PRO H 320 -57.06 -6.01 28.63
C PRO H 320 -57.12 -6.85 27.36
N LYS H 321 -58.25 -6.83 26.64
CA LYS H 321 -58.39 -7.67 25.45
C LYS H 321 -57.28 -7.38 24.45
N GLU H 322 -57.25 -6.18 23.90
CA GLU H 322 -56.31 -5.85 22.84
C GLU H 322 -54.87 -5.77 23.35
N ASP H 323 -54.65 -5.13 24.49
CA ASP H 323 -53.26 -4.92 24.93
C ASP H 323 -52.61 -6.23 25.32
N VAL H 324 -53.35 -7.06 26.04
CA VAL H 324 -52.77 -8.34 26.39
C VAL H 324 -52.68 -9.24 25.17
N MET H 325 -53.66 -9.15 24.25
CA MET H 325 -53.55 -9.88 22.99
C MET H 325 -52.30 -9.50 22.23
N ALA H 326 -51.92 -8.22 22.27
CA ALA H 326 -50.68 -7.82 21.61
C ALA H 326 -49.48 -8.46 22.31
N ALA H 327 -49.49 -8.47 23.64
CA ALA H 327 -48.44 -9.19 24.36
C ALA H 327 -48.42 -10.67 23.97
N ARG H 328 -49.60 -11.25 23.74
CA ARG H 328 -49.72 -12.66 23.36
C ARG H 328 -49.11 -12.90 21.99
N HIS H 329 -49.35 -11.98 21.05
CA HIS H 329 -48.69 -12.01 19.76
C HIS H 329 -47.17 -11.90 19.90
N ALA H 330 -46.70 -11.10 20.86
CA ALA H 330 -45.25 -10.90 20.99
C ALA H 330 -44.54 -12.10 21.61
N LEU H 331 -45.15 -12.79 22.57
CA LEU H 331 -44.45 -13.80 23.35
C LEU H 331 -44.63 -15.20 22.80
N LYS H 332 -45.86 -15.55 22.43
CA LYS H 332 -46.26 -16.93 22.28
C LYS H 332 -45.74 -17.50 20.96
N LEU H 333 -45.48 -18.81 20.95
CA LEU H 333 -45.21 -19.49 19.69
C LEU H 333 -46.50 -19.67 18.92
N TYR H 334 -47.58 -19.86 19.65
CA TYR H 334 -48.93 -19.93 19.10
C TYR H 334 -49.75 -18.81 19.74
N SER H 335 -50.10 -17.78 18.96
CA SER H 335 -50.85 -16.63 19.44
C SER H 335 -52.13 -16.46 18.64
N GLU H 336 -53.19 -16.02 19.31
CA GLU H 336 -54.51 -15.88 18.71
C GLU H 336 -54.83 -14.41 18.46
N GLY H 337 -55.15 -14.08 17.22
CA GLY H 337 -55.68 -12.76 16.89
C GLY H 337 -57.19 -12.74 17.06
N ASP H 338 -57.78 -11.59 16.71
CA ASP H 338 -59.23 -11.49 16.76
C ASP H 338 -59.92 -12.43 15.78
N TYR H 339 -59.23 -12.82 14.69
CA TYR H 339 -59.82 -13.61 13.61
C TYR H 339 -58.89 -14.68 13.04
N PHE H 340 -57.59 -14.57 13.21
CA PHE H 340 -56.63 -15.55 12.71
C PHE H 340 -55.81 -16.08 13.87
N LYS H 341 -55.60 -17.39 13.87
CA LYS H 341 -54.65 -18.03 14.76
C LYS H 341 -53.29 -18.07 14.07
N GLN H 342 -52.27 -17.54 14.74
CA GLN H 342 -50.93 -17.39 14.21
C GLN H 342 -50.02 -18.39 14.91
N ILE H 343 -49.28 -19.15 14.13
CA ILE H 343 -48.19 -19.98 14.67
C ILE H 343 -46.89 -19.37 14.17
N TRP H 344 -46.03 -18.97 15.11
CA TRP H 344 -44.77 -18.32 14.77
C TRP H 344 -43.70 -19.35 14.45
N SER H 345 -43.97 -20.13 13.40
CA SER H 345 -43.06 -21.19 12.95
C SER H 345 -43.03 -21.27 11.44
N GLU H 346 -41.82 -21.42 10.90
CA GLU H 346 -41.62 -21.67 9.47
C GLU H 346 -41.76 -23.15 9.12
N ILE H 347 -42.31 -23.94 10.03
CA ILE H 347 -42.33 -25.40 9.91
C ILE H 347 -43.78 -25.82 9.65
N PRO H 348 -44.03 -26.91 8.92
CA PRO H 348 -45.42 -27.33 8.69
C PRO H 348 -46.18 -27.61 9.97
N GLU H 349 -47.45 -27.22 9.96
CA GLU H 349 -48.34 -27.44 11.10
C GLU H 349 -48.42 -28.91 11.48
N LYS H 350 -48.21 -29.80 10.52
CA LYS H 350 -48.27 -31.24 10.79
C LYS H 350 -47.10 -31.72 11.63
N ASP H 351 -46.00 -30.97 11.67
CA ASP H 351 -44.77 -31.48 12.30
C ASP H 351 -45.01 -31.89 13.74
N ALA H 352 -44.52 -33.07 14.09
CA ALA H 352 -44.77 -33.61 15.43
C ALA H 352 -44.12 -32.75 16.51
N ASP H 353 -42.86 -32.35 16.29
CA ASP H 353 -42.15 -31.55 17.27
C ASP H 353 -42.83 -30.21 17.50
N LEU H 354 -43.39 -29.60 16.44
CA LEU H 354 -44.05 -28.31 16.58
C LEU H 354 -45.33 -28.42 17.42
N GLN H 355 -46.16 -29.42 17.12
CA GLN H 355 -47.38 -29.62 17.92
C GLN H 355 -47.02 -29.93 19.37
N LEU H 356 -45.96 -30.70 19.57
CA LEU H 356 -45.47 -30.97 20.92
C LEU H 356 -45.08 -29.67 21.63
N ALA H 357 -44.37 -28.79 20.91
CA ALA H 357 -43.97 -27.51 21.48
C ALA H 357 -45.17 -26.64 21.85
N ILE H 358 -46.21 -26.63 21.00
CA ILE H 358 -47.40 -25.85 21.35
C ILE H 358 -48.06 -26.40 22.61
N GLN H 359 -48.18 -27.73 22.68
CA GLN H 359 -48.78 -28.35 23.85
C GLN H 359 -48.01 -27.98 25.11
N LYS H 360 -46.68 -28.13 25.06
CA LYS H 360 -45.82 -27.76 26.18
C LYS H 360 -45.91 -26.27 26.49
N GLU H 361 -46.10 -25.43 25.47
CA GLU H 361 -46.20 -24.00 25.68
C GLU H 361 -47.45 -23.64 26.47
N ALA H 362 -48.58 -24.28 26.15
CA ALA H 362 -49.80 -24.04 26.91
C ALA H 362 -49.65 -24.38 28.37
N GLU H 363 -48.63 -25.18 28.72
CA GLU H 363 -48.37 -25.61 30.08
C GLU H 363 -47.28 -24.78 30.77
N GLY H 364 -46.74 -23.77 30.11
CA GLY H 364 -45.72 -22.95 30.70
C GLY H 364 -44.30 -23.28 30.31
N GLU H 365 -44.10 -24.11 29.28
CA GLU H 365 -42.75 -24.48 28.88
C GLU H 365 -42.21 -23.50 27.85
N ASP H 366 -40.90 -23.23 27.95
CA ASP H 366 -40.25 -22.30 27.04
C ASP H 366 -39.94 -23.00 25.73
N TYR H 367 -40.19 -22.33 24.61
CA TYR H 367 -39.95 -22.93 23.30
C TYR H 367 -38.69 -22.39 22.63
N SER H 368 -37.96 -21.49 23.29
CA SER H 368 -36.83 -20.83 22.65
C SER H 368 -35.78 -21.82 22.18
N ASN H 369 -35.74 -22.99 22.79
CA ASN H 369 -34.77 -24.03 22.49
C ASN H 369 -35.24 -24.97 21.41
N LEU H 370 -36.43 -24.74 20.84
CA LEU H 370 -36.98 -25.63 19.82
C LEU H 370 -36.12 -25.66 18.56
N GLY H 371 -35.30 -24.64 18.33
CA GLY H 371 -34.48 -24.63 17.14
C GLY H 371 -34.60 -23.30 16.43
N TYR H 372 -33.52 -22.51 16.45
CA TYR H 372 -33.61 -21.17 15.90
C TYR H 372 -33.98 -21.19 14.41
N TRP H 373 -33.72 -22.30 13.75
CA TRP H 373 -33.97 -22.41 12.32
C TRP H 373 -35.42 -22.78 12.00
N ARG H 374 -36.27 -22.89 13.00
CA ARG H 374 -37.64 -23.32 12.78
C ARG H 374 -38.69 -22.53 13.54
N ILE H 375 -38.31 -21.51 14.31
CA ILE H 375 -39.25 -20.67 15.03
C ILE H 375 -38.84 -19.21 14.83
N THR H 376 -39.82 -18.32 14.84
CA THR H 376 -39.54 -16.89 14.95
C THR H 376 -39.33 -16.52 16.42
N LYS H 377 -38.20 -15.86 16.74
CA LYS H 377 -37.90 -15.57 18.15
C LYS H 377 -39.01 -14.81 18.82
N LYS H 378 -39.06 -14.95 20.14
CA LYS H 378 -40.05 -14.27 20.94
C LYS H 378 -39.71 -12.78 21.02
N MET H 379 -40.76 -11.97 21.03
CA MET H 379 -40.60 -10.52 21.15
C MET H 379 -41.18 -10.08 22.48
N CYS H 380 -40.56 -9.04 23.07
CA CYS H 380 -40.92 -8.70 24.44
C CYS H 380 -41.89 -7.52 24.50
N PRO H 381 -42.95 -7.68 25.28
CA PRO H 381 -43.86 -6.56 25.54
C PRO H 381 -43.25 -5.60 26.55
N ILE H 382 -43.36 -4.32 26.25
CA ILE H 382 -42.87 -3.25 27.11
C ILE H 382 -44.09 -2.47 27.60
N ILE H 383 -44.22 -2.34 28.91
CA ILE H 383 -45.44 -1.82 29.53
C ILE H 383 -45.14 -0.51 30.23
N SER H 384 -45.72 0.58 29.72
CA SER H 384 -45.40 1.91 30.23
C SER H 384 -46.60 2.83 30.04
N GLY H 385 -46.62 3.90 30.83
CA GLY H 385 -47.65 4.91 30.68
C GLY H 385 -48.60 4.99 31.85
N GLY H 386 -48.31 5.92 32.77
CA GLY H 386 -49.17 6.19 33.90
C GLY H 386 -49.17 5.14 34.99
N LEU H 387 -48.20 4.23 35.00
CA LEU H 387 -48.11 3.20 36.02
C LEU H 387 -47.29 3.69 37.21
N ASN H 388 -47.63 3.14 38.36
CA ASN H 388 -46.89 3.38 39.60
C ASN H 388 -46.98 2.10 40.41
N PRO H 389 -46.13 1.95 41.46
CA PRO H 389 -46.00 0.63 42.12
C PRO H 389 -47.31 -0.05 42.49
N LEU H 390 -48.38 0.71 42.68
CA LEU H 390 -49.63 0.14 43.16
C LEU H 390 -50.33 -0.70 42.11
N LEU H 391 -50.00 -0.51 40.84
CA LEU H 391 -50.68 -1.12 39.71
C LEU H 391 -49.92 -2.29 39.11
N ILE H 392 -48.67 -2.51 39.53
CA ILE H 392 -47.88 -3.57 38.93
C ILE H 392 -48.56 -4.92 39.16
N GLY H 393 -49.05 -5.15 40.39
CA GLY H 393 -49.73 -6.41 40.67
C GLY H 393 -50.99 -6.57 39.85
N LYS H 394 -51.81 -5.53 39.79
CA LYS H 394 -53.02 -5.55 38.97
C LYS H 394 -52.70 -5.93 37.53
N PHE H 395 -51.62 -5.35 36.98
CA PHE H 395 -51.25 -5.65 35.61
C PHE H 395 -50.82 -7.10 35.46
N ILE H 396 -49.92 -7.56 36.34
CA ILE H 396 -49.46 -8.95 36.28
C ILE H 396 -50.63 -9.91 36.35
N ASP H 397 -51.62 -9.59 37.19
CA ASP H 397 -52.82 -10.41 37.27
C ASP H 397 -53.57 -10.42 35.95
N THR H 398 -53.64 -9.27 35.27
CA THR H 398 -54.41 -9.20 34.04
C THR H 398 -53.73 -9.95 32.89
N VAL H 399 -52.40 -9.84 32.79
CA VAL H 399 -51.69 -10.37 31.63
C VAL H 399 -51.42 -11.86 31.74
N GLY H 400 -51.22 -12.38 32.95
CA GLY H 400 -50.98 -13.80 33.09
C GLY H 400 -49.58 -14.26 32.76
N THR H 401 -48.59 -13.37 32.86
CA THR H 401 -47.20 -13.76 32.64
C THR H 401 -46.30 -12.74 33.33
N GLN H 402 -45.00 -13.06 33.36
CA GLN H 402 -44.01 -12.16 33.95
C GLN H 402 -42.86 -11.87 32.98
N ASP H 403 -42.96 -12.33 31.73
CA ASP H 403 -41.98 -12.05 30.67
C ASP H 403 -42.25 -10.69 30.04
N PHE H 404 -41.85 -9.62 30.73
CA PHE H 404 -41.98 -8.30 30.14
C PHE H 404 -41.07 -7.33 30.87
N ILE H 405 -40.87 -6.17 30.24
CA ILE H 405 -40.26 -5.02 30.88
C ILE H 405 -41.37 -4.01 31.16
N THR H 406 -41.51 -3.62 32.42
CA THR H 406 -42.31 -2.46 32.77
C THR H 406 -41.33 -1.31 32.96
N THR H 407 -41.71 -0.12 32.48
CA THR H 407 -40.89 1.06 32.68
C THR H 407 -41.78 2.19 33.19
N MET H 408 -41.30 2.87 34.22
CA MET H 408 -42.07 3.87 34.95
C MET H 408 -41.35 5.20 34.94
N GLY H 409 -42.09 6.26 34.67
CA GLY H 409 -41.52 7.58 34.74
C GLY H 409 -41.86 8.35 35.99
N ALA H 410 -43.04 8.95 35.99
CA ALA H 410 -43.48 9.67 37.18
C ALA H 410 -43.80 8.71 38.31
N GLY H 411 -44.15 7.46 37.99
CA GLY H 411 -44.33 6.46 39.03
C GLY H 411 -43.09 6.21 39.86
N VAL H 412 -41.93 6.72 39.42
CA VAL H 412 -40.67 6.59 40.14
C VAL H 412 -40.11 7.96 40.52
N HIS H 413 -40.02 8.87 39.55
CA HIS H 413 -39.37 10.15 39.72
C HIS H 413 -40.23 11.19 40.44
N SER H 414 -41.53 10.93 40.61
CA SER H 414 -42.38 11.78 41.41
C SER H 414 -42.63 11.22 42.80
N HIS H 415 -42.01 10.10 43.16
CA HIS H 415 -42.15 9.54 44.49
C HIS H 415 -41.63 10.55 45.51
N PRO H 416 -42.35 10.80 46.61
CA PRO H 416 -41.97 11.91 47.51
C PRO H 416 -40.54 11.89 48.02
N MET H 417 -39.91 10.72 48.15
CA MET H 417 -38.55 10.66 48.68
C MET H 417 -37.47 10.51 47.60
N GLY H 418 -37.84 10.63 46.33
CA GLY H 418 -36.85 10.61 45.27
C GLY H 418 -36.89 9.33 44.45
N THR H 419 -36.00 9.29 43.47
CA THR H 419 -35.96 8.19 42.50
C THR H 419 -35.63 6.87 43.17
N LYS H 420 -34.58 6.85 44.01
CA LYS H 420 -34.18 5.63 44.70
C LYS H 420 -35.35 5.03 45.47
N ALA H 421 -36.10 5.87 46.18
CA ALA H 421 -37.27 5.41 46.91
C ALA H 421 -38.35 4.88 45.96
N GLY H 422 -38.54 5.54 44.81
CA GLY H 422 -39.52 5.06 43.84
C GLY H 422 -39.17 3.68 43.31
N ALA H 423 -37.89 3.43 43.02
CA ALA H 423 -37.47 2.12 42.57
C ALA H 423 -37.66 1.08 43.68
N THR H 424 -37.25 1.41 44.90
CA THR H 424 -37.50 0.49 46.00
C THR H 424 -38.99 0.22 46.19
N ALA H 425 -39.83 1.23 45.93
CA ALA H 425 -41.27 1.08 46.10
C ALA H 425 -41.86 0.15 45.06
N VAL H 426 -41.38 0.24 43.81
CA VAL H 426 -41.87 -0.70 42.81
C VAL H 426 -41.39 -2.11 43.17
N LEU H 427 -40.17 -2.23 43.70
CA LEU H 427 -39.71 -3.56 44.09
C LEU H 427 -40.59 -4.13 45.19
N GLN H 428 -40.94 -3.30 46.18
CA GLN H 428 -41.75 -3.76 47.30
C GLN H 428 -43.18 -4.08 46.86
N ALA H 429 -43.73 -3.31 45.91
CA ALA H 429 -45.07 -3.62 45.45
C ALA H 429 -45.11 -4.96 44.73
N TYR H 430 -44.08 -5.25 43.93
CA TYR H 430 -44.03 -6.59 43.34
C TYR H 430 -43.82 -7.66 44.40
N GLU H 431 -42.96 -7.39 45.38
CA GLU H 431 -42.73 -8.34 46.46
C GLU H 431 -44.02 -8.66 47.19
N ALA H 432 -44.84 -7.63 47.42
CA ALA H 432 -46.15 -7.83 48.04
C ALA H 432 -47.05 -8.70 47.17
N TRP H 433 -47.07 -8.44 45.86
CA TRP H 433 -47.91 -9.25 44.98
C TRP H 433 -47.45 -10.70 44.98
N LYS H 434 -46.13 -10.93 45.01
CA LYS H 434 -45.58 -12.27 44.92
C LYS H 434 -45.95 -13.12 46.11
N GLN H 435 -46.05 -12.51 47.29
CA GLN H 435 -46.37 -13.24 48.52
C GLN H 435 -47.86 -13.24 48.84
N LYS H 436 -48.70 -12.74 47.92
CA LYS H 436 -50.14 -12.70 48.12
C LYS H 436 -50.53 -11.86 49.33
N ILE H 437 -49.78 -10.80 49.60
CA ILE H 437 -50.08 -9.84 50.65
C ILE H 437 -50.57 -8.55 50.00
N SER H 438 -51.61 -7.95 50.60
CA SER H 438 -52.10 -6.68 50.12
C SER H 438 -51.05 -5.59 50.30
N LEU H 439 -51.12 -4.56 49.45
CA LEU H 439 -50.14 -3.48 49.53
C LEU H 439 -50.21 -2.73 50.86
N GLU H 440 -51.40 -2.61 51.46
CA GLU H 440 -51.54 -1.94 52.74
C GLU H 440 -50.87 -2.73 53.87
N ASP H 441 -51.19 -4.03 53.97
CA ASP H 441 -50.60 -4.86 55.00
C ASP H 441 -49.10 -4.97 54.81
N TYR H 442 -48.65 -5.16 53.57
CA TYR H 442 -47.21 -5.20 53.35
C TYR H 442 -46.59 -3.86 53.72
N ALA H 443 -47.23 -2.75 53.35
CA ALA H 443 -46.65 -1.43 53.55
C ALA H 443 -46.58 -1.00 55.01
N LYS H 444 -47.23 -1.75 55.90
CA LYS H 444 -47.15 -1.40 57.31
C LYS H 444 -45.70 -1.27 57.80
N ASP H 445 -44.76 -2.06 57.25
CA ASP H 445 -43.35 -1.92 57.62
C ASP H 445 -42.45 -1.57 56.43
N LYS H 446 -42.98 -1.02 55.35
CA LYS H 446 -42.16 -0.56 54.23
C LYS H 446 -42.44 0.92 53.99
N GLU H 447 -41.43 1.74 54.26
CA GLU H 447 -41.54 3.19 54.17
C GLU H 447 -41.80 3.65 52.74
N GLU H 448 -41.05 3.11 51.79
CA GLU H 448 -41.18 3.53 50.39
C GLU H 448 -42.55 3.17 49.82
N LEU H 449 -42.97 1.91 50.00
CA LEU H 449 -44.26 1.47 49.47
C LEU H 449 -45.40 2.24 50.13
N ARG H 450 -45.30 2.50 51.44
CA ARG H 450 -46.32 3.28 52.13
C ARG H 450 -46.43 4.70 51.56
N ALA H 451 -45.28 5.34 51.30
CA ALA H 451 -45.32 6.67 50.72
C ALA H 451 -45.88 6.64 49.30
N ALA H 452 -45.59 5.57 48.54
CA ALA H 452 -46.20 5.42 47.23
C ALA H 452 -47.70 5.28 47.35
N ILE H 453 -48.17 4.58 48.38
CA ILE H 453 -49.61 4.46 48.58
C ILE H 453 -50.21 5.85 48.79
N GLN H 454 -49.61 6.61 49.71
CA GLN H 454 -50.21 7.91 50.04
C GLN H 454 -50.17 8.87 48.86
N PHE H 455 -49.07 8.86 48.09
CA PHE H 455 -48.92 9.82 47.01
C PHE H 455 -49.77 9.49 45.80
N TYR H 456 -49.82 8.22 45.40
CA TYR H 456 -50.45 7.88 44.12
C TYR H 456 -51.94 7.55 44.24
N ASP H 457 -52.50 7.49 45.45
CA ASP H 457 -53.93 7.24 45.57
C ASP H 457 -54.68 8.52 45.20
N MET I 1 -55.23 18.97 36.78
CA MET I 1 -54.72 20.12 36.05
C MET I 1 -53.22 20.20 36.25
N GLN I 2 -52.46 20.32 35.18
CA GLN I 2 -51.02 20.51 35.33
C GLN I 2 -50.79 21.97 35.00
N LYS I 3 -50.74 22.79 36.05
CA LYS I 3 -50.74 24.25 35.90
C LYS I 3 -49.47 24.79 35.30
N GLU I 4 -48.34 24.10 35.48
CA GLU I 4 -47.05 24.65 35.04
C GLU I 4 -46.94 24.77 33.52
N TYR I 5 -47.88 24.19 32.77
CA TYR I 5 -47.87 24.28 31.32
C TYR I 5 -48.92 25.24 30.76
N ILE I 6 -49.62 25.96 31.63
CA ILE I 6 -50.62 26.95 31.25
C ILE I 6 -50.07 28.32 31.59
N GLN I 7 -49.79 29.12 30.55
CA GLN I 7 -49.38 30.50 30.72
C GLN I 7 -50.10 31.28 29.62
N ILE I 8 -51.43 31.37 29.74
CA ILE I 8 -52.24 32.00 28.70
C ILE I 8 -51.82 33.45 28.48
N GLY I 9 -51.73 33.83 27.21
CA GLY I 9 -51.39 35.19 26.86
C GLY I 9 -49.94 35.55 27.03
N ASN I 10 -49.06 34.57 27.24
CA ASN I 10 -47.63 34.82 27.38
C ASN I 10 -47.10 35.44 26.10
N PRO I 11 -46.60 36.68 26.15
CA PRO I 11 -46.11 37.33 24.93
C PRO I 11 -44.72 36.88 24.52
N ASN I 12 -44.05 36.05 25.31
CA ASN I 12 -42.71 35.60 24.96
C ASN I 12 -42.72 34.43 24.00
N VAL I 13 -43.89 33.89 23.67
CA VAL I 13 -43.96 32.78 22.75
C VAL I 13 -43.71 33.22 21.31
N PHE I 14 -43.70 34.52 21.05
CA PHE I 14 -43.48 35.01 19.69
C PHE I 14 -42.07 35.59 19.48
N ASN I 15 -41.10 35.24 20.33
CA ASN I 15 -39.78 35.84 20.23
C ASN I 15 -38.82 34.99 19.41
N GLY I 16 -39.33 33.97 18.71
CA GLY I 16 -38.52 33.13 17.85
C GLY I 16 -37.92 31.91 18.50
N GLN I 17 -38.06 31.74 19.82
CA GLN I 17 -37.56 30.55 20.50
C GLN I 17 -38.56 29.41 20.52
N TYR I 18 -39.78 29.60 20.05
CA TYR I 18 -40.82 28.59 20.15
C TYR I 18 -41.38 28.27 18.77
N MET I 19 -41.53 26.98 18.49
CA MET I 19 -42.39 26.51 17.42
C MET I 19 -43.82 26.45 17.92
N LEU I 20 -44.73 27.03 17.16
CA LEU I 20 -46.12 27.12 17.59
C LEU I 20 -46.94 26.07 16.85
N ALA I 21 -47.97 25.60 17.52
CA ALA I 21 -48.83 24.60 16.92
C ALA I 21 -50.24 24.81 17.47
N VAL I 22 -51.22 24.44 16.66
CA VAL I 22 -52.62 24.49 17.07
C VAL I 22 -53.13 23.06 17.17
N PHE I 23 -53.70 22.73 18.31
CA PHE I 23 -54.36 21.46 18.51
C PHE I 23 -55.84 21.76 18.65
N ARG I 24 -56.67 20.91 18.07
CA ARG I 24 -58.07 20.85 18.44
C ARG I 24 -58.20 19.67 19.39
N LEU I 25 -58.61 19.97 20.62
CA LEU I 25 -58.54 19.05 21.75
C LEU I 25 -59.93 18.71 22.29
N GLN I 26 -60.08 17.47 22.71
CA GLN I 26 -61.26 17.04 23.45
C GLN I 26 -60.87 15.93 24.40
N GLY I 27 -60.99 16.21 25.72
CA GLY I 27 -60.64 15.27 26.75
C GLY I 27 -61.77 14.34 27.16
N GLU I 28 -61.44 13.39 28.04
CA GLU I 28 -62.38 12.40 28.53
C GLU I 28 -63.51 13.06 29.31
N GLU I 29 -64.55 12.26 29.62
CA GLU I 29 -65.71 12.78 30.34
C GLU I 29 -65.26 13.38 31.67
N GLY I 30 -65.55 14.66 31.86
CA GLY I 30 -65.20 15.37 33.07
C GLY I 30 -64.05 16.34 32.90
N MET I 31 -63.23 16.16 31.86
CA MET I 31 -62.08 17.02 31.63
C MET I 31 -62.45 18.18 30.72
N THR I 32 -62.20 19.39 31.19
CA THR I 32 -62.39 20.58 30.37
C THR I 32 -61.25 20.70 29.36
N LEU I 33 -61.40 21.68 28.47
CA LEU I 33 -60.42 21.89 27.41
C LEU I 33 -59.04 22.22 27.99
N VAL I 34 -58.99 23.03 29.07
CA VAL I 34 -57.70 23.42 29.64
C VAL I 34 -57.01 22.25 30.32
N ASP I 35 -57.79 21.28 30.83
CA ASP I 35 -57.15 20.10 31.39
C ASP I 35 -56.39 19.31 30.33
N THR I 36 -57.08 18.98 29.23
CA THR I 36 -56.48 18.30 28.09
C THR I 36 -55.31 19.09 27.52
N ALA I 37 -55.40 20.42 27.57
CA ALA I 37 -54.30 21.26 27.08
C ALA I 37 -53.08 21.17 28.00
N SER I 38 -53.30 21.17 29.32
CA SER I 38 -52.18 21.04 30.24
C SER I 38 -51.51 19.68 30.08
N GLU I 39 -52.32 18.62 29.98
CA GLU I 39 -51.76 17.28 29.93
C GLU I 39 -51.06 17.02 28.59
N VAL I 40 -51.60 17.55 27.49
CA VAL I 40 -50.97 17.39 26.20
C VAL I 40 -49.67 18.18 26.14
N ALA I 41 -49.68 19.43 26.63
CA ALA I 41 -48.46 20.22 26.71
C ALA I 41 -47.41 19.53 27.57
N ALA I 42 -47.86 18.85 28.63
CA ALA I 42 -46.92 18.12 29.49
C ALA I 42 -46.31 16.95 28.73
N GLU I 43 -47.15 16.14 28.08
CA GLU I 43 -46.66 14.96 27.39
C GLU I 43 -45.96 15.29 26.07
N SER I 44 -46.02 16.54 25.62
CA SER I 44 -45.35 16.95 24.40
C SER I 44 -44.14 17.83 24.66
N SER I 45 -43.68 17.94 25.91
CA SER I 45 -42.45 18.66 26.19
C SER I 45 -41.67 18.02 27.34
N THR I 46 -41.99 18.42 28.57
CA THR I 46 -41.15 18.13 29.72
C THR I 46 -41.81 17.27 30.79
N GLY I 47 -43.11 16.97 30.69
CA GLY I 47 -43.82 16.41 31.81
C GLY I 47 -44.30 14.99 31.57
N SER I 48 -45.26 14.59 32.39
CA SER I 48 -45.86 13.26 32.34
C SER I 48 -47.30 13.38 32.83
N PHE I 49 -47.89 12.27 33.29
CA PHE I 49 -49.28 12.32 33.72
C PHE I 49 -49.45 12.98 35.07
N VAL I 50 -48.36 13.23 35.79
CA VAL I 50 -48.38 13.99 37.03
C VAL I 50 -47.11 14.83 37.03
N LYS I 51 -47.13 15.90 37.83
CA LYS I 51 -45.98 16.79 37.94
C LYS I 51 -44.71 16.02 38.24
N ILE I 52 -43.63 16.36 37.54
CA ILE I 52 -42.36 15.64 37.65
C ILE I 52 -41.57 16.20 38.82
N GLY I 53 -41.35 15.37 39.83
CA GLY I 53 -40.63 15.81 41.01
C GLY I 53 -39.16 16.08 40.78
N THR I 54 -38.59 15.52 39.72
CA THR I 54 -37.17 15.69 39.42
C THR I 54 -36.88 16.86 38.48
N ALA I 55 -37.88 17.68 38.14
CA ALA I 55 -37.64 18.81 37.25
C ALA I 55 -36.75 19.84 37.92
N THR I 56 -35.90 20.48 37.11
CA THR I 56 -35.04 21.57 37.56
C THR I 56 -35.51 22.88 36.94
N ALA I 57 -35.02 23.99 37.51
CA ALA I 57 -35.35 25.32 36.98
C ALA I 57 -35.05 25.42 35.48
N PHE I 58 -33.92 24.87 35.05
CA PHE I 58 -33.61 24.80 33.62
C PHE I 58 -34.72 24.06 32.86
N SER I 59 -35.04 22.84 33.30
CA SER I 59 -36.05 22.05 32.60
C SER I 59 -37.40 22.73 32.65
N GLU I 60 -37.69 23.42 33.74
CA GLU I 60 -38.92 24.19 33.82
C GLU I 60 -38.88 25.38 32.86
N SER I 61 -37.68 25.87 32.56
CA SER I 61 -37.54 26.92 31.55
C SER I 61 -37.73 26.41 30.14
N LEU I 62 -37.61 25.09 29.92
CA LEU I 62 -37.85 24.53 28.58
C LEU I 62 -39.21 23.85 28.43
N ASP I 63 -40.18 24.21 29.27
CA ASP I 63 -41.53 23.66 29.15
C ASP I 63 -42.26 24.19 27.91
N ALA I 64 -43.16 23.36 27.37
CA ALA I 64 -44.14 23.84 26.41
C ALA I 64 -45.27 24.59 27.11
N LEU I 65 -45.81 25.59 26.42
CA LEU I 65 -46.78 26.53 26.97
C LEU I 65 -48.07 26.54 26.16
N VAL I 66 -49.19 26.26 26.83
CA VAL I 66 -50.51 26.53 26.29
C VAL I 66 -50.78 28.02 26.52
N TYR I 67 -50.78 28.81 25.44
CA TYR I 67 -50.86 30.27 25.60
C TYR I 67 -52.15 30.89 25.06
N ARG I 68 -52.99 30.13 24.38
CA ARG I 68 -54.25 30.68 23.90
C ARG I 68 -55.24 29.54 23.73
N ILE I 69 -56.52 29.84 23.95
CA ILE I 69 -57.60 28.87 23.92
C ILE I 69 -58.79 29.42 23.13
N ASP I 70 -59.46 28.53 22.41
CA ASP I 70 -60.73 28.80 21.75
C ASP I 70 -61.71 27.77 22.29
N GLU I 71 -62.49 28.20 23.28
CA GLU I 71 -63.44 27.30 23.91
C GLU I 71 -64.49 26.86 22.91
N LYS I 72 -64.84 27.77 22.00
CA LYS I 72 -65.94 27.50 21.07
C LYS I 72 -65.58 26.42 20.06
N ASN I 73 -64.36 26.41 19.53
CA ASN I 73 -63.99 25.43 18.53
C ASN I 73 -63.08 24.34 19.07
N ASN I 74 -62.89 24.28 20.39
CA ASN I 74 -62.02 23.29 21.03
C ASN I 74 -60.58 23.42 20.55
N LEU I 75 -60.05 24.64 20.53
CA LEU I 75 -58.68 24.85 20.08
C LEU I 75 -57.76 25.32 21.20
N VAL I 76 -56.49 24.94 21.09
CA VAL I 76 -55.44 25.34 22.02
C VAL I 76 -54.17 25.59 21.22
N TRP I 77 -53.51 26.72 21.49
CA TRP I 77 -52.25 27.08 20.86
C TRP I 77 -51.16 26.71 21.84
N ILE I 78 -50.24 25.84 21.43
CA ILE I 78 -49.16 25.39 22.28
C ILE I 78 -47.83 25.81 21.66
N ALA I 79 -46.92 26.26 22.52
CA ALA I 79 -45.60 26.72 22.11
C ALA I 79 -44.55 25.77 22.65
N TYR I 80 -43.64 25.33 21.79
CA TYR I 80 -42.60 24.37 22.12
C TYR I 80 -41.25 25.04 21.95
N PRO I 81 -40.43 25.17 23.01
CA PRO I 81 -39.08 25.72 22.79
C PRO I 81 -38.30 24.86 21.83
N TRP I 82 -38.03 25.36 20.61
CA TRP I 82 -37.39 24.49 19.62
C TRP I 82 -35.97 24.11 20.02
N ARG I 83 -35.48 24.64 21.15
CA ARG I 83 -34.22 24.15 21.70
C ARG I 83 -34.34 22.71 22.18
N ILE I 84 -35.56 22.27 22.53
CA ILE I 84 -35.72 20.90 23.02
C ILE I 84 -35.71 19.89 21.90
N PHE I 85 -35.85 20.32 20.65
CA PHE I 85 -35.81 19.39 19.53
C PHE I 85 -34.39 18.88 19.35
N ASP I 86 -34.27 17.63 18.90
CA ASP I 86 -32.96 17.07 18.61
C ASP I 86 -32.23 17.94 17.60
N ARG I 87 -30.93 18.15 17.82
CA ARG I 87 -30.15 18.95 16.90
C ARG I 87 -29.80 18.13 15.66
N GLY I 88 -29.13 18.78 14.71
CA GLY I 88 -28.88 18.18 13.42
C GLY I 88 -30.10 18.13 12.53
N GLY I 89 -31.06 19.04 12.74
CA GLY I 89 -32.26 19.07 11.92
C GLY I 89 -33.07 17.79 11.93
N ASN I 90 -33.25 17.19 13.11
CA ASN I 90 -33.99 15.93 13.24
C ASN I 90 -35.48 16.25 13.21
N VAL I 91 -36.16 15.83 12.15
CA VAL I 91 -37.58 16.12 12.00
C VAL I 91 -38.45 15.03 12.64
N GLN I 92 -38.02 13.77 12.50
CA GLN I 92 -38.69 12.66 13.17
C GLN I 92 -38.78 12.89 14.68
N ASN I 93 -37.80 13.59 15.25
CA ASN I 93 -37.81 13.89 16.68
C ASN I 93 -38.91 14.88 17.03
N ILE I 94 -39.07 15.93 16.22
CA ILE I 94 -40.19 16.85 16.37
C ILE I 94 -41.50 16.09 16.33
N MET I 95 -41.61 15.16 15.36
CA MET I 95 -42.82 14.36 15.22
C MET I 95 -43.08 13.51 16.46
N THR I 96 -42.02 13.04 17.12
CA THR I 96 -42.23 12.29 18.37
C THR I 96 -42.74 13.20 19.47
N PHE I 97 -42.17 14.40 19.58
CA PHE I 97 -42.62 15.36 20.59
C PHE I 97 -44.10 15.64 20.43
N ILE I 98 -44.48 16.23 19.30
CA ILE I 98 -45.81 16.83 19.15
C ILE I 98 -46.86 15.90 18.58
N ALA I 99 -46.47 14.83 17.89
CA ALA I 99 -47.40 13.89 17.28
C ALA I 99 -47.07 12.47 17.69
N GLY I 100 -46.59 12.29 18.92
CA GLY I 100 -46.18 11.00 19.41
C GLY I 100 -47.10 10.41 20.46
N ASN I 101 -46.62 10.40 21.71
CA ASN I 101 -47.39 9.77 22.79
C ASN I 101 -48.74 10.44 23.02
N VAL I 102 -48.84 11.73 22.70
CA VAL I 102 -50.09 12.45 22.92
C VAL I 102 -51.23 11.87 22.10
N PHE I 103 -50.92 11.16 21.02
CA PHE I 103 -51.94 10.51 20.19
C PHE I 103 -52.47 9.23 20.81
N GLY I 104 -51.89 8.75 21.90
CA GLY I 104 -52.37 7.53 22.52
C GLY I 104 -52.99 7.73 23.89
N MET I 105 -53.03 8.97 24.38
CA MET I 105 -53.53 9.24 25.72
C MET I 105 -55.00 8.87 25.85
N ALA I 106 -55.31 8.00 26.82
CA ALA I 106 -56.69 7.56 27.04
C ALA I 106 -57.60 8.73 27.41
N SER I 107 -57.04 9.75 28.06
CA SER I 107 -57.82 10.91 28.51
C SER I 107 -58.09 11.90 27.39
N VAL I 108 -57.60 11.66 26.17
CA VAL I 108 -57.78 12.54 25.04
C VAL I 108 -58.62 11.83 23.98
N LYS I 109 -59.81 12.36 23.71
CA LYS I 109 -60.66 11.79 22.66
C LYS I 109 -60.41 12.45 21.32
N VAL I 110 -59.97 13.70 21.31
CA VAL I 110 -59.61 14.41 20.09
C VAL I 110 -58.29 15.14 20.32
N CYS I 111 -57.34 14.95 19.40
CA CYS I 111 -56.05 15.62 19.46
C CYS I 111 -55.58 15.77 18.01
N LYS I 112 -55.98 16.87 17.38
CA LYS I 112 -55.71 17.04 15.95
C LYS I 112 -54.91 18.30 15.74
N ILE I 113 -53.68 18.15 15.26
CA ILE I 113 -52.83 19.29 14.92
C ILE I 113 -53.33 19.86 13.61
N LEU I 114 -53.64 21.16 13.62
CA LEU I 114 -54.29 21.81 12.49
C LEU I 114 -53.38 22.76 11.72
N ASP I 115 -52.35 23.29 12.36
CA ASP I 115 -51.45 24.25 11.74
C ASP I 115 -50.21 24.36 12.60
N VAL I 116 -49.12 24.79 11.99
CA VAL I 116 -47.83 24.91 12.64
C VAL I 116 -47.06 26.07 12.05
N TYR I 117 -46.28 26.75 12.89
CA TYR I 117 -45.48 27.89 12.48
C TYR I 117 -44.02 27.62 12.81
N PHE I 118 -43.15 27.90 11.85
CA PHE I 118 -41.71 27.80 12.05
C PHE I 118 -41.14 29.20 12.03
N PRO I 119 -40.60 29.70 13.15
CA PRO I 119 -39.97 31.02 13.13
C PRO I 119 -38.67 30.99 12.35
N PRO I 120 -38.21 32.14 11.82
CA PRO I 120 -36.95 32.12 11.06
C PRO I 120 -35.81 31.52 11.86
N GLN I 121 -35.82 31.80 13.17
CA GLN I 121 -34.85 31.23 14.08
C GLN I 121 -34.91 29.72 14.06
N MET I 122 -36.10 29.17 13.83
CA MET I 122 -36.21 27.73 13.69
C MET I 122 -35.83 27.27 12.28
N LEU I 123 -36.26 28.00 11.24
CA LEU I 123 -35.92 27.59 9.87
C LEU I 123 -34.41 27.44 9.67
N VAL I 124 -33.60 28.24 10.37
CA VAL I 124 -32.15 28.14 10.19
C VAL I 124 -31.64 26.71 10.41
N GLN I 125 -32.27 25.96 11.31
CA GLN I 125 -31.74 24.67 11.79
C GLN I 125 -32.07 23.47 10.89
N TYR I 126 -32.79 23.62 9.78
CA TYR I 126 -33.27 22.47 9.02
C TYR I 126 -32.82 22.56 7.57
N ASP I 127 -32.92 21.43 6.87
CA ASP I 127 -32.37 21.33 5.51
C ASP I 127 -33.14 22.21 4.54
N GLY I 128 -34.45 21.99 4.43
CA GLY I 128 -35.21 22.54 3.34
C GLY I 128 -34.87 21.85 2.04
N PRO I 129 -35.67 22.08 0.99
CA PRO I 129 -35.40 21.44 -0.30
C PRO I 129 -34.07 21.92 -0.89
N GLU I 130 -33.53 21.10 -1.77
CA GLU I 130 -32.32 21.47 -2.51
C GLU I 130 -32.48 21.36 -4.02
N TYR I 131 -33.11 20.30 -4.50
CA TYR I 131 -33.45 20.16 -5.91
C TYR I 131 -34.93 20.50 -6.04
N THR I 132 -35.25 21.45 -6.91
CA THR I 132 -36.61 21.97 -6.97
C THR I 132 -37.25 21.62 -8.31
N ILE I 133 -38.53 21.99 -8.43
CA ILE I 133 -39.24 21.82 -9.68
C ILE I 133 -38.57 22.61 -10.81
N ASP I 134 -37.98 23.77 -10.47
CA ASP I 134 -37.30 24.59 -11.47
C ASP I 134 -36.09 23.84 -12.05
N ASP I 135 -35.33 23.18 -11.18
CA ASP I 135 -34.18 22.39 -11.63
C ASP I 135 -34.62 21.30 -12.61
N MET I 136 -35.74 20.64 -12.31
CA MET I 136 -36.23 19.61 -13.21
C MET I 136 -36.75 20.19 -14.52
N ARG I 137 -37.44 21.34 -14.46
CA ARG I 137 -37.88 22.02 -15.68
C ARG I 137 -36.71 22.27 -16.61
N LYS I 138 -35.60 22.78 -16.07
CA LYS I 138 -34.42 23.01 -16.90
C LYS I 138 -33.99 21.76 -17.66
N TYR I 139 -33.94 20.61 -16.98
CA TYR I 139 -33.56 19.39 -17.68
C TYR I 139 -34.59 19.01 -18.74
N LEU I 140 -35.88 19.10 -18.41
CA LEU I 140 -36.93 18.73 -19.37
C LEU I 140 -37.11 19.77 -20.46
N ASN I 141 -36.60 20.98 -20.24
CA ASN I 141 -36.73 22.08 -21.18
C ASN I 141 -38.20 22.37 -21.50
N ILE I 142 -39.03 22.39 -20.46
CA ILE I 142 -40.44 22.79 -20.57
C ILE I 142 -40.66 23.92 -19.58
N GLN I 143 -41.27 25.00 -20.04
CA GLN I 143 -41.50 26.16 -19.20
C GLN I 143 -42.98 26.43 -19.01
N GLU I 144 -43.30 26.93 -17.81
CA GLU I 144 -44.58 27.51 -17.43
C GLU I 144 -45.64 26.42 -17.25
N ARG I 145 -45.78 25.50 -18.22
CA ARG I 145 -46.87 24.53 -18.17
C ARG I 145 -46.62 23.50 -17.06
N PRO I 146 -47.68 22.84 -16.60
CA PRO I 146 -47.50 21.78 -15.60
C PRO I 146 -46.72 20.60 -16.17
N ILE I 147 -46.05 19.87 -15.29
CA ILE I 147 -45.32 18.67 -15.71
C ILE I 147 -46.29 17.49 -15.73
N PHE I 148 -46.47 16.91 -16.91
CA PHE I 148 -47.45 15.86 -17.18
C PHE I 148 -46.76 14.50 -17.04
N GLY I 149 -47.23 13.68 -16.10
CA GLY I 149 -46.62 12.41 -15.82
C GLY I 149 -47.64 11.31 -15.58
N SER I 150 -47.13 10.10 -15.49
CA SER I 150 -48.00 8.94 -15.37
C SER I 150 -47.45 7.96 -14.33
N ILE I 151 -48.38 7.19 -13.77
CA ILE I 151 -48.10 6.09 -12.85
C ILE I 151 -48.27 4.77 -13.58
N ILE I 152 -47.24 3.94 -13.59
CA ILE I 152 -47.35 2.65 -14.26
C ILE I 152 -48.32 1.76 -13.48
N LYS I 153 -49.35 1.31 -14.17
CA LYS I 153 -50.27 0.32 -13.65
C LYS I 153 -50.25 -0.91 -14.57
N PRO I 154 -50.55 -2.10 -14.04
CA PRO I 154 -50.99 -2.42 -12.67
C PRO I 154 -49.97 -2.05 -11.59
N LYS I 155 -50.46 -1.77 -10.37
CA LYS I 155 -49.59 -1.32 -9.29
C LYS I 155 -48.43 -2.27 -9.08
N ILE I 156 -48.66 -3.57 -9.30
CA ILE I 156 -47.65 -4.61 -9.22
C ILE I 156 -48.06 -5.73 -10.17
N GLY I 157 -47.08 -6.45 -10.70
CA GLY I 157 -47.34 -7.63 -11.50
C GLY I 157 -46.73 -7.63 -12.88
N LEU I 158 -46.19 -6.51 -13.36
CA LEU I 158 -45.58 -6.46 -14.68
C LEU I 158 -44.13 -6.91 -14.62
N THR I 159 -43.64 -7.42 -15.75
CA THR I 159 -42.23 -7.68 -15.93
C THR I 159 -41.49 -6.36 -16.20
N SER I 160 -40.18 -6.38 -15.98
CA SER I 160 -39.36 -5.19 -16.24
C SER I 160 -39.50 -4.75 -17.70
N SER I 161 -39.60 -5.72 -18.61
CA SER I 161 -39.79 -5.40 -20.02
C SER I 161 -41.13 -4.68 -20.25
N GLU I 162 -42.22 -5.26 -19.77
CA GLU I 162 -43.52 -4.61 -19.90
C GLU I 162 -43.50 -3.23 -19.26
N TYR I 163 -42.87 -3.10 -18.09
CA TYR I 163 -42.78 -1.82 -17.41
C TYR I 163 -42.12 -0.76 -18.29
N ALA I 164 -40.97 -1.09 -18.88
CA ALA I 164 -40.31 -0.12 -19.76
C ALA I 164 -41.14 0.15 -21.01
N GLU I 165 -41.89 -0.83 -21.50
CA GLU I 165 -42.77 -0.58 -22.65
C GLU I 165 -43.78 0.51 -22.33
N LEU I 166 -44.44 0.41 -21.19
CA LEU I 166 -45.39 1.45 -20.82
C LEU I 166 -44.69 2.80 -20.62
N CYS I 167 -43.49 2.78 -20.02
CA CYS I 167 -42.71 4.02 -19.91
C CYS I 167 -42.47 4.65 -21.28
N TYR I 168 -42.00 3.85 -22.25
CA TYR I 168 -41.74 4.33 -23.60
C TYR I 168 -43.00 4.91 -24.23
N ASP I 169 -44.11 4.17 -24.15
CA ASP I 169 -45.34 4.63 -24.79
C ASP I 169 -45.83 5.94 -24.18
N PHE I 170 -45.72 6.10 -22.86
CA PHE I 170 -46.19 7.35 -22.26
C PHE I 170 -45.29 8.53 -22.65
N TRP I 171 -43.97 8.38 -22.52
CA TRP I 171 -43.08 9.47 -22.89
C TRP I 171 -43.22 9.81 -24.37
N SER I 172 -43.22 8.78 -25.22
CA SER I 172 -43.36 8.97 -26.66
C SER I 172 -44.69 9.65 -27.00
N GLY I 173 -45.70 9.52 -26.15
CA GLY I 173 -46.96 10.19 -26.33
C GLY I 173 -46.99 11.63 -25.89
N GLY I 174 -45.83 12.20 -25.57
CA GLY I 174 -45.74 13.59 -25.18
C GLY I 174 -45.65 13.83 -23.68
N GLY I 175 -45.75 12.78 -22.87
CA GLY I 175 -45.59 12.93 -21.44
C GLY I 175 -44.15 13.19 -21.06
N ASP I 176 -43.97 13.97 -20.00
CA ASP I 176 -42.65 14.33 -19.53
C ASP I 176 -42.18 13.50 -18.35
N PHE I 177 -43.09 12.96 -17.54
CA PHE I 177 -42.71 12.46 -16.22
C PHE I 177 -43.33 11.08 -16.03
N VAL I 178 -42.52 10.13 -15.58
CA VAL I 178 -43.00 8.81 -15.24
C VAL I 178 -42.58 8.39 -13.84
N KCX I 179 -43.52 7.94 -13.01
CA KCX I 179 -43.15 7.44 -11.69
CB KCX I 179 -43.76 8.29 -10.56
CG KCX I 179 -45.29 8.21 -10.52
CD KCX I 179 -45.79 9.03 -9.32
CE KCX I 179 -45.47 8.33 -8.01
NZ KCX I 179 -46.24 7.11 -7.91
C KCX I 179 -43.56 5.98 -11.46
O KCX I 179 -44.59 5.49 -11.98
CX KCX I 179 -47.58 7.18 -7.35
OQ1 KCX I 179 -48.03 8.26 -6.89
OQ2 KCX I 179 -48.29 6.14 -7.31
N ASN I 180 -42.71 5.27 -10.71
CA ASN I 180 -43.08 3.98 -10.15
C ASN I 180 -44.34 4.15 -9.32
N ASP I 181 -45.20 3.13 -9.31
CA ASP I 181 -46.20 3.06 -8.26
C ASP I 181 -45.50 2.78 -6.92
N GLU I 182 -46.10 3.25 -5.82
CA GLU I 182 -45.37 3.30 -4.56
C GLU I 182 -44.83 1.96 -4.04
N PRO I 183 -45.45 0.79 -4.29
CA PRO I 183 -44.88 -0.44 -3.74
C PRO I 183 -43.94 -1.19 -4.66
N GLN I 184 -43.77 -0.73 -5.90
CA GLN I 184 -42.91 -1.42 -6.86
C GLN I 184 -41.46 -1.42 -6.36
N ALA I 185 -40.82 -2.59 -6.37
CA ALA I 185 -39.46 -2.72 -5.87
C ALA I 185 -38.69 -3.84 -6.56
N ASP I 186 -38.14 -4.77 -5.79
CA ASP I 186 -37.31 -5.84 -6.36
C ASP I 186 -38.02 -7.18 -6.33
N GLN I 187 -39.24 -7.24 -6.83
CA GLN I 187 -39.96 -8.51 -6.93
C GLN I 187 -39.26 -9.44 -7.92
N ASP I 188 -39.38 -10.74 -7.65
CA ASP I 188 -38.66 -11.74 -8.44
C ASP I 188 -39.05 -11.71 -9.91
N PHE I 189 -40.33 -11.45 -10.20
CA PHE I 189 -40.77 -11.44 -11.59
C PHE I 189 -40.40 -10.17 -12.33
N CYS I 190 -40.01 -9.12 -11.60
CA CYS I 190 -39.67 -7.83 -12.17
C CYS I 190 -38.35 -7.38 -11.54
N PRO I 191 -37.23 -8.02 -11.90
CA PRO I 191 -35.95 -7.68 -11.28
C PRO I 191 -35.65 -6.18 -11.36
N TYR I 192 -35.26 -5.61 -10.22
CA TYR I 192 -35.09 -4.17 -10.12
C TYR I 192 -33.99 -3.68 -11.03
N ASP I 193 -32.85 -4.39 -11.06
CA ASP I 193 -31.77 -4.01 -11.96
C ASP I 193 -32.25 -4.00 -13.41
N LYS I 194 -33.00 -5.04 -13.80
CA LYS I 194 -33.51 -5.12 -15.16
C LYS I 194 -34.53 -4.02 -15.44
N MET I 195 -35.38 -3.71 -14.45
CA MET I 195 -36.31 -2.59 -14.59
C MET I 195 -35.55 -1.30 -14.91
N VAL I 196 -34.44 -1.07 -14.19
CA VAL I 196 -33.59 0.09 -14.39
C VAL I 196 -33.00 0.10 -15.79
N GLN I 197 -32.42 -1.02 -16.18
CA GLN I 197 -31.75 -1.15 -17.46
C GLN I 197 -32.71 -0.89 -18.61
N ASP I 198 -33.90 -1.50 -18.53
CA ASP I 198 -34.90 -1.36 -19.58
C ASP I 198 -35.50 0.04 -19.61
N VAL I 199 -35.69 0.67 -18.44
CA VAL I 199 -36.13 2.06 -18.44
C VAL I 199 -35.08 2.93 -19.12
N ARG I 200 -33.80 2.65 -18.86
CA ARG I 200 -32.71 3.36 -19.52
C ARG I 200 -32.81 3.25 -21.04
N HIS I 201 -32.97 2.02 -21.56
CA HIS I 201 -33.08 1.85 -23.01
C HIS I 201 -34.29 2.55 -23.58
N ALA I 202 -35.45 2.40 -22.92
CA ALA I 202 -36.65 3.07 -23.40
C ALA I 202 -36.48 4.59 -23.42
N MET I 203 -35.85 5.15 -22.38
CA MET I 203 -35.61 6.58 -22.37
C MET I 203 -34.69 6.98 -23.51
N ASP I 204 -33.66 6.19 -23.78
CA ASP I 204 -32.79 6.45 -24.93
C ASP I 204 -33.60 6.47 -26.23
N ARG I 205 -34.55 5.54 -26.37
CA ARG I 205 -35.35 5.45 -27.58
C ARG I 205 -36.22 6.70 -27.75
N VAL I 206 -36.86 7.13 -26.67
CA VAL I 206 -37.68 8.34 -26.73
C VAL I 206 -36.83 9.56 -27.08
N GLU I 207 -35.66 9.67 -26.45
CA GLU I 207 -34.78 10.80 -26.74
C GLU I 207 -34.34 10.78 -28.20
N GLN I 208 -34.13 9.58 -28.75
CA GLN I 208 -33.79 9.46 -30.17
C GLN I 208 -34.93 9.94 -31.05
N GLU I 209 -36.15 9.46 -30.79
CA GLU I 209 -37.26 9.73 -31.69
C GLU I 209 -37.79 11.16 -31.56
N THR I 210 -37.82 11.71 -30.34
CA THR I 210 -38.44 13.00 -30.09
C THR I 210 -37.45 14.15 -29.89
N GLY I 211 -36.21 13.85 -29.51
CA GLY I 211 -35.26 14.88 -29.14
C GLY I 211 -35.50 15.55 -27.82
N LYS I 212 -36.46 15.08 -27.03
CA LYS I 212 -36.77 15.68 -25.73
C LYS I 212 -36.31 14.76 -24.62
N THR I 213 -35.81 15.35 -23.53
CA THR I 213 -35.46 14.57 -22.36
C THR I 213 -36.71 14.20 -21.58
N LYS I 214 -36.59 13.17 -20.74
CA LYS I 214 -37.68 12.69 -19.91
C LYS I 214 -37.13 12.44 -18.52
N VAL I 215 -38.02 12.15 -17.57
CA VAL I 215 -37.61 11.89 -16.18
C VAL I 215 -38.39 10.68 -15.66
N HIS I 216 -37.70 9.82 -14.91
CA HIS I 216 -38.31 8.67 -14.26
C HIS I 216 -37.99 8.73 -12.77
N SER I 217 -39.04 8.74 -11.95
CA SER I 217 -38.91 8.71 -10.50
C SER I 217 -38.92 7.25 -10.06
N PHE I 218 -37.80 6.77 -9.54
CA PHE I 218 -37.66 5.39 -9.10
C PHE I 218 -38.00 5.26 -7.62
N ASN I 219 -38.77 4.24 -7.28
CA ASN I 219 -39.00 3.89 -5.89
C ASN I 219 -37.79 3.14 -5.34
N ILE I 220 -37.08 3.77 -4.40
CA ILE I 220 -35.92 3.17 -3.76
C ILE I 220 -36.24 2.66 -2.37
N SER I 221 -37.51 2.77 -1.95
CA SER I 221 -37.96 2.18 -0.71
C SER I 221 -37.55 0.71 -0.64
N SER I 222 -36.92 0.33 0.47
CA SER I 222 -36.28 -0.97 0.57
C SER I 222 -36.53 -1.55 1.96
N SER I 223 -35.94 -2.72 2.20
CA SER I 223 -36.06 -3.35 3.52
C SER I 223 -35.24 -2.61 4.57
N ASP I 224 -34.02 -2.22 4.24
CA ASP I 224 -33.14 -1.51 5.14
C ASP I 224 -32.48 -0.35 4.38
N TYR I 225 -31.69 0.42 5.10
CA TYR I 225 -31.09 1.61 4.49
C TYR I 225 -30.00 1.22 3.49
N ASP I 226 -29.28 0.12 3.75
CA ASP I 226 -28.24 -0.33 2.82
C ASP I 226 -28.81 -0.70 1.46
N THR I 227 -29.96 -1.38 1.44
CA THR I 227 -30.57 -1.73 0.15
C THR I 227 -31.06 -0.50 -0.60
N MET I 228 -31.63 0.47 0.12
CA MET I 228 -32.03 1.72 -0.52
C MET I 228 -30.84 2.42 -1.16
N ILE I 229 -29.71 2.46 -0.44
CA ILE I 229 -28.49 3.09 -0.96
C ILE I 229 -28.00 2.31 -2.17
N LYS I 230 -28.10 0.98 -2.11
CA LYS I 230 -27.74 0.13 -3.24
C LYS I 230 -28.50 0.54 -4.49
N LYS I 231 -29.82 0.64 -4.36
CA LYS I 231 -30.69 1.01 -5.48
C LYS I 231 -30.33 2.39 -6.03
N ALA I 232 -30.20 3.38 -5.14
CA ALA I 232 -29.91 4.74 -5.57
C ALA I 232 -28.58 4.82 -6.31
N ASP I 233 -27.53 4.20 -5.76
CA ASP I 233 -26.22 4.23 -6.39
C ASP I 233 -26.27 3.55 -7.76
N TYR I 234 -27.02 2.45 -7.85
CA TYR I 234 -27.18 1.80 -9.14
C TYR I 234 -27.86 2.73 -10.15
N ILE I 235 -28.91 3.45 -9.71
CA ILE I 235 -29.56 4.40 -10.61
C ILE I 235 -28.58 5.47 -11.08
N GLN I 236 -27.81 6.03 -10.15
CA GLN I 236 -26.83 7.05 -10.52
C GLN I 236 -25.87 6.51 -11.57
N SER I 237 -25.50 5.24 -11.45
CA SER I 237 -24.61 4.64 -12.43
C SER I 237 -25.31 4.36 -13.76
N MET I 238 -26.65 4.32 -13.78
CA MET I 238 -27.35 3.90 -14.99
C MET I 238 -28.08 5.01 -15.75
N MET I 239 -28.44 6.12 -15.10
CA MET I 239 -29.24 7.16 -15.72
C MET I 239 -28.47 8.46 -15.94
N LYS I 240 -28.93 9.24 -16.93
CA LYS I 240 -28.34 10.55 -17.13
C LYS I 240 -28.64 11.45 -15.93
N PRO I 241 -27.68 12.28 -15.52
CA PRO I 241 -27.93 13.21 -14.42
C PRO I 241 -29.13 14.10 -14.73
N GLY I 242 -30.00 14.26 -13.73
CA GLY I 242 -31.22 15.00 -13.89
C GLY I 242 -32.37 14.20 -14.46
N SER I 243 -32.10 13.07 -15.09
CA SER I 243 -33.12 12.26 -15.75
C SER I 243 -33.89 11.37 -14.80
N TYR I 244 -33.53 11.35 -13.52
CA TYR I 244 -34.17 10.47 -12.55
C TYR I 244 -34.47 11.23 -11.28
N ALA I 245 -35.53 10.80 -10.60
CA ALA I 245 -35.87 11.24 -9.26
C ALA I 245 -35.95 10.01 -8.36
N PHE I 246 -35.84 10.25 -7.06
CA PHE I 246 -35.86 9.19 -6.05
C PHE I 246 -37.16 9.25 -5.27
N LEU I 247 -37.96 8.19 -5.38
CA LEU I 247 -39.22 8.12 -4.65
C LEU I 247 -39.02 7.30 -3.38
N VAL I 248 -39.49 7.85 -2.26
CA VAL I 248 -39.45 7.15 -0.98
C VAL I 248 -40.83 7.27 -0.34
N ASP I 249 -41.41 6.13 0.04
CA ASP I 249 -42.68 6.11 0.76
C ASP I 249 -42.44 6.68 2.15
N GLY I 250 -42.49 8.02 2.23
CA GLY I 250 -42.02 8.70 3.42
C GLY I 250 -42.68 8.25 4.71
N ILE I 251 -44.01 8.07 4.68
CA ILE I 251 -44.72 7.78 5.91
C ILE I 251 -44.35 6.41 6.45
N THR I 252 -44.38 5.38 5.59
CA THR I 252 -44.05 4.04 6.04
C THR I 252 -42.54 3.84 6.18
N ALA I 253 -41.73 4.53 5.37
CA ALA I 253 -40.28 4.44 5.49
C ALA I 253 -39.71 5.36 6.56
N GLY I 254 -40.33 6.50 6.79
CA GLY I 254 -39.91 7.27 7.93
C GLY I 254 -39.21 8.56 7.55
N TRP I 255 -39.30 9.55 8.44
CA TRP I 255 -38.66 10.83 8.21
C TRP I 255 -37.14 10.69 8.04
N MET I 256 -36.53 9.70 8.69
CA MET I 256 -35.10 9.49 8.53
C MET I 256 -34.76 9.07 7.11
N ALA I 257 -35.64 8.28 6.47
CA ALA I 257 -35.43 7.94 5.07
C ALA I 257 -35.44 9.19 4.18
N ILE I 258 -36.43 10.07 4.41
CA ILE I 258 -36.52 11.32 3.66
C ILE I 258 -35.23 12.11 3.81
N GLN I 259 -34.83 12.36 5.06
CA GLN I 259 -33.65 13.19 5.32
C GLN I 259 -32.39 12.53 4.77
N THR I 260 -32.32 11.19 4.78
CA THR I 260 -31.15 10.49 4.28
C THR I 260 -31.01 10.65 2.79
N ILE I 261 -32.10 10.46 2.04
CA ILE I 261 -32.03 10.67 0.60
C ILE I 261 -31.78 12.13 0.28
N ARG I 262 -32.42 13.05 1.01
CA ARG I 262 -32.18 14.47 0.83
C ARG I 262 -30.71 14.83 0.99
N ARG I 263 -30.04 14.29 2.02
CA ARG I 263 -28.68 14.73 2.27
C ARG I 263 -27.67 13.98 1.41
N LYS I 264 -27.93 12.70 1.14
CA LYS I 264 -26.97 11.90 0.39
C LYS I 264 -27.10 12.09 -1.11
N TYR I 265 -28.26 12.51 -1.60
CA TYR I 265 -28.48 12.78 -3.02
C TYR I 265 -29.17 14.14 -3.16
N PRO I 266 -28.49 15.23 -2.75
CA PRO I 266 -29.16 16.54 -2.77
C PRO I 266 -29.40 17.09 -4.16
N ASN I 267 -28.63 16.64 -5.16
CA ASN I 267 -28.80 17.09 -6.53
C ASN I 267 -29.75 16.21 -7.31
N VAL I 268 -30.51 15.35 -6.63
CA VAL I 268 -31.51 14.49 -7.25
C VAL I 268 -32.86 14.81 -6.61
N PHE I 269 -33.89 14.91 -7.44
CA PHE I 269 -35.24 15.24 -6.98
C PHE I 269 -35.74 14.22 -5.98
N LEU I 270 -36.14 14.71 -4.80
CA LEU I 270 -36.68 13.87 -3.72
C LEU I 270 -38.20 13.83 -3.82
N HIS I 271 -38.75 12.64 -4.10
CA HIS I 271 -40.18 12.44 -4.31
C HIS I 271 -40.73 11.77 -3.05
N PHE I 272 -41.38 12.57 -2.21
CA PHE I 272 -42.01 12.11 -0.98
C PHE I 272 -43.33 11.48 -1.38
N HIS I 273 -43.39 10.16 -1.47
CA HIS I 273 -44.68 9.52 -1.61
C HIS I 273 -45.26 9.31 -0.22
N ARG I 274 -46.52 9.70 -0.04
CA ARG I 274 -47.15 9.74 1.27
C ARG I 274 -48.18 8.62 1.46
N ALA I 275 -47.93 7.45 0.88
CA ALA I 275 -48.83 6.32 1.07
C ALA I 275 -48.98 6.00 2.55
N GLY I 276 -50.21 6.10 3.06
CA GLY I 276 -50.49 5.85 4.46
C GLY I 276 -50.81 7.09 5.26
N HIS I 277 -50.57 8.28 4.70
CA HIS I 277 -50.80 9.52 5.42
C HIS I 277 -52.23 9.67 5.91
N GLY I 278 -53.19 8.97 5.31
CA GLY I 278 -54.58 9.16 5.69
C GLY I 278 -54.80 9.01 7.19
N ALA I 279 -54.16 8.01 7.79
CA ALA I 279 -54.31 7.74 9.21
C ALA I 279 -54.01 8.97 10.07
N PHE I 280 -53.12 9.84 9.62
CA PHE I 280 -52.89 11.09 10.32
C PHE I 280 -53.85 12.19 9.87
N THR I 281 -54.13 12.26 8.57
CA THR I 281 -54.65 13.48 7.97
C THR I 281 -56.14 13.45 7.69
N ARG I 282 -56.74 12.26 7.55
CA ARG I 282 -58.14 12.19 7.17
C ARG I 282 -59.02 12.96 8.15
N ASP I 283 -60.00 13.70 7.60
CA ASP I 283 -60.92 14.46 8.45
C ASP I 283 -61.68 13.56 9.41
N GLU I 284 -61.93 12.30 9.02
CA GLU I 284 -62.70 11.41 9.87
C GLU I 284 -61.95 10.99 11.12
N ASN I 285 -60.61 11.07 11.10
CA ASN I 285 -59.79 10.65 12.22
C ASN I 285 -59.62 11.78 13.22
N PRO I 286 -60.20 11.69 14.42
CA PRO I 286 -60.02 12.77 15.42
C PRO I 286 -58.61 12.88 15.97
N ILE I 287 -57.75 11.90 15.73
CA ILE I 287 -56.37 11.89 16.23
C ILE I 287 -55.45 11.92 15.04
N GLY I 288 -54.50 12.85 15.05
CA GLY I 288 -53.50 12.95 13.99
C GLY I 288 -53.14 14.40 13.73
N TYR I 289 -52.68 14.65 12.51
CA TYR I 289 -52.36 15.99 12.04
C TYR I 289 -52.81 16.13 10.60
N THR I 290 -53.13 17.36 10.21
CA THR I 290 -53.72 17.60 8.90
C THR I 290 -52.66 17.55 7.80
N VAL I 291 -53.14 17.58 6.56
CA VAL I 291 -52.29 17.54 5.37
C VAL I 291 -51.44 18.80 5.27
N PRO I 292 -51.95 20.01 5.59
CA PRO I 292 -51.05 21.16 5.62
C PRO I 292 -49.85 20.99 6.54
N VAL I 293 -50.07 20.38 7.71
CA VAL I 293 -48.95 20.15 8.63
C VAL I 293 -47.98 19.15 8.03
N LEU I 294 -48.52 18.06 7.46
CA LEU I 294 -47.69 17.10 6.74
C LEU I 294 -46.83 17.76 5.67
N THR I 295 -47.43 18.65 4.88
CA THR I 295 -46.69 19.33 3.82
C THR I 295 -45.62 20.25 4.39
N LYS I 296 -45.97 21.04 5.41
CA LYS I 296 -44.98 21.96 5.99
C LYS I 296 -43.79 21.18 6.56
N PHE I 297 -44.04 20.04 7.20
CA PHE I 297 -42.92 19.25 7.71
C PHE I 297 -42.14 18.57 6.59
N ALA I 298 -42.82 18.16 5.52
CA ALA I 298 -42.12 17.60 4.37
C ALA I 298 -41.21 18.63 3.73
N ARG I 299 -41.62 19.90 3.76
CA ARG I 299 -40.74 20.97 3.31
C ARG I 299 -39.58 21.15 4.29
N LEU I 300 -39.88 21.07 5.60
CA LEU I 300 -38.83 21.16 6.60
C LEU I 300 -37.80 20.04 6.43
N ALA I 301 -38.28 18.83 6.09
CA ALA I 301 -37.40 17.70 5.93
C ALA I 301 -36.51 17.82 4.70
N GLY I 302 -36.90 18.64 3.74
CA GLY I 302 -36.14 18.86 2.55
C GLY I 302 -36.67 18.20 1.30
N ALA I 303 -37.93 17.76 1.31
CA ALA I 303 -38.50 17.10 0.16
C ALA I 303 -38.55 18.02 -1.05
N SER I 304 -38.13 17.50 -2.20
CA SER I 304 -38.27 18.23 -3.45
C SER I 304 -39.72 18.31 -3.89
N GLY I 305 -40.51 17.30 -3.54
CA GLY I 305 -41.93 17.31 -3.84
C GLY I 305 -42.66 16.35 -2.95
N ILE I 306 -43.94 16.64 -2.74
CA ILE I 306 -44.83 15.77 -1.97
C ILE I 306 -46.21 15.81 -2.60
N HIS I 307 -46.94 14.71 -2.49
CA HIS I 307 -48.34 14.72 -2.92
C HIS I 307 -49.14 15.66 -2.04
N THR I 308 -49.95 16.50 -2.67
CA THR I 308 -50.69 17.54 -1.98
C THR I 308 -52.20 17.38 -2.11
N GLY I 309 -52.65 16.43 -2.91
CA GLY I 309 -54.07 16.17 -3.03
C GLY I 309 -54.66 16.79 -4.29
N THR I 310 -55.84 16.31 -4.66
CA THR I 310 -56.56 16.76 -5.84
C THR I 310 -57.73 17.69 -5.53
N ALA I 311 -57.81 18.23 -4.30
CA ALA I 311 -58.84 19.19 -3.91
C ALA I 311 -60.25 18.62 -4.07
N GLY I 312 -60.40 17.30 -3.91
CA GLY I 312 -61.68 16.66 -4.07
C GLY I 312 -62.05 16.34 -5.50
N ILE I 313 -61.28 16.83 -6.48
CA ILE I 313 -61.59 16.57 -7.87
C ILE I 313 -61.34 15.11 -8.21
N GLY I 314 -60.28 14.53 -7.66
CA GLY I 314 -59.99 13.14 -7.92
C GLY I 314 -60.67 12.19 -6.95
N LYS I 315 -59.99 11.12 -6.57
CA LYS I 315 -60.56 10.06 -5.75
C LYS I 315 -60.08 10.09 -4.31
N MET I 316 -59.06 10.87 -3.99
CA MET I 316 -58.49 10.91 -2.65
C MET I 316 -59.17 12.00 -1.83
N ALA I 317 -59.33 11.74 -0.53
CA ALA I 317 -60.02 12.68 0.33
C ALA I 317 -59.31 14.03 0.37
N GLY I 318 -60.09 15.09 0.34
CA GLY I 318 -59.55 16.43 0.39
C GLY I 318 -60.53 17.45 -0.17
N SER I 319 -60.33 18.70 0.21
CA SER I 319 -61.11 19.82 -0.25
C SER I 319 -60.19 20.85 -0.89
N PRO I 320 -60.74 21.79 -1.68
CA PRO I 320 -59.90 22.88 -2.20
C PRO I 320 -59.13 23.63 -1.11
N LYS I 321 -59.75 23.87 0.03
CA LYS I 321 -59.10 24.65 1.09
C LYS I 321 -57.80 23.98 1.53
N GLU I 322 -57.90 22.75 2.03
CA GLU I 322 -56.74 22.05 2.59
C GLU I 322 -55.70 21.75 1.53
N ASP I 323 -56.13 21.26 0.37
CA ASP I 323 -55.18 20.84 -0.66
C ASP I 323 -54.49 22.03 -1.32
N VAL I 324 -55.22 23.11 -1.58
CA VAL I 324 -54.58 24.29 -2.19
C VAL I 324 -53.69 24.99 -1.16
N MET I 325 -54.14 25.06 0.11
CA MET I 325 -53.27 25.59 1.16
C MET I 325 -51.97 24.81 1.26
N ALA I 326 -52.05 23.47 1.15
CA ALA I 326 -50.84 22.65 1.22
C ALA I 326 -49.95 22.90 0.01
N ALA I 327 -50.55 23.03 -1.19
CA ALA I 327 -49.75 23.31 -2.38
C ALA I 327 -49.01 24.63 -2.23
N ARG I 328 -49.65 25.65 -1.67
CA ARG I 328 -48.94 26.90 -1.42
C ARG I 328 -47.93 26.78 -0.29
N HIS I 329 -48.25 26.02 0.77
CA HIS I 329 -47.26 25.71 1.79
C HIS I 329 -46.01 25.12 1.16
N ALA I 330 -46.19 24.34 0.09
CA ALA I 330 -45.05 23.77 -0.61
C ALA I 330 -44.36 24.81 -1.49
N LEU I 331 -45.13 25.70 -2.11
CA LEU I 331 -44.59 26.58 -3.15
C LEU I 331 -44.21 27.98 -2.68
N LYS I 332 -45.06 28.64 -1.93
CA LYS I 332 -44.96 30.09 -1.74
C LYS I 332 -43.88 30.47 -0.73
N LEU I 333 -43.34 31.68 -0.91
CA LEU I 333 -42.50 32.31 0.10
C LEU I 333 -43.32 32.75 1.30
N TYR I 334 -44.54 33.21 1.05
CA TYR I 334 -45.51 33.57 2.07
C TYR I 334 -46.71 32.64 1.90
N SER I 335 -46.93 31.75 2.86
CA SER I 335 -48.05 30.83 2.81
C SER I 335 -48.94 31.07 4.02
N GLU I 336 -50.25 31.00 3.82
CA GLU I 336 -51.19 31.25 4.90
C GLU I 336 -51.81 29.93 5.33
N GLY I 337 -51.63 29.60 6.61
CA GLY I 337 -52.29 28.46 7.22
C GLY I 337 -53.64 28.80 7.80
N ASP I 338 -54.24 27.78 8.42
CA ASP I 338 -55.52 28.00 9.11
C ASP I 338 -55.36 28.94 10.29
N TYR I 339 -54.16 29.02 10.87
CA TYR I 339 -53.92 29.77 12.10
C TYR I 339 -52.60 30.52 12.13
N PHE I 340 -51.61 30.17 11.32
CA PHE I 340 -50.31 30.84 11.31
C PHE I 340 -49.94 31.28 9.91
N LYS I 341 -49.36 32.47 9.82
CA LYS I 341 -48.75 32.97 8.59
C LYS I 341 -47.29 32.54 8.56
N GLN I 342 -46.88 31.85 7.49
CA GLN I 342 -45.55 31.30 7.37
C GLN I 342 -44.75 32.06 6.33
N ILE I 343 -43.58 32.54 6.73
CA ILE I 343 -42.58 33.06 5.79
C ILE I 343 -41.43 32.07 5.78
N TRP I 344 -41.20 31.44 4.63
CA TRP I 344 -40.19 30.39 4.50
C TRP I 344 -38.83 31.03 4.24
N SER I 345 -38.42 31.86 5.20
CA SER I 345 -37.16 32.62 5.13
C SER I 345 -36.58 32.70 6.52
N GLU I 346 -35.26 32.52 6.61
CA GLU I 346 -34.52 32.59 7.86
C GLU I 346 -34.14 34.03 8.23
N ILE I 347 -34.71 35.02 7.55
CA ILE I 347 -34.32 36.43 7.67
C ILE I 347 -35.45 37.16 8.38
N PRO I 348 -35.20 38.23 9.15
CA PRO I 348 -36.32 38.94 9.77
C PRO I 348 -37.25 39.52 8.72
N GLU I 349 -38.55 39.45 9.03
CA GLU I 349 -39.58 39.94 8.12
C GLU I 349 -39.37 41.41 7.76
N LYS I 350 -38.70 42.16 8.65
CA LYS I 350 -38.48 43.58 8.46
C LYS I 350 -37.49 43.89 7.34
N ASP I 351 -36.69 42.91 6.90
CA ASP I 351 -35.69 43.15 5.88
C ASP I 351 -36.35 43.69 4.61
N ALA I 352 -35.75 44.71 4.01
CA ALA I 352 -36.35 45.34 2.84
C ALA I 352 -36.41 44.36 1.66
N ASP I 353 -35.34 43.60 1.45
CA ASP I 353 -35.31 42.63 0.34
C ASP I 353 -36.39 41.56 0.51
N LEU I 354 -36.63 41.13 1.74
CA LEU I 354 -37.63 40.08 1.96
C LEU I 354 -39.03 40.57 1.65
N GLN I 355 -39.42 41.73 2.18
CA GLN I 355 -40.73 42.30 1.87
C GLN I 355 -40.86 42.58 0.37
N LEU I 356 -39.77 43.02 -0.26
CA LEU I 356 -39.80 43.20 -1.71
C LEU I 356 -40.15 41.88 -2.40
N ALA I 357 -39.51 40.79 -1.97
CA ALA I 357 -39.80 39.49 -2.56
C ALA I 357 -41.24 39.06 -2.32
N ILE I 358 -41.76 39.32 -1.11
CA ILE I 358 -43.15 38.94 -0.83
C ILE I 358 -44.11 39.71 -1.71
N GLN I 359 -43.88 41.02 -1.86
CA GLN I 359 -44.74 41.79 -2.76
C GLN I 359 -44.65 41.28 -4.19
N LYS I 360 -43.43 41.07 -4.69
CA LYS I 360 -43.28 40.60 -6.06
C LYS I 360 -43.86 39.20 -6.28
N GLU I 361 -43.80 38.31 -5.29
CA GLU I 361 -44.43 37.01 -5.45
C GLU I 361 -45.95 37.15 -5.50
N ALA I 362 -46.50 38.09 -4.74
CA ALA I 362 -47.94 38.32 -4.82
C ALA I 362 -48.37 38.66 -6.23
N GLU I 363 -47.44 39.04 -7.11
CA GLU I 363 -47.71 39.37 -8.49
C GLU I 363 -47.38 38.24 -9.46
N GLY I 364 -46.89 37.10 -8.95
CA GLY I 364 -46.54 35.97 -9.79
C GLY I 364 -45.07 35.82 -10.10
N GLU I 365 -44.20 36.59 -9.45
CA GLU I 365 -42.76 36.51 -9.74
C GLU I 365 -42.07 35.51 -8.82
N ASP I 366 -41.05 34.85 -9.37
CA ASP I 366 -40.33 33.81 -8.67
C ASP I 366 -39.33 34.39 -7.68
N TYR I 367 -39.24 33.75 -6.52
CA TYR I 367 -38.32 34.13 -5.46
C TYR I 367 -37.11 33.22 -5.40
N SER I 368 -36.96 32.30 -6.35
CA SER I 368 -35.86 31.34 -6.28
C SER I 368 -34.50 32.01 -6.32
N ASN I 369 -34.40 33.19 -6.94
CA ASN I 369 -33.10 33.86 -6.95
C ASN I 369 -32.92 34.81 -5.78
N LEU I 370 -33.85 34.84 -4.82
CA LEU I 370 -33.73 35.77 -3.71
C LEU I 370 -32.49 35.49 -2.87
N GLY I 371 -31.98 34.26 -2.93
CA GLY I 371 -30.80 33.87 -2.21
C GLY I 371 -31.11 32.64 -1.38
N TYR I 372 -30.57 31.49 -1.79
CA TYR I 372 -30.84 30.23 -1.10
C TYR I 372 -30.44 30.28 0.37
N TRP I 373 -29.57 31.21 0.72
CA TRP I 373 -29.08 31.39 2.08
C TRP I 373 -30.00 32.28 2.90
N ARG I 374 -31.09 32.74 2.33
CA ARG I 374 -32.03 33.55 3.08
C ARG I 374 -33.48 33.11 2.83
N ILE I 375 -33.69 32.04 2.06
CA ILE I 375 -35.01 31.47 1.77
C ILE I 375 -34.96 29.96 1.94
N THR I 376 -36.09 29.39 2.35
CA THR I 376 -36.34 27.96 2.25
C THR I 376 -36.88 27.64 0.86
N LYS I 377 -36.18 26.76 0.14
CA LYS I 377 -36.52 26.47 -1.25
C LYS I 377 -37.94 25.90 -1.36
N LYS I 378 -38.50 26.08 -2.55
CA LYS I 378 -39.85 25.61 -2.83
C LYS I 378 -39.88 24.09 -2.98
N MET I 379 -41.00 23.50 -2.56
CA MET I 379 -41.24 22.08 -2.70
C MET I 379 -42.35 21.85 -3.72
N CYS I 380 -42.22 20.77 -4.47
CA CYS I 380 -43.24 20.85 -5.51
C CYS I 380 -44.44 19.97 -5.17
N PRO I 381 -45.67 20.44 -5.34
CA PRO I 381 -46.82 19.55 -5.15
C PRO I 381 -46.99 18.58 -6.33
N ILE I 382 -47.25 17.31 -6.00
CA ILE I 382 -47.50 16.26 -6.98
C ILE I 382 -48.97 15.87 -6.88
N ILE I 383 -49.66 15.85 -8.02
CA ILE I 383 -51.10 15.77 -8.05
C ILE I 383 -51.51 14.41 -8.60
N SER I 384 -52.11 13.59 -7.74
CA SER I 384 -52.41 12.21 -8.12
C SER I 384 -53.66 11.74 -7.40
N GLY I 385 -54.33 10.77 -8.02
CA GLY I 385 -55.51 10.16 -7.45
C GLY I 385 -56.80 10.43 -8.19
N GLY I 386 -57.21 9.50 -9.05
CA GLY I 386 -58.48 9.60 -9.76
C GLY I 386 -58.52 10.62 -10.87
N LEU I 387 -57.37 11.07 -11.36
CA LEU I 387 -57.28 12.08 -12.39
C LEU I 387 -57.33 11.48 -13.79
N ASN I 388 -57.92 12.21 -14.72
CA ASN I 388 -57.95 11.83 -16.13
C ASN I 388 -58.02 13.12 -16.94
N PRO I 389 -57.82 13.06 -18.29
CA PRO I 389 -57.70 14.30 -19.08
C PRO I 389 -58.79 15.34 -18.81
N LEU I 390 -59.92 14.88 -18.30
CA LEU I 390 -61.06 15.77 -18.12
C LEU I 390 -60.92 16.70 -16.92
N LEU I 391 -60.08 16.35 -15.95
CA LEU I 391 -60.04 17.05 -14.66
C LEU I 391 -58.85 17.98 -14.50
N ILE I 392 -57.89 17.95 -15.42
CA ILE I 392 -56.69 18.79 -15.29
C ILE I 392 -57.08 20.26 -15.29
N GLY I 393 -57.96 20.66 -16.22
CA GLY I 393 -58.35 22.06 -16.29
C GLY I 393 -59.00 22.55 -15.02
N LYS I 394 -59.94 21.77 -14.48
CA LYS I 394 -60.56 22.09 -13.22
C LYS I 394 -59.51 22.26 -12.12
N PHE I 395 -58.52 21.38 -12.09
CA PHE I 395 -57.50 21.49 -11.04
C PHE I 395 -56.68 22.76 -11.19
N ILE I 396 -56.18 23.04 -12.38
CA ILE I 396 -55.41 24.27 -12.57
C ILE I 396 -56.24 25.47 -12.13
N ASP I 397 -57.53 25.48 -12.49
CA ASP I 397 -58.39 26.60 -12.12
C ASP I 397 -58.55 26.72 -10.60
N THR I 398 -58.69 25.59 -9.91
CA THR I 398 -58.91 25.68 -8.46
C THR I 398 -57.61 26.03 -7.72
N VAL I 399 -56.47 25.52 -8.17
CA VAL I 399 -55.22 25.74 -7.43
C VAL I 399 -54.62 27.11 -7.76
N GLY I 400 -54.85 27.63 -8.96
CA GLY I 400 -54.35 28.95 -9.31
C GLY I 400 -52.89 29.01 -9.68
N THR I 401 -52.31 27.91 -10.14
CA THR I 401 -50.92 27.91 -10.57
C THR I 401 -50.71 26.75 -11.53
N GLN I 402 -49.52 26.73 -12.11
CA GLN I 402 -49.15 25.67 -13.04
C GLN I 402 -47.84 25.01 -12.62
N ASP I 403 -47.28 25.42 -11.48
CA ASP I 403 -46.05 24.86 -10.91
C ASP I 403 -46.40 23.58 -10.15
N PHE I 404 -46.60 22.48 -10.90
CA PHE I 404 -46.88 21.21 -10.23
C PHE I 404 -46.62 20.04 -11.17
N ILE I 405 -46.50 18.86 -10.55
CA ILE I 405 -46.42 17.58 -11.26
C ILE I 405 -47.80 16.96 -11.15
N THR I 406 -48.42 16.67 -12.28
CA THR I 406 -49.58 15.81 -12.31
C THR I 406 -49.12 14.41 -12.67
N THR I 407 -49.65 13.41 -11.97
CA THR I 407 -49.36 12.02 -12.26
C THR I 407 -50.69 11.29 -12.42
N MET I 408 -50.82 10.55 -13.52
CA MET I 408 -52.06 9.86 -13.82
C MET I 408 -51.75 8.40 -14.11
N GLY I 409 -52.46 7.51 -13.42
CA GLY I 409 -52.26 6.09 -13.62
C GLY I 409 -53.28 5.49 -14.56
N ALA I 410 -54.47 5.19 -14.02
CA ALA I 410 -55.54 4.68 -14.85
C ALA I 410 -56.09 5.74 -15.78
N GLY I 411 -55.92 7.02 -15.43
CA GLY I 411 -56.26 8.08 -16.36
C GLY I 411 -55.46 8.05 -17.65
N VAL I 412 -54.40 7.24 -17.72
CA VAL I 412 -53.61 7.12 -18.94
C VAL I 412 -53.66 5.70 -19.47
N HIS I 413 -53.35 4.71 -18.62
CA HIS I 413 -53.18 3.33 -19.07
C HIS I 413 -54.48 2.61 -19.33
N SER I 414 -55.60 3.15 -18.90
CA SER I 414 -56.91 2.58 -19.20
C SER I 414 -57.55 3.24 -20.41
N HIS I 415 -56.85 4.15 -21.08
CA HIS I 415 -57.37 4.78 -22.29
C HIS I 415 -57.63 3.73 -23.38
N PRO I 416 -58.79 3.74 -24.02
CA PRO I 416 -59.13 2.66 -24.98
C PRO I 416 -58.12 2.46 -26.09
N MET I 417 -57.40 3.51 -26.50
CA MET I 417 -56.44 3.39 -27.58
C MET I 417 -54.99 3.24 -27.10
N GLY I 418 -54.76 3.08 -25.81
CA GLY I 418 -53.45 2.78 -25.28
C GLY I 418 -52.81 3.96 -24.56
N THR I 419 -51.62 3.67 -24.02
CA THR I 419 -50.90 4.63 -23.17
C THR I 419 -50.51 5.87 -23.96
N LYS I 420 -49.89 5.70 -25.13
CA LYS I 420 -49.52 6.83 -25.96
C LYS I 420 -50.73 7.72 -26.25
N ALA I 421 -51.87 7.10 -26.57
CA ALA I 421 -53.09 7.87 -26.83
C ALA I 421 -53.56 8.60 -25.58
N GLY I 422 -53.44 7.95 -24.41
CA GLY I 422 -53.82 8.61 -23.17
C GLY I 422 -52.97 9.84 -22.86
N ALA I 423 -51.66 9.74 -23.11
CA ALA I 423 -50.78 10.89 -22.90
C ALA I 423 -51.11 12.01 -23.88
N THR I 424 -51.29 11.67 -25.16
CA THR I 424 -51.71 12.69 -26.12
C THR I 424 -53.04 13.31 -25.70
N ALA I 425 -53.92 12.52 -25.08
CA ALA I 425 -55.20 13.05 -24.64
C ALA I 425 -55.00 14.04 -23.50
N VAL I 426 -54.04 13.76 -22.60
CA VAL I 426 -53.76 14.69 -21.52
C VAL I 426 -53.23 16.01 -22.07
N LEU I 427 -52.31 15.93 -23.03
CA LEU I 427 -51.79 17.17 -23.64
C LEU I 427 -52.88 17.91 -24.39
N GLN I 428 -53.78 17.19 -25.07
CA GLN I 428 -54.87 17.86 -25.79
C GLN I 428 -55.85 18.53 -24.84
N ALA I 429 -56.09 17.91 -23.67
CA ALA I 429 -56.96 18.55 -22.68
C ALA I 429 -56.30 19.79 -22.09
N TYR I 430 -54.98 19.74 -21.89
CA TYR I 430 -54.29 20.95 -21.43
C TYR I 430 -54.34 22.05 -22.49
N GLU I 431 -54.14 21.69 -23.75
CA GLU I 431 -54.25 22.64 -24.86
C GLU I 431 -55.65 23.24 -24.92
N ALA I 432 -56.68 22.42 -24.68
CA ALA I 432 -58.04 22.95 -24.59
C ALA I 432 -58.17 23.94 -23.46
N TRP I 433 -57.59 23.63 -22.29
CA TRP I 433 -57.67 24.56 -21.15
C TRP I 433 -56.93 25.87 -21.42
N LYS I 434 -55.72 25.79 -22.00
CA LYS I 434 -54.87 26.98 -22.15
C LYS I 434 -55.43 27.94 -23.21
N GLN I 435 -56.08 27.41 -24.24
CA GLN I 435 -56.66 28.25 -25.29
C GLN I 435 -58.09 28.64 -24.98
N LYS I 436 -58.60 28.31 -23.79
CA LYS I 436 -59.97 28.63 -23.38
C LYS I 436 -61.01 27.98 -24.29
N ILE I 437 -60.74 26.80 -24.81
CA ILE I 437 -61.73 26.05 -25.58
C ILE I 437 -62.26 24.91 -24.73
N SER I 438 -63.57 24.70 -24.81
CA SER I 438 -64.19 23.59 -24.07
C SER I 438 -63.64 22.27 -24.58
N LEU I 439 -63.60 21.29 -23.68
CA LEU I 439 -63.06 19.98 -24.02
C LEU I 439 -63.86 19.29 -25.13
N GLU I 440 -65.17 19.51 -25.17
CA GLU I 440 -65.98 18.92 -26.24
C GLU I 440 -65.61 19.50 -27.59
N ASP I 441 -65.54 20.83 -27.68
CA ASP I 441 -65.24 21.48 -28.94
C ASP I 441 -63.82 21.15 -29.40
N TYR I 442 -62.87 21.24 -28.49
CA TYR I 442 -61.49 20.93 -28.84
C TYR I 442 -61.36 19.47 -29.25
N ALA I 443 -62.14 18.57 -28.63
CA ALA I 443 -62.10 17.15 -28.97
C ALA I 443 -62.79 16.85 -30.29
N LYS I 444 -63.57 17.79 -30.85
CA LYS I 444 -64.19 17.50 -32.14
C LYS I 444 -63.19 17.06 -33.19
N ASP I 445 -61.97 17.63 -33.19
CA ASP I 445 -60.94 17.24 -34.15
C ASP I 445 -59.75 16.62 -33.46
N LYS I 446 -59.94 16.13 -32.23
CA LYS I 446 -58.91 15.41 -31.50
C LYS I 446 -59.50 14.06 -31.12
N GLU I 447 -59.03 13.00 -31.78
CA GLU I 447 -59.62 11.68 -31.54
C GLU I 447 -59.31 11.17 -30.14
N GLU I 448 -58.07 11.34 -29.69
CA GLU I 448 -57.64 10.81 -28.40
C GLU I 448 -58.45 11.44 -27.26
N LEU I 449 -58.56 12.77 -27.25
CA LEU I 449 -59.34 13.45 -26.23
C LEU I 449 -60.81 13.03 -26.31
N ARG I 450 -61.33 12.83 -27.53
CA ARG I 450 -62.71 12.37 -27.67
C ARG I 450 -62.92 11.02 -27.02
N ALA I 451 -62.00 10.08 -27.22
CA ALA I 451 -62.13 8.77 -26.61
C ALA I 451 -61.96 8.84 -25.09
N ALA I 452 -61.11 9.74 -24.61
CA ALA I 452 -61.02 9.95 -23.15
C ALA I 452 -62.34 10.48 -22.60
N ILE I 453 -62.98 11.40 -23.32
CA ILE I 453 -64.30 11.90 -22.93
C ILE I 453 -65.30 10.76 -22.89
N GLN I 454 -65.27 9.91 -23.92
CA GLN I 454 -66.22 8.80 -24.00
C GLN I 454 -66.01 7.82 -22.85
N PHE I 455 -64.75 7.50 -22.53
CA PHE I 455 -64.48 6.45 -21.55
C PHE I 455 -64.68 6.93 -20.12
N TYR I 456 -64.20 8.12 -19.79
CA TYR I 456 -64.14 8.56 -18.40
C TYR I 456 -65.40 9.25 -17.91
N ASP I 457 -66.34 9.56 -18.79
CA ASP I 457 -67.57 10.16 -18.36
C ASP I 457 -68.53 9.13 -17.77
N MET J 1 -28.24 56.44 28.82
CA MET J 1 -28.67 55.26 29.54
C MET J 1 -29.19 54.23 28.55
N GLN J 2 -28.73 52.99 28.67
CA GLN J 2 -29.25 51.91 27.83
C GLN J 2 -30.15 51.09 28.74
N LYS J 3 -31.45 51.42 28.73
CA LYS J 3 -32.39 50.86 29.69
C LYS J 3 -32.67 49.38 29.46
N GLU J 4 -32.44 48.87 28.26
CA GLU J 4 -32.76 47.48 27.95
C GLU J 4 -31.91 46.47 28.72
N TYR J 5 -30.82 46.91 29.35
CA TYR J 5 -29.96 46.01 30.13
C TYR J 5 -30.09 46.21 31.64
N ILE J 6 -31.07 47.00 32.09
CA ILE J 6 -31.31 47.20 33.52
C ILE J 6 -32.62 46.51 33.84
N GLN J 7 -32.56 45.41 34.62
CA GLN J 7 -33.76 44.70 35.12
C GLN J 7 -33.46 44.24 36.55
N ILE J 8 -33.39 45.19 37.48
CA ILE J 8 -33.02 44.91 38.86
C ILE J 8 -34.01 43.99 39.54
N GLY J 9 -33.47 43.01 40.28
CA GLY J 9 -34.26 42.12 41.09
C GLY J 9 -35.00 41.04 40.35
N ASN J 10 -34.73 40.84 39.08
CA ASN J 10 -35.41 39.82 38.31
C ASN J 10 -35.15 38.44 38.90
N PRO J 11 -36.17 37.71 39.33
CA PRO J 11 -35.93 36.41 39.96
C PRO J 11 -35.57 35.30 38.98
N ASN J 12 -35.57 35.59 37.68
CA ASN J 12 -35.22 34.58 36.68
C ASN J 12 -33.72 34.44 36.51
N VAL J 13 -32.91 35.27 37.17
CA VAL J 13 -31.46 35.15 37.04
C VAL J 13 -30.92 33.96 37.81
N PHE J 14 -31.71 33.36 38.70
CA PHE J 14 -31.26 32.22 39.48
C PHE J 14 -31.84 30.90 38.99
N ASN J 15 -32.31 30.83 37.75
CA ASN J 15 -33.01 29.66 37.23
C ASN J 15 -32.10 28.71 36.43
N GLY J 16 -30.78 28.90 36.50
CA GLY J 16 -29.85 28.01 35.84
C GLY J 16 -29.47 28.40 34.43
N GLN J 17 -30.09 29.41 33.85
CA GLN J 17 -29.67 29.82 32.52
C GLN J 17 -28.57 30.85 32.54
N TYR J 18 -28.17 31.33 33.71
CA TYR J 18 -27.24 32.44 33.74
C TYR J 18 -26.03 32.17 34.63
N MET J 19 -24.88 32.53 34.09
CA MET J 19 -23.68 32.77 34.89
C MET J 19 -23.74 34.18 35.47
N LEU J 20 -23.53 34.30 36.77
CA LEU J 20 -23.63 35.59 37.43
C LEU J 20 -22.23 36.12 37.74
N ALA J 21 -22.11 37.44 37.80
CA ALA J 21 -20.82 38.05 38.07
C ALA J 21 -21.01 39.33 38.85
N VAL J 22 -20.01 39.68 39.66
CA VAL J 22 -19.97 40.94 40.39
C VAL J 22 -18.84 41.80 39.85
N PHE J 23 -19.17 43.03 39.50
CA PHE J 23 -18.22 44.05 39.08
C PHE J 23 -18.16 45.15 40.13
N ARG J 24 -16.97 45.70 40.32
CA ARG J 24 -16.80 47.01 40.93
C ARG J 24 -16.64 47.96 39.76
N LEU J 25 -17.63 48.85 39.58
CA LEU J 25 -17.72 49.72 38.43
C LEU J 25 -17.70 51.16 38.87
N GLN J 26 -17.00 52.00 38.11
CA GLN J 26 -16.99 53.44 38.32
C GLN J 26 -16.80 54.10 36.96
N GLY J 27 -17.82 54.81 36.52
CA GLY J 27 -17.75 55.52 35.26
C GLY J 27 -17.21 56.93 35.41
N GLU J 28 -16.98 57.56 34.26
CA GLU J 28 -16.47 58.92 34.23
C GLU J 28 -17.52 59.85 34.84
N GLU J 29 -17.08 61.08 35.14
CA GLU J 29 -17.93 62.08 35.76
C GLU J 29 -19.20 62.34 34.97
N GLY J 30 -20.34 62.20 35.66
CA GLY J 30 -21.66 62.38 35.10
C GLY J 30 -22.45 61.09 34.99
N MET J 31 -21.78 59.95 35.03
CA MET J 31 -22.42 58.65 34.88
C MET J 31 -22.75 58.11 36.26
N THR J 32 -24.02 57.77 36.47
CA THR J 32 -24.39 57.08 37.69
C THR J 32 -23.93 55.62 37.62
N LEU J 33 -23.98 54.94 38.77
CA LEU J 33 -23.52 53.56 38.82
C LEU J 33 -24.35 52.66 37.91
N VAL J 34 -25.67 52.91 37.85
CA VAL J 34 -26.52 52.09 36.99
C VAL J 34 -26.20 52.35 35.52
N ASP J 35 -25.70 53.54 35.17
CA ASP J 35 -25.29 53.78 33.79
C ASP J 35 -24.04 52.96 33.43
N THR J 36 -23.00 53.02 34.26
CA THR J 36 -21.82 52.19 34.05
C THR J 36 -22.20 50.71 33.98
N ALA J 37 -23.19 50.31 34.77
CA ALA J 37 -23.70 48.95 34.70
C ALA J 37 -24.39 48.65 33.38
N SER J 38 -25.19 49.59 32.90
CA SER J 38 -25.87 49.38 31.63
C SER J 38 -24.88 49.24 30.49
N GLU J 39 -23.89 50.15 30.43
CA GLU J 39 -22.93 50.10 29.32
C GLU J 39 -22.03 48.88 29.42
N VAL J 40 -21.64 48.48 30.64
CA VAL J 40 -20.80 47.30 30.80
C VAL J 40 -21.59 46.03 30.47
N ALA J 41 -22.84 45.94 30.93
CA ALA J 41 -23.68 44.80 30.56
C ALA J 41 -23.91 44.74 29.05
N ALA J 42 -24.02 45.91 28.40
CA ALA J 42 -24.22 45.94 26.95
C ALA J 42 -22.98 45.47 26.20
N GLU J 43 -21.81 46.00 26.55
CA GLU J 43 -20.58 45.67 25.83
C GLU J 43 -20.08 44.26 26.14
N SER J 44 -20.66 43.56 27.10
CA SER J 44 -20.27 42.20 27.44
C SER J 44 -21.33 41.16 27.09
N SER J 45 -22.33 41.52 26.28
CA SER J 45 -23.32 40.54 25.83
C SER J 45 -23.78 40.76 24.40
N THR J 46 -24.82 41.61 24.23
CA THR J 46 -25.52 41.72 22.96
C THR J 46 -25.45 43.10 22.34
N GLY J 47 -24.91 44.10 23.03
CA GLY J 47 -25.04 45.47 22.57
C GLY J 47 -23.74 46.16 22.20
N SER J 48 -23.78 47.49 22.18
CA SER J 48 -22.64 48.34 21.86
C SER J 48 -22.78 49.64 22.64
N PHE J 49 -22.18 50.72 22.15
CA PHE J 49 -22.25 51.99 22.88
C PHE J 49 -23.62 52.64 22.81
N VAL J 50 -24.51 52.15 21.93
CA VAL J 50 -25.87 52.65 21.84
C VAL J 50 -26.77 51.44 21.56
N LYS J 51 -28.06 51.64 21.78
CA LYS J 51 -29.04 50.58 21.51
C LYS J 51 -28.86 50.06 20.09
N ILE J 52 -28.88 48.75 19.93
CA ILE J 52 -28.60 48.11 18.64
C ILE J 52 -29.89 48.06 17.84
N GLY J 53 -29.92 48.78 16.72
CA GLY J 53 -31.10 48.86 15.88
C GLY J 53 -31.42 47.60 15.10
N THR J 54 -30.42 46.76 14.84
CA THR J 54 -30.63 45.53 14.08
C THR J 54 -30.94 44.34 14.99
N ALA J 55 -31.11 44.58 16.28
CA ALA J 55 -31.42 43.52 17.23
C ALA J 55 -32.79 42.91 16.96
N THR J 56 -32.91 41.60 17.22
CA THR J 56 -34.16 40.87 17.12
C THR J 56 -34.64 40.53 18.53
N ALA J 57 -35.94 40.24 18.66
CA ALA J 57 -36.49 39.82 19.95
C ALA J 57 -35.74 38.61 20.48
N PHE J 58 -35.43 37.66 19.60
CA PHE J 58 -34.64 36.50 19.99
C PHE J 58 -33.31 36.95 20.60
N SER J 59 -32.60 37.84 19.91
CA SER J 59 -31.30 38.30 20.39
C SER J 59 -31.42 39.06 21.70
N GLU J 60 -32.51 39.84 21.86
CA GLU J 60 -32.73 40.55 23.11
C GLU J 60 -33.07 39.60 24.25
N SER J 61 -33.58 38.40 23.95
CA SER J 61 -33.79 37.41 25.00
C SER J 61 -32.48 36.84 25.56
N LEU J 62 -31.36 37.02 24.85
CA LEU J 62 -30.04 36.62 25.33
C LEU J 62 -29.21 37.81 25.84
N ASP J 63 -29.87 38.91 26.19
CA ASP J 63 -29.19 40.07 26.75
C ASP J 63 -28.65 39.78 28.14
N ALA J 64 -27.56 40.45 28.50
CA ALA J 64 -27.13 40.46 29.90
C ALA J 64 -28.03 41.36 30.73
N LEU J 65 -28.24 40.98 31.99
CA LEU J 65 -29.17 41.64 32.89
C LEU J 65 -28.41 42.17 34.10
N VAL J 66 -28.48 43.48 34.31
CA VAL J 66 -28.06 44.09 35.57
C VAL J 66 -29.20 43.86 36.55
N TYR J 67 -29.00 42.96 37.53
CA TYR J 67 -30.08 42.55 38.41
C TYR J 67 -29.89 42.96 39.87
N ARG J 68 -28.74 43.52 40.23
CA ARG J 68 -28.54 43.98 41.60
C ARG J 68 -27.48 45.06 41.62
N ILE J 69 -27.66 46.04 42.49
CA ILE J 69 -26.70 47.15 42.63
C ILE J 69 -26.47 47.43 44.10
N ASP J 70 -25.23 47.76 44.44
CA ASP J 70 -24.88 48.28 45.78
C ASP J 70 -24.18 49.61 45.53
N GLU J 71 -24.93 50.71 45.67
CA GLU J 71 -24.38 52.03 45.35
C GLU J 71 -23.26 52.40 46.32
N LYS J 72 -23.39 51.99 47.59
CA LYS J 72 -22.42 52.40 48.61
C LYS J 72 -21.05 51.81 48.33
N ASN J 73 -21.00 50.57 47.86
CA ASN J 73 -19.74 49.89 47.62
C ASN J 73 -19.37 49.85 46.14
N ASN J 74 -20.11 50.58 45.29
CA ASN J 74 -19.85 50.62 43.84
C ASN J 74 -19.84 49.21 43.25
N LEU J 75 -20.87 48.44 43.60
CA LEU J 75 -20.98 47.05 43.19
C LEU J 75 -22.15 46.86 42.23
N VAL J 76 -21.96 45.95 41.27
CA VAL J 76 -22.95 45.64 40.24
C VAL J 76 -22.99 44.13 40.02
N TRP J 77 -24.20 43.56 40.03
CA TRP J 77 -24.43 42.15 39.76
C TRP J 77 -25.00 42.03 38.35
N ILE J 78 -24.31 41.30 37.48
CA ILE J 78 -24.73 41.13 36.10
C ILE J 78 -24.97 39.64 35.84
N ALA J 79 -26.02 39.35 35.05
CA ALA J 79 -26.39 37.99 34.69
C ALA J 79 -26.16 37.79 33.20
N TYR J 80 -25.45 36.72 32.84
CA TYR J 80 -25.14 36.42 31.45
C TYR J 80 -25.77 35.07 31.09
N PRO J 81 -26.74 35.01 30.18
CA PRO J 81 -27.23 33.70 29.72
C PRO J 81 -26.14 32.90 29.04
N TRP J 82 -25.69 31.80 29.67
CA TRP J 82 -24.53 31.06 29.17
C TRP J 82 -24.75 30.41 27.80
N ARG J 83 -25.94 30.52 27.21
CA ARG J 83 -26.15 30.09 25.84
C ARG J 83 -25.40 30.97 24.83
N ILE J 84 -25.06 32.21 25.20
CA ILE J 84 -24.36 33.12 24.29
C ILE J 84 -22.89 32.77 24.17
N PHE J 85 -22.35 31.98 25.09
CA PHE J 85 -20.95 31.56 25.03
C PHE J 85 -20.74 30.52 23.92
N ASP J 86 -19.56 30.56 23.32
CA ASP J 86 -19.20 29.59 22.29
C ASP J 86 -19.31 28.17 22.84
N ARG J 87 -19.81 27.27 22.01
CA ARG J 87 -20.00 25.89 22.43
C ARG J 87 -18.66 25.16 22.44
N GLY J 88 -18.67 23.90 22.88
CA GLY J 88 -17.42 23.18 23.06
C GLY J 88 -16.64 23.56 24.29
N GLY J 89 -17.31 23.97 25.37
CA GLY J 89 -16.63 24.33 26.61
C GLY J 89 -15.62 25.45 26.45
N ASN J 90 -15.96 26.49 25.69
CA ASN J 90 -15.00 27.51 25.31
C ASN J 90 -14.84 28.59 26.39
N VAL J 91 -13.65 28.66 26.99
CA VAL J 91 -13.37 29.61 28.07
C VAL J 91 -12.82 30.94 27.57
N GLN J 92 -11.93 30.94 26.57
CA GLN J 92 -11.47 32.21 26.01
C GLN J 92 -12.66 33.05 25.59
N ASN J 93 -13.75 32.40 25.16
CA ASN J 93 -14.94 33.12 24.74
C ASN J 93 -15.63 33.80 25.92
N ILE J 94 -15.76 33.09 27.05
CA ILE J 94 -16.31 33.72 28.25
C ILE J 94 -15.48 34.92 28.64
N MET J 95 -14.15 34.75 28.68
CA MET J 95 -13.29 35.85 29.08
C MET J 95 -13.33 37.00 28.09
N THR J 96 -13.56 36.71 26.80
CA THR J 96 -13.75 37.78 25.82
C THR J 96 -15.03 38.55 26.09
N PHE J 97 -16.11 37.85 26.42
CA PHE J 97 -17.36 38.50 26.80
C PHE J 97 -17.16 39.41 27.99
N ILE J 98 -16.83 38.83 29.15
CA ILE J 98 -16.97 39.55 30.42
C ILE J 98 -15.70 40.28 30.85
N ALA J 99 -14.54 39.93 30.32
CA ALA J 99 -13.28 40.56 30.70
C ALA J 99 -12.53 41.05 29.47
N GLY J 100 -13.26 41.52 28.47
CA GLY J 100 -12.64 41.95 27.22
C GLY J 100 -12.68 43.45 27.01
N ASN J 101 -13.52 43.91 26.07
CA ASN J 101 -13.55 45.32 25.70
C ASN J 101 -13.99 46.23 26.84
N VAL J 102 -14.73 45.70 27.84
CA VAL J 102 -15.16 46.55 28.94
C VAL J 102 -13.96 47.11 29.70
N PHE J 103 -12.80 46.47 29.58
CA PHE J 103 -11.59 46.96 30.21
C PHE J 103 -10.96 48.14 29.47
N GLY J 104 -11.43 48.46 28.27
CA GLY J 104 -10.90 49.56 27.49
C GLY J 104 -11.87 50.69 27.27
N MET J 105 -13.09 50.57 27.77
CA MET J 105 -14.10 51.60 27.58
C MET J 105 -13.68 52.88 28.29
N ALA J 106 -13.61 53.98 27.53
CA ALA J 106 -13.20 55.25 28.13
C ALA J 106 -14.17 55.72 29.20
N SER J 107 -15.45 55.36 29.09
CA SER J 107 -16.45 55.87 30.01
C SER J 107 -16.47 55.17 31.36
N VAL J 108 -15.67 54.12 31.56
CA VAL J 108 -15.58 53.40 32.83
C VAL J 108 -14.16 53.55 33.36
N LYS J 109 -14.02 54.13 34.55
CA LYS J 109 -12.70 54.30 35.14
C LYS J 109 -12.31 53.13 36.05
N VAL J 110 -13.28 52.40 36.59
CA VAL J 110 -13.02 51.20 37.38
C VAL J 110 -13.93 50.09 36.87
N CYS J 111 -13.33 48.92 36.57
CA CYS J 111 -14.09 47.78 36.04
C CYS J 111 -13.35 46.51 36.50
N LYS J 112 -13.72 46.02 37.68
CA LYS J 112 -13.03 44.92 38.35
C LYS J 112 -14.01 43.78 38.63
N ILE J 113 -13.80 42.61 38.03
CA ILE J 113 -14.60 41.44 38.40
C ILE J 113 -14.07 40.86 39.69
N LEU J 114 -14.95 40.72 40.69
CA LEU J 114 -14.53 40.24 42.00
C LEU J 114 -14.94 38.81 42.29
N ASP J 115 -15.97 38.28 41.62
CA ASP J 115 -16.46 36.93 41.83
C ASP J 115 -17.41 36.62 40.66
N VAL J 116 -17.60 35.33 40.41
CA VAL J 116 -18.45 34.86 39.31
C VAL J 116 -19.11 33.56 39.74
N TYR J 117 -20.29 33.26 39.21
CA TYR J 117 -21.04 32.06 39.57
C TYR J 117 -21.36 31.21 38.33
N PHE J 118 -21.10 29.91 38.44
CA PHE J 118 -21.47 28.93 37.42
C PHE J 118 -22.58 28.01 37.91
N PRO J 119 -23.76 28.06 37.31
CA PRO J 119 -24.86 27.14 37.69
C PRO J 119 -24.57 25.72 37.21
N PRO J 120 -25.20 24.72 37.82
CA PRO J 120 -24.91 23.33 37.42
C PRO J 120 -25.18 23.04 35.94
N GLN J 121 -26.23 23.63 35.36
CA GLN J 121 -26.52 23.38 33.95
C GLN J 121 -25.39 23.84 33.04
N MET J 122 -24.64 24.87 33.46
CA MET J 122 -23.50 25.35 32.70
C MET J 122 -22.26 24.48 32.91
N LEU J 123 -22.00 24.03 34.15
CA LEU J 123 -20.83 23.19 34.42
C LEU J 123 -20.75 21.96 33.52
N VAL J 124 -21.91 21.41 33.13
CA VAL J 124 -21.92 20.22 32.28
C VAL J 124 -21.15 20.47 30.98
N GLN J 125 -21.14 21.71 30.50
CA GLN J 125 -20.62 22.01 29.17
C GLN J 125 -19.09 22.18 29.14
N TYR J 126 -18.40 22.09 30.26
CA TYR J 126 -16.97 22.37 30.32
C TYR J 126 -16.21 21.20 30.89
N ASP J 127 -14.89 21.20 30.62
CA ASP J 127 -14.06 20.02 30.90
C ASP J 127 -13.87 19.81 32.40
N GLY J 128 -13.33 20.81 33.09
CA GLY J 128 -12.83 20.61 34.43
C GLY J 128 -11.57 19.77 34.40
N PRO J 129 -10.85 19.72 35.53
CA PRO J 129 -9.60 18.94 35.55
C PRO J 129 -9.87 17.45 35.32
N GLU J 130 -8.81 16.75 34.91
CA GLU J 130 -8.86 15.31 34.70
C GLU J 130 -7.82 14.56 35.52
N TYR J 131 -6.60 15.08 35.60
CA TYR J 131 -5.56 14.54 36.46
C TYR J 131 -5.50 15.43 37.71
N THR J 132 -5.63 14.82 38.87
CA THR J 132 -5.76 15.59 40.10
C THR J 132 -4.54 15.38 40.99
N ILE J 133 -4.52 16.14 42.10
CA ILE J 133 -3.45 15.98 43.08
C ILE J 133 -3.44 14.55 43.62
N ASP J 134 -4.62 13.93 43.72
CA ASP J 134 -4.67 12.56 44.23
C ASP J 134 -3.92 11.59 43.30
N ASP J 135 -4.08 11.76 41.99
CA ASP J 135 -3.34 10.91 41.05
C ASP J 135 -1.83 11.06 41.24
N MET J 136 -1.36 12.30 41.37
CA MET J 136 0.07 12.54 41.56
C MET J 136 0.54 12.00 42.91
N ARG J 137 -0.28 12.16 43.96
CA ARG J 137 0.03 11.55 45.25
C ARG J 137 0.22 10.05 45.10
N LYS J 138 -0.69 9.40 44.36
CA LYS J 138 -0.57 7.97 44.09
C LYS J 138 0.77 7.65 43.42
N TYR J 139 1.13 8.41 42.38
CA TYR J 139 2.38 8.12 41.70
C TYR J 139 3.57 8.30 42.63
N LEU J 140 3.61 9.41 43.34
CA LEU J 140 4.72 9.69 44.24
C LEU J 140 4.68 8.79 45.47
N ASN J 141 3.55 8.14 45.70
CA ASN J 141 3.34 7.36 46.93
C ASN J 141 3.52 8.27 48.14
N ILE J 142 2.94 9.47 48.06
CA ILE J 142 2.97 10.39 49.21
C ILE J 142 1.52 10.76 49.53
N GLN J 143 1.15 10.57 50.80
CA GLN J 143 -0.19 10.84 51.27
C GLN J 143 -0.14 11.87 52.39
N GLU J 144 -1.21 12.66 52.49
CA GLU J 144 -1.46 13.58 53.59
C GLU J 144 -0.58 14.81 53.47
N ARG J 145 0.71 14.57 53.27
CA ARG J 145 1.70 15.64 53.34
C ARG J 145 1.59 16.58 52.15
N PRO J 146 2.03 17.82 52.32
CA PRO J 146 2.12 18.71 51.16
C PRO J 146 3.19 18.19 50.23
N ILE J 147 3.03 18.48 48.94
CA ILE J 147 4.05 18.12 47.97
C ILE J 147 5.07 19.24 47.91
N PHE J 148 6.31 18.93 48.28
CA PHE J 148 7.37 19.92 48.37
C PHE J 148 8.16 19.93 47.06
N GLY J 149 8.20 21.09 46.42
CA GLY J 149 8.86 21.22 45.14
C GLY J 149 9.66 22.50 45.09
N SER J 150 10.46 22.59 44.03
CA SER J 150 11.37 23.70 43.84
C SER J 150 11.34 24.15 42.39
N ILE J 151 11.69 25.40 42.18
CA ILE J 151 11.99 25.94 40.85
C ILE J 151 13.49 26.05 40.71
N ILE J 152 14.01 25.52 39.60
CA ILE J 152 15.44 25.65 39.35
C ILE J 152 15.77 27.12 39.13
N LYS J 153 16.67 27.64 39.95
CA LYS J 153 17.21 29.00 39.78
C LYS J 153 18.72 28.93 39.53
N PRO J 154 19.28 29.91 38.80
CA PRO J 154 18.67 31.13 38.24
C PRO J 154 17.57 30.86 37.22
N LYS J 155 16.61 31.79 37.08
CA LYS J 155 15.49 31.58 36.17
C LYS J 155 15.95 31.25 34.76
N ILE J 156 17.06 31.84 34.33
CA ILE J 156 17.65 31.57 33.02
C ILE J 156 19.16 31.66 33.17
N GLY J 157 19.87 30.88 32.38
CA GLY J 157 21.32 30.96 32.33
C GLY J 157 22.03 29.67 32.65
N LEU J 158 21.32 28.65 33.13
CA LEU J 158 21.92 27.36 33.39
C LEU J 158 21.88 26.51 32.12
N THR J 159 22.87 25.64 31.98
CA THR J 159 22.79 24.66 30.91
C THR J 159 21.84 23.55 31.31
N SER J 160 21.50 22.70 30.33
CA SER J 160 20.62 21.58 30.62
C SER J 160 21.22 20.68 31.70
N SER J 161 22.54 20.48 31.65
CA SER J 161 23.22 19.66 32.64
C SER J 161 23.15 20.28 34.02
N GLU J 162 23.50 21.57 34.15
CA GLU J 162 23.40 22.27 35.43
C GLU J 162 21.98 22.22 35.99
N TYR J 163 21.00 22.42 35.11
CA TYR J 163 19.60 22.33 35.51
C TYR J 163 19.28 20.96 36.08
N ALA J 164 19.69 19.90 35.38
CA ALA J 164 19.44 18.56 35.88
C ALA J 164 20.18 18.29 37.18
N GLU J 165 21.37 18.85 37.33
CA GLU J 165 22.12 18.72 38.57
C GLU J 165 21.32 19.24 39.74
N LEU J 166 20.80 20.44 39.59
CA LEU J 166 20.01 21.04 40.66
C LEU J 166 18.73 20.24 40.91
N CYS J 167 18.12 19.70 39.85
CA CYS J 167 16.99 18.79 40.01
C CYS J 167 17.37 17.60 40.88
N TYR J 168 18.50 16.95 40.56
CA TYR J 168 18.98 15.82 41.34
C TYR J 168 19.18 16.21 42.79
N ASP J 169 19.85 17.33 43.03
CA ASP J 169 20.16 17.73 44.40
C ASP J 169 18.89 17.97 45.22
N PHE J 170 17.87 18.58 44.60
CA PHE J 170 16.64 18.81 45.35
C PHE J 170 15.90 17.51 45.62
N TRP J 171 15.74 16.66 44.60
CA TRP J 171 15.06 15.38 44.81
C TRP J 171 15.79 14.52 45.83
N SER J 172 17.11 14.42 45.69
CA SER J 172 17.95 13.64 46.61
C SER J 172 17.86 14.16 48.03
N GLY J 173 17.58 15.45 48.20
CA GLY J 173 17.39 16.04 49.50
C GLY J 173 16.00 15.84 50.07
N GLY J 174 15.21 14.95 49.47
CA GLY J 174 13.88 14.68 49.95
C GLY J 174 12.79 15.41 49.21
N GLY J 175 13.15 16.23 48.23
CA GLY J 175 12.14 16.94 47.47
C GLY J 175 11.33 16.01 46.60
N ASP J 176 10.05 16.37 46.43
CA ASP J 176 9.11 15.56 45.67
C ASP J 176 8.91 16.09 44.25
N PHE J 177 9.00 17.40 44.04
CA PHE J 177 8.48 18.04 42.84
C PHE J 177 9.45 19.11 42.34
N VAL J 178 9.76 19.09 41.05
CA VAL J 178 10.56 20.17 40.49
C VAL J 178 9.80 20.71 39.30
N KCX J 179 9.70 22.04 39.18
CA KCX J 179 9.05 22.60 38.01
CB KCX J 179 7.80 23.39 38.40
CG KCX J 179 8.19 24.60 39.24
CD KCX J 179 6.96 25.44 39.55
CE KCX J 179 6.48 26.13 38.27
NZ KCX J 179 7.44 27.09 37.77
C KCX J 179 10.02 23.47 37.25
O KCX J 179 10.98 24.04 37.85
CX KCX J 179 7.41 28.47 38.25
OQ1 KCX J 179 6.52 28.86 39.03
OQ2 KCX J 179 8.32 29.26 37.89
N ASN J 180 9.84 23.58 35.93
CA ASN J 180 10.54 24.60 35.16
C ASN J 180 10.11 25.97 35.67
N ASP J 181 11.04 26.92 35.64
CA ASP J 181 10.66 28.32 35.76
C ASP J 181 9.89 28.71 34.50
N GLU J 182 8.96 29.65 34.66
CA GLU J 182 7.97 29.88 33.60
C GLU J 182 8.54 30.28 32.23
N PRO J 183 9.66 30.99 32.09
CA PRO J 183 10.13 31.32 30.74
C PRO J 183 11.15 30.33 30.18
N GLN J 184 11.60 29.36 30.97
CA GLN J 184 12.56 28.38 30.48
C GLN J 184 11.94 27.53 29.38
N ALA J 185 12.65 27.42 28.27
CA ALA J 185 12.16 26.65 27.12
C ALA J 185 13.34 26.09 26.35
N ASP J 186 13.44 26.42 25.05
CA ASP J 186 14.49 25.85 24.22
C ASP J 186 15.55 26.89 23.87
N GLN J 187 16.09 27.60 24.86
CA GLN J 187 17.21 28.51 24.61
C GLN J 187 18.42 27.73 24.13
N ASP J 188 19.24 28.37 23.30
CA ASP J 188 20.36 27.68 22.65
C ASP J 188 21.32 27.10 23.67
N PHE J 189 21.55 27.81 24.78
CA PHE J 189 22.48 27.34 25.80
C PHE J 189 21.87 26.26 26.70
N CYS J 190 20.56 26.06 26.64
CA CYS J 190 19.85 25.06 27.45
C CYS J 190 18.93 24.24 26.55
N PRO J 191 19.50 23.40 25.67
CA PRO J 191 18.67 22.65 24.72
C PRO J 191 17.55 21.88 25.41
N TYR J 192 16.35 22.03 24.86
CA TYR J 192 15.15 21.44 25.48
C TYR J 192 15.21 19.92 25.46
N ASP J 193 15.58 19.32 24.32
CA ASP J 193 15.66 17.86 24.25
C ASP J 193 16.68 17.31 25.23
N LYS J 194 17.90 17.86 25.24
CA LYS J 194 18.91 17.39 26.19
C LYS J 194 18.49 17.69 27.62
N MET J 195 17.84 18.82 27.86
CA MET J 195 17.31 19.10 29.18
C MET J 195 16.36 17.99 29.63
N VAL J 196 15.46 17.57 28.74
CA VAL J 196 14.52 16.50 29.08
C VAL J 196 15.28 15.21 29.37
N GLN J 197 16.26 14.87 28.52
CA GLN J 197 17.00 13.62 28.72
C GLN J 197 17.74 13.63 30.06
N ASP J 198 18.37 14.77 30.37
CA ASP J 198 19.13 14.88 31.61
C ASP J 198 18.21 14.82 32.82
N VAL J 199 17.01 15.41 32.70
CA VAL J 199 16.03 15.30 33.79
C VAL J 199 15.60 13.86 33.99
N ARG J 200 15.30 13.15 32.90
CA ARG J 200 14.92 11.75 33.02
C ARG J 200 16.00 10.95 33.70
N HIS J 201 17.25 11.14 33.26
CA HIS J 201 18.38 10.43 33.86
C HIS J 201 18.51 10.75 35.34
N ALA J 202 18.41 12.03 35.69
CA ALA J 202 18.50 12.44 37.09
C ALA J 202 17.43 11.78 37.93
N MET J 203 16.22 11.70 37.39
CA MET J 203 15.16 11.02 38.10
C MET J 203 15.49 9.54 38.27
N ASP J 204 16.08 8.93 37.23
CA ASP J 204 16.51 7.54 37.34
C ASP J 204 17.46 7.34 38.52
N ARG J 205 18.43 8.25 38.68
CA ARG J 205 19.38 8.12 39.78
C ARG J 205 18.72 8.33 41.14
N VAL J 206 17.82 9.31 41.24
CA VAL J 206 17.12 9.49 42.51
C VAL J 206 16.31 8.24 42.87
N GLU J 207 15.61 7.68 41.88
CA GLU J 207 14.85 6.45 42.12
C GLU J 207 15.75 5.29 42.51
N GLN J 208 16.95 5.24 41.93
CA GLN J 208 17.94 4.23 42.31
C GLN J 208 18.37 4.38 43.75
N GLU J 209 18.72 5.59 44.15
CA GLU J 209 19.33 5.80 45.46
C GLU J 209 18.31 5.74 46.59
N THR J 210 17.09 6.23 46.35
CA THR J 210 16.09 6.33 47.41
C THR J 210 14.95 5.33 47.27
N GLY J 211 14.73 4.76 46.09
CA GLY J 211 13.55 3.95 45.87
C GLY J 211 12.26 4.72 45.75
N LYS J 212 12.30 6.04 45.70
CA LYS J 212 11.12 6.88 45.62
C LYS J 212 11.00 7.53 44.24
N THR J 213 9.76 7.63 43.77
CA THR J 213 9.42 8.32 42.54
C THR J 213 9.37 9.83 42.76
N LYS J 214 9.58 10.57 41.68
CA LYS J 214 9.54 12.04 41.73
C LYS J 214 8.77 12.55 40.51
N VAL J 215 8.50 13.84 40.49
CA VAL J 215 7.74 14.46 39.40
C VAL J 215 8.39 15.78 39.00
N HIS J 216 8.45 16.02 37.69
CA HIS J 216 8.96 17.27 37.12
C HIS J 216 7.89 17.84 36.19
N SER J 217 7.52 19.09 36.45
CA SER J 217 6.60 19.83 35.60
C SER J 217 7.41 20.58 34.54
N PHE J 218 7.26 20.18 33.28
CA PHE J 218 8.01 20.80 32.20
C PHE J 218 7.22 21.96 31.62
N ASN J 219 7.92 23.07 31.36
CA ASN J 219 7.34 24.18 30.62
C ASN J 219 7.29 23.83 29.15
N ILE J 220 6.08 23.68 28.61
CA ILE J 220 5.89 23.41 27.18
C ILE J 220 5.39 24.62 26.41
N SER J 221 5.22 25.76 27.07
CA SER J 221 4.94 27.01 26.38
C SER J 221 5.95 27.25 25.27
N SER J 222 5.46 27.59 24.07
CA SER J 222 6.28 27.60 22.87
C SER J 222 5.91 28.81 22.00
N SER J 223 6.55 28.89 20.83
CA SER J 223 6.20 29.94 19.87
C SER J 223 4.84 29.68 19.25
N ASP J 224 4.61 28.44 18.84
CA ASP J 224 3.38 28.03 18.19
C ASP J 224 2.89 26.70 18.77
N TYR J 225 1.73 26.25 18.27
CA TYR J 225 1.07 25.08 18.85
C TYR J 225 1.81 23.78 18.48
N ASP J 226 2.36 23.69 17.26
CA ASP J 226 3.10 22.50 16.85
C ASP J 226 4.32 22.25 17.72
N THR J 227 5.03 23.32 18.11
CA THR J 227 6.19 23.17 19.00
C THR J 227 5.77 22.70 20.38
N MET J 228 4.66 23.22 20.90
CA MET J 228 4.18 22.74 22.19
C MET J 228 3.85 21.25 22.13
N ILE J 229 3.21 20.82 21.04
CA ILE J 229 2.89 19.41 20.88
C ILE J 229 4.16 18.57 20.74
N LYS J 230 5.15 19.08 19.99
CA LYS J 230 6.44 18.40 19.88
C LYS J 230 7.06 18.18 21.26
N LYS J 231 7.07 19.25 22.08
CA LYS J 231 7.63 19.15 23.42
C LYS J 231 6.89 18.12 24.26
N ALA J 232 5.55 18.18 24.26
CA ALA J 232 4.77 17.25 25.06
C ALA J 232 4.99 15.81 24.63
N ASP J 233 4.93 15.56 23.32
CA ASP J 233 5.13 14.20 22.83
C ASP J 233 6.53 13.69 23.14
N TYR J 234 7.53 14.56 23.03
CA TYR J 234 8.89 14.16 23.35
C TYR J 234 9.00 13.77 24.83
N ILE J 235 8.43 14.60 25.71
CA ILE J 235 8.44 14.29 27.13
C ILE J 235 7.75 12.96 27.39
N GLN J 236 6.60 12.73 26.75
CA GLN J 236 5.92 11.45 26.90
C GLN J 236 6.82 10.30 26.47
N SER J 237 7.56 10.48 25.40
CA SER J 237 8.44 9.43 24.92
C SER J 237 9.67 9.24 25.81
N MET J 238 10.01 10.25 26.62
CA MET J 238 11.26 10.20 27.37
C MET J 238 11.06 9.94 28.85
N MET J 239 9.88 10.24 29.40
CA MET J 239 9.63 10.14 30.82
C MET J 239 8.64 9.01 31.11
N LYS J 240 8.77 8.43 32.29
CA LYS J 240 7.83 7.41 32.73
C LYS J 240 6.46 8.02 32.99
N PRO J 241 5.39 7.30 32.68
CA PRO J 241 4.04 7.82 32.97
C PRO J 241 3.89 8.19 34.43
N GLY J 242 3.29 9.36 34.68
CA GLY J 242 3.10 9.90 36.00
C GLY J 242 4.26 10.70 36.56
N SER J 243 5.46 10.53 36.01
CA SER J 243 6.64 11.22 36.53
C SER J 243 6.79 12.63 35.99
N TYR J 244 5.89 13.09 35.12
CA TYR J 244 6.00 14.40 34.50
C TYR J 244 4.68 15.12 34.52
N ALA J 245 4.76 16.45 34.59
CA ALA J 245 3.63 17.35 34.41
C ALA J 245 3.95 18.32 33.29
N PHE J 246 2.91 18.94 32.74
CA PHE J 246 3.03 19.88 31.64
C PHE J 246 2.71 21.29 32.14
N LEU J 247 3.68 22.19 32.07
CA LEU J 247 3.48 23.57 32.50
C LEU J 247 3.14 24.44 31.31
N VAL J 248 2.13 25.30 31.47
CA VAL J 248 1.73 26.25 30.45
C VAL J 248 1.62 27.63 31.06
N ASP J 249 2.28 28.61 30.44
CA ASP J 249 2.16 30.01 30.83
C ASP J 249 0.76 30.47 30.45
N GLY J 250 -0.20 30.18 31.35
CA GLY J 250 -1.60 30.32 31.01
C GLY J 250 -1.96 31.70 30.49
N ILE J 251 -1.48 32.74 31.17
CA ILE J 251 -1.87 34.09 30.79
C ILE J 251 -1.23 34.50 29.46
N THR J 252 0.09 34.34 29.34
CA THR J 252 0.79 34.78 28.14
C THR J 252 0.61 33.81 26.98
N ALA J 253 0.47 32.51 27.24
CA ALA J 253 0.21 31.58 26.16
C ALA J 253 -1.26 31.52 25.78
N GLY J 254 -2.16 31.71 26.74
CA GLY J 254 -3.57 31.84 26.41
C GLY J 254 -4.39 30.67 26.93
N TRP J 255 -5.68 30.95 27.19
CA TRP J 255 -6.61 29.93 27.64
C TRP J 255 -6.67 28.76 26.67
N MET J 256 -6.39 29.03 25.40
CA MET J 256 -6.45 28.00 24.37
C MET J 256 -5.44 26.91 24.62
N ALA J 257 -4.24 27.31 25.05
CA ALA J 257 -3.20 26.34 25.37
C ALA J 257 -3.63 25.43 26.52
N ILE J 258 -4.18 26.02 27.58
CA ILE J 258 -4.65 25.23 28.70
C ILE J 258 -5.66 24.19 28.23
N GLN J 259 -6.71 24.63 27.56
CA GLN J 259 -7.78 23.72 27.16
C GLN J 259 -7.27 22.67 26.19
N THR J 260 -6.33 23.03 25.33
CA THR J 260 -5.80 22.10 24.35
C THR J 260 -4.97 21.01 25.00
N ILE J 261 -4.08 21.39 25.93
CA ILE J 261 -3.29 20.39 26.63
C ILE J 261 -4.19 19.50 27.47
N ARG J 262 -5.17 20.10 28.16
CA ARG J 262 -6.12 19.31 28.92
C ARG J 262 -6.75 18.22 28.06
N ARG J 263 -7.22 18.58 26.87
CA ARG J 263 -7.96 17.54 26.15
C ARG J 263 -7.06 16.55 25.44
N LYS J 264 -5.90 16.98 24.94
CA LYS J 264 -5.09 16.05 24.18
C LYS J 264 -4.23 15.15 25.06
N TYR J 265 -3.93 15.57 26.29
CA TYR J 265 -3.18 14.76 27.26
C TYR J 265 -3.92 14.75 28.59
N PRO J 266 -5.11 14.14 28.62
CA PRO J 266 -5.94 14.22 29.84
C PRO J 266 -5.34 13.53 31.04
N ASN J 267 -4.44 12.56 30.83
CA ASN J 267 -3.84 11.80 31.92
C ASN J 267 -2.53 12.39 32.42
N VAL J 268 -2.24 13.65 32.09
CA VAL J 268 -1.05 14.32 32.58
C VAL J 268 -1.46 15.56 33.34
N PHE J 269 -0.80 15.78 34.48
CA PHE J 269 -1.08 16.95 35.31
C PHE J 269 -0.75 18.23 34.55
N LEU J 270 -1.75 19.07 34.38
CA LEU J 270 -1.62 20.36 33.69
C LEU J 270 -1.37 21.45 34.72
N HIS J 271 -0.18 22.05 34.65
CA HIS J 271 0.30 23.05 35.60
C HIS J 271 0.14 24.42 34.95
N PHE J 272 -0.89 25.14 35.39
CA PHE J 272 -1.22 26.48 34.91
C PHE J 272 -0.36 27.47 35.67
N HIS J 273 0.72 27.93 35.05
CA HIS J 273 1.47 29.05 35.60
C HIS J 273 0.84 30.34 35.12
N ARG J 274 0.65 31.29 36.04
CA ARG J 274 -0.11 32.51 35.78
C ARG J 274 0.78 33.73 35.61
N ALA J 275 1.96 33.56 35.00
CA ALA J 275 2.85 34.68 34.76
C ALA J 275 2.15 35.76 33.94
N GLY J 276 2.01 36.95 34.52
CA GLY J 276 1.35 38.06 33.87
C GLY J 276 -0.03 38.37 34.44
N HIS J 277 -0.57 37.50 35.28
CA HIS J 277 -1.90 37.70 35.86
C HIS J 277 -1.98 38.98 36.67
N GLY J 278 -0.84 39.50 37.13
CA GLY J 278 -0.84 40.68 37.97
C GLY J 278 -1.58 41.86 37.37
N ALA J 279 -1.42 42.06 36.06
CA ALA J 279 -2.09 43.17 35.39
C ALA J 279 -3.61 43.13 35.57
N PHE J 280 -4.19 41.93 35.69
CA PHE J 280 -5.63 41.80 35.94
C PHE J 280 -5.99 41.81 37.42
N THR J 281 -5.19 41.13 38.26
CA THR J 281 -5.68 40.71 39.56
C THR J 281 -5.23 41.60 40.70
N ARG J 282 -4.13 42.32 40.55
CA ARG J 282 -3.60 43.15 41.63
C ARG J 282 -4.65 44.18 42.06
N ASP J 283 -4.74 44.40 43.38
CA ASP J 283 -5.67 45.40 43.89
C ASP J 283 -5.39 46.81 43.36
N GLU J 284 -4.13 47.13 43.03
CA GLU J 284 -3.83 48.50 42.60
C GLU J 284 -4.45 48.82 41.24
N ASN J 285 -4.74 47.81 40.43
CA ASN J 285 -5.33 48.04 39.11
C ASN J 285 -6.84 48.13 39.26
N PRO J 286 -7.45 49.31 39.08
CA PRO J 286 -8.92 49.39 39.17
C PRO J 286 -9.62 48.62 38.07
N ILE J 287 -8.89 48.20 37.05
CA ILE J 287 -9.44 47.46 35.90
C ILE J 287 -8.84 46.07 35.89
N GLY J 288 -9.67 45.06 35.77
CA GLY J 288 -9.23 43.68 35.68
C GLY J 288 -10.22 42.77 36.38
N TYR J 289 -9.71 41.62 36.84
CA TYR J 289 -10.46 40.67 37.65
C TYR J 289 -9.55 40.09 38.71
N THR J 290 -10.14 39.76 39.85
CA THR J 290 -9.37 39.32 41.00
C THR J 290 -8.93 37.87 40.88
N VAL J 291 -8.09 37.44 41.83
CA VAL J 291 -7.49 36.11 41.85
C VAL J 291 -8.54 35.02 42.08
N PRO J 292 -9.55 35.18 42.96
CA PRO J 292 -10.59 34.14 43.03
C PRO J 292 -11.26 33.89 41.68
N VAL J 293 -11.53 34.93 40.91
CA VAL J 293 -12.15 34.76 39.60
C VAL J 293 -11.22 34.01 38.66
N LEU J 294 -9.96 34.44 38.62
CA LEU J 294 -8.93 33.80 37.82
C LEU J 294 -8.85 32.31 38.12
N THR J 295 -8.80 31.95 39.40
CA THR J 295 -8.69 30.56 39.81
C THR J 295 -9.93 29.77 39.44
N LYS J 296 -11.11 30.36 39.67
CA LYS J 296 -12.34 29.68 39.31
C LYS J 296 -12.38 29.34 37.82
N PHE J 297 -11.92 30.27 36.98
CA PHE J 297 -11.85 29.98 35.54
C PHE J 297 -10.75 28.99 35.20
N ALA J 298 -9.63 29.02 35.93
CA ALA J 298 -8.58 28.03 35.72
C ALA J 298 -9.08 26.63 36.02
N ARG J 299 -9.96 26.49 37.02
CA ARG J 299 -10.59 25.21 37.30
C ARG J 299 -11.60 24.85 36.22
N LEU J 300 -12.36 25.85 35.74
CA LEU J 300 -13.31 25.60 34.67
C LEU J 300 -12.64 25.03 33.42
N ALA J 301 -11.50 25.61 33.05
CA ALA J 301 -10.81 25.14 31.84
C ALA J 301 -10.22 23.75 32.02
N GLY J 302 -9.98 23.34 33.25
CA GLY J 302 -9.48 22.02 33.55
C GLY J 302 -8.04 21.93 34.01
N ALA J 303 -7.43 23.04 34.41
CA ALA J 303 -6.06 22.97 34.90
C ALA J 303 -6.02 22.13 36.17
N SER J 304 -5.03 21.25 36.24
CA SER J 304 -4.86 20.42 37.43
C SER J 304 -4.39 21.25 38.61
N GLY J 305 -3.65 22.33 38.37
CA GLY J 305 -3.21 23.19 39.45
C GLY J 305 -2.84 24.56 38.91
N ILE J 306 -2.95 25.57 39.78
CA ILE J 306 -2.54 26.92 39.43
C ILE J 306 -1.95 27.58 40.67
N HIS J 307 -1.02 28.50 40.45
CA HIS J 307 -0.52 29.30 41.56
C HIS J 307 -1.66 30.13 42.12
N THR J 308 -1.83 30.06 43.44
CA THR J 308 -2.95 30.67 44.12
C THR J 308 -2.53 31.73 45.14
N GLY J 309 -1.23 31.88 45.37
CA GLY J 309 -0.74 32.89 46.27
C GLY J 309 -0.37 32.30 47.63
N THR J 310 0.44 33.06 48.36
CA THR J 310 0.94 32.65 49.66
C THR J 310 0.24 33.34 50.81
N ALA J 311 -0.91 33.96 50.56
CA ALA J 311 -1.69 34.64 51.59
C ALA J 311 -0.89 35.77 52.24
N GLY J 312 0.00 36.40 51.48
CA GLY J 312 0.83 37.49 51.98
C GLY J 312 2.10 37.08 52.71
N ILE J 313 2.30 35.79 52.95
CA ILE J 313 3.47 35.34 53.70
C ILE J 313 4.75 35.52 52.87
N GLY J 314 4.68 35.23 51.57
CA GLY J 314 5.82 35.34 50.68
C GLY J 314 6.02 36.72 50.08
N LYS J 315 6.43 36.76 48.80
CA LYS J 315 6.77 38.01 48.14
C LYS J 315 5.71 38.47 47.15
N MET J 316 4.75 37.63 46.80
CA MET J 316 3.75 38.00 45.82
C MET J 316 2.54 38.63 46.51
N ALA J 317 1.97 39.65 45.84
CA ALA J 317 0.85 40.38 46.43
C ALA J 317 -0.33 39.47 46.69
N GLY J 318 -0.98 39.69 47.81
CA GLY J 318 -2.13 38.91 48.22
C GLY J 318 -2.33 38.99 49.70
N SER J 319 -3.55 38.67 50.12
CA SER J 319 -3.92 38.67 51.53
C SER J 319 -4.38 37.27 51.92
N PRO J 320 -4.41 36.94 53.21
CA PRO J 320 -4.99 35.66 53.60
C PRO J 320 -6.39 35.48 53.04
N LYS J 321 -7.20 36.54 53.06
CA LYS J 321 -8.56 36.48 52.54
C LYS J 321 -8.57 36.04 51.08
N GLU J 322 -7.92 36.82 50.22
CA GLU J 322 -8.02 36.59 48.77
C GLU J 322 -7.34 35.29 48.35
N ASP J 323 -6.11 35.06 48.83
CA ASP J 323 -5.38 33.88 48.38
C ASP J 323 -6.00 32.61 48.95
N VAL J 324 -6.46 32.65 50.20
CA VAL J 324 -7.10 31.48 50.76
C VAL J 324 -8.43 31.22 50.06
N MET J 325 -9.19 32.28 49.75
CA MET J 325 -10.43 32.11 49.02
C MET J 325 -10.19 31.43 47.68
N ALA J 326 -9.12 31.81 47.00
CA ALA J 326 -8.80 31.16 45.72
C ALA J 326 -8.40 29.70 45.93
N ALA J 327 -7.59 29.42 46.96
CA ALA J 327 -7.19 28.04 47.22
C ALA J 327 -8.40 27.17 47.51
N ARG J 328 -9.38 27.70 48.24
CA ARG J 328 -10.60 26.94 48.52
C ARG J 328 -11.43 26.76 47.25
N HIS J 329 -11.49 27.81 46.42
CA HIS J 329 -12.14 27.67 45.12
C HIS J 329 -11.53 26.52 44.34
N ALA J 330 -10.21 26.34 44.46
CA ALA J 330 -9.53 25.26 43.76
C ALA J 330 -9.79 23.89 44.39
N LEU J 331 -9.92 23.82 45.71
CA LEU J 331 -9.94 22.53 46.40
C LEU J 331 -11.34 21.99 46.66
N LYS J 332 -12.23 22.82 47.17
CA LYS J 332 -13.44 22.34 47.83
C LYS J 332 -14.52 21.98 46.82
N LEU J 333 -15.41 21.06 47.21
CA LEU J 333 -16.62 20.83 46.45
C LEU J 333 -17.62 21.97 46.66
N TYR J 334 -17.63 22.55 47.85
CA TYR J 334 -18.42 23.74 48.16
C TYR J 334 -17.43 24.84 48.52
N SER J 335 -17.34 25.86 47.67
CA SER J 335 -16.43 26.98 47.86
C SER J 335 -17.24 28.26 47.99
N GLU J 336 -16.76 29.18 48.82
CA GLU J 336 -17.46 30.43 49.06
C GLU J 336 -16.69 31.54 48.35
N GLY J 337 -17.36 32.26 47.45
CA GLY J 337 -16.79 33.45 46.86
C GLY J 337 -17.11 34.69 47.68
N ASP J 338 -16.64 35.83 47.19
CA ASP J 338 -16.92 37.09 47.87
C ASP J 338 -18.40 37.43 47.87
N TYR J 339 -19.17 36.89 46.92
CA TYR J 339 -20.59 37.20 46.76
C TYR J 339 -21.45 36.00 46.36
N PHE J 340 -20.87 34.92 45.83
CA PHE J 340 -21.63 33.76 45.42
C PHE J 340 -21.07 32.53 46.11
N LYS J 341 -21.95 31.63 46.52
CA LYS J 341 -21.54 30.31 46.99
C LYS J 341 -21.56 29.35 45.81
N GLN J 342 -20.45 28.68 45.58
CA GLN J 342 -20.23 27.81 44.42
C GLN J 342 -20.24 26.35 44.86
N ILE J 343 -21.08 25.55 44.20
CA ILE J 343 -21.05 24.09 44.34
C ILE J 343 -20.50 23.53 43.03
N TRP J 344 -19.36 22.85 43.11
CA TRP J 344 -18.67 22.35 41.93
C TRP J 344 -19.24 21.00 41.51
N SER J 345 -20.54 20.98 41.26
CA SER J 345 -21.25 19.76 40.90
C SER J 345 -22.32 20.09 39.87
N GLU J 346 -22.45 19.21 38.86
CA GLU J 346 -23.46 19.38 37.82
C GLU J 346 -24.83 18.86 38.24
N ILE J 347 -25.00 18.53 39.52
CA ILE J 347 -26.17 17.81 40.01
C ILE J 347 -27.02 18.77 40.83
N PRO J 348 -28.34 18.62 40.87
CA PRO J 348 -29.17 19.55 41.65
C PRO J 348 -28.77 19.60 43.12
N GLU J 349 -28.79 20.81 43.68
CA GLU J 349 -28.46 21.02 45.09
C GLU J 349 -29.37 20.20 46.00
N LYS J 350 -30.56 19.87 45.51
CA LYS J 350 -31.52 19.05 46.25
C LYS J 350 -31.01 17.62 46.46
N ASP J 351 -29.93 17.23 45.79
CA ASP J 351 -29.39 15.89 45.91
C ASP J 351 -29.03 15.54 47.36
N ALA J 352 -29.50 14.38 47.82
CA ALA J 352 -29.17 13.92 49.16
C ALA J 352 -27.70 13.52 49.24
N ASP J 353 -27.23 12.81 48.22
CA ASP J 353 -25.86 12.32 48.18
C ASP J 353 -24.85 13.47 48.15
N LEU J 354 -25.16 14.54 47.40
CA LEU J 354 -24.24 15.66 47.27
C LEU J 354 -24.14 16.48 48.55
N GLN J 355 -25.27 16.83 49.16
CA GLN J 355 -25.19 17.54 50.42
C GLN J 355 -24.48 16.68 51.47
N LEU J 356 -24.72 15.36 51.43
CA LEU J 356 -23.97 14.44 52.25
C LEU J 356 -22.47 14.60 52.03
N ALA J 357 -22.07 14.68 50.77
CA ALA J 357 -20.65 14.88 50.44
C ALA J 357 -20.14 16.25 50.91
N ILE J 358 -20.95 17.29 50.79
CA ILE J 358 -20.52 18.63 51.21
C ILE J 358 -20.26 18.66 52.71
N GLN J 359 -21.17 18.11 53.51
CA GLN J 359 -20.92 18.06 54.95
C GLN J 359 -19.72 17.17 55.27
N LYS J 360 -19.62 15.99 54.62
CA LYS J 360 -18.45 15.15 54.87
C LYS J 360 -17.16 15.90 54.56
N GLU J 361 -17.19 16.78 53.56
CA GLU J 361 -16.05 17.65 53.29
C GLU J 361 -15.83 18.64 54.43
N ALA J 362 -16.92 19.19 54.96
CA ALA J 362 -16.82 20.05 56.14
C ALA J 362 -16.22 19.29 57.33
N GLU J 363 -16.24 17.96 57.29
CA GLU J 363 -15.63 17.13 58.32
C GLU J 363 -14.25 16.62 57.93
N GLY J 364 -13.79 16.94 56.72
CA GLY J 364 -12.48 16.53 56.26
C GLY J 364 -12.45 15.30 55.36
N GLU J 365 -13.60 14.80 54.91
CA GLU J 365 -13.63 13.61 54.08
C GLU J 365 -13.56 13.97 52.60
N ASP J 366 -12.92 13.08 51.85
CA ASP J 366 -12.66 13.30 50.45
C ASP J 366 -13.90 13.04 49.61
N TYR J 367 -14.12 13.91 48.61
CA TYR J 367 -15.20 13.78 47.64
C TYR J 367 -14.69 13.30 46.30
N SER J 368 -13.40 12.95 46.21
CA SER J 368 -12.81 12.58 44.94
C SER J 368 -13.47 11.33 44.37
N ASN J 369 -13.99 10.48 45.25
CA ASN J 369 -14.65 9.25 44.83
C ASN J 369 -16.16 9.41 44.68
N LEU J 370 -16.69 10.63 44.84
CA LEU J 370 -18.14 10.84 44.82
C LEU J 370 -18.76 10.46 43.49
N GLY J 371 -17.95 10.42 42.43
CA GLY J 371 -18.37 10.09 41.08
C GLY J 371 -17.88 11.15 40.12
N TYR J 372 -16.90 10.82 39.27
CA TYR J 372 -16.38 11.81 38.31
C TYR J 372 -17.47 12.31 37.37
N TRP J 373 -18.57 11.59 37.27
CA TRP J 373 -19.69 11.87 36.39
C TRP J 373 -20.69 12.85 36.98
N ARG J 374 -20.42 13.39 38.16
CA ARG J 374 -21.30 14.36 38.80
C ARG J 374 -20.57 15.48 39.53
N ILE J 375 -19.24 15.51 39.51
CA ILE J 375 -18.47 16.55 40.17
C ILE J 375 -17.40 17.06 39.23
N THR J 376 -17.06 18.33 39.38
CA THR J 376 -15.85 18.88 38.78
C THR J 376 -14.68 18.55 39.69
N LYS J 377 -13.68 17.88 39.12
CA LYS J 377 -12.55 17.39 39.88
C LYS J 377 -11.81 18.53 40.58
N LYS J 378 -11.15 18.19 41.69
CA LYS J 378 -10.44 19.19 42.46
C LYS J 378 -9.15 19.61 41.76
N MET J 379 -8.80 20.88 41.94
CA MET J 379 -7.61 21.47 41.35
C MET J 379 -6.59 21.81 42.43
N CYS J 380 -5.30 21.72 42.07
CA CYS J 380 -4.35 21.87 43.15
C CYS J 380 -3.81 23.29 43.20
N PRO J 381 -3.83 23.92 44.38
CA PRO J 381 -3.16 25.20 44.54
C PRO J 381 -1.66 25.00 44.61
N ILE J 382 -0.94 25.85 43.89
CA ILE J 382 0.51 25.81 43.85
C ILE J 382 1.01 27.07 44.55
N ILE J 383 1.87 26.88 45.53
CA ILE J 383 2.21 27.93 46.48
C ILE J 383 3.66 28.34 46.26
N SER J 384 3.84 29.59 45.84
CA SER J 384 5.13 30.06 45.36
C SER J 384 5.31 31.55 45.62
N GLY J 385 6.58 31.95 45.66
CA GLY J 385 6.91 33.36 45.74
C GLY J 385 7.52 33.76 47.06
N GLY J 386 8.84 33.79 47.12
CA GLY J 386 9.50 34.26 48.33
C GLY J 386 9.39 33.36 49.53
N LEU J 387 9.08 32.08 49.33
CA LEU J 387 8.96 31.16 50.45
C LEU J 387 10.31 30.54 50.78
N ASN J 388 10.48 30.23 52.05
CA ASN J 388 11.67 29.54 52.54
C ASN J 388 11.21 28.69 53.72
N PRO J 389 12.03 27.72 54.17
CA PRO J 389 11.54 26.75 55.16
C PRO J 389 10.86 27.33 56.39
N LEU J 390 11.18 28.58 56.75
CA LEU J 390 10.61 29.14 57.97
C LEU J 390 9.14 29.52 57.85
N LEU J 391 8.61 29.69 56.63
CA LEU J 391 7.24 30.18 56.46
C LEU J 391 6.24 29.08 56.10
N ILE J 392 6.71 27.87 55.78
CA ILE J 392 5.82 26.80 55.33
C ILE J 392 4.79 26.47 56.40
N GLY J 393 5.24 26.35 57.65
CA GLY J 393 4.31 26.00 58.72
C GLY J 393 3.23 27.05 58.90
N LYS J 394 3.63 28.33 58.95
CA LYS J 394 2.66 29.41 59.03
C LYS J 394 1.68 29.36 57.85
N PHE J 395 2.18 29.05 56.65
CA PHE J 395 1.27 28.97 55.52
C PHE J 395 0.25 27.85 55.71
N ILE J 396 0.73 26.66 56.08
CA ILE J 396 -0.17 25.54 56.32
C ILE J 396 -1.22 25.94 57.34
N ASP J 397 -0.81 26.68 58.36
CA ASP J 397 -1.76 27.15 59.36
C ASP J 397 -2.79 28.09 58.75
N THR J 398 -2.36 28.97 57.86
CA THR J 398 -3.31 29.95 57.30
C THR J 398 -4.31 29.30 56.35
N VAL J 399 -3.85 28.34 55.53
CA VAL J 399 -4.78 27.79 54.55
C VAL J 399 -5.69 26.74 55.17
N GLY J 400 -5.21 26.04 56.21
CA GLY J 400 -6.04 25.07 56.88
C GLY J 400 -6.19 23.76 56.16
N THR J 401 -5.21 23.39 55.33
CA THR J 401 -5.25 22.10 54.64
C THR J 401 -3.83 21.75 54.25
N GLN J 402 -3.66 20.53 53.73
CA GLN J 402 -2.37 20.05 53.23
C GLN J 402 -2.42 19.54 51.80
N ASP J 403 -3.54 19.67 51.09
CA ASP J 403 -3.63 19.27 49.68
C ASP J 403 -3.07 20.39 48.79
N PHE J 404 -1.75 20.46 48.71
CA PHE J 404 -1.16 21.46 47.82
C PHE J 404 0.30 21.15 47.52
N ILE J 405 0.79 21.79 46.45
CA ILE J 405 2.20 21.80 46.09
C ILE J 405 2.76 23.17 46.45
N THR J 406 3.79 23.17 47.28
CA THR J 406 4.59 24.37 47.50
C THR J 406 5.78 24.26 46.58
N THR J 407 6.15 25.36 45.94
CA THR J 407 7.33 25.35 45.11
C THR J 407 8.22 26.54 45.52
N MET J 408 9.49 26.25 45.75
CA MET J 408 10.44 27.19 46.33
C MET J 408 11.66 27.31 45.42
N GLY J 409 12.03 28.55 45.11
CA GLY J 409 13.22 28.78 44.30
C GLY J 409 14.46 29.17 45.06
N ALA J 410 14.56 30.46 45.40
CA ALA J 410 15.70 30.93 46.18
C ALA J 410 15.65 30.44 47.62
N GLY J 411 14.45 30.15 48.13
CA GLY J 411 14.36 29.53 49.45
C GLY J 411 15.05 28.18 49.54
N VAL J 412 15.45 27.61 48.40
CA VAL J 412 16.17 26.35 48.33
C VAL J 412 17.57 26.54 47.77
N HIS J 413 17.67 27.19 46.60
CA HIS J 413 18.93 27.30 45.89
C HIS J 413 19.84 28.39 46.45
N SER J 414 19.33 29.26 47.34
CA SER J 414 20.17 30.21 48.04
C SER J 414 20.56 29.74 49.43
N HIS J 415 20.18 28.54 49.81
CA HIS J 415 20.57 27.98 51.11
C HIS J 415 22.08 27.88 51.18
N PRO J 416 22.72 28.34 52.26
CA PRO J 416 24.19 28.41 52.29
C PRO J 416 24.88 27.08 52.03
N MET J 417 24.28 25.94 52.36
CA MET J 417 24.96 24.66 52.16
C MET J 417 24.52 23.95 50.89
N GLY J 418 23.73 24.60 50.04
CA GLY J 418 23.38 24.06 48.73
C GLY J 418 21.95 23.58 48.64
N THR J 419 21.61 23.13 47.43
CA THR J 419 20.24 22.72 47.11
C THR J 419 19.81 21.51 47.93
N LYS J 420 20.64 20.46 47.96
CA LYS J 420 20.32 19.27 48.73
C LYS J 420 20.01 19.64 50.18
N ALA J 421 20.85 20.48 50.78
CA ALA J 421 20.62 20.94 52.13
C ALA J 421 19.37 21.81 52.22
N GLY J 422 19.14 22.66 51.21
CA GLY J 422 17.94 23.49 51.23
C GLY J 422 16.67 22.66 51.25
N ALA J 423 16.64 21.59 50.46
CA ALA J 423 15.48 20.70 50.46
C ALA J 423 15.32 20.03 51.80
N THR J 424 16.41 19.45 52.33
CA THR J 424 16.32 18.82 53.66
C THR J 424 15.87 19.81 54.71
N ALA J 425 16.24 21.09 54.58
CA ALA J 425 15.81 22.09 55.55
C ALA J 425 14.31 22.29 55.48
N VAL J 426 13.75 22.28 54.26
CA VAL J 426 12.29 22.40 54.16
C VAL J 426 11.61 21.19 54.79
N LEU J 427 12.17 20.02 54.56
CA LEU J 427 11.61 18.82 55.16
C LEU J 427 11.65 18.88 56.69
N GLN J 428 12.76 19.36 57.24
CA GLN J 428 12.88 19.44 58.69
C GLN J 428 11.93 20.47 59.27
N ALA J 429 11.75 21.61 58.58
CA ALA J 429 10.81 22.61 59.09
C ALA J 429 9.39 22.08 59.05
N TYR J 430 9.03 21.30 58.03
CA TYR J 430 7.71 20.69 58.01
C TYR J 430 7.52 19.72 59.16
N GLU J 431 8.52 18.86 59.41
CA GLU J 431 8.41 17.93 60.52
C GLU J 431 8.28 18.68 61.84
N ALA J 432 9.02 19.79 61.98
CA ALA J 432 8.91 20.61 63.18
C ALA J 432 7.49 21.14 63.35
N TRP J 433 6.86 21.60 62.25
CA TRP J 433 5.47 22.05 62.36
C TRP J 433 4.55 20.90 62.77
N LYS J 434 4.76 19.72 62.20
CA LYS J 434 3.83 18.63 62.47
C LYS J 434 3.92 18.12 63.92
N GLN J 435 5.11 18.17 64.52
CA GLN J 435 5.28 17.71 65.90
C GLN J 435 5.06 18.83 66.92
N LYS J 436 4.62 20.01 66.47
CA LYS J 436 4.32 21.17 67.32
C LYS J 436 5.56 21.69 68.04
N ILE J 437 6.74 21.59 67.43
CA ILE J 437 7.96 22.15 67.99
C ILE J 437 8.34 23.40 67.20
N SER J 438 8.79 24.43 67.92
CA SER J 438 9.25 25.65 67.28
C SER J 438 10.46 25.37 66.41
N LEU J 439 10.64 26.18 65.37
CA LEU J 439 11.77 26.00 64.46
C LEU J 439 13.11 26.13 65.17
N GLU J 440 13.20 26.98 66.20
CA GLU J 440 14.46 27.11 66.93
C GLU J 440 14.81 25.84 67.69
N ASP J 441 13.87 25.32 68.49
CA ASP J 441 14.14 24.11 69.26
C ASP J 441 14.38 22.93 68.33
N TYR J 442 13.58 22.81 67.27
CA TYR J 442 13.82 21.74 66.31
C TYR J 442 15.18 21.92 65.64
N ALA J 443 15.58 23.16 65.39
CA ALA J 443 16.85 23.48 64.75
C ALA J 443 18.05 23.27 65.67
N LYS J 444 17.81 23.01 66.95
CA LYS J 444 18.93 22.79 67.88
C LYS J 444 19.89 21.71 67.38
N ASP J 445 19.36 20.61 66.82
CA ASP J 445 20.18 19.50 66.37
C ASP J 445 19.99 19.15 64.90
N LYS J 446 19.49 20.08 64.09
CA LYS J 446 19.35 19.92 62.64
C LYS J 446 20.11 21.04 61.95
N GLU J 447 21.20 20.67 61.28
CA GLU J 447 22.10 21.67 60.67
C GLU J 447 21.41 22.45 59.56
N GLU J 448 20.70 21.76 58.68
CA GLU J 448 20.08 22.42 57.53
C GLU J 448 19.04 23.45 57.97
N LEU J 449 18.13 23.06 58.86
CA LEU J 449 17.13 24.00 59.34
C LEU J 449 17.75 25.17 60.09
N ARG J 450 18.78 24.91 60.92
CA ARG J 450 19.42 25.99 61.64
C ARG J 450 20.06 26.99 60.68
N ALA J 451 20.74 26.50 59.64
CA ALA J 451 21.35 27.40 58.67
C ALA J 451 20.28 28.16 57.89
N ALA J 452 19.12 27.53 57.66
CA ALA J 452 18.01 28.24 57.03
C ALA J 452 17.52 29.40 57.91
N ILE J 453 17.46 29.17 59.23
CA ILE J 453 17.13 30.26 60.15
C ILE J 453 18.16 31.37 60.06
N GLN J 454 19.44 31.00 60.01
CA GLN J 454 20.49 32.00 59.99
C GLN J 454 20.41 32.84 58.72
N PHE J 455 20.15 32.20 57.58
CA PHE J 455 20.16 32.89 56.29
C PHE J 455 18.89 33.71 56.05
N TYR J 456 17.73 33.13 56.30
CA TYR J 456 16.47 33.72 55.86
C TYR J 456 15.85 34.70 56.86
N ASP J 457 16.42 34.84 58.05
CA ASP J 457 15.96 35.83 59.01
C ASP J 457 16.41 37.23 58.61
C1 CAP K . 25.33 -44.71 -16.59
C2 CAP K . 24.89 -43.34 -17.11
C3 CAP K . 25.86 -42.26 -16.63
C4 CAP K . 27.20 -42.30 -17.36
C5 CAP K . 27.90 -40.94 -17.31
C CAP K . 24.83 -43.40 -18.64
O1 CAP K . 24.40 -45.68 -16.97
O2 CAP K . 23.61 -43.03 -16.62
O3 CAP K . 25.25 -41.01 -16.79
O4 CAP K . 28.03 -43.24 -16.73
O5 CAP K . 29.24 -41.12 -17.70
O6 CAP K . 25.61 -44.15 -19.27
O7 CAP K . 23.97 -42.70 -19.25
P1 CAP K . 24.71 -47.28 -16.76
P2 CAP K . 30.40 -40.45 -16.77
O1P CAP K . 24.76 -47.59 -15.29
O2P CAP K . 23.58 -48.04 -17.42
O3P CAP K . 26.04 -47.70 -17.37
O4P CAP K . 30.28 -41.03 -15.39
O5P CAP K . 31.76 -40.77 -17.31
O6P CAP K . 30.18 -38.97 -16.71
MG MG L . 23.26 -41.24 -17.63
MG MG M . 47.90 -20.54 11.91
MG MG N . 8.07 -53.43 -8.20
C1 CAP O . 39.48 -12.49 -34.02
C2 CAP O . 38.91 -12.93 -32.68
C3 CAP O . 37.63 -13.76 -32.90
C4 CAP O . 37.92 -15.07 -33.63
C5 CAP O . 36.87 -16.11 -33.24
C CAP O . 39.97 -13.74 -31.92
O1 CAP O . 40.53 -11.63 -33.75
O2 CAP O . 38.59 -11.79 -31.95
O3 CAP O . 37.03 -14.03 -31.67
O4 CAP O . 37.85 -14.90 -35.02
O5 CAP O . 37.08 -17.28 -33.98
O6 CAP O . 40.87 -14.37 -32.55
O7 CAP O . 39.97 -13.75 -30.65
P1 CAP O . 41.51 -11.10 -34.98
P2 CAP O . 35.84 -17.86 -34.87
O1P CAP O . 40.75 -10.19 -35.92
O2P CAP O . 42.67 -10.42 -34.31
O3P CAP O . 41.97 -12.28 -35.81
O4P CAP O . 35.46 -16.84 -35.89
O5P CAP O . 36.25 -19.13 -35.58
O6P CAP O . 34.66 -18.10 -33.97
MG MG P . 37.96 -12.70 -30.08
MG MG Q . 42.46 8.35 -31.49
C1 CAP R . 51.64 0.39 14.12
C2 CAP R . 50.63 0.97 13.13
C3 CAP R . 49.82 2.10 13.81
C4 CAP R . 50.72 3.24 14.29
C5 CAP R . 50.10 4.61 14.00
C CAP R . 51.34 1.52 11.90
O1 CAP R . 52.22 -0.72 13.49
O2 CAP R . 49.79 -0.08 12.75
O3 CAP R . 48.87 2.57 12.89
O4 CAP R . 50.91 3.14 15.67
O5 CAP R . 50.69 5.58 14.82
O6 CAP R . 52.44 2.11 12.00
O7 CAP R . 50.81 1.37 10.76
P1 CAP R . 53.45 -1.53 14.23
P2 CAP R . 49.83 6.25 16.05
O1P CAP R . 52.93 -2.28 15.45
O2P CAP R . 54.04 -2.51 13.24
O3P CAP R . 54.50 -0.54 14.66
O4P CAP R . 49.43 5.15 17.01
O5P CAP R . 50.68 7.27 16.79
O6P CAP R . 48.61 6.94 15.49
MG MG S . 48.79 1.22 11.11
MG MG T . -0.10 -22.04 -48.99
C1 CAP U . -17.47 -31.25 -40.97
C2 CAP U . -17.09 -31.15 -39.49
C3 CAP U . -18.28 -30.64 -38.66
C4 CAP U . -19.49 -31.59 -38.72
C5 CAP U . -20.34 -31.50 -37.46
C CAP U . -16.58 -32.50 -39.00
O1 CAP U . -16.33 -31.53 -41.72
O2 CAP U . -16.05 -30.22 -39.36
O3 CAP U . -17.85 -30.44 -37.34
O4 CAP U . -20.31 -31.22 -39.80
O5 CAP U . -21.67 -31.87 -37.72
O6 CAP U . -17.13 -33.57 -39.38
O7 CAP U . -15.59 -32.57 -38.23
P1 CAP U . -16.46 -31.72 -43.34
P2 CAP U . -22.88 -30.75 -37.53
O1P CAP U . -16.83 -30.40 -43.96
O2P CAP U . -15.14 -32.23 -43.89
O3P CAP U . -17.54 -32.73 -43.67
O4P CAP U . -22.65 -29.58 -38.47
O5P CAP U . -24.22 -31.39 -37.81
O6P CAP U . -22.87 -30.22 -36.11
MG MG V . -15.81 -30.81 -37.18
C1 CAP W . 39.82 35.70 2.32
C2 CAP W . 39.28 34.47 3.05
C3 CAP W . 39.56 33.19 2.24
C4 CAP W . 41.06 32.91 2.10
C5 CAP W . 41.30 31.42 1.93
C CAP W . 39.87 34.42 4.46
O1 CAP W . 39.33 36.84 2.96
O2 CAP W . 37.90 34.63 3.16
O3 CAP W . 38.97 32.09 2.88
O4 CAP W . 41.57 33.55 0.97
O5 CAP W . 42.69 31.22 1.86
O6 CAP W . 41.09 34.70 4.67
O7 CAP W . 39.12 34.11 5.43
P1 CAP W . 39.88 38.32 2.52
P2 CAP W . 43.32 30.48 0.54
O1P CAP W . 39.40 38.64 1.11
O2P CAP W . 39.33 39.34 3.49
O3P CAP W . 41.38 38.35 2.53
O4P CAP W . 42.97 31.30 -0.69
O5P CAP W . 44.82 30.40 0.64
O6P CAP W . 42.76 29.08 0.44
MG MG X . 37.44 32.88 4.19
MG MG Y . 23.74 48.80 0.34
C1 CAP Z . -34.22 -41.54 -7.25
C2 CAP Z . -33.76 -40.21 -7.87
C3 CAP Z . -32.37 -40.38 -8.50
C4 CAP Z . -32.34 -41.45 -9.59
C5 CAP Z . -31.15 -41.21 -10.51
C CAP Z . -34.80 -39.72 -8.87
O1 CAP Z . -35.33 -41.33 -6.44
O2 CAP Z . -33.67 -39.24 -6.86
O3 CAP Z . -31.96 -39.16 -9.04
O4 CAP Z . -32.16 -42.72 -9.05
O5 CAP Z . -31.14 -42.24 -11.46
O6 CAP Z . -35.35 -40.51 -9.68
O7 CAP Z . -35.12 -38.50 -8.87
P1 CAP Z . -36.06 -42.61 -5.71
P2 CAP Z . -29.85 -43.26 -11.49
O1P CAP Z . -35.16 -43.23 -4.66
O2P CAP Z . -37.31 -42.09 -5.06
O3P CAP Z . -36.38 -43.69 -6.72
O4P CAP Z . -29.77 -43.98 -10.16
O5P CAP Z . -29.96 -44.26 -12.62
O6P CAP Z . -28.59 -42.44 -11.67
MG MG AA . -33.02 -37.63 -8.07
MG MG BA . -39.69 -33.89 12.67
C1 CAP CA . -16.63 48.28 18.55
C2 CAP CA . -16.25 46.85 18.92
C3 CAP CA . -14.72 46.68 18.86
C4 CAP CA . -13.95 47.59 19.82
C5 CAP CA . -12.56 47.01 20.11
C CAP CA . -16.86 46.48 20.28
O1 CAP CA . -18.01 48.41 18.34
O2 CAP CA . -16.81 45.98 17.97
O3 CAP CA . -14.37 45.34 19.12
O4 CAP CA . -13.76 48.86 19.27
O5 CAP CA . -11.87 47.96 20.87
O6 CAP CA . -16.50 47.06 21.35
O7 CAP CA . -17.76 45.60 20.33
P1 CAP CA . -18.62 49.84 17.76
P2 CAP CA . -10.35 48.44 20.42
O1P CAP CA . -18.15 50.03 16.34
O2P CAP CA . -20.13 49.77 17.79
O3P CAP CA . -18.14 51.00 18.61
O4P CAP CA . -10.39 49.07 19.04
O5P CAP CA . -9.81 49.44 21.40
O6P CAP CA . -9.46 47.23 20.39
MG MG DA . -16.83 44.17 19.36
MG MG EA . -31.21 43.30 3.74
C1 CAP FA . -44.22 6.90 30.05
C2 CAP FA . -43.61 7.34 28.72
C3 CAP FA . -43.75 6.17 27.74
C4 CAP FA . -45.22 5.96 27.40
C5 CAP FA . -45.38 5.70 25.91
C CAP FA . -44.31 8.61 28.20
O1 CAP FA . -43.80 7.70 31.12
O2 CAP FA . -42.25 7.66 28.89
O3 CAP FA . -43.02 6.38 26.56
O4 CAP FA . -45.73 4.87 28.11
O5 CAP FA . -46.61 5.05 25.75
O6 CAP FA . -45.52 8.85 28.43
O7 CAP FA . -43.64 9.44 27.53
P1 CAP FA . -44.62 7.56 32.55
P2 CAP FA . -46.56 3.43 25.51
O1P CAP FA . -44.37 6.20 33.16
O2P CAP FA . -44.19 8.65 33.50
O3P CAP FA . -46.10 7.69 32.28
O4P CAP FA . -45.91 2.76 26.70
O5P CAP FA . -47.96 2.89 25.33
O6P CAP FA . -45.74 3.17 24.26
MG MG GA . -41.61 7.58 26.45
MG MG HA . -29.79 11.31 44.59
MG MG IA . -46.11 -0.12 -27.37
C1 CAP JA . -52.98 7.27 -8.21
C2 CAP JA . -52.01 6.56 -7.27
C3 CAP JA . -51.43 7.60 -6.29
C4 CAP JA . -52.37 7.93 -5.13
C5 CAP JA . -51.60 8.63 -4.02
C CAP JA . -52.70 5.36 -6.63
O1 CAP JA . -53.47 6.33 -9.11
O2 CAP JA . -50.96 6.06 -8.04
O3 CAP JA . -50.20 7.16 -5.79
O4 CAP JA . -53.35 8.84 -5.56
O5 CAP JA . -52.53 9.38 -3.30
O6 CAP JA . -53.81 5.46 -6.05
O7 CAP JA . -52.17 4.22 -6.73
P1 CAP JA . -54.50 6.86 -10.26
P2 CAP JA . -52.09 10.88 -2.77
O1P CAP JA . -53.77 7.77 -11.22
O2P CAP JA . -55.05 5.66 -11.00
O3P CAP JA . -55.63 7.63 -9.61
O4P CAP JA . -51.75 11.75 -3.94
O5P CAP JA . -53.23 11.48 -1.97
O6P CAP JA . -50.87 10.75 -1.88
MG MG KA . -49.99 4.53 -6.41
MG MG LA . 24.65 18.32 43.34
C1 CAP MA . 9.03 31.86 42.83
C2 CAP MA . 8.83 31.80 41.30
C3 CAP MA . 7.33 31.62 40.96
C4 CAP MA . 6.51 32.85 41.33
C5 CAP MA . 5.26 32.95 40.47
C CAP MA . 9.47 33.04 40.69
O1 CAP MA . 10.39 31.77 43.15
O2 CAP MA . 9.53 30.70 40.80
O3 CAP MA . 7.14 31.32 39.59
O4 CAP MA . 6.08 32.74 42.66
O5 CAP MA . 4.33 33.68 41.22
O6 CAP MA . 9.40 34.15 41.27
O7 CAP MA . 10.09 32.93 39.61
P1 CAP MA . 10.86 31.86 44.73
P2 CAP MA . 2.87 33.02 41.54
O1P CAP MA . 10.37 30.64 45.50
O2P CAP MA . 12.37 31.93 44.78
O3P CAP MA . 10.29 33.11 45.36
O4P CAP MA . 3.07 31.74 42.31
O5P CAP MA . 2.05 33.97 42.37
O6P CAP MA . 2.15 32.75 40.24
MG MG NA . 8.93 32.34 38.19
#